data_6CUD
#
_entry.id   6CUD
#
_cell.length_a   1
_cell.length_b   1
_cell.length_c   1
_cell.angle_alpha   90.00
_cell.angle_beta   90.00
_cell.angle_gamma   90.00
#
_symmetry.space_group_name_H-M   'P 1'
#
loop_
_entity.id
_entity.type
_entity.pdbx_description
1 polymer 'Short transient receptor potential channel 3'
2 non-polymer '(2S)-3-{[(S)-(2-aminoethoxy)(hydroxy)phosphoryl]oxy}-2-(hexanoyloxy)propyl hexanoate'
3 non-polymer '(2R)-3-hydroxypropane-1,2-diyl dihexanoate'
4 non-polymer 2-acetamido-2-deoxy-beta-D-glucopyranose
#
_entity_poly.entity_id   1
_entity_poly.type   'polypeptide(L)'
_entity_poly.pdbx_seq_one_letter_code
;MREKGRRQAVRGPAFMFNDRGTSLTAEEERFLDAAEYGNIPVVRKMLEESKTLNVNCVDYMGQNALQLAVGNEHLEVTEL
LLKKENLARIGDALLLAISKGYVRIVEAILNHPGFAASKRLTLSPCEQELQDDDFYAYDEDGTRFSPDITPIILAAHCQK
YEVVHMLLMKGARIERPHDYFCKCGDCMEKQRHDSFSHSRSRINAYKGLASPAYLSLSSEDPVLTALELSNELAKLANIE
KEFKNDYRKLSMQCKDFVVGVLDLCRDSEEVEAILNGDLESAEPLEVHRHKASLSRVKLAIKYEVKKFVAHPNCQQQLLT
IWYENLSGLREQTIAIKCLVVLVVALGLPFLAIGYWIAPCSRLGKILRSPFMKFVAHAASFIIFLGLLVFNASDRFEGIT
TLPNITVTDYPKQIFRVKTTQFTWTEMLIMVWVLGMMWSECKELWLEGPREYILQLWNVLDFGMLSIFIAAFTARFLAFL
QATKAQQYVDSYVQESDLSEVTLPPEIQYFTYARDKWLPSDPQIISEGLYAIAVVLSFSRIAYILPANESFGPLQISLGR
TVKDIFKFMVLFIMVFFAFMIGMFILYSYYLGAKVNAAFTTVEESFKTLFWSIFGLSEVTSVVLKYDHKFIENIGYVLYG
IYNVTMVVVLLNMLIAMINSSYQEIEDDSDVEWKFARSKLWLSYFDDGKTLPPPFSLVPSPKSFVYFIMRIVNFPKCRRR
RLQKDIEMGMGNSKSRLNLFTQSNSRVFESHSFNSILNQPTRYQQIMKRLIKRYVLKAQVDKENDEVNEGELKEIKQDIS
SLRYEL
;
_entity_poly.pdbx_strand_id   A,B,C,D
#
loop_
_chem_comp.id
_chem_comp.type
_chem_comp.name
_chem_comp.formula
6OE non-polymer '(2S)-3-{[(S)-(2-aminoethoxy)(hydroxy)phosphoryl]oxy}-2-(hexanoyloxy)propyl hexanoate' 'C17 H34 N O8 P'
FGJ non-polymer '(2R)-3-hydroxypropane-1,2-diyl dihexanoate' 'C15 H28 O5'
NAG D-saccharide, beta linking 2-acetamido-2-deoxy-beta-D-glucopyranose 'C8 H15 N O6'
#
# COMPACT_ATOMS: atom_id res chain seq x y z
N THR A 22 31.25 -33.41 39.22
CA THR A 22 31.31 -34.85 39.03
C THR A 22 31.26 -35.58 40.37
N SER A 23 30.10 -35.52 41.02
CA SER A 23 29.95 -36.16 42.33
C SER A 23 29.56 -37.62 42.20
N LEU A 24 29.09 -38.03 41.02
CA LEU A 24 28.52 -39.36 40.85
C LEU A 24 29.60 -40.43 40.77
N THR A 25 29.24 -41.65 41.18
CA THR A 25 30.13 -42.79 41.13
C THR A 25 30.08 -43.48 39.78
N ALA A 26 30.69 -44.67 39.67
CA ALA A 26 30.74 -45.37 38.39
C ALA A 26 29.48 -46.19 38.15
N GLU A 27 28.88 -46.72 39.22
CA GLU A 27 27.58 -47.38 39.11
C GLU A 27 26.51 -46.38 38.71
N GLU A 28 26.62 -45.13 39.18
CA GLU A 28 25.72 -44.06 38.79
C GLU A 28 25.79 -43.79 37.30
N GLU A 29 27.01 -43.74 36.73
CA GLU A 29 27.15 -43.51 35.29
C GLU A 29 26.66 -44.72 34.49
N ARG A 30 26.95 -45.93 34.97
CA ARG A 30 26.56 -47.15 34.28
C ARG A 30 25.05 -47.37 34.36
N PHE A 31 24.41 -46.73 35.31
CA PHE A 31 22.95 -46.68 35.40
C PHE A 31 22.34 -45.59 34.53
N LEU A 32 22.87 -44.37 34.65
CA LEU A 32 22.36 -43.22 33.91
C LEU A 32 22.46 -43.32 32.39
N ASP A 33 23.58 -43.82 31.89
CA ASP A 33 23.76 -43.93 30.44
C ASP A 33 22.90 -45.05 29.88
N ALA A 34 22.74 -46.15 30.64
CA ALA A 34 21.87 -47.24 30.22
C ALA A 34 20.41 -46.82 30.26
N ALA A 35 20.05 -45.92 31.18
CA ALA A 35 18.70 -45.38 31.19
C ALA A 35 18.46 -44.45 30.01
N GLU A 36 19.41 -43.54 29.74
CA GLU A 36 19.21 -42.54 28.71
C GLU A 36 19.37 -43.11 27.31
N TYR A 37 19.92 -44.32 27.19
CA TYR A 37 20.00 -44.96 25.88
C TYR A 37 18.90 -45.99 25.65
N GLY A 38 18.27 -46.49 26.70
CA GLY A 38 17.14 -47.39 26.52
C GLY A 38 17.51 -48.85 26.56
N ASN A 39 18.53 -49.21 27.34
CA ASN A 39 18.93 -50.60 27.48
C ASN A 39 18.05 -51.27 28.53
N ILE A 40 17.02 -51.99 28.07
CA ILE A 40 16.15 -52.72 28.99
C ILE A 40 16.86 -53.79 29.81
N PRO A 41 17.79 -54.65 29.26
CA PRO A 41 18.50 -55.58 30.15
C PRO A 41 19.49 -54.91 31.10
N VAL A 42 20.18 -53.87 30.66
CA VAL A 42 21.23 -53.26 31.49
C VAL A 42 20.61 -52.46 32.63
N VAL A 43 19.36 -52.03 32.48
CA VAL A 43 18.69 -51.33 33.58
C VAL A 43 17.93 -52.32 34.45
N ARG A 44 17.35 -53.35 33.82
CA ARG A 44 16.65 -54.41 34.55
C ARG A 44 17.60 -55.16 35.47
N LYS A 45 18.83 -55.41 35.00
CA LYS A 45 19.81 -56.11 35.82
C LYS A 45 20.27 -55.26 37.00
N MET A 46 20.36 -53.94 36.82
CA MET A 46 20.84 -53.11 37.92
C MET A 46 19.75 -52.84 38.94
N LEU A 47 18.48 -52.85 38.52
CA LEU A 47 17.42 -52.78 39.51
C LEU A 47 17.20 -54.14 40.18
N GLU A 48 17.49 -55.23 39.47
CA GLU A 48 17.33 -56.56 40.06
C GLU A 48 18.49 -56.88 40.99
N GLU A 49 19.64 -56.24 40.79
CA GLU A 49 20.79 -56.46 41.67
C GLU A 49 20.53 -55.91 43.07
N SER A 50 19.88 -54.74 43.15
CA SER A 50 19.32 -54.17 44.38
C SER A 50 20.39 -53.88 45.43
N LYS A 51 21.59 -53.55 44.98
CA LYS A 51 22.72 -53.34 45.87
C LYS A 51 23.37 -52.00 45.56
N THR A 52 23.39 -51.12 46.58
CA THR A 52 24.10 -49.84 46.57
C THR A 52 23.65 -48.93 45.42
N LEU A 53 22.35 -48.69 45.35
CA LEU A 53 21.78 -47.88 44.28
C LEU A 53 20.66 -47.00 44.83
N ASN A 54 20.82 -45.69 44.69
CA ASN A 54 19.77 -44.72 44.97
C ASN A 54 19.11 -44.35 43.65
N VAL A 55 17.77 -44.36 43.63
CA VAL A 55 17.04 -44.08 42.40
C VAL A 55 17.16 -42.60 42.04
N ASN A 56 17.31 -41.74 43.05
CA ASN A 56 17.58 -40.33 42.83
C ASN A 56 19.05 -40.16 42.48
N CYS A 57 19.35 -39.22 41.58
CA CYS A 57 20.71 -38.91 41.19
C CYS A 57 20.76 -37.55 40.52
N VAL A 58 21.98 -37.10 40.22
CA VAL A 58 22.21 -35.81 39.51
C VAL A 58 23.27 -36.04 38.43
N ASP A 59 22.94 -35.75 37.17
CA ASP A 59 23.91 -35.90 36.05
C ASP A 59 23.87 -34.61 35.23
N TYR A 60 25.04 -34.04 34.90
CA TYR A 60 25.07 -32.79 34.08
C TYR A 60 24.23 -31.73 34.79
N MET A 61 23.15 -31.29 34.13
CA MET A 61 22.20 -30.26 34.64
C MET A 61 21.53 -30.72 35.95
N GLY A 62 21.29 -32.02 36.10
CA GLY A 62 20.62 -32.54 37.31
C GLY A 62 19.47 -33.46 36.95
N GLN A 63 19.69 -34.32 35.95
CA GLN A 63 18.67 -35.28 35.46
C GLN A 63 18.39 -36.38 36.49
N ASN A 64 17.15 -36.88 36.44
CA ASN A 64 16.53 -37.93 37.23
C ASN A 64 16.63 -39.20 36.41
N ALA A 65 16.03 -40.27 36.93
CA ALA A 65 15.83 -41.46 36.11
C ALA A 65 14.69 -41.24 35.12
N LEU A 66 13.52 -40.86 35.64
CA LEU A 66 12.34 -40.65 34.81
C LEU A 66 12.50 -39.46 33.87
N GLN A 67 13.23 -38.42 34.29
CA GLN A 67 13.39 -37.24 33.45
C GLN A 67 14.22 -37.55 32.20
N LEU A 68 15.21 -38.40 32.38
CA LEU A 68 16.03 -38.93 31.30
C LEU A 68 15.28 -39.96 30.43
N ALA A 69 14.45 -40.79 31.07
CA ALA A 69 13.78 -41.91 30.42
C ALA A 69 12.55 -41.46 29.64
N VAL A 70 12.00 -40.29 29.98
CA VAL A 70 10.81 -39.81 29.29
C VAL A 70 11.19 -38.79 28.22
N GLY A 71 12.35 -38.14 28.38
CA GLY A 71 12.78 -37.12 27.42
C GLY A 71 13.08 -37.68 26.04
N ASN A 72 13.40 -38.97 25.97
CA ASN A 72 13.34 -39.74 24.73
C ASN A 72 12.44 -40.93 25.02
N GLU A 73 11.49 -41.20 24.13
CA GLU A 73 10.33 -42.02 24.46
C GLU A 73 10.66 -43.49 24.67
N HIS A 74 11.01 -43.84 25.90
CA HIS A 74 11.31 -45.22 26.26
C HIS A 74 10.28 -45.76 27.25
N LEU A 75 9.22 -46.36 26.71
CA LEU A 75 8.11 -46.86 27.51
C LEU A 75 8.49 -48.09 28.31
N GLU A 76 9.36 -48.94 27.75
CA GLU A 76 9.77 -50.17 28.44
C GLU A 76 10.61 -49.85 29.67
N VAL A 77 11.42 -48.80 29.61
CA VAL A 77 12.18 -48.37 30.78
C VAL A 77 11.25 -47.72 31.79
N THR A 78 10.24 -46.99 31.31
CA THR A 78 9.37 -46.21 32.19
C THR A 78 8.43 -47.12 32.96
N GLU A 79 8.05 -48.26 32.36
CA GLU A 79 7.31 -49.28 33.10
C GLU A 79 8.12 -49.91 34.22
N LEU A 80 9.45 -49.95 34.09
CA LEU A 80 10.34 -50.51 35.09
C LEU A 80 10.72 -49.54 36.20
N LEU A 81 10.92 -48.26 35.86
CA LEU A 81 11.34 -47.28 36.86
C LEU A 81 10.23 -46.96 37.85
N LEU A 82 8.97 -47.13 37.45
CA LEU A 82 7.87 -46.84 38.36
C LEU A 82 7.56 -48.02 39.27
N LYS A 83 8.27 -49.14 39.08
CA LYS A 83 8.07 -50.31 39.93
C LYS A 83 8.56 -50.03 41.35
N LYS A 84 9.66 -49.28 41.47
CA LYS A 84 10.15 -48.88 42.79
C LYS A 84 9.21 -47.85 43.40
N GLU A 85 9.30 -47.68 44.72
CA GLU A 85 8.32 -46.88 45.42
C GLU A 85 8.67 -45.39 45.40
N ASN A 86 9.95 -45.06 45.57
CA ASN A 86 10.37 -43.69 45.85
C ASN A 86 11.01 -43.07 44.63
N LEU A 87 10.22 -42.29 43.90
CA LEU A 87 10.74 -41.35 42.90
C LEU A 87 10.19 -39.99 43.28
N ALA A 88 11.06 -39.00 43.33
CA ALA A 88 10.70 -37.71 43.87
C ALA A 88 10.33 -36.69 42.80
N ARG A 89 10.36 -37.08 41.54
CA ARG A 89 10.13 -36.12 40.47
C ARG A 89 9.16 -36.65 39.44
N ILE A 90 8.02 -37.16 39.86
CA ILE A 90 7.07 -37.66 38.88
C ILE A 90 6.14 -36.58 38.35
N GLY A 91 6.38 -35.31 38.72
CA GLY A 91 5.46 -34.27 38.34
C GLY A 91 6.01 -33.60 37.10
N ASP A 92 7.34 -33.61 37.00
CA ASP A 92 7.98 -32.95 35.87
C ASP A 92 8.12 -33.90 34.70
N ALA A 93 8.14 -35.20 34.97
CA ALA A 93 7.95 -36.16 33.91
C ALA A 93 6.55 -36.05 33.33
N LEU A 94 5.58 -35.76 34.18
CA LEU A 94 4.20 -35.64 33.72
C LEU A 94 4.01 -34.37 32.87
N LEU A 95 4.58 -33.25 33.30
CA LEU A 95 4.51 -32.02 32.51
C LEU A 95 5.34 -32.13 31.24
N LEU A 96 6.48 -32.83 31.30
CA LEU A 96 7.28 -32.99 30.09
C LEU A 96 6.61 -33.95 29.11
N ALA A 97 5.85 -34.91 29.61
CA ALA A 97 5.15 -35.84 28.72
C ALA A 97 3.92 -35.20 28.10
N ILE A 98 3.20 -34.37 28.85
CA ILE A 98 2.07 -33.65 28.27
C ILE A 98 2.57 -32.57 27.32
N SER A 99 3.74 -32.00 27.60
CA SER A 99 4.33 -31.02 26.70
C SER A 99 4.71 -31.64 25.36
N LYS A 100 5.08 -32.91 25.37
CA LYS A 100 5.25 -33.63 24.12
C LYS A 100 3.96 -34.35 23.75
N GLY A 101 4.03 -35.19 22.71
CA GLY A 101 2.82 -35.79 22.19
C GLY A 101 2.48 -37.13 22.82
N TYR A 102 3.41 -37.65 23.63
CA TYR A 102 3.30 -39.03 24.17
C TYR A 102 1.99 -39.24 24.92
N VAL A 103 1.34 -40.38 24.65
CA VAL A 103 0.08 -40.69 25.30
C VAL A 103 0.20 -41.89 26.23
N ARG A 104 0.85 -42.97 25.76
CA ARG A 104 0.94 -44.18 26.56
C ARG A 104 1.84 -43.98 27.77
N ILE A 105 2.84 -43.10 27.66
CA ILE A 105 3.67 -42.73 28.80
C ILE A 105 2.83 -42.00 29.84
N VAL A 106 1.92 -41.15 29.38
CA VAL A 106 1.01 -40.44 30.28
C VAL A 106 0.05 -41.42 30.95
N GLU A 107 -0.38 -42.45 30.21
CA GLU A 107 -1.22 -43.48 30.81
C GLU A 107 -0.46 -44.28 31.86
N ALA A 108 0.84 -44.48 31.65
CA ALA A 108 1.66 -45.17 32.64
C ALA A 108 1.86 -44.32 33.89
N ILE A 109 2.08 -43.01 33.71
CA ILE A 109 2.32 -42.13 34.85
C ILE A 109 1.03 -41.94 35.65
N LEU A 110 -0.11 -41.82 34.98
CA LEU A 110 -1.38 -41.74 35.69
C LEU A 110 -1.77 -43.08 36.28
N ASN A 111 -1.20 -44.18 35.77
CA ASN A 111 -1.47 -45.49 36.36
C ASN A 111 -0.74 -45.70 37.68
N HIS A 112 0.17 -44.80 38.04
CA HIS A 112 0.90 -44.92 39.29
C HIS A 112 -0.04 -44.71 40.48
N PRO A 113 0.09 -45.49 41.55
CA PRO A 113 -0.90 -45.41 42.64
C PRO A 113 -0.71 -44.21 43.55
N GLY A 114 0.53 -43.78 43.79
CA GLY A 114 0.76 -42.68 44.70
C GLY A 114 0.34 -41.34 44.11
N PHE A 115 0.39 -41.24 42.78
CA PHE A 115 -0.02 -40.02 42.11
C PHE A 115 -1.54 -39.90 42.07
N ALA A 116 -2.24 -41.03 42.09
CA ALA A 116 -3.66 -41.04 41.73
C ALA A 116 -4.56 -40.74 42.92
N ALA A 117 -4.22 -41.24 44.10
CA ALA A 117 -5.16 -41.21 45.22
C ALA A 117 -5.01 -39.94 46.05
N SER A 118 -5.06 -38.80 45.38
CA SER A 118 -4.98 -37.49 46.03
C SER A 118 -5.52 -36.40 45.13
N LYS A 119 -5.50 -35.16 45.61
CA LYS A 119 -5.88 -34.01 44.79
C LYS A 119 -4.64 -33.39 44.15
N ARG A 120 -3.88 -34.23 43.45
CA ARG A 120 -2.65 -33.76 42.82
C ARG A 120 -2.91 -33.25 41.41
N LEU A 121 -3.94 -33.79 40.76
CA LEU A 121 -4.30 -33.33 39.42
C LEU A 121 -4.75 -31.89 39.59
N THR A 122 -5.68 -31.70 40.52
CA THR A 122 -6.36 -30.39 40.74
C THR A 122 -5.46 -29.26 41.26
N LEU A 123 -4.60 -29.54 42.23
CA LEU A 123 -3.77 -28.47 42.87
C LEU A 123 -2.65 -27.95 41.97
N SER A 124 -2.42 -26.62 42.02
CA SER A 124 -1.28 -25.96 41.32
C SER A 124 -0.02 -26.30 42.13
N PRO A 125 1.20 -26.37 41.54
CA PRO A 125 2.35 -26.82 42.33
C PRO A 125 2.60 -25.85 43.49
N CYS A 126 2.43 -24.54 43.25
CA CYS A 126 2.64 -23.55 44.30
C CYS A 126 1.57 -23.63 45.39
N GLU A 127 0.33 -23.83 44.97
CA GLU A 127 -0.81 -23.90 45.90
C GLU A 127 -1.14 -25.33 46.28
N GLN A 128 -0.33 -26.28 45.83
CA GLN A 128 -0.56 -27.70 46.10
C GLN A 128 -0.56 -28.07 47.59
N GLU A 129 0.36 -27.48 48.35
CA GLU A 129 0.46 -27.78 49.77
C GLU A 129 1.23 -26.63 50.40
N LEU A 130 1.82 -26.86 51.57
CA LEU A 130 2.97 -26.06 51.97
C LEU A 130 4.11 -26.16 50.94
N GLN A 131 4.17 -27.27 50.20
CA GLN A 131 4.93 -27.45 48.96
C GLN A 131 6.43 -27.46 49.19
N ASP A 132 6.87 -28.02 50.32
CA ASP A 132 8.31 -28.18 50.55
C ASP A 132 8.84 -29.41 49.83
N ASP A 133 7.95 -30.27 49.34
CA ASP A 133 8.38 -31.45 48.61
C ASP A 133 8.88 -31.06 47.22
N ASP A 134 9.68 -31.94 46.63
CA ASP A 134 10.25 -31.73 45.31
C ASP A 134 9.39 -32.30 44.21
N PHE A 135 8.08 -32.41 44.46
CA PHE A 135 7.15 -33.08 43.51
C PHE A 135 7.08 -32.39 42.14
N TYR A 136 7.00 -31.05 42.11
CA TYR A 136 6.91 -30.36 40.80
C TYR A 136 8.25 -29.71 40.43
N ALA A 137 9.23 -29.89 41.32
CA ALA A 137 10.57 -29.29 41.23
C ALA A 137 11.36 -29.81 40.03
N TYR A 138 12.03 -28.88 39.34
CA TYR A 138 12.90 -29.19 38.17
C TYR A 138 14.29 -28.67 38.53
N ASP A 139 15.32 -29.50 38.38
CA ASP A 139 16.69 -29.06 38.77
C ASP A 139 16.59 -28.58 40.23
N GLU A 140 17.09 -27.38 40.53
CA GLU A 140 16.95 -26.88 41.92
C GLU A 140 16.32 -25.48 41.95
N ASP A 141 16.57 -24.66 40.92
CA ASP A 141 16.10 -23.24 40.91
C ASP A 141 14.57 -23.08 40.87
N GLY A 142 13.86 -23.79 39.99
CA GLY A 142 12.40 -23.57 39.91
C GLY A 142 11.65 -24.59 39.08
N THR A 143 10.31 -24.58 39.17
CA THR A 143 9.45 -25.54 38.41
C THR A 143 9.60 -25.28 36.90
N ARG A 144 9.50 -26.35 36.10
CA ARG A 144 9.65 -26.30 34.65
C ARG A 144 8.99 -25.06 34.08
N PHE A 145 7.69 -24.91 34.29
CA PHE A 145 6.91 -23.79 33.79
C PHE A 145 6.59 -22.86 34.95
N SER A 146 5.65 -21.93 34.69
CA SER A 146 5.08 -21.04 35.70
C SER A 146 4.46 -21.87 36.81
N PRO A 147 4.48 -21.40 38.05
CA PRO A 147 3.94 -22.22 39.15
C PRO A 147 2.42 -22.25 39.20
N ASP A 148 1.74 -21.49 38.33
CA ASP A 148 0.29 -21.50 38.32
C ASP A 148 -0.26 -22.57 37.40
N ILE A 149 0.57 -23.09 36.49
CA ILE A 149 0.07 -23.97 35.45
C ILE A 149 -0.15 -25.38 35.99
N THR A 150 -1.39 -25.85 35.89
CA THR A 150 -1.82 -27.19 36.24
C THR A 150 -1.66 -28.06 35.00
N PRO A 151 -1.76 -29.40 35.06
CA PRO A 151 -1.59 -30.18 33.82
C PRO A 151 -2.70 -30.02 32.79
N ILE A 152 -3.95 -29.81 33.22
CA ILE A 152 -5.05 -29.70 32.26
C ILE A 152 -4.98 -28.38 31.49
N ILE A 153 -4.36 -27.35 32.09
CA ILE A 153 -4.15 -26.11 31.36
C ILE A 153 -3.04 -26.28 30.33
N LEU A 154 -1.96 -26.98 30.70
CA LEU A 154 -0.85 -27.22 29.80
C LEU A 154 -1.26 -28.11 28.64
N ALA A 155 -2.20 -29.02 28.87
CA ALA A 155 -2.72 -29.84 27.79
C ALA A 155 -3.54 -29.00 26.82
N ALA A 156 -4.26 -28.00 27.34
CA ALA A 156 -5.12 -27.18 26.49
C ALA A 156 -4.31 -26.15 25.72
N HIS A 157 -3.13 -25.77 26.24
CA HIS A 157 -2.27 -24.85 25.48
C HIS A 157 -1.69 -25.52 24.25
N CYS A 158 -1.24 -26.77 24.40
CA CYS A 158 -0.57 -27.46 23.31
C CYS A 158 -1.53 -28.13 22.34
N GLN A 159 -2.82 -28.17 22.67
CA GLN A 159 -3.89 -28.74 21.84
C GLN A 159 -3.64 -30.21 21.53
N LYS A 160 -3.60 -31.03 22.58
CA LYS A 160 -3.50 -32.48 22.45
C LYS A 160 -4.86 -33.05 22.80
N TYR A 161 -5.59 -33.54 21.80
CA TYR A 161 -7.00 -33.88 22.03
C TYR A 161 -7.13 -35.18 22.81
N GLU A 162 -6.11 -36.03 22.75
CA GLU A 162 -6.20 -37.33 23.44
C GLU A 162 -5.86 -37.19 24.91
N VAL A 163 -4.97 -36.26 25.26
CA VAL A 163 -4.54 -36.09 26.64
C VAL A 163 -5.63 -35.40 27.46
N VAL A 164 -6.34 -34.45 26.83
CA VAL A 164 -7.42 -33.73 27.51
C VAL A 164 -8.54 -34.67 27.88
N HIS A 165 -8.84 -35.64 27.01
CA HIS A 165 -9.89 -36.60 27.30
C HIS A 165 -9.50 -37.51 28.46
N MET A 166 -8.23 -37.91 28.53
CA MET A 166 -7.74 -38.73 29.64
C MET A 166 -7.79 -37.97 30.95
N LEU A 167 -7.41 -36.69 30.93
CA LEU A 167 -7.40 -35.91 32.18
C LEU A 167 -8.81 -35.53 32.61
N LEU A 168 -9.74 -35.39 31.65
CA LEU A 168 -11.12 -35.08 32.01
C LEU A 168 -11.84 -36.32 32.54
N MET A 169 -11.46 -37.51 32.07
CA MET A 169 -12.02 -38.72 32.66
C MET A 169 -11.52 -38.94 34.08
N LYS A 170 -10.30 -38.49 34.38
CA LYS A 170 -9.78 -38.62 35.73
C LYS A 170 -10.47 -37.66 36.68
N GLY A 171 -10.96 -36.53 36.18
CA GLY A 171 -11.78 -35.65 36.98
C GLY A 171 -11.22 -34.26 37.22
N ALA A 172 -10.39 -33.77 36.30
CA ALA A 172 -9.82 -32.45 36.46
C ALA A 172 -10.44 -31.48 35.47
N ARG A 173 -11.04 -30.42 36.00
CA ARG A 173 -11.67 -29.40 35.18
C ARG A 173 -11.13 -28.03 35.56
N ILE A 174 -10.85 -27.19 34.58
CA ILE A 174 -10.34 -25.87 34.86
C ILE A 174 -11.36 -25.05 35.63
N GLU A 175 -10.91 -24.34 36.64
CA GLU A 175 -11.77 -23.48 37.43
C GLU A 175 -11.77 -22.09 36.81
N ARG A 176 -12.96 -21.53 36.63
CA ARG A 176 -13.05 -20.20 36.04
C ARG A 176 -12.52 -19.18 37.04
N PRO A 177 -11.74 -18.22 36.56
CA PRO A 177 -11.25 -17.17 37.46
C PRO A 177 -12.39 -16.22 37.82
N HIS A 178 -12.22 -15.54 38.94
CA HIS A 178 -13.28 -14.70 39.46
C HIS A 178 -13.44 -13.44 38.63
N ASP A 179 -14.40 -12.61 39.01
CA ASP A 179 -14.58 -11.33 38.33
C ASP A 179 -13.43 -10.41 38.67
N TYR A 180 -13.29 -9.34 37.89
CA TYR A 180 -12.13 -8.41 38.03
C TYR A 180 -12.10 -7.79 39.44
N PHE A 181 -13.26 -7.45 39.98
CA PHE A 181 -13.31 -6.86 41.35
C PHE A 181 -14.33 -7.63 42.17
N CYS A 182 -14.03 -8.90 42.44
CA CYS A 182 -14.91 -9.76 43.28
C CYS A 182 -14.79 -9.30 44.74
N LYS A 183 -13.57 -8.91 45.14
CA LYS A 183 -13.22 -8.44 46.50
C LYS A 183 -13.39 -9.55 47.55
N CYS A 184 -13.21 -10.82 47.14
CA CYS A 184 -13.30 -11.97 48.08
C CYS A 184 -12.00 -12.02 48.90
N GLY A 185 -12.01 -12.69 50.05
CA GLY A 185 -10.81 -12.75 50.90
C GLY A 185 -9.63 -13.39 50.20
N ASP A 186 -9.86 -14.48 49.47
CA ASP A 186 -8.77 -15.19 48.76
C ASP A 186 -8.15 -14.29 47.68
N CYS A 187 -8.98 -13.58 46.92
CA CYS A 187 -8.49 -12.68 45.83
C CYS A 187 -7.67 -11.53 46.39
N MET A 188 -8.11 -10.94 47.50
CA MET A 188 -7.42 -9.77 48.11
C MET A 188 -6.04 -10.19 48.64
N GLU A 189 -5.97 -11.35 49.29
CA GLU A 189 -4.72 -11.83 49.87
C GLU A 189 -3.67 -12.10 48.78
N LYS A 190 -4.11 -12.60 47.62
CA LYS A 190 -3.18 -12.79 46.51
C LYS A 190 -2.93 -11.49 45.75
N GLN A 191 -3.70 -10.45 46.06
CA GLN A 191 -3.49 -9.16 45.39
C GLN A 191 -2.56 -8.28 46.21
N ARG A 192 -2.62 -8.38 47.54
CA ARG A 192 -1.76 -7.57 48.39
C ARG A 192 -0.30 -7.98 48.28
N HIS A 193 -0.09 -9.22 47.83
CA HIS A 193 1.28 -9.74 47.60
C HIS A 193 1.41 -10.25 46.16
N ASP A 194 2.29 -9.61 45.39
CA ASP A 194 2.59 -9.98 44.00
C ASP A 194 1.37 -9.86 43.08
N SER A 195 0.99 -8.61 42.79
CA SER A 195 -0.08 -8.34 41.81
C SER A 195 0.22 -8.92 40.44
N PHE A 196 1.50 -8.89 40.04
CA PHE A 196 1.88 -9.24 38.68
C PHE A 196 1.65 -10.71 38.37
N SER A 197 1.97 -11.60 39.31
CA SER A 197 1.80 -13.03 39.07
C SER A 197 0.33 -13.40 39.05
N HIS A 198 -0.49 -12.69 39.82
CA HIS A 198 -1.94 -12.89 39.79
C HIS A 198 -2.53 -12.51 38.44
N SER A 199 -2.12 -11.34 37.92
CA SER A 199 -2.59 -10.90 36.62
C SER A 199 -2.06 -11.78 35.49
N ARG A 200 -0.92 -12.43 35.71
CA ARG A 200 -0.41 -13.37 34.72
C ARG A 200 -1.18 -14.70 34.77
N SER A 201 -1.58 -15.11 35.97
CA SER A 201 -2.28 -16.37 36.14
C SER A 201 -3.71 -16.31 35.57
N ARG A 202 -4.33 -15.13 35.63
CA ARG A 202 -5.65 -14.98 35.00
C ARG A 202 -5.58 -15.20 33.49
N ILE A 203 -4.52 -14.68 32.86
CA ILE A 203 -4.39 -14.82 31.41
C ILE A 203 -4.03 -16.25 31.04
N ASN A 204 -3.26 -16.94 31.89
CA ASN A 204 -3.01 -18.36 31.64
C ASN A 204 -4.29 -19.18 31.76
N ALA A 205 -5.17 -18.83 32.69
CA ALA A 205 -6.44 -19.57 32.83
C ALA A 205 -7.35 -19.32 31.63
N TYR A 206 -7.42 -18.08 31.14
CA TYR A 206 -8.26 -17.82 29.97
C TYR A 206 -7.66 -18.36 28.69
N LYS A 207 -6.33 -18.50 28.64
CA LYS A 207 -5.73 -19.13 27.49
C LYS A 207 -5.97 -20.64 27.52
N GLY A 208 -6.16 -21.19 28.73
CA GLY A 208 -6.59 -22.58 28.82
C GLY A 208 -8.03 -22.78 28.42
N LEU A 209 -8.92 -21.88 28.85
CA LEU A 209 -10.35 -22.07 28.57
C LEU A 209 -10.70 -21.80 27.11
N ALA A 210 -9.98 -20.90 26.46
CA ALA A 210 -10.34 -20.48 25.12
C ALA A 210 -9.54 -21.22 24.07
N SER A 211 -9.76 -22.53 23.99
CA SER A 211 -9.04 -23.36 23.04
C SER A 211 -9.98 -24.41 22.50
N PRO A 212 -9.84 -24.81 21.23
CA PRO A 212 -10.77 -25.79 20.66
C PRO A 212 -10.68 -27.17 21.29
N ALA A 213 -9.56 -27.49 21.94
CA ALA A 213 -9.43 -28.76 22.64
C ALA A 213 -10.36 -28.82 23.84
N TYR A 214 -10.25 -27.82 24.71
CA TYR A 214 -11.12 -27.78 25.87
C TYR A 214 -12.56 -27.53 25.47
N LEU A 215 -12.80 -26.63 24.52
CA LEU A 215 -14.17 -26.32 24.15
C LEU A 215 -14.96 -27.48 23.58
N SER A 216 -14.34 -28.26 22.70
CA SER A 216 -14.98 -29.44 22.11
C SER A 216 -15.29 -30.63 23.05
N LEU A 217 -14.34 -30.98 23.93
CA LEU A 217 -14.50 -32.14 24.82
C LEU A 217 -14.90 -31.96 26.30
N SER A 218 -15.08 -30.73 26.75
CA SER A 218 -15.45 -30.47 28.14
C SER A 218 -16.92 -30.36 28.46
N SER A 219 -17.71 -29.73 27.59
CA SER A 219 -19.10 -29.56 27.97
C SER A 219 -20.00 -29.85 26.79
N GLU A 220 -21.26 -30.13 27.08
CA GLU A 220 -22.25 -30.24 26.04
C GLU A 220 -22.66 -28.85 25.57
N ASP A 221 -23.18 -28.80 24.34
CA ASP A 221 -23.55 -27.58 23.64
C ASP A 221 -22.41 -26.55 23.62
N PRO A 222 -21.37 -26.78 22.81
CA PRO A 222 -20.16 -25.95 22.94
C PRO A 222 -20.22 -24.63 22.19
N VAL A 223 -21.10 -24.50 21.19
CA VAL A 223 -21.14 -23.29 20.39
C VAL A 223 -21.70 -22.13 21.21
N LEU A 224 -22.59 -22.43 22.15
CA LEU A 224 -23.14 -21.38 23.00
C LEU A 224 -22.11 -20.90 24.01
N THR A 225 -21.31 -21.81 24.58
CA THR A 225 -20.32 -21.35 25.54
C THR A 225 -19.14 -20.68 24.85
N ALA A 226 -18.92 -20.97 23.56
CA ALA A 226 -17.91 -20.22 22.83
C ALA A 226 -18.39 -18.79 22.54
N LEU A 227 -19.63 -18.65 22.07
CA LEU A 227 -20.23 -17.33 21.86
C LEU A 227 -20.34 -16.54 23.15
N GLU A 228 -20.47 -17.22 24.28
CA GLU A 228 -20.60 -16.50 25.55
C GLU A 228 -19.24 -16.11 26.10
N LEU A 229 -18.21 -16.93 25.87
CA LEU A 229 -16.90 -16.64 26.43
C LEU A 229 -16.18 -15.55 25.63
N SER A 230 -16.53 -15.43 24.34
CA SER A 230 -16.00 -14.34 23.52
C SER A 230 -16.38 -12.96 24.07
N ASN A 231 -17.58 -12.85 24.64
CA ASN A 231 -18.02 -11.61 25.25
C ASN A 231 -17.15 -11.22 26.43
N GLU A 232 -16.89 -12.19 27.30
CA GLU A 232 -16.10 -11.97 28.52
C GLU A 232 -14.70 -11.50 28.20
N LEU A 233 -14.09 -12.13 27.20
CA LEU A 233 -12.76 -11.69 26.78
C LEU A 233 -12.80 -10.29 26.16
N ALA A 234 -13.83 -10.00 25.37
CA ALA A 234 -13.90 -8.70 24.72
C ALA A 234 -14.28 -7.59 25.70
N LYS A 235 -14.77 -7.96 26.90
CA LYS A 235 -15.01 -6.92 27.90
C LYS A 235 -13.81 -6.76 28.83
N LEU A 236 -13.01 -7.82 29.01
CA LEU A 236 -11.79 -7.65 29.80
C LEU A 236 -10.73 -6.86 29.02
N ALA A 237 -10.84 -6.87 27.69
CA ALA A 237 -9.90 -6.09 26.87
C ALA A 237 -10.05 -4.59 27.09
N ASN A 238 -11.24 -4.13 27.48
CA ASN A 238 -11.44 -2.70 27.69
C ASN A 238 -11.20 -2.31 29.15
N ILE A 239 -10.94 -3.28 30.01
CA ILE A 239 -10.73 -2.97 31.42
C ILE A 239 -9.25 -3.07 31.78
N GLU A 240 -8.54 -4.02 31.15
CA GLU A 240 -7.12 -4.14 31.43
C GLU A 240 -6.30 -3.03 30.78
N LYS A 241 -6.31 -2.97 29.44
CA LYS A 241 -5.66 -2.00 28.57
C LYS A 241 -4.13 -2.08 28.55
N GLU A 242 -3.53 -2.97 29.34
CA GLU A 242 -2.09 -3.22 29.18
C GLU A 242 -1.87 -4.59 28.56
N PHE A 243 -2.74 -5.54 28.88
CA PHE A 243 -2.74 -6.82 28.21
C PHE A 243 -3.79 -6.83 27.10
N LYS A 244 -3.99 -5.68 26.47
CA LYS A 244 -4.98 -5.40 25.43
C LYS A 244 -4.92 -6.37 24.26
N ASN A 245 -3.71 -6.67 23.78
CA ASN A 245 -3.59 -7.47 22.57
C ASN A 245 -3.82 -8.95 22.85
N ASP A 246 -3.64 -9.38 24.10
CA ASP A 246 -3.75 -10.80 24.41
C ASP A 246 -5.20 -11.26 24.45
N TYR A 247 -6.07 -10.50 25.11
CA TYR A 247 -7.48 -10.85 25.16
C TYR A 247 -8.12 -10.73 23.77
N ARG A 248 -7.64 -9.78 22.98
CA ARG A 248 -8.13 -9.67 21.60
C ARG A 248 -7.58 -10.81 20.73
N LYS A 249 -6.43 -11.37 21.11
CA LYS A 249 -5.94 -12.53 20.39
C LYS A 249 -6.72 -13.79 20.76
N LEU A 250 -7.28 -13.81 21.98
CA LEU A 250 -8.05 -14.98 22.40
C LEU A 250 -9.48 -14.95 21.87
N SER A 251 -10.04 -13.75 21.71
CA SER A 251 -11.40 -13.63 21.18
C SER A 251 -11.47 -14.10 19.73
N MET A 252 -10.37 -13.99 18.99
CA MET A 252 -10.37 -14.47 17.62
C MET A 252 -10.43 -15.98 17.55
N GLN A 253 -9.81 -16.67 18.52
CA GLN A 253 -9.94 -18.11 18.60
C GLN A 253 -11.35 -18.52 18.97
N CYS A 254 -11.96 -17.76 19.90
CA CYS A 254 -13.34 -18.07 20.29
C CYS A 254 -14.34 -17.86 19.15
N LYS A 255 -14.03 -16.95 18.23
CA LYS A 255 -14.93 -16.76 17.09
C LYS A 255 -14.64 -17.77 15.97
N ASP A 256 -13.37 -18.11 15.78
CA ASP A 256 -13.02 -18.98 14.66
C ASP A 256 -13.40 -20.42 14.94
N PHE A 257 -13.53 -20.80 16.22
CA PHE A 257 -14.11 -22.10 16.54
C PHE A 257 -15.54 -22.22 16.02
N VAL A 258 -16.35 -21.17 16.22
CA VAL A 258 -17.74 -21.21 15.81
C VAL A 258 -17.85 -21.22 14.30
N VAL A 259 -17.02 -20.42 13.61
CA VAL A 259 -17.05 -20.41 12.15
C VAL A 259 -16.60 -21.76 11.57
N GLY A 260 -15.58 -22.37 12.18
CA GLY A 260 -15.12 -23.67 11.71
C GLY A 260 -16.11 -24.79 11.97
N VAL A 261 -16.93 -24.64 13.01
CA VAL A 261 -18.02 -25.60 13.21
C VAL A 261 -19.12 -25.37 12.18
N LEU A 262 -19.42 -24.13 11.90
CA LEU A 262 -20.46 -23.81 10.94
C LEU A 262 -20.11 -24.37 9.57
N ASP A 263 -18.84 -24.36 9.21
CA ASP A 263 -18.47 -24.83 7.87
C ASP A 263 -18.97 -26.24 7.58
N LEU A 264 -18.96 -27.12 8.58
CA LEU A 264 -18.93 -28.55 8.29
C LEU A 264 -20.32 -29.13 8.05
N CYS A 265 -21.36 -28.32 8.17
CA CYS A 265 -22.71 -28.85 8.12
C CYS A 265 -23.14 -29.11 6.68
N ARG A 266 -23.83 -30.24 6.47
CA ARG A 266 -24.11 -30.69 5.10
C ARG A 266 -25.60 -30.63 4.78
N ASP A 267 -26.44 -31.26 5.60
CA ASP A 267 -27.88 -31.28 5.39
C ASP A 267 -28.48 -29.98 5.90
N SER A 268 -29.78 -29.79 5.65
CA SER A 268 -30.44 -28.58 6.13
C SER A 268 -30.82 -28.71 7.59
N GLU A 269 -30.88 -29.94 8.10
CA GLU A 269 -31.23 -30.15 9.49
C GLU A 269 -30.11 -29.71 10.41
N GLU A 270 -28.86 -29.86 9.96
CA GLU A 270 -27.72 -29.42 10.77
C GLU A 270 -27.63 -27.91 10.82
N VAL A 271 -27.94 -27.23 9.71
CA VAL A 271 -27.95 -25.76 9.70
C VAL A 271 -29.10 -25.24 10.55
N GLU A 272 -30.27 -25.88 10.45
CA GLU A 272 -31.40 -25.46 11.26
C GLU A 272 -31.32 -26.03 12.68
N ALA A 273 -30.25 -26.76 13.00
CA ALA A 273 -29.98 -27.12 14.38
C ALA A 273 -28.94 -26.20 14.99
N ILE A 274 -28.07 -25.63 14.16
CA ILE A 274 -27.08 -24.68 14.69
C ILE A 274 -27.70 -23.30 14.86
N LEU A 275 -28.45 -22.81 13.86
CA LEU A 275 -28.81 -21.40 13.82
C LEU A 275 -29.83 -21.03 14.89
N ASN A 276 -30.65 -21.98 15.31
CA ASN A 276 -31.47 -21.82 16.51
C ASN A 276 -31.27 -23.08 17.35
N GLY A 277 -31.36 -22.94 18.67
CA GLY A 277 -30.99 -24.01 19.58
C GLY A 277 -31.98 -25.15 19.66
N ASP A 278 -31.95 -25.89 20.77
CA ASP A 278 -32.89 -26.99 20.96
C ASP A 278 -34.28 -26.42 21.21
N LEU A 279 -35.24 -26.83 20.38
CA LEU A 279 -36.59 -26.26 20.48
C LEU A 279 -37.37 -26.90 21.62
N GLU A 280 -37.19 -28.19 21.83
CA GLU A 280 -37.86 -28.89 22.92
C GLU A 280 -37.21 -28.59 24.26
N ALA A 292 -38.38 -20.40 12.49
CA ALA A 292 -38.01 -19.07 12.97
C ALA A 292 -37.39 -19.16 14.36
N SER A 293 -37.54 -18.08 15.13
CA SER A 293 -36.92 -17.91 16.45
C SER A 293 -35.42 -18.18 16.39
N LEU A 294 -34.71 -17.29 15.70
CA LEU A 294 -33.36 -17.50 15.20
C LEU A 294 -32.26 -17.34 16.25
N SER A 295 -32.58 -17.68 17.51
CA SER A 295 -31.89 -17.31 18.76
C SER A 295 -30.38 -17.16 18.73
N ARG A 296 -29.66 -18.07 18.07
CA ARG A 296 -28.22 -17.93 18.01
C ARG A 296 -27.80 -16.82 17.06
N VAL A 297 -28.59 -16.56 16.02
CA VAL A 297 -28.27 -15.46 15.11
C VAL A 297 -28.54 -14.13 15.80
N LYS A 298 -29.63 -14.04 16.56
CA LYS A 298 -29.92 -12.81 17.30
C LYS A 298 -28.95 -12.59 18.44
N LEU A 299 -28.29 -13.66 18.89
CA LEU A 299 -27.28 -13.53 19.93
C LEU A 299 -25.91 -13.26 19.32
N ALA A 300 -25.75 -13.54 18.03
CA ALA A 300 -24.48 -13.23 17.38
C ALA A 300 -24.48 -11.83 16.78
N ILE A 301 -25.62 -11.14 16.84
CA ILE A 301 -25.64 -9.72 16.47
C ILE A 301 -25.11 -8.87 17.61
N LYS A 302 -25.52 -9.23 18.83
CA LYS A 302 -25.14 -8.52 20.04
C LYS A 302 -23.65 -8.59 20.31
N TYR A 303 -23.07 -9.75 20.06
CA TYR A 303 -21.64 -9.98 20.29
C TYR A 303 -20.78 -9.62 19.08
N GLU A 304 -21.44 -9.19 18.00
CA GLU A 304 -20.78 -8.76 16.78
C GLU A 304 -19.86 -9.77 16.10
N VAL A 305 -20.27 -11.03 16.01
CA VAL A 305 -19.41 -12.02 15.33
C VAL A 305 -19.78 -11.92 13.85
N LYS A 306 -18.95 -11.20 13.10
CA LYS A 306 -19.35 -10.81 11.76
C LYS A 306 -19.25 -11.97 10.77
N LYS A 307 -18.31 -12.88 10.99
CA LYS A 307 -18.11 -13.95 10.00
C LYS A 307 -19.07 -15.11 10.21
N PHE A 308 -19.75 -15.13 11.37
CA PHE A 308 -20.79 -16.13 11.57
C PHE A 308 -22.08 -15.74 10.88
N VAL A 309 -22.29 -14.44 10.67
CA VAL A 309 -23.51 -13.98 10.01
C VAL A 309 -23.25 -13.78 8.53
N ALA A 310 -22.02 -13.42 8.17
CA ALA A 310 -21.66 -13.22 6.78
C ALA A 310 -21.22 -14.49 6.07
N HIS A 311 -21.48 -15.65 6.65
CA HIS A 311 -21.17 -16.90 5.97
C HIS A 311 -22.35 -17.31 5.09
N PRO A 312 -22.11 -17.97 3.95
CA PRO A 312 -23.24 -18.29 3.05
C PRO A 312 -24.28 -19.27 3.59
N ASN A 313 -23.88 -20.17 4.50
CA ASN A 313 -24.82 -21.15 5.03
C ASN A 313 -25.82 -20.51 5.98
N CYS A 314 -25.52 -19.31 6.48
CA CYS A 314 -26.50 -18.55 7.23
C CYS A 314 -27.30 -17.62 6.33
N GLN A 315 -26.65 -17.10 5.28
CA GLN A 315 -27.29 -16.12 4.41
C GLN A 315 -28.39 -16.77 3.59
N GLN A 316 -28.24 -18.04 3.21
CA GLN A 316 -29.32 -18.68 2.45
C GLN A 316 -30.51 -18.99 3.34
N GLN A 317 -30.26 -19.27 4.63
CA GLN A 317 -31.37 -19.51 5.55
C GLN A 317 -32.11 -18.22 5.87
N LEU A 318 -31.39 -17.09 5.88
CA LEU A 318 -32.07 -15.81 6.07
C LEU A 318 -32.81 -15.38 4.80
N LEU A 319 -32.26 -15.69 3.63
CA LEU A 319 -32.93 -15.33 2.38
C LEU A 319 -34.20 -16.13 2.15
N THR A 320 -34.26 -17.38 2.63
CA THR A 320 -35.49 -18.13 2.45
C THR A 320 -36.57 -17.69 3.44
N ILE A 321 -36.22 -16.82 4.38
CA ILE A 321 -37.23 -16.20 5.23
C ILE A 321 -37.60 -14.82 4.69
N TRP A 322 -36.64 -14.12 4.08
CA TRP A 322 -36.88 -12.77 3.61
C TRP A 322 -37.86 -12.73 2.44
N TYR A 323 -37.88 -13.77 1.62
CA TYR A 323 -38.93 -13.97 0.62
C TYR A 323 -39.63 -15.28 0.98
N GLU A 324 -40.60 -15.23 1.87
CA GLU A 324 -41.17 -16.50 2.32
C GLU A 324 -42.53 -16.80 1.71
N ASN A 325 -43.05 -15.94 0.87
CA ASN A 325 -44.25 -16.27 0.10
C ASN A 325 -44.17 -15.80 -1.34
N LEU A 326 -43.22 -14.92 -1.67
CA LEU A 326 -43.12 -14.45 -3.04
C LEU A 326 -42.47 -15.51 -3.93
N SER A 327 -41.18 -15.79 -3.70
CA SER A 327 -40.42 -16.95 -4.15
C SER A 327 -40.18 -17.01 -5.66
N GLY A 328 -40.80 -16.12 -6.43
CA GLY A 328 -40.44 -15.98 -7.83
C GLY A 328 -39.68 -14.70 -8.10
N LEU A 329 -39.76 -13.75 -7.17
CA LEU A 329 -39.07 -12.48 -7.21
C LEU A 329 -37.63 -12.60 -6.71
N ARG A 330 -37.24 -13.79 -6.26
CA ARG A 330 -35.93 -14.02 -5.66
C ARG A 330 -34.81 -13.83 -6.67
N GLU A 331 -35.09 -14.03 -7.95
CA GLU A 331 -34.13 -13.77 -9.02
C GLU A 331 -34.85 -13.04 -10.15
N GLN A 332 -34.86 -11.71 -10.08
CA GLN A 332 -35.48 -10.87 -11.10
C GLN A 332 -34.61 -9.63 -11.28
N THR A 333 -34.91 -8.89 -12.35
CA THR A 333 -34.18 -7.67 -12.64
C THR A 333 -34.63 -6.53 -11.73
N ILE A 334 -33.86 -5.45 -11.74
CA ILE A 334 -34.15 -4.31 -10.88
C ILE A 334 -35.36 -3.53 -11.41
N ALA A 335 -35.65 -3.67 -12.71
CA ALA A 335 -36.83 -3.03 -13.29
C ALA A 335 -38.12 -3.63 -12.72
N ILE A 336 -38.15 -4.95 -12.58
CA ILE A 336 -39.32 -5.61 -12.00
C ILE A 336 -39.46 -5.25 -10.53
N LYS A 337 -38.34 -5.01 -9.85
CA LYS A 337 -38.40 -4.59 -8.45
C LYS A 337 -38.88 -3.15 -8.32
N CYS A 338 -38.53 -2.31 -9.29
CA CYS A 338 -38.99 -0.92 -9.25
C CYS A 338 -40.47 -0.81 -9.61
N LEU A 339 -40.95 -1.70 -10.48
CA LEU A 339 -42.38 -1.78 -10.76
C LEU A 339 -43.16 -2.15 -9.50
N VAL A 340 -42.61 -3.02 -8.67
CA VAL A 340 -43.27 -3.43 -7.43
C VAL A 340 -43.38 -2.26 -6.46
N VAL A 341 -42.30 -1.51 -6.27
CA VAL A 341 -42.34 -0.42 -5.30
C VAL A 341 -43.19 0.74 -5.83
N LEU A 342 -43.28 0.88 -7.16
CA LEU A 342 -44.16 1.90 -7.72
C LEU A 342 -45.62 1.52 -7.55
N VAL A 343 -45.96 0.24 -7.75
CA VAL A 343 -47.33 -0.22 -7.56
C VAL A 343 -47.75 -0.11 -6.09
N VAL A 344 -46.86 -0.46 -5.17
CA VAL A 344 -47.21 -0.39 -3.75
C VAL A 344 -47.28 1.06 -3.29
N ALA A 345 -46.41 1.92 -3.80
CA ALA A 345 -46.46 3.34 -3.46
C ALA A 345 -47.70 4.00 -4.02
N LEU A 346 -48.21 3.52 -5.15
CA LEU A 346 -49.49 4.01 -5.64
C LEU A 346 -50.66 3.50 -4.81
N GLY A 347 -50.71 2.20 -4.56
CA GLY A 347 -51.82 1.57 -3.86
C GLY A 347 -51.70 1.52 -2.36
N LEU A 348 -50.84 2.34 -1.76
CA LEU A 348 -50.77 2.47 -0.30
C LEU A 348 -52.10 2.68 0.43
N PRO A 349 -53.06 3.52 0.01
CA PRO A 349 -54.29 3.64 0.83
C PRO A 349 -55.26 2.49 0.63
N PHE A 350 -54.98 1.58 -0.31
CA PHE A 350 -55.83 0.40 -0.49
C PHE A 350 -55.44 -0.72 0.47
N LEU A 351 -54.28 -0.58 1.12
CA LEU A 351 -53.67 -1.72 1.81
C LEU A 351 -54.36 -2.02 3.13
N ALA A 352 -54.86 -0.99 3.84
CA ALA A 352 -55.59 -1.25 5.08
C ALA A 352 -56.93 -1.90 4.80
N ILE A 353 -57.58 -1.50 3.71
CA ILE A 353 -58.82 -2.14 3.26
C ILE A 353 -58.54 -3.59 2.88
N GLY A 354 -57.43 -3.85 2.22
CA GLY A 354 -57.05 -5.23 1.95
C GLY A 354 -56.50 -5.97 3.16
N TYR A 355 -56.20 -5.25 4.24
CA TYR A 355 -55.53 -5.87 5.38
C TYR A 355 -56.53 -6.28 6.47
N TRP A 356 -57.69 -5.63 6.52
CA TRP A 356 -58.71 -6.17 7.44
C TRP A 356 -59.35 -7.43 6.85
N ILE A 357 -59.20 -7.65 5.54
CA ILE A 357 -59.69 -8.86 4.90
C ILE A 357 -58.77 -10.05 5.19
N ALA A 358 -57.48 -9.78 5.46
CA ALA A 358 -56.28 -10.64 5.36
C ALA A 358 -56.38 -12.12 5.73
N PRO A 359 -57.11 -12.55 6.79
CA PRO A 359 -57.30 -14.00 6.95
C PRO A 359 -58.12 -14.64 5.83
N CYS A 360 -59.06 -13.88 5.23
CA CYS A 360 -59.88 -14.45 4.18
C CYS A 360 -59.21 -14.33 2.81
N SER A 361 -58.04 -13.72 2.76
CA SER A 361 -57.35 -13.46 1.51
C SER A 361 -55.99 -14.16 1.48
N ARG A 362 -55.67 -14.77 0.33
CA ARG A 362 -54.32 -15.23 0.10
C ARG A 362 -53.37 -14.04 -0.08
N LEU A 363 -53.91 -12.92 -0.57
CA LEU A 363 -53.11 -11.70 -0.67
C LEU A 363 -52.84 -11.10 0.70
N GLY A 364 -53.63 -11.47 1.71
CA GLY A 364 -53.34 -11.05 3.06
C GLY A 364 -52.09 -11.70 3.62
N LYS A 365 -51.94 -13.01 3.37
CA LYS A 365 -50.69 -13.68 3.75
C LYS A 365 -49.56 -13.29 2.81
N ILE A 366 -49.89 -12.91 1.57
CA ILE A 366 -48.87 -12.50 0.62
C ILE A 366 -48.45 -11.06 0.86
N LEU A 367 -49.17 -10.36 1.72
CA LEU A 367 -48.76 -9.02 2.10
C LEU A 367 -48.02 -9.05 3.43
N ARG A 368 -48.22 -10.10 4.22
CA ARG A 368 -47.51 -10.25 5.49
C ARG A 368 -46.28 -11.12 5.27
N SER A 369 -45.29 -10.49 4.64
CA SER A 369 -43.97 -11.06 4.42
C SER A 369 -43.01 -9.92 4.78
N PRO A 370 -41.74 -10.21 5.10
CA PRO A 370 -40.85 -9.11 5.51
C PRO A 370 -40.53 -8.13 4.40
N PHE A 371 -40.46 -8.62 3.17
CA PHE A 371 -40.12 -7.77 2.04
C PHE A 371 -41.24 -6.78 1.74
N MET A 372 -42.49 -7.20 1.93
CA MET A 372 -43.60 -6.29 1.68
C MET A 372 -43.73 -5.24 2.79
N LYS A 373 -43.38 -5.61 4.03
CA LYS A 373 -43.32 -4.63 5.11
C LYS A 373 -42.26 -3.57 4.84
N PHE A 374 -41.10 -4.01 4.33
CA PHE A 374 -40.03 -3.07 4.00
C PHE A 374 -40.44 -2.12 2.88
N VAL A 375 -41.09 -2.66 1.85
CA VAL A 375 -41.54 -1.82 0.73
C VAL A 375 -42.64 -0.86 1.18
N ALA A 376 -43.50 -1.29 2.09
CA ALA A 376 -44.56 -0.42 2.59
C ALA A 376 -44.02 0.75 3.40
N HIS A 377 -43.04 0.49 4.29
CA HIS A 377 -42.44 1.59 5.06
C HIS A 377 -41.67 2.55 4.16
N ALA A 378 -40.96 2.02 3.15
CA ALA A 378 -40.23 2.89 2.24
C ALA A 378 -41.18 3.75 1.40
N ALA A 379 -42.31 3.18 1.00
CA ALA A 379 -43.27 3.93 0.20
C ALA A 379 -43.94 5.04 1.01
N SER A 380 -44.27 4.74 2.27
CA SER A 380 -44.85 5.77 3.14
C SER A 380 -43.88 6.93 3.37
N PHE A 381 -42.60 6.61 3.58
CA PHE A 381 -41.63 7.68 3.78
C PHE A 381 -41.38 8.48 2.49
N ILE A 382 -41.56 7.86 1.32
CA ILE A 382 -41.42 8.64 0.09
C ILE A 382 -42.59 9.59 -0.09
N ILE A 383 -43.80 9.13 0.25
CA ILE A 383 -44.99 10.00 0.14
C ILE A 383 -44.90 11.17 1.10
N PHE A 384 -44.25 10.98 2.26
CA PHE A 384 -43.98 12.10 3.17
C PHE A 384 -43.15 13.22 2.56
N LEU A 385 -42.08 12.87 1.85
CA LEU A 385 -41.20 13.87 1.26
C LEU A 385 -41.90 14.53 0.08
N GLY A 386 -42.74 13.75 -0.61
CA GLY A 386 -43.56 14.30 -1.67
C GLY A 386 -44.56 15.33 -1.15
N LEU A 387 -45.12 15.08 0.04
CA LEU A 387 -46.04 16.05 0.64
C LEU A 387 -45.31 17.32 1.06
N LEU A 388 -44.07 17.19 1.55
CA LEU A 388 -43.30 18.40 1.90
C LEU A 388 -43.01 19.25 0.67
N VAL A 389 -42.56 18.63 -0.41
CA VAL A 389 -42.22 19.38 -1.62
C VAL A 389 -43.47 19.98 -2.26
N PHE A 390 -44.59 19.27 -2.21
CA PHE A 390 -45.83 19.82 -2.76
C PHE A 390 -46.38 20.93 -1.88
N ASN A 391 -46.11 20.88 -0.56
CA ASN A 391 -46.49 21.98 0.31
C ASN A 391 -45.69 23.23 -0.01
N ALA A 392 -44.44 23.03 -0.37
CA ALA A 392 -43.52 24.11 -0.71
C ALA A 392 -43.88 24.75 -2.06
N SER A 393 -44.78 24.09 -2.79
CA SER A 393 -45.18 24.54 -4.12
C SER A 393 -46.01 25.82 -4.17
N ASP A 394 -46.11 26.34 -5.40
CA ASP A 394 -46.76 27.59 -5.86
C ASP A 394 -45.85 28.81 -5.76
N ARG A 395 -44.61 28.55 -5.35
CA ARG A 395 -43.58 29.58 -5.29
C ARG A 395 -42.35 29.19 -6.10
N PHE A 396 -42.43 28.18 -6.97
CA PHE A 396 -41.24 27.61 -7.60
C PHE A 396 -40.59 28.60 -8.57
N GLU A 397 -41.36 29.47 -9.19
CA GLU A 397 -40.81 30.58 -9.94
C GLU A 397 -41.22 31.87 -9.24
N GLY A 398 -40.44 32.23 -8.22
CA GLY A 398 -40.63 33.48 -7.51
C GLY A 398 -41.90 33.56 -6.68
N ILE A 399 -41.94 34.58 -5.84
CA ILE A 399 -43.17 35.03 -5.21
C ILE A 399 -43.75 36.07 -6.14
N THR A 400 -45.07 36.28 -6.07
CA THR A 400 -45.73 37.07 -7.10
C THR A 400 -45.81 38.56 -6.74
N THR A 401 -45.68 38.88 -5.45
CA THR A 401 -45.81 40.26 -5.00
C THR A 401 -44.51 40.74 -4.38
N LEU A 402 -44.54 41.98 -3.89
CA LEU A 402 -43.43 42.49 -3.10
C LEU A 402 -43.72 42.27 -1.61
N PRO A 403 -42.68 42.19 -0.78
CA PRO A 403 -42.92 41.88 0.64
C PRO A 403 -43.62 42.97 1.43
N ASN A 404 -43.39 44.24 1.12
CA ASN A 404 -43.98 45.30 1.96
C ASN A 404 -45.42 45.60 1.58
N ILE A 405 -45.90 45.03 0.47
CA ILE A 405 -47.26 45.31 0.03
C ILE A 405 -48.19 44.23 0.57
N THR A 406 -49.36 44.65 1.06
CA THR A 406 -50.37 43.74 1.58
C THR A 406 -51.48 43.60 0.55
N VAL A 407 -52.15 42.44 0.56
CA VAL A 407 -53.28 42.17 -0.32
C VAL A 407 -54.21 41.18 0.38
N THR A 408 -55.50 41.50 0.42
CA THR A 408 -56.50 40.66 1.09
C THR A 408 -57.69 40.45 0.17
N ASP A 409 -58.50 39.45 0.53
CA ASP A 409 -59.74 39.07 -0.20
C ASP A 409 -60.79 40.18 -0.08
N TYR A 410 -60.94 40.72 1.14
CA TYR A 410 -61.92 41.80 1.43
C TYR A 410 -61.31 42.79 2.42
N PRO A 411 -61.76 44.06 2.46
CA PRO A 411 -61.20 45.07 3.38
C PRO A 411 -61.35 44.69 4.86
N LYS A 412 -62.50 44.09 5.21
CA LYS A 412 -62.80 43.73 6.62
C LYS A 412 -61.78 42.71 7.17
N GLN A 413 -61.36 41.74 6.35
CA GLN A 413 -60.42 40.73 6.81
C GLN A 413 -59.12 41.38 7.25
N ILE A 414 -58.61 40.95 8.42
CA ILE A 414 -57.30 41.37 8.85
C ILE A 414 -56.26 40.62 8.03
N PHE A 415 -55.10 41.24 7.80
CA PHE A 415 -54.14 40.66 6.87
C PHE A 415 -53.42 39.48 7.50
N ARG A 416 -53.20 39.51 8.81
CA ARG A 416 -52.34 38.54 9.47
C ARG A 416 -53.00 37.16 9.57
N VAL A 417 -54.31 37.05 9.37
CA VAL A 417 -54.98 35.75 9.33
C VAL A 417 -54.56 34.94 8.10
N LYS A 418 -54.49 35.59 6.94
CA LYS A 418 -54.37 34.86 5.68
C LYS A 418 -52.99 34.23 5.54
N THR A 419 -51.97 34.80 6.17
CA THR A 419 -50.64 34.24 6.06
C THR A 419 -50.43 33.09 7.02
N THR A 420 -51.18 33.04 8.12
CA THR A 420 -50.90 32.06 9.15
C THR A 420 -51.90 30.91 9.19
N GLN A 421 -52.96 30.94 8.39
CA GLN A 421 -53.95 29.89 8.49
C GLN A 421 -53.48 28.64 7.77
N PHE A 422 -54.16 27.53 8.03
CA PHE A 422 -53.67 26.23 7.57
C PHE A 422 -54.25 25.87 6.21
N THR A 423 -53.56 24.97 5.52
CA THR A 423 -53.99 24.44 4.24
C THR A 423 -54.13 22.93 4.45
N TRP A 424 -54.70 22.22 3.48
CA TRP A 424 -55.01 20.80 3.66
C TRP A 424 -53.77 19.92 3.73
N THR A 425 -52.68 20.35 3.11
CA THR A 425 -51.46 19.54 3.12
C THR A 425 -50.75 19.62 4.47
N GLU A 426 -50.89 20.74 5.17
CA GLU A 426 -50.23 20.88 6.47
C GLU A 426 -50.93 20.03 7.51
N MET A 427 -52.22 19.79 7.34
CA MET A 427 -52.94 18.85 8.20
C MET A 427 -52.40 17.43 8.05
N LEU A 428 -52.09 17.02 6.81
CA LEU A 428 -51.53 15.68 6.60
C LEU A 428 -50.13 15.57 7.18
N ILE A 429 -49.34 16.65 7.09
CA ILE A 429 -48.04 16.69 7.76
C ILE A 429 -48.22 16.55 9.27
N MET A 430 -49.20 17.25 9.84
CA MET A 430 -49.51 17.15 11.27
C MET A 430 -49.96 15.75 11.66
N VAL A 431 -50.72 15.09 10.80
CA VAL A 431 -51.15 13.69 11.12
C VAL A 431 -49.93 12.77 11.05
N TRP A 432 -49.10 12.92 10.02
CA TRP A 432 -47.90 12.05 9.81
C TRP A 432 -46.85 12.22 10.92
N VAL A 433 -46.56 13.44 11.36
CA VAL A 433 -45.50 13.63 12.41
C VAL A 433 -45.94 12.96 13.72
N LEU A 434 -47.21 13.09 14.08
CA LEU A 434 -47.71 12.49 15.32
C LEU A 434 -47.57 10.97 15.31
N GLY A 435 -47.74 10.35 14.15
CA GLY A 435 -47.58 8.91 14.06
C GLY A 435 -46.15 8.45 14.27
N MET A 436 -45.20 9.17 13.67
CA MET A 436 -43.79 8.81 13.88
C MET A 436 -43.36 9.08 15.32
N MET A 437 -43.89 10.15 15.91
CA MET A 437 -43.63 10.44 17.33
C MET A 437 -44.22 9.36 18.23
N TRP A 438 -45.37 8.81 17.84
CA TRP A 438 -46.02 7.76 18.63
C TRP A 438 -45.23 6.47 18.58
N SER A 439 -44.72 6.10 17.39
CA SER A 439 -43.90 4.90 17.26
C SER A 439 -42.60 5.03 18.06
N GLU A 440 -41.97 6.20 18.01
CA GLU A 440 -40.74 6.39 18.78
C GLU A 440 -41.04 6.45 20.28
N CYS A 441 -42.25 6.88 20.65
CA CYS A 441 -42.63 6.86 22.06
C CYS A 441 -42.81 5.44 22.57
N LYS A 442 -43.44 4.56 21.78
CA LYS A 442 -43.57 3.15 22.16
C LYS A 442 -42.20 2.49 22.28
N GLU A 443 -41.34 2.70 21.30
CA GLU A 443 -40.00 2.05 21.30
C GLU A 443 -39.16 2.51 22.51
N LEU A 444 -39.19 3.79 22.86
CA LEU A 444 -38.38 4.29 24.00
C LEU A 444 -38.84 3.64 25.31
N TRP A 445 -40.14 3.49 25.51
CA TRP A 445 -40.69 2.90 26.77
C TRP A 445 -40.22 1.45 26.95
N LEU A 446 -40.18 0.68 25.87
CA LEU A 446 -39.80 -0.76 25.97
C LEU A 446 -38.29 -0.94 25.97
N GLU A 447 -37.58 -0.25 25.08
CA GLU A 447 -36.10 -0.36 24.96
C GLU A 447 -35.41 0.20 26.21
N GLY A 448 -35.90 1.31 26.75
CA GLY A 448 -35.27 1.96 27.92
C GLY A 448 -34.32 3.06 27.47
N PRO A 449 -33.95 3.98 28.37
CA PRO A 449 -33.06 5.10 28.02
C PRO A 449 -31.66 4.66 27.57
N ARG A 450 -31.08 3.66 28.20
CA ARG A 450 -29.73 3.21 27.85
C ARG A 450 -29.67 2.72 26.41
N GLU A 451 -30.74 2.05 25.95
CA GLU A 451 -30.79 1.60 24.57
C GLU A 451 -30.97 2.77 23.62
N TYR A 452 -31.76 3.75 24.03
CA TYR A 452 -31.95 4.96 23.17
C TYR A 452 -30.65 5.77 23.12
N ILE A 453 -30.01 5.95 24.27
CA ILE A 453 -28.74 6.73 24.40
C ILE A 453 -27.61 6.01 23.69
N LEU A 454 -27.56 4.69 23.75
CA LEU A 454 -26.45 3.90 23.15
C LEU A 454 -26.36 4.14 21.64
N GLN A 455 -27.48 4.25 20.94
CA GLN A 455 -27.41 4.46 19.46
C GLN A 455 -27.53 5.96 19.14
N LEU A 456 -26.54 6.51 18.47
CA LEU A 456 -26.53 7.94 18.07
C LEU A 456 -27.68 8.21 17.09
N TRP A 457 -27.94 7.26 16.19
CA TRP A 457 -28.99 7.42 15.15
C TRP A 457 -30.38 7.61 15.78
N ASN A 458 -30.69 6.91 16.86
CA ASN A 458 -32.03 7.03 17.50
C ASN A 458 -32.24 8.47 17.99
N VAL A 459 -31.23 9.10 18.54
CA VAL A 459 -31.33 10.45 19.09
C VAL A 459 -31.51 11.47 17.99
N LEU A 460 -30.85 11.24 16.84
CA LEU A 460 -31.03 12.11 15.67
C LEU A 460 -32.47 12.08 15.17
N ASP A 461 -33.06 10.88 15.08
CA ASP A 461 -34.46 10.75 14.67
C ASP A 461 -35.41 11.45 15.64
N PHE A 462 -35.19 11.26 16.94
CA PHE A 462 -36.08 11.85 17.95
C PHE A 462 -35.96 13.37 17.97
N GLY A 463 -34.75 13.89 17.76
CA GLY A 463 -34.56 15.33 17.67
C GLY A 463 -35.24 15.95 16.47
N MET A 464 -35.19 15.26 15.32
CA MET A 464 -35.90 15.74 14.13
C MET A 464 -37.41 15.83 14.37
N LEU A 465 -37.99 14.80 15.01
CA LEU A 465 -39.42 14.85 15.34
C LEU A 465 -39.75 15.99 16.31
N SER A 466 -38.88 16.23 17.29
CA SER A 466 -39.14 17.31 18.26
C SER A 466 -39.06 18.69 17.61
N ILE A 467 -38.15 18.86 16.64
CA ILE A 467 -38.04 20.14 15.94
C ILE A 467 -39.28 20.41 15.10
N PHE A 468 -39.82 19.36 14.45
CA PHE A 468 -41.11 19.49 13.75
C PHE A 468 -42.22 19.94 14.69
N ILE A 469 -42.32 19.32 15.87
CA ILE A 469 -43.42 19.63 16.79
C ILE A 469 -43.29 21.07 17.30
N ALA A 470 -42.06 21.51 17.58
CA ALA A 470 -41.85 22.88 18.06
C ALA A 470 -42.23 23.92 17.00
N ALA A 471 -41.90 23.65 15.73
CA ALA A 471 -42.27 24.57 14.66
C ALA A 471 -43.78 24.70 14.52
N PHE A 472 -44.51 23.58 14.61
CA PHE A 472 -45.96 23.69 14.44
C PHE A 472 -46.64 24.33 15.64
N THR A 473 -46.08 24.16 16.85
CA THR A 473 -46.63 24.87 18.01
C THR A 473 -46.44 26.37 17.89
N ALA A 474 -45.29 26.80 17.35
CA ALA A 474 -45.09 28.23 17.12
C ALA A 474 -46.05 28.78 16.08
N ARG A 475 -46.34 28.00 15.04
CA ARG A 475 -47.31 28.41 14.03
C ARG A 475 -48.72 28.56 14.61
N PHE A 476 -49.09 27.65 15.52
CA PHE A 476 -50.42 27.71 16.11
C PHE A 476 -50.56 28.91 17.06
N LEU A 477 -49.48 29.21 17.81
CA LEU A 477 -49.47 30.42 18.63
C LEU A 477 -49.56 31.68 17.77
N ALA A 478 -48.99 31.64 16.57
CA ALA A 478 -49.18 32.78 15.67
C ALA A 478 -50.60 32.87 15.15
N PHE A 479 -51.30 31.74 15.00
CA PHE A 479 -52.66 31.76 14.47
C PHE A 479 -53.67 32.29 15.49
N LEU A 480 -53.47 31.98 16.77
CA LEU A 480 -54.47 32.30 17.80
C LEU A 480 -54.66 33.81 17.97
N GLN A 481 -53.57 34.56 17.93
CA GLN A 481 -53.66 36.00 18.17
C GLN A 481 -54.34 36.71 17.00
N ALA A 482 -54.14 36.21 15.79
CA ALA A 482 -54.83 36.77 14.64
C ALA A 482 -56.32 36.46 14.69
N THR A 483 -56.69 35.29 15.22
CA THR A 483 -58.11 35.02 15.42
C THR A 483 -58.72 35.94 16.48
N LYS A 484 -57.95 36.25 17.53
CA LYS A 484 -58.42 37.17 18.56
C LYS A 484 -58.63 38.57 17.99
N ALA A 485 -57.71 39.03 17.13
CA ALA A 485 -57.86 40.35 16.53
C ALA A 485 -59.03 40.40 15.56
N GLN A 486 -59.27 39.31 14.81
CA GLN A 486 -60.41 39.27 13.91
C GLN A 486 -61.72 39.28 14.69
N GLN A 487 -61.77 38.59 15.82
CA GLN A 487 -62.98 38.61 16.64
C GLN A 487 -63.19 39.96 17.30
N TYR A 488 -62.11 40.70 17.55
CA TYR A 488 -62.25 42.08 18.02
C TYR A 488 -62.83 42.98 16.93
N VAL A 489 -62.27 42.90 15.71
CA VAL A 489 -62.63 43.86 14.67
C VAL A 489 -64.03 43.60 14.14
N ASP A 490 -64.39 42.32 13.96
CA ASP A 490 -65.72 41.98 13.43
C ASP A 490 -66.83 42.33 14.42
N SER A 491 -66.49 42.49 15.70
CA SER A 491 -67.44 42.92 16.70
C SER A 491 -67.52 44.44 16.79
N TYR A 492 -66.37 45.12 16.90
CA TYR A 492 -66.40 46.54 17.28
C TYR A 492 -66.03 47.45 16.12
N VAL A 493 -66.12 46.97 14.87
CA VAL A 493 -65.62 47.75 13.75
C VAL A 493 -66.57 48.90 13.42
N GLN A 494 -67.82 48.57 13.07
CA GLN A 494 -68.90 49.53 12.74
C GLN A 494 -68.49 50.46 11.59
N GLU A 495 -67.78 49.92 10.61
CA GLU A 495 -67.33 50.68 9.46
C GLU A 495 -67.55 49.88 8.18
N SER A 496 -67.05 50.42 7.08
CA SER A 496 -67.19 49.73 5.79
C SER A 496 -65.94 48.94 5.45
N ASP A 497 -64.76 49.47 5.79
CA ASP A 497 -63.49 48.81 5.52
C ASP A 497 -62.57 48.97 6.73
N LEU A 498 -61.63 48.04 6.85
CA LEU A 498 -60.69 48.07 7.97
C LEU A 498 -59.58 49.09 7.75
N SER A 499 -59.44 49.60 6.53
CA SER A 499 -58.43 50.62 6.26
C SER A 499 -58.97 52.02 6.51
N GLU A 500 -60.29 52.14 6.72
CA GLU A 500 -60.90 53.46 6.83
C GLU A 500 -60.62 54.10 8.19
N VAL A 501 -61.07 53.47 9.26
CA VAL A 501 -60.92 53.99 10.62
C VAL A 501 -59.73 53.30 11.27
N THR A 502 -58.87 54.09 11.91
CA THR A 502 -57.70 53.52 12.58
C THR A 502 -58.11 52.76 13.82
N LEU A 503 -57.23 51.88 14.28
CA LEU A 503 -57.55 50.89 15.31
C LEU A 503 -56.78 51.20 16.59
N PRO A 504 -57.13 50.58 17.73
CA PRO A 504 -56.23 50.62 18.88
C PRO A 504 -54.90 49.97 18.54
N PRO A 505 -53.79 50.48 19.09
CA PRO A 505 -52.46 50.18 18.49
C PRO A 505 -51.98 48.76 18.68
N GLU A 506 -52.53 48.01 19.64
CA GLU A 506 -52.23 46.59 19.71
C GLU A 506 -52.85 45.82 18.55
N ILE A 507 -54.08 46.18 18.18
CA ILE A 507 -54.76 45.52 17.06
C ILE A 507 -54.25 46.08 15.74
N GLN A 508 -53.63 47.26 15.78
CA GLN A 508 -53.09 47.88 14.58
C GLN A 508 -51.89 47.12 14.04
N TYR A 509 -51.15 46.44 14.91
CA TYR A 509 -49.94 45.70 14.56
C TYR A 509 -50.20 44.53 13.61
N PHE A 510 -51.42 44.01 13.60
CA PHE A 510 -51.71 42.85 12.76
C PHE A 510 -52.20 43.27 11.38
N THR A 511 -51.83 44.47 10.95
CA THR A 511 -52.12 44.94 9.60
C THR A 511 -50.85 45.11 8.79
N TYR A 512 -49.70 45.05 9.44
CA TYR A 512 -48.43 45.34 8.80
C TYR A 512 -47.94 44.16 7.97
N ALA A 513 -47.17 44.47 6.92
CA ALA A 513 -46.51 43.46 6.10
C ALA A 513 -45.24 42.97 6.78
N ARG A 514 -44.41 42.25 6.03
CA ARG A 514 -43.21 41.66 6.60
C ARG A 514 -42.09 42.66 6.87
N ASP A 515 -42.28 43.93 6.51
CA ASP A 515 -41.24 44.92 6.75
C ASP A 515 -41.20 45.34 8.22
N LYS A 516 -42.33 45.26 8.92
CA LYS A 516 -42.44 45.82 10.25
C LYS A 516 -42.72 44.81 11.35
N TRP A 517 -42.45 43.52 11.13
CA TRP A 517 -42.70 42.55 12.18
C TRP A 517 -41.64 42.63 13.26
N LEU A 518 -42.02 42.26 14.47
CA LEU A 518 -41.07 42.24 15.59
C LEU A 518 -40.05 41.13 15.37
N PRO A 519 -38.76 41.36 15.71
CA PRO A 519 -37.72 40.37 15.42
C PRO A 519 -37.81 39.06 16.20
N SER A 520 -38.76 38.93 17.12
CA SER A 520 -39.13 37.65 17.68
C SER A 520 -40.63 37.53 17.47
N ASP A 521 -41.00 37.08 16.28
CA ASP A 521 -42.39 36.84 15.90
C ASP A 521 -42.52 35.33 15.91
N PRO A 522 -43.66 34.76 16.35
CA PRO A 522 -43.85 33.30 16.22
C PRO A 522 -43.80 32.79 14.80
N GLN A 523 -44.19 33.63 13.83
CA GLN A 523 -44.10 33.28 12.42
C GLN A 523 -42.65 33.07 11.98
N ILE A 524 -41.75 33.94 12.42
CA ILE A 524 -40.34 33.86 12.03
C ILE A 524 -39.68 32.63 12.64
N ILE A 525 -39.97 32.37 13.93
CA ILE A 525 -39.47 31.18 14.61
C ILE A 525 -39.98 29.92 13.94
N SER A 526 -41.25 29.95 13.51
CA SER A 526 -41.84 28.82 12.80
C SER A 526 -41.14 28.56 11.49
N GLU A 527 -40.86 29.62 10.72
CA GLU A 527 -40.18 29.44 9.44
C GLU A 527 -38.76 28.92 9.61
N GLY A 528 -38.06 29.39 10.63
CA GLY A 528 -36.70 28.93 10.85
C GLY A 528 -36.61 27.48 11.27
N LEU A 529 -37.42 27.07 12.26
CA LEU A 529 -37.38 25.69 12.71
C LEU A 529 -37.91 24.74 11.65
N TYR A 530 -38.89 25.20 10.87
CA TYR A 530 -39.43 24.36 9.79
C TYR A 530 -38.45 24.26 8.64
N ALA A 531 -37.55 25.23 8.50
CA ALA A 531 -36.52 25.10 7.49
C ALA A 531 -35.40 24.17 7.93
N ILE A 532 -35.14 24.10 9.24
CA ILE A 532 -34.14 23.14 9.72
C ILE A 532 -34.66 21.71 9.60
N ALA A 533 -35.94 21.50 9.93
CA ALA A 533 -36.46 20.14 10.03
C ALA A 533 -36.55 19.46 8.67
N VAL A 534 -36.78 20.21 7.60
CA VAL A 534 -36.89 19.61 6.27
C VAL A 534 -35.53 19.13 5.79
N VAL A 535 -34.47 19.85 6.14
CA VAL A 535 -33.11 19.40 5.83
C VAL A 535 -32.76 18.15 6.64
N LEU A 536 -33.15 18.13 7.92
CA LEU A 536 -32.85 16.95 8.73
C LEU A 536 -33.68 15.74 8.31
N SER A 537 -34.81 15.95 7.63
CA SER A 537 -35.70 14.84 7.34
C SER A 537 -35.34 14.12 6.05
N PHE A 538 -34.24 14.48 5.40
CA PHE A 538 -33.77 13.63 4.29
C PHE A 538 -32.60 12.76 4.72
N SER A 539 -32.24 12.76 6.00
CA SER A 539 -31.24 11.84 6.51
C SER A 539 -31.82 10.49 6.88
N ARG A 540 -33.12 10.29 6.62
CA ARG A 540 -33.81 9.03 6.98
C ARG A 540 -33.63 7.97 5.89
N ILE A 541 -32.96 8.32 4.78
CA ILE A 541 -32.79 7.38 3.68
C ILE A 541 -31.71 6.36 4.03
N ALA A 542 -30.95 6.62 5.09
CA ALA A 542 -29.96 5.68 5.61
C ALA A 542 -30.60 4.43 6.20
N TYR A 543 -31.91 4.48 6.48
CA TYR A 543 -32.64 3.26 6.82
C TYR A 543 -32.92 2.44 5.58
N ILE A 544 -32.86 3.04 4.40
CA ILE A 544 -33.21 2.33 3.18
C ILE A 544 -31.96 1.77 2.50
N LEU A 545 -30.89 2.57 2.44
CA LEU A 545 -29.74 2.25 1.59
C LEU A 545 -28.97 0.94 1.85
N PRO A 546 -28.86 0.37 3.06
CA PRO A 546 -28.11 -0.90 3.17
C PRO A 546 -28.77 -2.11 2.52
N ALA A 547 -30.02 -2.03 2.10
CA ALA A 547 -30.68 -3.16 1.45
C ALA A 547 -30.49 -3.10 -0.08
N ASN A 548 -29.23 -2.98 -0.48
CA ASN A 548 -28.89 -2.85 -1.90
C ASN A 548 -27.41 -3.18 -2.03
N GLU A 549 -27.05 -3.87 -3.11
CA GLU A 549 -25.69 -4.35 -3.25
C GLU A 549 -24.76 -3.24 -3.75
N SER A 550 -25.26 -2.34 -4.58
CA SER A 550 -24.38 -1.38 -5.23
C SER A 550 -24.05 -0.21 -4.31
N PHE A 551 -25.04 0.29 -3.56
CA PHE A 551 -24.84 1.38 -2.62
C PHE A 551 -24.61 0.90 -1.20
N GLY A 552 -24.40 -0.40 -1.01
CA GLY A 552 -24.19 -0.98 0.30
C GLY A 552 -22.84 -0.69 0.94
N PRO A 553 -21.74 -1.20 0.34
CA PRO A 553 -20.41 -0.98 0.94
C PRO A 553 -19.92 0.46 0.88
N LEU A 554 -20.60 1.30 0.09
CA LEU A 554 -20.35 2.73 0.09
C LEU A 554 -20.69 3.36 1.43
N GLN A 555 -21.90 3.09 1.92
CA GLN A 555 -22.38 3.70 3.15
C GLN A 555 -21.52 3.34 4.34
N ILE A 556 -21.02 2.12 4.37
CA ILE A 556 -20.23 1.65 5.51
C ILE A 556 -18.91 2.41 5.60
N SER A 557 -18.26 2.63 4.45
CA SER A 557 -17.02 3.40 4.44
C SER A 557 -17.29 4.85 4.76
N LEU A 558 -18.45 5.37 4.36
CA LEU A 558 -18.80 6.74 4.72
C LEU A 558 -19.04 6.87 6.22
N GLY A 559 -19.70 5.88 6.83
CA GLY A 559 -19.87 5.90 8.27
C GLY A 559 -18.56 5.78 9.02
N ARG A 560 -17.62 5.00 8.48
CA ARG A 560 -16.32 4.88 9.13
C ARG A 560 -15.52 6.18 9.06
N THR A 561 -15.53 6.86 7.92
CA THR A 561 -14.79 8.12 7.82
C THR A 561 -15.42 9.22 8.65
N VAL A 562 -16.76 9.26 8.71
CA VAL A 562 -17.42 10.26 9.55
C VAL A 562 -17.17 9.96 11.03
N LYS A 563 -17.07 8.69 11.40
CA LYS A 563 -16.72 8.36 12.78
C LYS A 563 -15.25 8.63 13.07
N ASP A 564 -14.42 8.79 12.04
CA ASP A 564 -13.00 9.00 12.31
C ASP A 564 -12.59 10.47 12.16
N ILE A 565 -13.49 11.32 11.67
CA ILE A 565 -13.18 12.76 11.53
C ILE A 565 -13.09 13.47 12.89
N PHE A 566 -13.91 13.07 13.87
CA PHE A 566 -14.15 13.90 15.06
C PHE A 566 -12.92 14.04 15.94
N LYS A 567 -12.05 13.03 15.94
CA LYS A 567 -10.78 13.10 16.68
C LYS A 567 -9.88 14.19 16.13
N PHE A 568 -9.92 14.38 14.81
CA PHE A 568 -9.16 15.47 14.19
C PHE A 568 -9.86 16.80 14.42
N MET A 569 -11.19 16.78 14.47
CA MET A 569 -11.97 18.01 14.62
C MET A 569 -11.73 18.67 15.97
N VAL A 570 -11.60 17.86 17.02
CA VAL A 570 -11.35 18.40 18.36
C VAL A 570 -9.98 19.08 18.41
N LEU A 571 -8.99 18.52 17.71
CA LEU A 571 -7.68 19.17 17.67
C LEU A 571 -7.71 20.42 16.81
N PHE A 572 -8.58 20.46 15.80
CA PHE A 572 -8.64 21.64 14.94
C PHE A 572 -9.31 22.81 15.65
N ILE A 573 -10.23 22.51 16.57
CA ILE A 573 -10.93 23.54 17.33
C ILE A 573 -9.97 24.36 18.21
N MET A 574 -8.91 23.72 18.72
CA MET A 574 -7.96 24.42 19.59
C MET A 574 -7.17 25.48 18.84
N VAL A 575 -6.66 25.13 17.65
CA VAL A 575 -5.90 26.06 16.83
C VAL A 575 -6.81 27.20 16.34
N PHE A 576 -8.04 26.84 15.92
CA PHE A 576 -9.03 27.83 15.51
C PHE A 576 -9.34 28.82 16.61
N PHE A 577 -9.49 28.33 17.84
CA PHE A 577 -9.82 29.19 18.97
C PHE A 577 -8.65 30.08 19.36
N ALA A 578 -7.42 29.55 19.27
CA ALA A 578 -6.22 30.35 19.52
C ALA A 578 -6.12 31.53 18.57
N PHE A 579 -6.27 31.27 17.27
CA PHE A 579 -6.11 32.35 16.30
C PHE A 579 -7.27 33.34 16.37
N MET A 580 -8.48 32.89 16.73
CA MET A 580 -9.58 33.87 16.79
C MET A 580 -9.45 34.76 18.02
N ILE A 581 -8.93 34.23 19.14
CA ILE A 581 -8.75 35.08 20.31
C ILE A 581 -7.64 36.09 20.08
N GLY A 582 -6.56 35.67 19.40
CA GLY A 582 -5.50 36.62 19.09
C GLY A 582 -5.92 37.72 18.13
N MET A 583 -6.65 37.34 17.07
CA MET A 583 -7.15 38.31 16.11
C MET A 583 -8.19 39.24 16.72
N PHE A 584 -8.93 38.78 17.74
CA PHE A 584 -9.86 39.69 18.39
C PHE A 584 -9.14 40.65 19.31
N ILE A 585 -8.12 40.19 20.03
CA ILE A 585 -7.39 41.07 20.94
C ILE A 585 -6.61 42.13 20.17
N LEU A 586 -6.20 41.81 18.94
CA LEU A 586 -5.43 42.78 18.17
C LEU A 586 -6.30 43.93 17.66
N TYR A 587 -7.35 43.63 16.88
CA TYR A 587 -8.09 44.65 16.14
C TYR A 587 -9.31 45.20 16.88
N SER A 588 -9.38 45.11 18.20
CA SER A 588 -10.64 45.43 18.86
C SER A 588 -10.81 46.94 19.04
N TYR A 589 -9.72 47.69 19.08
CA TYR A 589 -9.82 49.12 19.29
C TYR A 589 -10.05 49.90 18.01
N TYR A 590 -10.04 49.24 16.85
CA TYR A 590 -10.15 49.93 15.58
C TYR A 590 -11.49 49.71 14.90
N LEU A 591 -12.59 49.71 15.64
CA LEU A 591 -13.91 49.46 15.06
C LEU A 591 -14.34 50.56 14.11
N GLY A 592 -13.98 51.80 14.43
CA GLY A 592 -14.44 52.91 13.62
C GLY A 592 -13.68 53.07 12.32
N ALA A 593 -12.39 52.77 12.33
CA ALA A 593 -11.54 53.02 11.17
C ALA A 593 -10.95 51.73 10.66
N LYS A 594 -11.71 51.02 9.82
CA LYS A 594 -11.19 49.90 9.03
C LYS A 594 -11.88 49.93 7.68
N VAL A 595 -11.27 49.24 6.71
CA VAL A 595 -11.92 49.07 5.40
C VAL A 595 -13.11 48.12 5.52
N ASN A 596 -12.90 46.98 6.17
CA ASN A 596 -13.92 45.96 6.31
C ASN A 596 -14.33 45.88 7.78
N ALA A 597 -15.50 45.28 8.03
CA ALA A 597 -16.00 45.22 9.40
C ALA A 597 -15.50 43.97 10.13
N ALA A 598 -14.50 43.29 9.59
CA ALA A 598 -14.04 42.04 10.19
C ALA A 598 -13.15 42.29 11.39
N PHE A 599 -13.12 41.31 12.29
CA PHE A 599 -12.27 41.13 13.46
C PHE A 599 -12.62 42.07 14.60
N THR A 600 -13.68 42.86 14.49
CA THR A 600 -13.92 43.91 15.50
C THR A 600 -14.82 43.41 16.62
N THR A 601 -15.39 42.22 16.47
CA THR A 601 -16.10 41.55 17.55
C THR A 601 -15.94 40.05 17.38
N VAL A 602 -16.30 39.32 18.45
CA VAL A 602 -15.95 37.90 18.53
C VAL A 602 -16.75 37.07 17.53
N GLU A 603 -18.00 37.46 17.34
CA GLU A 603 -18.86 36.81 16.37
C GLU A 603 -18.34 37.02 14.94
N GLU A 604 -17.85 38.22 14.65
CA GLU A 604 -17.35 38.52 13.31
C GLU A 604 -15.98 37.90 13.07
N SER A 605 -15.16 37.80 14.12
CA SER A 605 -13.87 37.14 13.97
C SER A 605 -14.04 35.64 13.78
N PHE A 606 -15.00 35.04 14.49
CA PHE A 606 -15.39 33.66 14.26
C PHE A 606 -15.85 33.46 12.82
N LYS A 607 -16.65 34.39 12.31
CA LYS A 607 -17.16 34.30 10.94
C LYS A 607 -16.03 34.35 9.91
N THR A 608 -15.09 35.28 10.08
CA THR A 608 -14.02 35.44 9.10
C THR A 608 -13.06 34.25 9.12
N LEU A 609 -12.67 33.80 10.32
CA LEU A 609 -11.77 32.66 10.39
C LEU A 609 -12.47 31.36 9.99
N PHE A 610 -13.80 31.29 10.06
CA PHE A 610 -14.45 30.09 9.55
C PHE A 610 -14.52 30.11 8.03
N TRP A 611 -14.87 31.25 7.43
CA TRP A 611 -15.00 31.26 5.98
C TRP A 611 -13.65 31.39 5.28
N SER A 612 -12.56 31.58 6.03
CA SER A 612 -11.26 31.66 5.37
C SER A 612 -10.71 30.28 5.01
N ILE A 613 -11.31 29.20 5.53
CA ILE A 613 -10.77 27.88 5.21
C ILE A 613 -11.40 27.35 3.92
N PHE A 614 -12.42 28.02 3.41
CA PHE A 614 -13.00 27.62 2.15
C PHE A 614 -12.65 28.57 1.02
N GLY A 615 -11.60 29.34 1.20
CA GLY A 615 -11.17 30.29 0.19
C GLY A 615 -12.24 31.30 -0.16
N LEU A 616 -13.00 31.72 0.84
CA LEU A 616 -14.06 32.69 0.63
C LEU A 616 -13.86 33.78 1.66
N SER A 617 -12.76 34.52 1.49
CA SER A 617 -12.41 35.60 2.38
C SER A 617 -11.52 36.57 1.63
N GLU A 618 -11.38 37.77 2.17
CA GLU A 618 -10.56 38.78 1.53
C GLU A 618 -9.29 39.06 2.33
N VAL A 619 -8.25 39.52 1.63
CA VAL A 619 -7.06 40.05 2.30
C VAL A 619 -7.38 41.40 2.92
N THR A 620 -8.30 42.15 2.31
CA THR A 620 -8.53 43.52 2.72
C THR A 620 -9.36 43.66 3.99
N SER A 621 -9.58 42.58 4.73
CA SER A 621 -10.08 42.71 6.08
C SER A 621 -8.96 43.09 7.04
N VAL A 622 -7.72 42.83 6.64
CA VAL A 622 -6.57 43.06 7.50
C VAL A 622 -6.15 44.52 7.47
N VAL A 623 -6.32 45.17 6.32
CA VAL A 623 -5.83 46.54 6.15
C VAL A 623 -6.75 47.51 6.88
N LEU A 624 -6.17 48.58 7.43
CA LEU A 624 -6.91 49.61 8.15
C LEU A 624 -6.55 50.98 7.57
N LYS A 625 -7.17 52.02 8.14
CA LYS A 625 -7.17 53.33 7.47
C LYS A 625 -6.05 54.24 7.99
N TYR A 626 -5.56 54.00 9.20
CA TYR A 626 -4.56 54.88 9.79
C TYR A 626 -3.17 54.43 9.36
N ASP A 627 -2.11 55.01 9.95
CA ASP A 627 -0.79 54.57 9.51
C ASP A 627 -0.43 53.24 10.16
N HIS A 628 -0.11 53.31 11.47
CA HIS A 628 0.04 52.20 12.44
C HIS A 628 0.48 50.87 11.83
N LYS A 629 1.57 50.93 11.05
CA LYS A 629 1.90 49.83 10.15
C LYS A 629 2.38 48.60 10.89
N PHE A 630 2.84 48.77 12.13
CA PHE A 630 3.23 47.64 12.97
C PHE A 630 2.07 46.71 13.22
N ILE A 631 0.91 47.27 13.56
CA ILE A 631 -0.33 46.52 13.77
C ILE A 631 -0.73 45.76 12.51
N GLU A 632 -0.65 46.42 11.36
CA GLU A 632 -1.09 45.80 10.10
C GLU A 632 -0.15 44.68 9.68
N ASN A 633 1.16 44.83 9.92
CA ASN A 633 2.08 43.76 9.55
C ASN A 633 1.94 42.56 10.46
N ILE A 634 1.67 42.79 11.76
CA ILE A 634 1.41 41.66 12.66
C ILE A 634 0.12 40.95 12.26
N GLY A 635 -0.86 41.70 11.76
CA GLY A 635 -2.08 41.09 11.25
C GLY A 635 -1.86 40.22 10.03
N TYR A 636 -1.07 40.70 9.06
CA TYR A 636 -0.74 39.89 7.88
C TYR A 636 0.02 38.62 8.26
N VAL A 637 0.96 38.73 9.20
CA VAL A 637 1.79 37.59 9.58
C VAL A 637 0.96 36.52 10.28
N LEU A 638 0.09 36.92 11.21
CA LEU A 638 -0.73 35.94 11.92
C LEU A 638 -1.75 35.28 11.00
N TYR A 639 -2.30 36.04 10.05
CA TYR A 639 -3.27 35.47 9.13
C TYR A 639 -2.60 34.50 8.16
N GLY A 640 -1.36 34.75 7.79
CA GLY A 640 -0.62 33.81 6.97
C GLY A 640 -0.27 32.52 7.70
N ILE A 641 0.12 32.65 8.98
CA ILE A 641 0.42 31.47 9.79
C ILE A 641 -0.83 30.61 9.97
N TYR A 642 -2.00 31.25 10.10
CA TYR A 642 -3.26 30.49 10.18
C TYR A 642 -3.55 29.72 8.89
N ASN A 643 -3.38 30.38 7.73
CA ASN A 643 -3.67 29.71 6.46
C ASN A 643 -2.67 28.59 6.17
N VAL A 644 -1.47 28.65 6.74
CA VAL A 644 -0.55 27.52 6.55
C VAL A 644 -0.90 26.37 7.49
N THR A 645 -1.25 26.71 8.74
CA THR A 645 -1.51 25.69 9.76
C THR A 645 -2.73 24.83 9.41
N MET A 646 -3.77 25.45 8.85
CA MET A 646 -4.97 24.68 8.50
C MET A 646 -4.68 23.66 7.40
N VAL A 647 -3.81 24.02 6.45
CA VAL A 647 -3.45 23.10 5.37
C VAL A 647 -2.62 21.95 5.89
N VAL A 648 -1.71 22.23 6.84
CA VAL A 648 -0.90 21.16 7.43
C VAL A 648 -1.78 20.16 8.20
N VAL A 649 -2.72 20.68 8.98
CA VAL A 649 -3.61 19.83 9.75
C VAL A 649 -4.45 19.00 8.80
N LEU A 650 -4.89 19.62 7.71
CA LEU A 650 -5.69 18.93 6.71
C LEU A 650 -4.89 17.81 6.06
N LEU A 651 -3.62 18.07 5.79
CA LEU A 651 -2.75 17.08 5.18
C LEU A 651 -2.57 15.88 6.09
N ASN A 652 -2.42 16.15 7.39
CA ASN A 652 -2.22 15.10 8.37
C ASN A 652 -3.44 14.18 8.42
N MET A 653 -4.62 14.78 8.34
CA MET A 653 -5.89 14.05 8.37
C MET A 653 -6.00 13.06 7.21
N LEU A 654 -5.69 13.53 6.00
CA LEU A 654 -5.75 12.68 4.80
C LEU A 654 -4.80 11.49 4.89
N ILE A 655 -3.57 11.73 5.35
CA ILE A 655 -2.60 10.64 5.41
C ILE A 655 -2.98 9.61 6.47
N ALA A 656 -3.54 10.07 7.59
CA ALA A 656 -3.96 9.13 8.62
C ALA A 656 -5.13 8.27 8.16
N MET A 657 -5.96 8.84 7.31
CA MET A 657 -7.11 8.14 6.68
C MET A 657 -6.57 6.99 5.82
N ILE A 658 -5.44 7.21 5.14
CA ILE A 658 -4.88 6.13 4.28
C ILE A 658 -4.50 4.93 5.16
N ASN A 659 -3.96 5.16 6.36
CA ASN A 659 -3.54 4.04 7.23
C ASN A 659 -4.72 3.08 7.44
N SER A 660 -5.92 3.61 7.60
CA SER A 660 -7.11 2.74 7.83
C SER A 660 -7.35 1.82 6.62
N SER A 661 -7.21 2.32 5.40
CA SER A 661 -7.42 1.46 4.20
C SER A 661 -6.40 0.31 4.19
N TYR A 662 -5.13 0.59 4.49
CA TYR A 662 -4.11 -0.48 4.50
C TYR A 662 -4.48 -1.49 5.59
N GLN A 663 -4.95 -1.00 6.73
CA GLN A 663 -5.38 -1.85 7.87
C GLN A 663 -6.58 -2.71 7.45
N GLU A 664 -7.49 -2.16 6.65
CA GLU A 664 -8.71 -2.88 6.19
C GLU A 664 -8.31 -4.13 5.40
N ILE A 665 -7.28 -4.04 4.57
CA ILE A 665 -6.76 -5.18 3.76
C ILE A 665 -7.87 -5.71 2.83
N GLU A 666 -8.10 -7.02 2.83
CA GLU A 666 -9.10 -7.66 1.92
C GLU A 666 -10.02 -8.61 2.69
N ASP A 667 -11.14 -8.98 2.07
CA ASP A 667 -12.15 -9.89 2.63
C ASP A 667 -12.79 -9.41 3.93
N ASP A 668 -13.06 -8.11 3.99
CA ASP A 668 -13.69 -7.49 5.17
C ASP A 668 -14.81 -6.53 4.78
N SER A 669 -14.65 -5.76 3.71
CA SER A 669 -15.72 -4.85 3.27
C SER A 669 -16.96 -5.68 2.90
N ASP A 670 -16.74 -6.81 2.25
CA ASP A 670 -17.79 -7.73 1.84
C ASP A 670 -18.47 -8.31 3.07
N VAL A 671 -17.67 -8.62 4.08
CA VAL A 671 -18.13 -9.17 5.35
C VAL A 671 -18.84 -8.10 6.16
N GLU A 672 -18.24 -6.90 6.25
CA GLU A 672 -18.83 -5.82 7.01
C GLU A 672 -20.17 -5.41 6.44
N TRP A 673 -20.26 -5.36 5.09
CA TRP A 673 -21.52 -4.98 4.46
C TRP A 673 -22.60 -6.02 4.72
N LYS A 674 -22.22 -7.31 4.74
CA LYS A 674 -23.21 -8.34 5.01
C LYS A 674 -23.74 -8.20 6.42
N PHE A 675 -22.87 -7.83 7.36
CA PHE A 675 -23.30 -7.69 8.74
C PHE A 675 -24.15 -6.45 8.91
N ALA A 676 -24.09 -5.52 7.95
CA ALA A 676 -25.09 -4.47 7.94
C ALA A 676 -26.46 -5.02 7.60
N ARG A 677 -26.58 -5.67 6.43
CA ARG A 677 -27.91 -5.85 5.84
C ARG A 677 -28.72 -6.86 6.61
N SER A 678 -28.03 -7.84 7.22
CA SER A 678 -28.72 -8.88 7.96
C SER A 678 -29.34 -8.31 9.21
N LYS A 679 -28.66 -7.32 9.82
CA LYS A 679 -29.22 -6.60 10.95
C LYS A 679 -30.53 -5.94 10.57
N LEU A 680 -30.53 -5.32 9.37
CA LEU A 680 -31.74 -4.71 8.83
C LEU A 680 -32.84 -5.74 8.63
N TRP A 681 -32.48 -6.93 8.13
CA TRP A 681 -33.47 -7.97 7.91
C TRP A 681 -34.07 -8.44 9.23
N LEU A 682 -33.26 -8.48 10.28
CA LEU A 682 -33.77 -8.99 11.55
C LEU A 682 -34.63 -7.95 12.25
N SER A 683 -34.71 -6.74 11.70
CA SER A 683 -35.67 -5.79 12.24
C SER A 683 -37.09 -6.15 11.82
N TYR A 684 -37.24 -6.84 10.69
CA TYR A 684 -38.58 -7.15 10.20
C TYR A 684 -39.10 -8.57 10.44
N PHE A 685 -38.23 -9.51 10.77
CA PHE A 685 -38.68 -10.87 11.01
C PHE A 685 -39.65 -10.96 12.17
N ASP A 686 -39.39 -10.16 13.20
CA ASP A 686 -40.23 -10.16 14.40
C ASP A 686 -41.66 -9.71 14.13
N ASP A 687 -42.61 -10.35 14.80
CA ASP A 687 -44.03 -10.04 14.65
C ASP A 687 -44.46 -10.00 13.19
N ASN A 758 -29.81 -42.13 29.73
CA ASN A 758 -31.17 -42.22 29.22
C ASN A 758 -31.17 -42.29 27.69
N GLN A 759 -32.16 -41.65 27.07
CA GLN A 759 -32.24 -41.53 25.63
C GLN A 759 -32.09 -40.08 25.23
N PRO A 760 -31.01 -39.71 24.52
CA PRO A 760 -30.78 -38.30 24.18
C PRO A 760 -31.76 -37.78 23.14
N THR A 761 -31.88 -36.46 23.03
CA THR A 761 -32.75 -35.86 22.05
C THR A 761 -32.13 -35.95 20.65
N ARG A 762 -32.88 -35.47 19.67
CA ARG A 762 -32.36 -35.41 18.30
C ARG A 762 -31.27 -34.37 18.18
N TYR A 763 -31.43 -33.25 18.90
CA TYR A 763 -30.48 -32.14 18.88
C TYR A 763 -29.11 -32.57 19.35
N GLN A 764 -29.04 -33.39 20.40
CA GLN A 764 -27.76 -33.76 20.95
C GLN A 764 -27.05 -34.78 20.06
N GLN A 765 -27.82 -35.59 19.33
CA GLN A 765 -27.22 -36.49 18.34
C GLN A 765 -26.61 -35.71 17.19
N ILE A 766 -27.31 -34.69 16.69
CA ILE A 766 -26.79 -33.86 15.61
C ILE A 766 -25.54 -33.11 16.06
N MET A 767 -25.56 -32.57 17.28
CA MET A 767 -24.41 -31.83 17.78
C MET A 767 -23.21 -32.74 18.01
N LYS A 768 -23.47 -33.97 18.47
CA LYS A 768 -22.40 -34.94 18.66
C LYS A 768 -21.73 -35.30 17.34
N ARG A 769 -22.54 -35.46 16.28
CA ARG A 769 -21.98 -35.75 14.96
C ARG A 769 -21.13 -34.60 14.44
N LEU A 770 -21.57 -33.36 14.67
CA LEU A 770 -20.81 -32.21 14.20
C LEU A 770 -19.47 -32.08 14.92
N ILE A 771 -19.47 -32.26 16.24
CA ILE A 771 -18.24 -32.13 17.01
C ILE A 771 -17.26 -33.26 16.66
N LYS A 772 -17.79 -34.46 16.39
CA LYS A 772 -16.93 -35.56 15.94
C LYS A 772 -16.25 -35.24 14.60
N ARG A 773 -17.00 -34.65 13.67
CA ARG A 773 -16.40 -34.30 12.38
C ARG A 773 -15.34 -33.19 12.54
N TYR A 774 -15.56 -32.26 13.46
CA TYR A 774 -14.58 -31.20 13.69
C TYR A 774 -13.28 -31.75 14.27
N VAL A 775 -13.39 -32.68 15.22
CA VAL A 775 -12.20 -33.27 15.83
C VAL A 775 -11.42 -34.08 14.80
N LEU A 776 -12.13 -34.83 13.95
CA LEU A 776 -11.45 -35.62 12.93
C LEU A 776 -10.75 -34.75 11.89
N LYS A 777 -11.39 -33.66 11.46
CA LYS A 777 -10.75 -32.77 10.49
C LYS A 777 -9.53 -32.08 11.09
N ALA A 778 -9.60 -31.73 12.38
CA ALA A 778 -8.46 -31.08 13.02
C ALA A 778 -7.28 -32.05 13.15
N GLN A 779 -7.56 -33.32 13.47
CA GLN A 779 -6.47 -34.28 13.59
C GLN A 779 -5.86 -34.63 12.24
N VAL A 780 -6.67 -34.66 11.17
CA VAL A 780 -6.13 -34.91 9.84
C VAL A 780 -5.24 -33.75 9.39
N ASP A 781 -5.66 -32.51 9.66
CA ASP A 781 -4.83 -31.36 9.29
C ASP A 781 -3.56 -31.29 10.12
N LYS A 782 -3.63 -31.72 11.39
CA LYS A 782 -2.43 -31.71 12.22
C LYS A 782 -1.47 -32.81 11.82
N GLU A 783 -1.99 -33.96 11.35
CA GLU A 783 -1.12 -35.03 10.89
C GLU A 783 -0.47 -34.68 9.56
N ASN A 784 -1.21 -34.05 8.65
CA ASN A 784 -0.65 -33.67 7.36
C ASN A 784 0.18 -32.39 7.48
N ASP A 785 0.17 -31.73 8.64
CA ASP A 785 1.02 -30.57 8.84
C ASP A 785 2.49 -30.97 9.01
N GLU A 786 2.74 -32.21 9.47
CA GLU A 786 4.10 -32.71 9.65
C GLU A 786 4.12 -34.21 9.28
N VAL A 787 4.61 -34.50 8.07
CA VAL A 787 4.50 -35.86 7.54
C VAL A 787 5.78 -36.65 7.80
N ASN A 788 6.95 -36.00 7.73
CA ASN A 788 8.21 -36.73 7.69
C ASN A 788 8.62 -37.24 9.07
N GLU A 789 8.23 -36.52 10.12
CA GLU A 789 8.75 -36.80 11.46
C GLU A 789 8.23 -38.12 12.01
N GLY A 790 6.96 -38.44 11.71
CA GLY A 790 6.42 -39.71 12.17
C GLY A 790 7.05 -40.90 11.47
N GLU A 791 7.32 -40.76 10.17
CA GLU A 791 7.99 -41.83 9.44
C GLU A 791 9.44 -42.00 9.89
N LEU A 792 10.11 -40.90 10.21
CA LEU A 792 11.49 -41.00 10.71
C LEU A 792 11.54 -41.61 12.09
N LYS A 793 10.59 -41.26 12.97
CA LYS A 793 10.52 -41.89 14.28
C LYS A 793 10.19 -43.38 14.16
N GLU A 794 9.30 -43.72 13.22
CA GLU A 794 8.95 -45.12 13.02
C GLU A 794 10.12 -45.94 12.48
N ILE A 795 10.90 -45.36 11.58
CA ILE A 795 12.02 -46.12 11.02
C ILE A 795 13.19 -46.14 12.00
N LYS A 796 13.25 -45.17 12.92
CA LYS A 796 14.21 -45.25 14.01
C LYS A 796 13.84 -46.37 14.98
N GLN A 797 12.54 -46.49 15.29
CA GLN A 797 12.10 -47.59 16.16
C GLN A 797 12.24 -48.94 15.47
N ASP A 798 12.13 -48.96 14.13
CA ASP A 798 12.37 -50.20 13.39
C ASP A 798 13.86 -50.54 13.37
N ILE A 799 14.72 -49.52 13.31
CA ILE A 799 16.16 -49.75 13.36
C ILE A 799 16.57 -50.21 14.75
N SER A 800 15.81 -49.83 15.78
CA SER A 800 16.05 -50.37 17.12
C SER A 800 15.79 -51.87 17.17
N SER A 801 14.72 -52.33 16.53
CA SER A 801 14.44 -53.76 16.48
C SER A 801 15.44 -54.49 15.58
N LEU A 802 15.91 -53.83 14.53
CA LEU A 802 16.93 -54.42 13.68
C LEU A 802 18.27 -54.53 14.40
N ARG A 803 18.54 -53.60 15.32
CA ARG A 803 19.73 -53.72 16.15
C ARG A 803 19.56 -54.78 17.23
N TYR A 804 18.32 -54.96 17.71
CA TYR A 804 18.06 -55.98 18.71
C TYR A 804 18.14 -57.38 18.13
N GLU A 805 17.76 -57.54 16.86
CA GLU A 805 17.73 -58.87 16.27
C GLU A 805 19.09 -59.29 15.71
N LEU A 806 19.83 -58.35 15.13
CA LEU A 806 21.10 -58.65 14.51
C LEU A 806 22.20 -58.87 15.54
N THR B 22 47.76 -35.00 -11.00
CA THR B 22 47.84 -36.32 -10.38
C THR B 22 49.27 -36.64 -9.97
N SER B 23 49.76 -35.93 -8.96
CA SER B 23 51.13 -36.13 -8.50
C SER B 23 51.21 -37.26 -7.47
N LEU B 24 50.07 -37.64 -6.89
CA LEU B 24 50.08 -38.56 -5.77
C LEU B 24 50.31 -40.00 -6.22
N THR B 25 50.87 -40.81 -5.32
CA THR B 25 51.13 -42.21 -5.56
C THR B 25 49.91 -43.07 -5.22
N ALA B 26 50.10 -44.40 -5.20
CA ALA B 26 48.97 -45.29 -4.94
C ALA B 26 48.73 -45.47 -3.45
N GLU B 27 49.80 -45.44 -2.66
CA GLU B 27 49.65 -45.43 -1.20
C GLU B 27 48.97 -44.16 -0.73
N GLU B 28 49.24 -43.04 -1.41
CA GLU B 28 48.56 -41.78 -1.12
C GLU B 28 47.04 -41.89 -1.34
N GLU B 29 46.63 -42.52 -2.44
CA GLU B 29 45.20 -42.68 -2.71
C GLU B 29 44.57 -43.67 -1.74
N ARG B 30 45.29 -44.75 -1.41
CA ARG B 30 44.78 -45.77 -0.50
C ARG B 30 44.71 -45.26 0.94
N PHE B 31 45.46 -44.21 1.22
CA PHE B 31 45.36 -43.49 2.48
C PHE B 31 44.26 -42.44 2.48
N LEU B 32 44.22 -41.61 1.45
CA LEU B 32 43.24 -40.52 1.34
C LEU B 32 41.78 -40.97 1.26
N ASP B 33 41.52 -42.02 0.50
CA ASP B 33 40.13 -42.50 0.37
C ASP B 33 39.68 -43.20 1.65
N ALA B 34 40.60 -43.91 2.31
CA ALA B 34 40.27 -44.54 3.58
C ALA B 34 40.07 -43.51 4.68
N ALA B 35 40.77 -42.37 4.59
CA ALA B 35 40.53 -41.29 5.53
C ALA B 35 39.19 -40.61 5.28
N GLU B 36 38.89 -40.33 4.00
CA GLU B 36 37.67 -39.57 3.69
C GLU B 36 36.42 -40.43 3.80
N TYR B 37 36.57 -41.76 3.87
CA TYR B 37 35.42 -42.62 4.08
C TYR B 37 35.24 -43.05 5.52
N GLY B 38 36.29 -42.98 6.34
CA GLY B 38 36.14 -43.27 7.76
C GLY B 38 36.47 -44.71 8.12
N ASN B 39 37.40 -45.32 7.41
CA ASN B 39 37.84 -46.68 7.71
C ASN B 39 38.88 -46.64 8.83
N ILE B 40 38.43 -46.88 10.06
CA ILE B 40 39.36 -46.92 11.19
C ILE B 40 40.44 -48.01 11.07
N PRO B 41 40.15 -49.30 10.66
CA PRO B 41 41.26 -50.24 10.49
C PRO B 41 42.19 -49.91 9.32
N VAL B 42 41.65 -49.41 8.21
CA VAL B 42 42.48 -49.20 7.02
C VAL B 42 43.40 -47.99 7.20
N VAL B 43 43.03 -47.07 8.10
CA VAL B 43 43.89 -45.93 8.39
C VAL B 43 44.83 -46.27 9.55
N ARG B 44 44.32 -47.02 10.53
CA ARG B 44 45.14 -47.47 11.66
C ARG B 44 46.29 -48.36 11.19
N LYS B 45 46.02 -49.23 10.21
CA LYS B 45 47.05 -50.12 9.69
C LYS B 45 48.11 -49.35 8.92
N MET B 46 47.73 -48.29 8.22
CA MET B 46 48.70 -47.56 7.42
C MET B 46 49.53 -46.62 8.28
N LEU B 47 48.97 -46.13 9.39
CA LEU B 47 49.81 -45.38 10.32
C LEU B 47 50.67 -46.31 11.16
N GLU B 48 50.19 -47.53 11.41
CA GLU B 48 50.99 -48.49 12.18
C GLU B 48 52.10 -49.11 11.33
N GLU B 49 51.91 -49.12 10.01
CA GLU B 49 52.94 -49.66 9.12
C GLU B 49 54.19 -48.77 9.12
N SER B 50 53.98 -47.44 9.14
CA SER B 50 55.03 -46.44 9.40
C SER B 50 56.13 -46.46 8.34
N LYS B 51 55.77 -46.82 7.12
CA LYS B 51 56.74 -46.97 6.04
C LYS B 51 56.29 -46.18 4.82
N THR B 52 57.12 -45.20 4.42
CA THR B 52 56.98 -44.42 3.18
C THR B 52 55.64 -43.68 3.13
N LEU B 53 55.37 -42.88 4.16
CA LEU B 53 54.13 -42.14 4.26
C LEU B 53 54.39 -40.76 4.84
N ASN B 54 54.04 -39.72 4.08
CA ASN B 54 54.02 -38.35 4.57
C ASN B 54 52.59 -38.00 4.95
N VAL B 55 52.43 -37.41 6.13
CA VAL B 55 51.08 -37.08 6.61
C VAL B 55 50.49 -35.93 5.80
N ASN B 56 51.33 -35.05 5.29
CA ASN B 56 50.91 -33.99 4.38
C ASN B 56 50.71 -34.58 2.99
N CYS B 57 49.71 -34.09 2.27
CA CYS B 57 49.43 -34.54 0.91
C CYS B 57 48.54 -33.52 0.22
N VAL B 58 48.31 -33.75 -1.08
CA VAL B 58 47.42 -32.89 -1.90
C VAL B 58 46.53 -33.80 -2.75
N ASP B 59 45.21 -33.67 -2.62
CA ASP B 59 44.25 -34.46 -3.43
C ASP B 59 43.22 -33.50 -4.02
N TYR B 60 42.92 -33.60 -5.33
CA TYR B 60 41.92 -32.71 -5.96
C TYR B 60 42.33 -31.25 -5.70
N MET B 61 41.48 -30.52 -4.97
CA MET B 61 41.69 -29.09 -4.61
C MET B 61 42.97 -28.92 -3.78
N GLY B 62 43.32 -29.90 -2.94
CA GLY B 62 44.52 -29.79 -2.07
C GLY B 62 44.20 -30.13 -0.64
N GLN B 63 43.39 -31.18 -0.46
CA GLN B 63 42.95 -31.65 0.89
C GLN B 63 44.12 -32.26 1.68
N ASN B 64 44.02 -32.13 3.00
CA ASN B 64 44.90 -32.61 4.06
C ASN B 64 44.33 -33.92 4.56
N ALA B 65 44.95 -34.46 5.60
CA ALA B 65 44.33 -35.56 6.32
C ALA B 65 43.20 -35.05 7.19
N LEU B 66 43.50 -34.09 8.07
CA LEU B 66 42.51 -33.54 8.99
C LEU B 66 41.42 -32.77 8.28
N GLN B 67 41.73 -32.13 7.13
CA GLN B 67 40.71 -31.36 6.43
C GLN B 67 39.65 -32.26 5.82
N LEU B 68 40.08 -33.41 5.34
CA LEU B 68 39.23 -34.47 4.85
C LEU B 68 38.46 -35.20 5.98
N ALA B 69 39.13 -35.41 7.11
CA ALA B 69 38.61 -36.21 8.22
C ALA B 69 37.63 -35.41 9.07
N VAL B 70 37.69 -34.07 9.01
CA VAL B 70 36.80 -33.25 9.83
C VAL B 70 35.62 -32.77 8.99
N GLY B 71 35.79 -32.70 7.66
CA GLY B 71 34.74 -32.23 6.78
C GLY B 71 33.52 -33.13 6.76
N ASN B 72 33.70 -34.40 7.08
CA ASN B 72 32.62 -35.30 7.46
C ASN B 72 33.01 -35.86 8.82
N GLU B 73 32.08 -35.84 9.77
CA GLU B 73 32.40 -35.94 11.19
C GLU B 73 32.90 -37.33 11.60
N HIS B 74 34.21 -37.54 11.48
CA HIS B 74 34.83 -38.80 11.87
C HIS B 74 35.78 -38.59 13.06
N LEU B 75 35.22 -38.74 14.25
CA LEU B 75 35.96 -38.49 15.49
C LEU B 75 37.02 -39.56 15.74
N GLU B 76 36.71 -40.82 15.37
CA GLU B 76 37.64 -41.92 15.60
C GLU B 76 38.89 -41.78 14.73
N VAL B 77 38.74 -41.24 13.52
CA VAL B 77 39.90 -40.98 12.68
C VAL B 77 40.67 -39.78 13.21
N THR B 78 39.94 -38.79 13.75
CA THR B 78 40.57 -37.54 14.16
C THR B 78 41.38 -37.75 15.45
N GLU B 79 40.95 -38.68 16.30
CA GLU B 79 41.76 -39.05 17.45
C GLU B 79 43.06 -39.74 17.05
N LEU B 80 43.09 -40.41 15.90
CA LEU B 80 44.28 -41.09 15.40
C LEU B 80 45.23 -40.20 14.63
N LEU B 81 44.70 -39.26 13.84
CA LEU B 81 45.56 -38.40 13.03
C LEU B 81 46.34 -37.40 13.88
N LEU B 82 45.83 -37.06 15.06
CA LEU B 82 46.54 -36.11 15.92
C LEU B 82 47.61 -36.81 16.76
N LYS B 83 47.70 -38.13 16.67
CA LYS B 83 48.71 -38.88 17.40
C LYS B 83 50.11 -38.57 16.87
N LYS B 84 50.21 -38.40 15.55
CA LYS B 84 51.49 -38.00 14.96
C LYS B 84 51.80 -36.55 15.32
N GLU B 85 53.08 -36.18 15.18
CA GLU B 85 53.51 -34.88 15.69
C GLU B 85 53.28 -33.77 14.68
N ASN B 86 53.54 -34.04 13.40
CA ASN B 86 53.63 -32.99 12.39
C ASN B 86 52.38 -32.99 11.50
N LEU B 87 51.44 -32.11 11.82
CA LEU B 87 50.37 -31.74 10.90
C LEU B 87 50.44 -30.23 10.75
N ALA B 88 50.42 -29.76 9.51
CA ALA B 88 50.68 -28.36 9.24
C ALA B 88 49.42 -27.54 9.06
N ARG B 89 48.24 -28.15 9.19
CA ARG B 89 47.01 -27.44 8.92
C ARG B 89 45.99 -27.67 10.01
N ILE B 90 46.35 -27.51 11.26
CA ILE B 90 45.37 -27.71 12.31
C ILE B 90 44.56 -26.45 12.61
N GLY B 91 44.73 -25.39 11.81
CA GLY B 91 44.07 -24.14 12.12
C GLY B 91 42.81 -24.07 11.30
N ASP B 92 42.86 -24.71 10.13
CA ASP B 92 41.72 -24.66 9.23
C ASP B 92 40.75 -25.79 9.53
N ALA B 93 41.25 -26.87 10.13
CA ALA B 93 40.35 -27.84 10.72
C ALA B 93 39.61 -27.24 11.89
N LEU B 94 40.27 -26.35 12.63
CA LEU B 94 39.65 -25.71 13.78
C LEU B 94 38.58 -24.71 13.34
N LEU B 95 38.87 -23.90 12.31
CA LEU B 95 37.88 -22.98 11.78
C LEU B 95 36.75 -23.71 11.07
N LEU B 96 37.05 -24.83 10.40
CA LEU B 96 35.99 -25.58 9.75
C LEU B 96 35.12 -26.31 10.76
N ALA B 97 35.68 -26.69 11.90
CA ALA B 97 34.90 -27.35 12.93
C ALA B 97 34.04 -26.37 13.70
N ILE B 98 34.55 -25.16 13.97
CA ILE B 98 33.72 -24.14 14.61
C ILE B 98 32.66 -23.63 13.65
N SER B 99 32.97 -23.63 12.35
CA SER B 99 31.99 -23.23 11.34
C SER B 99 30.83 -24.22 11.28
N LYS B 100 31.10 -25.49 11.55
CA LYS B 100 30.03 -26.45 11.71
C LYS B 100 29.64 -26.56 13.19
N GLY B 101 28.78 -27.53 13.48
CA GLY B 101 28.24 -27.60 14.83
C GLY B 101 29.04 -28.48 15.78
N TYR B 102 30.04 -29.18 15.22
CA TYR B 102 30.79 -30.22 15.97
C TYR B 102 31.39 -29.64 17.25
N VAL B 103 31.26 -30.39 18.34
CA VAL B 103 31.81 -29.95 19.62
C VAL B 103 32.94 -30.85 20.11
N ARG B 104 32.74 -32.17 20.02
CA ARG B 104 33.75 -33.10 20.53
C ARG B 104 35.01 -33.08 19.67
N ILE B 105 34.85 -32.81 18.37
CA ILE B 105 36.00 -32.63 17.50
C ILE B 105 36.79 -31.40 17.90
N VAL B 106 36.09 -30.33 18.30
CA VAL B 106 36.74 -29.12 18.79
C VAL B 106 37.46 -29.39 20.11
N GLU B 107 36.86 -30.23 20.96
CA GLU B 107 37.54 -30.62 22.20
C GLU B 107 38.79 -31.43 21.92
N ALA B 108 38.76 -32.25 20.86
CA ALA B 108 39.94 -33.02 20.49
C ALA B 108 41.04 -32.12 19.94
N ILE B 109 40.67 -31.13 19.13
CA ILE B 109 41.66 -30.24 18.53
C ILE B 109 42.27 -29.32 19.58
N LEU B 110 41.45 -28.83 20.52
CA LEU B 110 41.98 -28.02 21.62
C LEU B 110 42.75 -28.89 22.61
N ASN B 111 42.51 -30.21 22.61
CA ASN B 111 43.27 -31.10 23.48
C ASN B 111 44.68 -31.34 22.96
N HIS B 112 44.98 -30.90 21.73
CA HIS B 112 46.32 -31.08 21.18
C HIS B 112 47.33 -30.22 21.94
N PRO B 113 48.53 -30.74 22.22
CA PRO B 113 49.47 -29.98 23.07
C PRO B 113 50.17 -28.84 22.36
N GLY B 114 50.48 -29.00 21.07
CA GLY B 114 51.20 -27.96 20.36
C GLY B 114 50.34 -26.73 20.10
N PHE B 115 49.04 -26.94 19.96
CA PHE B 115 48.12 -25.83 19.74
C PHE B 115 47.89 -25.04 21.03
N ALA B 116 48.02 -25.70 22.18
CA ALA B 116 47.51 -25.14 23.42
C ALA B 116 48.51 -24.22 24.10
N ALA B 117 49.80 -24.57 24.07
CA ALA B 117 50.77 -23.87 24.90
C ALA B 117 51.39 -22.67 24.19
N SER B 118 50.52 -21.80 23.68
CA SER B 118 50.95 -20.57 23.01
C SER B 118 49.81 -19.56 22.95
N LYS B 119 50.06 -18.40 22.36
CA LYS B 119 49.02 -17.41 22.14
C LYS B 119 48.43 -17.57 20.73
N ARG B 120 47.97 -18.79 20.45
CA ARG B 120 47.43 -19.07 19.13
C ARG B 120 45.93 -18.81 19.09
N LEU B 121 45.26 -18.94 20.23
CA LEU B 121 43.84 -18.65 20.32
C LEU B 121 43.70 -17.16 20.04
N THR B 122 44.47 -16.38 20.79
CA THR B 122 44.38 -14.89 20.77
C THR B 122 44.79 -14.22 19.45
N LEU B 123 45.90 -14.65 18.85
CA LEU B 123 46.43 -13.97 17.64
C LEU B 123 45.60 -14.22 16.38
N SER B 124 45.44 -13.17 15.55
CA SER B 124 44.78 -13.26 14.21
C SER B 124 45.76 -13.97 13.28
N PRO B 125 45.34 -14.71 12.23
CA PRO B 125 46.32 -15.45 11.44
C PRO B 125 47.31 -14.48 10.79
N CYS B 126 46.84 -13.33 10.32
CA CYS B 126 47.72 -12.36 9.69
C CYS B 126 48.67 -11.70 10.69
N GLU B 127 48.15 -11.38 11.87
CA GLU B 127 48.94 -10.75 12.92
C GLU B 127 49.53 -11.75 13.91
N GLN B 128 49.35 -13.04 13.62
CA GLN B 128 49.83 -14.10 14.51
C GLN B 128 51.34 -14.11 14.70
N GLU B 129 52.10 -13.87 13.64
CA GLU B 129 53.54 -13.88 13.71
C GLU B 129 54.05 -13.10 12.51
N LEU B 130 55.30 -13.34 12.13
CA LEU B 130 55.69 -13.08 10.74
C LEU B 130 54.83 -13.89 9.75
N GLN B 131 54.31 -15.05 10.22
CA GLN B 131 53.22 -15.81 9.60
C GLN B 131 53.61 -16.45 8.30
N ASP B 132 54.87 -16.90 8.19
CA ASP B 132 55.29 -17.64 7.00
C ASP B 132 54.86 -19.10 7.09
N ASP B 133 54.43 -19.55 8.27
CA ASP B 133 53.96 -20.91 8.44
C ASP B 133 52.59 -21.09 7.79
N ASP B 134 52.26 -22.34 7.48
CA ASP B 134 51.00 -22.69 6.84
C ASP B 134 49.91 -23.02 7.86
N PHE B 135 50.03 -22.46 9.06
CA PHE B 135 49.12 -22.81 10.18
C PHE B 135 47.66 -22.46 9.89
N TYR B 136 47.39 -21.28 9.33
CA TYR B 136 45.96 -20.92 9.05
C TYR B 136 45.64 -21.05 7.57
N ALA B 137 46.66 -21.46 6.81
CA ALA B 137 46.62 -21.58 5.33
C ALA B 137 45.63 -22.63 4.86
N TYR B 138 44.87 -22.28 3.81
CA TYR B 138 43.88 -23.19 3.17
C TYR B 138 44.30 -23.30 1.70
N ASP B 139 44.42 -24.52 1.18
CA ASP B 139 44.88 -24.67 -0.22
C ASP B 139 46.21 -23.93 -0.33
N GLU B 140 46.36 -23.05 -1.33
CA GLU B 140 47.62 -22.26 -1.42
C GLU B 140 47.33 -20.75 -1.52
N ASP B 141 46.22 -20.37 -2.15
CA ASP B 141 45.91 -18.94 -2.40
C ASP B 141 45.66 -18.11 -1.13
N GLY B 142 44.84 -18.57 -0.19
CA GLY B 142 44.55 -17.73 1.00
C GLY B 142 43.84 -18.45 2.13
N THR B 143 43.76 -17.81 3.30
CA THR B 143 43.08 -18.40 4.49
C THR B 143 41.59 -18.55 4.21
N ARG B 144 40.98 -19.60 4.78
CA ARG B 144 39.57 -19.92 4.60
C ARG B 144 38.71 -18.67 4.58
N PHE B 145 38.75 -17.91 5.66
CA PHE B 145 37.97 -16.68 5.81
C PHE B 145 38.91 -15.49 5.69
N SER B 146 38.38 -14.32 6.08
CA SER B 146 39.15 -13.08 6.17
C SER B 146 40.32 -13.28 7.13
N PRO B 147 41.45 -12.62 6.91
CA PRO B 147 42.60 -12.86 7.80
C PRO B 147 42.48 -12.18 9.16
N ASP B 148 41.42 -11.40 9.38
CA ASP B 148 41.25 -10.74 10.67
C ASP B 148 40.46 -11.61 11.65
N ILE B 149 39.76 -12.62 11.14
CA ILE B 149 38.83 -13.37 11.97
C ILE B 149 39.59 -14.38 12.83
N THR B 150 39.42 -14.24 14.15
CA THR B 150 39.96 -15.13 15.18
C THR B 150 38.90 -16.22 15.42
N PRO B 151 39.19 -17.32 16.14
CA PRO B 151 38.13 -18.32 16.33
C PRO B 151 36.97 -17.88 17.20
N ILE B 152 37.20 -17.05 18.21
CA ILE B 152 36.13 -16.65 19.12
C ILE B 152 35.14 -15.71 18.41
N ILE B 153 35.62 -14.97 17.40
CA ILE B 153 34.72 -14.15 16.60
C ILE B 153 33.87 -15.02 15.70
N LEU B 154 34.48 -16.04 15.09
CA LEU B 154 33.77 -16.93 14.19
C LEU B 154 32.75 -17.77 14.95
N ALA B 155 33.02 -18.07 16.21
CA ALA B 155 32.04 -18.76 17.03
C ALA B 155 30.86 -17.85 17.35
N ALA B 156 31.11 -16.56 17.52
CA ALA B 156 30.03 -15.64 17.86
C ALA B 156 29.19 -15.27 16.65
N HIS B 157 29.77 -15.37 15.45
CA HIS B 157 28.97 -15.13 14.24
C HIS B 157 27.95 -16.24 14.02
N CYS B 158 28.35 -17.48 14.20
CA CYS B 158 27.50 -18.61 13.92
C CYS B 158 26.54 -18.96 15.06
N GLN B 159 26.73 -18.33 16.23
CA GLN B 159 25.90 -18.51 17.43
C GLN B 159 25.88 -19.96 17.90
N LYS B 160 27.05 -20.47 18.26
CA LYS B 160 27.18 -21.80 18.85
C LYS B 160 27.47 -21.60 20.32
N TYR B 161 26.49 -21.89 21.19
CA TYR B 161 26.61 -21.50 22.59
C TYR B 161 27.58 -22.40 23.34
N GLU B 162 27.80 -23.62 22.83
CA GLU B 162 28.68 -24.54 23.54
C GLU B 162 30.14 -24.28 23.20
N VAL B 163 30.41 -23.81 21.98
CA VAL B 163 31.79 -23.58 21.56
C VAL B 163 32.34 -22.31 22.21
N VAL B 164 31.48 -21.30 22.38
CA VAL B 164 31.90 -20.04 23.00
C VAL B 164 32.28 -20.26 24.45
N HIS B 165 31.58 -21.14 25.14
CA HIS B 165 31.91 -21.44 26.53
C HIS B 165 33.25 -22.15 26.64
N MET B 166 33.52 -23.08 25.71
CA MET B 166 34.81 -23.77 25.69
C MET B 166 35.95 -22.82 25.39
N LEU B 167 35.76 -21.89 24.46
CA LEU B 167 36.84 -20.98 24.12
C LEU B 167 37.03 -19.91 25.19
N LEU B 168 35.97 -19.56 25.92
CA LEU B 168 36.11 -18.59 27.00
C LEU B 168 36.75 -19.21 28.23
N MET B 169 36.56 -20.52 28.43
CA MET B 169 37.26 -21.18 29.52
C MET B 169 38.75 -21.30 29.21
N LYS B 170 39.11 -21.42 27.93
CA LYS B 170 40.51 -21.49 27.56
C LYS B 170 41.19 -20.14 27.74
N GLY B 171 40.45 -19.05 27.63
CA GLY B 171 40.99 -17.74 27.95
C GLY B 171 41.05 -16.75 26.80
N ALA B 172 40.16 -16.90 25.83
CA ALA B 172 40.15 -15.98 24.70
C ALA B 172 38.95 -15.06 24.77
N ARG B 173 39.21 -13.76 24.81
CA ARG B 173 38.16 -12.76 24.88
C ARG B 173 38.36 -11.74 23.76
N ILE B 174 37.28 -11.35 23.09
CA ILE B 174 37.39 -10.38 22.03
C ILE B 174 37.87 -9.05 22.57
N GLU B 175 38.80 -8.42 21.85
CA GLU B 175 39.32 -7.12 22.22
C GLU B 175 38.47 -6.05 21.55
N ARG B 176 38.05 -5.06 22.34
CA ARG B 176 37.25 -3.99 21.79
C ARG B 176 38.09 -3.15 20.85
N PRO B 177 37.56 -2.78 19.69
CA PRO B 177 38.32 -1.90 18.79
C PRO B 177 38.37 -0.49 19.36
N HIS B 178 39.37 0.26 18.91
CA HIS B 178 39.62 1.59 19.46
C HIS B 178 38.56 2.57 18.98
N ASP B 179 38.67 3.81 19.46
CA ASP B 179 37.76 4.85 19.00
C ASP B 179 38.09 5.20 17.55
N TYR B 180 37.14 5.90 16.90
CA TYR B 180 37.25 6.20 15.46
C TYR B 180 38.53 7.01 15.17
N PHE B 181 38.87 7.95 16.04
CA PHE B 181 40.09 8.77 15.83
C PHE B 181 40.92 8.74 17.11
N CYS B 182 41.42 7.55 17.46
CA CYS B 182 42.31 7.39 18.65
C CYS B 182 43.67 8.03 18.36
N LYS B 183 44.13 7.90 17.11
CA LYS B 183 45.43 8.42 16.60
C LYS B 183 46.61 7.76 17.31
N CYS B 184 46.46 6.50 17.73
CA CYS B 184 47.56 5.74 18.36
C CYS B 184 48.53 5.26 17.27
N GLY B 185 49.77 4.94 17.62
CA GLY B 185 50.75 4.51 16.60
C GLY B 185 50.32 3.26 15.85
N ASP B 186 49.75 2.27 16.56
CA ASP B 186 49.31 1.01 15.90
C ASP B 186 48.17 1.29 14.91
N CYS B 187 47.20 2.13 15.29
CA CYS B 187 46.04 2.45 14.42
C CYS B 187 46.49 3.20 13.16
N MET B 188 47.42 4.14 13.30
CA MET B 188 47.90 4.96 12.16
C MET B 188 48.65 4.08 11.15
N GLU B 189 49.49 3.17 11.64
CA GLU B 189 50.28 2.30 10.77
C GLU B 189 49.39 1.37 9.96
N LYS B 190 48.28 0.90 10.55
CA LYS B 190 47.34 0.07 9.80
C LYS B 190 46.41 0.92 8.96
N GLN B 191 46.43 2.24 9.15
CA GLN B 191 45.59 3.12 8.34
C GLN B 191 46.33 3.64 7.12
N ARG B 192 47.65 3.85 7.25
CA ARG B 192 48.43 4.34 6.13
C ARG B 192 48.58 3.29 5.04
N HIS B 193 48.36 2.03 5.42
CA HIS B 193 48.41 0.91 4.45
C HIS B 193 47.10 0.12 4.55
N ASP B 194 46.32 0.09 3.46
CA ASP B 194 45.06 -0.65 3.34
C ASP B 194 44.00 -0.18 4.33
N SER B 195 43.46 1.02 4.09
CA SER B 195 42.34 1.53 4.87
C SER B 195 41.12 0.61 4.86
N PHE B 196 40.87 -0.03 3.71
CA PHE B 196 39.65 -0.79 3.50
C PHE B 196 39.58 -2.02 4.40
N SER B 197 40.69 -2.74 4.55
CA SER B 197 40.68 -3.94 5.37
C SER B 197 40.56 -3.61 6.84
N HIS B 198 41.09 -2.45 7.25
CA HIS B 198 40.93 -1.98 8.62
C HIS B 198 39.47 -1.65 8.92
N SER B 199 38.81 -0.94 8.00
CA SER B 199 37.40 -0.61 8.18
C SER B 199 36.52 -1.85 8.11
N ARG B 200 36.97 -2.89 7.41
CA ARG B 200 36.23 -4.14 7.39
C ARG B 200 36.41 -4.92 8.69
N SER B 201 37.62 -4.84 9.27
CA SER B 201 37.91 -5.58 10.49
C SER B 201 37.19 -5.00 11.69
N ARG B 202 36.98 -3.68 11.69
CA ARG B 202 36.18 -3.08 12.77
C ARG B 202 34.75 -3.60 12.78
N ILE B 203 34.16 -3.78 11.59
CA ILE B 203 32.79 -4.25 11.51
C ILE B 203 32.71 -5.73 11.86
N ASN B 204 33.75 -6.50 11.52
CA ASN B 204 33.79 -7.90 11.96
C ASN B 204 33.90 -8.00 13.48
N ALA B 205 34.65 -7.10 14.12
CA ALA B 205 34.75 -7.13 15.57
C ALA B 205 33.44 -6.75 16.25
N TYR B 206 32.74 -5.75 15.71
CA TYR B 206 31.45 -5.38 16.31
C TYR B 206 30.37 -6.40 16.01
N LYS B 207 30.49 -7.12 14.90
CA LYS B 207 29.54 -8.20 14.64
C LYS B 207 29.81 -9.37 15.56
N GLY B 208 31.05 -9.51 16.01
CA GLY B 208 31.35 -10.49 17.04
C GLY B 208 30.82 -10.10 18.40
N LEU B 209 30.98 -8.83 18.78
CA LEU B 209 30.57 -8.39 20.12
C LEU B 209 29.06 -8.31 20.27
N ALA B 210 28.35 -7.99 19.19
CA ALA B 210 26.92 -7.73 19.29
C ALA B 210 26.11 -8.97 18.92
N SER B 211 26.23 -10.01 19.72
CA SER B 211 25.55 -11.25 19.45
C SER B 211 25.07 -11.85 20.77
N PRO B 212 23.92 -12.52 20.81
CA PRO B 212 23.43 -13.06 22.09
C PRO B 212 24.30 -14.17 22.67
N ALA B 213 25.11 -14.82 21.84
CA ALA B 213 26.04 -15.83 22.33
C ALA B 213 27.12 -15.21 23.21
N TYR B 214 27.81 -14.22 22.67
CA TYR B 214 28.83 -13.55 23.42
C TYR B 214 28.24 -12.75 24.58
N LEU B 215 27.13 -12.07 24.35
CA LEU B 215 26.54 -11.24 25.40
C LEU B 215 26.09 -12.00 26.63
N SER B 216 25.44 -13.15 26.43
CA SER B 216 25.00 -13.99 27.54
C SER B 216 26.09 -14.68 28.38
N LEU B 217 27.12 -15.23 27.74
CA LEU B 217 28.17 -15.99 28.45
C LEU B 217 29.54 -15.35 28.74
N SER B 218 29.75 -14.11 28.34
CA SER B 218 31.02 -13.42 28.56
C SER B 218 31.15 -12.57 29.82
N SER B 219 30.10 -11.85 30.20
CA SER B 219 30.27 -10.99 31.35
C SER B 219 29.06 -11.08 32.26
N GLU B 220 29.26 -10.69 33.51
CA GLU B 220 28.14 -10.55 34.41
C GLU B 220 27.39 -9.26 34.11
N ASP B 221 26.11 -9.23 34.51
CA ASP B 221 25.18 -8.14 34.26
C ASP B 221 25.12 -7.78 32.77
N PRO B 222 24.49 -8.61 31.94
CA PRO B 222 24.60 -8.44 30.48
C PRO B 222 23.63 -7.42 29.89
N VAL B 223 22.54 -7.12 30.59
CA VAL B 223 21.54 -6.22 30.03
C VAL B 223 22.07 -4.78 30.02
N LEU B 224 22.95 -4.45 30.95
CA LEU B 224 23.53 -3.11 30.97
C LEU B 224 24.56 -2.95 29.85
N THR B 225 25.35 -3.99 29.58
CA THR B 225 26.34 -3.85 28.51
C THR B 225 25.68 -3.95 27.14
N ALA B 226 24.50 -4.56 27.05
CA ALA B 226 23.76 -4.53 25.80
C ALA B 226 23.18 -3.14 25.54
N LEU B 227 22.55 -2.54 26.57
CA LEU B 227 22.05 -1.17 26.46
C LEU B 227 23.16 -0.17 26.21
N GLU B 228 24.37 -0.46 26.67
CA GLU B 228 25.47 0.47 26.48
C GLU B 228 26.11 0.31 25.10
N LEU B 229 26.13 -0.91 24.57
CA LEU B 229 26.78 -1.15 23.29
C LEU B 229 25.90 -0.69 22.13
N SER B 230 24.57 -0.70 22.36
CA SER B 230 23.64 -0.17 21.35
C SER B 230 23.89 1.30 21.07
N ASN B 231 24.30 2.07 22.08
CA ASN B 231 24.63 3.47 21.90
C ASN B 231 25.82 3.66 20.96
N GLU B 232 26.87 2.87 21.20
CA GLU B 232 28.11 2.95 20.44
C GLU B 232 27.87 2.65 18.98
N LEU B 233 27.07 1.62 18.70
CA LEU B 233 26.75 1.31 17.32
C LEU B 233 25.90 2.41 16.68
N ALA B 234 24.95 2.97 17.44
CA ALA B 234 24.08 3.99 16.88
C ALA B 234 24.81 5.33 16.71
N LYS B 235 25.98 5.49 17.34
CA LYS B 235 26.75 6.70 17.08
C LYS B 235 27.78 6.48 15.98
N LEU B 236 28.24 5.24 15.77
CA LEU B 236 29.11 4.99 14.63
C LEU B 236 28.34 5.03 13.32
N ALA B 237 27.02 4.80 13.38
CA ALA B 237 26.21 4.87 12.17
C ALA B 237 26.14 6.28 11.60
N ASN B 238 26.30 7.31 12.43
CA ASN B 238 26.24 8.67 11.95
C ASN B 238 27.61 9.20 11.57
N ILE B 239 28.66 8.43 11.82
CA ILE B 239 30.01 8.89 11.52
C ILE B 239 30.54 8.19 10.28
N GLU B 240 30.17 6.93 10.08
CA GLU B 240 30.64 6.23 8.89
C GLU B 240 29.90 6.68 7.63
N LYS B 241 28.58 6.46 7.59
CA LYS B 241 27.64 6.83 6.53
C LYS B 241 27.81 6.05 5.22
N GLU B 242 28.80 5.17 5.12
CA GLU B 242 28.86 4.26 3.97
C GLU B 242 28.52 2.85 4.41
N PHE B 243 28.89 2.49 5.63
CA PHE B 243 28.46 1.24 6.22
C PHE B 243 27.25 1.49 7.13
N LYS B 244 26.41 2.45 6.76
CA LYS B 244 25.24 2.93 7.47
C LYS B 244 24.26 1.81 7.85
N ASN B 245 23.99 0.90 6.91
CA ASN B 245 22.96 -0.10 7.15
C ASN B 245 23.46 -1.22 8.06
N ASP B 246 24.78 -1.41 8.14
CA ASP B 246 25.31 -2.53 8.91
C ASP B 246 25.26 -2.25 10.40
N TYR B 247 25.69 -1.06 10.82
CA TYR B 247 25.62 -0.71 12.23
C TYR B 247 24.17 -0.61 12.71
N ARG B 248 23.29 -0.17 11.83
CA ARG B 248 21.87 -0.14 12.18
C ARG B 248 21.28 -1.54 12.21
N LYS B 249 21.88 -2.48 11.48
CA LYS B 249 21.43 -3.86 11.58
C LYS B 249 21.92 -4.51 12.86
N LEU B 250 23.05 -4.02 13.40
CA LEU B 250 23.59 -4.60 14.62
C LEU B 250 22.89 -4.03 15.86
N SER B 251 22.46 -2.76 15.78
CA SER B 251 21.76 -2.15 16.91
C SER B 251 20.42 -2.82 17.18
N MET B 252 19.80 -3.38 16.14
CA MET B 252 18.53 -4.08 16.33
C MET B 252 18.74 -5.38 17.11
N GLN B 253 19.86 -6.05 16.89
CA GLN B 253 20.18 -7.24 17.69
C GLN B 253 20.45 -6.85 19.13
N CYS B 254 21.16 -5.73 19.34
CA CYS B 254 21.44 -5.28 20.71
C CYS B 254 20.17 -4.89 21.45
N LYS B 255 19.14 -4.43 20.74
CA LYS B 255 17.89 -4.09 21.42
C LYS B 255 17.01 -5.33 21.62
N ASP B 256 17.03 -6.25 20.65
CA ASP B 256 16.13 -7.39 20.73
C ASP B 256 16.60 -8.40 21.75
N PHE B 257 17.90 -8.40 22.07
CA PHE B 257 18.38 -9.20 23.20
C PHE B 257 17.73 -8.76 24.50
N VAL B 258 17.64 -7.44 24.72
CA VAL B 258 17.09 -6.92 25.97
C VAL B 258 15.60 -7.19 26.05
N VAL B 259 14.89 -7.02 24.92
CA VAL B 259 13.45 -7.30 24.92
C VAL B 259 13.18 -8.80 25.13
N GLY B 260 14.00 -9.66 24.54
CA GLY B 260 13.80 -11.09 24.74
C GLY B 260 14.15 -11.55 26.14
N VAL B 261 15.04 -10.83 26.82
CA VAL B 261 15.27 -11.13 28.23
C VAL B 261 14.10 -10.65 29.07
N LEU B 262 13.58 -9.49 28.73
CA LEU B 262 12.47 -8.94 29.49
C LEU B 262 11.26 -9.86 29.42
N ASP B 263 11.05 -10.51 28.28
CA ASP B 263 9.87 -11.36 28.15
C ASP B 263 9.76 -12.41 29.25
N LEU B 264 10.90 -12.98 29.67
CA LEU B 264 10.88 -14.28 30.32
C LEU B 264 10.58 -14.20 31.81
N CYS B 265 10.43 -13.00 32.34
CA CYS B 265 10.33 -12.86 33.79
C CYS B 265 8.91 -13.17 34.26
N ARG B 266 8.81 -13.88 35.39
CA ARG B 266 7.53 -14.42 35.83
C ARG B 266 7.03 -13.77 37.11
N ASP B 267 7.85 -13.75 38.16
CA ASP B 267 7.46 -13.15 39.43
C ASP B 267 7.68 -11.65 39.36
N SER B 268 7.25 -10.95 40.41
CA SER B 268 7.43 -9.50 40.44
C SER B 268 8.84 -9.14 40.86
N GLU B 269 9.54 -10.06 41.50
CA GLU B 269 10.91 -9.80 41.94
C GLU B 269 11.86 -9.74 40.76
N GLU B 270 11.59 -10.53 39.72
CA GLU B 270 12.43 -10.50 38.54
C GLU B 270 12.22 -9.22 37.74
N VAL B 271 10.98 -8.73 37.67
CA VAL B 271 10.72 -7.46 37.00
C VAL B 271 11.33 -6.31 37.78
N GLU B 272 11.21 -6.35 39.10
CA GLU B 272 11.81 -5.29 39.92
C GLU B 272 13.29 -5.53 40.16
N ALA B 273 13.85 -6.59 39.56
CA ALA B 273 15.31 -6.73 39.52
C ALA B 273 15.86 -6.28 38.18
N ILE B 274 15.05 -6.36 37.12
CA ILE B 274 15.52 -5.89 35.82
C ILE B 274 15.37 -4.37 35.71
N LEU B 275 14.22 -3.82 36.13
CA LEU B 275 13.90 -2.43 35.78
C LEU B 275 14.77 -1.43 36.52
N ASN B 276 15.25 -1.78 37.71
CA ASN B 276 16.30 -1.04 38.39
C ASN B 276 17.36 -2.04 38.81
N GLY B 277 18.61 -1.60 38.85
CA GLY B 277 19.73 -2.50 39.05
C GLY B 277 19.89 -3.03 40.47
N ASP B 278 21.10 -3.44 40.81
CA ASP B 278 21.38 -3.92 42.15
C ASP B 278 21.36 -2.75 43.12
N LEU B 279 20.51 -2.84 44.15
CA LEU B 279 20.35 -1.71 45.06
C LEU B 279 21.48 -1.67 46.07
N GLU B 280 21.94 -2.83 46.53
CA GLU B 280 23.05 -2.89 47.48
C GLU B 280 24.38 -2.65 46.79
N ALA B 292 11.32 2.53 43.72
CA ALA B 292 11.60 3.61 42.78
C ALA B 292 13.04 3.53 42.31
N SER B 293 13.59 4.70 41.94
CA SER B 293 14.92 4.84 41.34
C SER B 293 15.09 3.91 40.15
N LEU B 294 14.34 4.20 39.08
CA LEU B 294 14.05 3.29 37.98
C LEU B 294 15.17 3.15 36.96
N SER B 295 16.43 3.27 37.42
CA SER B 295 17.67 3.53 36.68
C SER B 295 17.79 2.97 35.28
N ARG B 296 17.38 1.71 35.06
CA ARG B 296 17.47 1.16 33.71
C ARG B 296 16.38 1.73 32.80
N VAL B 297 15.23 2.11 33.35
CA VAL B 297 14.20 2.72 32.53
C VAL B 297 14.61 4.14 32.16
N LYS B 298 15.21 4.88 33.10
CA LYS B 298 15.68 6.22 32.79
C LYS B 298 16.88 6.20 31.85
N LEU B 299 17.57 5.07 31.79
CA LEU B 299 18.68 4.94 30.85
C LEU B 299 18.20 4.42 29.51
N ALA B 300 17.01 3.84 29.46
CA ALA B 300 16.46 3.39 28.18
C ALA B 300 15.63 4.48 27.51
N ILE B 301 15.45 5.61 28.19
CA ILE B 301 14.83 6.76 27.55
C ILE B 301 15.87 7.49 26.70
N LYS B 302 17.07 7.63 27.25
CA LYS B 302 18.17 8.31 26.60
C LYS B 302 18.61 7.63 25.33
N TYR B 303 18.65 6.30 25.35
CA TYR B 303 19.08 5.51 24.21
C TYR B 303 17.92 5.17 23.26
N GLU B 304 16.73 5.63 23.61
CA GLU B 304 15.52 5.44 22.82
C GLU B 304 15.15 4.00 22.46
N VAL B 305 15.24 3.08 23.41
CA VAL B 305 14.83 1.69 23.10
C VAL B 305 13.33 1.65 23.36
N LYS B 306 12.56 1.73 22.26
CA LYS B 306 11.14 1.97 22.40
C LYS B 306 10.38 0.73 22.84
N LYS B 307 10.86 -0.46 22.45
CA LYS B 307 10.11 -1.67 22.74
C LYS B 307 10.41 -2.18 24.15
N PHE B 308 11.45 -1.66 24.78
CA PHE B 308 11.72 -2.02 26.18
C PHE B 308 10.82 -1.22 27.12
N VAL B 309 10.36 -0.05 26.68
CA VAL B 309 9.50 0.76 27.53
C VAL B 309 8.04 0.52 27.17
N ALA B 310 7.77 0.19 25.92
CA ALA B 310 6.42 -0.08 25.47
C ALA B 310 6.00 -1.53 25.67
N HIS B 311 6.73 -2.30 26.46
CA HIS B 311 6.33 -3.67 26.76
C HIS B 311 5.40 -3.66 27.98
N PRO B 312 4.42 -4.58 28.06
CA PRO B 312 3.46 -4.53 29.19
C PRO B 312 4.05 -4.78 30.56
N ASN B 313 5.14 -5.55 30.65
CA ASN B 313 5.72 -5.87 31.96
C ASN B 313 6.42 -4.66 32.56
N CYS B 314 6.74 -3.65 31.74
CA CYS B 314 7.23 -2.39 32.27
C CYS B 314 6.08 -1.41 32.51
N GLN B 315 5.06 -1.47 31.66
CA GLN B 315 3.95 -0.53 31.75
C GLN B 315 3.13 -0.74 33.02
N GLN B 316 3.01 -1.98 33.47
CA GLN B 316 2.25 -2.21 34.71
C GLN B 316 3.03 -1.74 35.93
N GLN B 317 4.37 -1.83 35.87
CA GLN B 317 5.18 -1.34 36.97
C GLN B 317 5.19 0.17 37.02
N LEU B 318 5.08 0.83 35.87
CA LEU B 318 4.97 2.28 35.86
C LEU B 318 3.58 2.73 36.29
N LEU B 319 2.54 1.96 35.92
CA LEU B 319 1.18 2.32 36.32
C LEU B 319 0.94 2.16 37.81
N THR B 320 1.63 1.21 38.46
CA THR B 320 1.44 1.08 39.90
C THR B 320 2.21 2.17 40.66
N ILE B 321 3.02 2.96 39.96
CA ILE B 321 3.61 4.13 40.58
C ILE B 321 2.81 5.38 40.25
N TRP B 322 2.20 5.41 39.05
CA TRP B 322 1.48 6.60 38.62
C TRP B 322 0.22 6.84 39.44
N TYR B 323 -0.41 5.78 39.93
CA TYR B 323 -1.47 5.88 40.93
C TYR B 323 -0.97 5.14 42.17
N GLU B 324 -0.22 5.81 43.03
CA GLU B 324 0.37 5.07 44.14
C GLU B 324 -0.33 5.31 45.46
N ASN B 325 -1.36 6.11 45.50
CA ASN B 325 -2.19 6.21 46.69
C ASN B 325 -3.67 6.29 46.37
N LEU B 326 -4.04 6.54 45.11
CA LEU B 326 -5.45 6.62 44.76
C LEU B 326 -6.06 5.22 44.68
N SER B 327 -5.64 4.44 43.68
CA SER B 327 -5.79 2.99 43.56
C SER B 327 -7.23 2.51 43.33
N GLY B 328 -8.21 3.41 43.44
CA GLY B 328 -9.56 3.07 43.03
C GLY B 328 -9.95 3.78 41.76
N LEU B 329 -9.22 4.83 41.40
CA LEU B 329 -9.40 5.61 40.19
C LEU B 329 -8.72 4.95 38.99
N ARG B 330 -8.03 3.83 39.22
CA ARG B 330 -7.26 3.16 38.18
C ARG B 330 -8.15 2.60 37.08
N GLU B 331 -9.40 2.29 37.39
CA GLU B 331 -10.39 1.86 36.41
C GLU B 331 -11.70 2.59 36.66
N GLN B 332 -11.86 3.76 36.06
CA GLN B 332 -13.07 4.55 36.18
C GLN B 332 -13.37 5.19 34.84
N THR B 333 -14.57 5.74 34.73
CA THR B 333 -14.99 6.41 33.50
C THR B 333 -14.33 7.78 33.39
N ILE B 334 -14.45 8.37 32.19
CA ILE B 334 -13.84 9.67 31.93
C ILE B 334 -14.63 10.78 32.62
N ALA B 335 -15.91 10.53 32.91
CA ALA B 335 -16.73 11.50 33.64
C ALA B 335 -16.23 11.68 35.07
N ILE B 336 -15.86 10.58 35.74
CA ILE B 336 -15.31 10.67 37.08
C ILE B 336 -13.95 11.35 37.06
N LYS B 337 -13.19 11.19 35.97
CA LYS B 337 -11.90 11.87 35.86
C LYS B 337 -12.08 13.36 35.60
N CYS B 338 -13.15 13.73 34.89
CA CYS B 338 -13.39 15.15 34.63
C CYS B 338 -13.93 15.84 35.88
N LEU B 339 -14.69 15.12 36.70
CA LEU B 339 -15.11 15.64 37.99
C LEU B 339 -13.92 15.94 38.88
N VAL B 340 -12.87 15.10 38.82
CA VAL B 340 -11.67 15.31 39.63
C VAL B 340 -10.94 16.57 39.20
N VAL B 341 -10.75 16.77 37.89
CA VAL B 341 -10.01 17.94 37.44
C VAL B 341 -10.82 19.21 37.62
N LEU B 342 -12.16 19.09 37.61
CA LEU B 342 -12.98 20.27 37.90
C LEU B 342 -12.92 20.64 39.37
N VAL B 343 -12.94 19.64 40.26
CA VAL B 343 -12.83 19.91 41.70
C VAL B 343 -11.47 20.51 42.04
N VAL B 344 -10.39 19.99 41.45
CA VAL B 344 -9.07 20.50 41.76
C VAL B 344 -8.86 21.88 41.14
N ALA B 345 -9.41 22.12 39.95
CA ALA B 345 -9.33 23.44 39.34
C ALA B 345 -10.14 24.47 40.11
N LEU B 346 -11.22 24.05 40.76
CA LEU B 346 -11.94 24.95 41.65
C LEU B 346 -11.16 25.22 42.93
N GLY B 347 -10.70 24.17 43.61
CA GLY B 347 -10.04 24.27 44.89
C GLY B 347 -8.54 24.49 44.85
N LEU B 348 -8.00 24.94 43.71
CA LEU B 348 -6.59 25.32 43.61
C LEU B 348 -6.06 26.26 44.71
N PRO B 349 -6.74 27.34 45.14
CA PRO B 349 -6.10 28.17 46.19
C PRO B 349 -6.21 27.58 47.58
N PHE B 350 -6.93 26.47 47.75
CA PHE B 350 -7.00 25.80 49.05
C PHE B 350 -5.83 24.85 49.25
N LEU B 351 -5.08 24.57 48.18
CA LEU B 351 -4.14 23.46 48.19
C LEU B 351 -2.87 23.79 48.97
N ALA B 352 -2.42 25.04 48.94
CA ALA B 352 -1.24 25.40 49.73
C ALA B 352 -1.55 25.41 51.22
N ILE B 353 -2.77 25.83 51.58
CA ILE B 353 -3.24 25.75 52.95
C ILE B 353 -3.32 24.29 53.39
N GLY B 354 -3.80 23.41 52.51
CA GLY B 354 -3.79 21.99 52.83
C GLY B 354 -2.41 21.35 52.71
N TYR B 355 -1.44 22.06 52.14
CA TYR B 355 -0.15 21.45 51.86
C TYR B 355 0.87 21.79 52.95
N TRP B 356 0.69 22.89 53.68
CA TRP B 356 1.55 23.07 54.84
C TRP B 356 1.14 22.15 55.99
N ILE B 357 -0.09 21.62 55.93
CA ILE B 357 -0.57 20.66 56.92
C ILE B 357 0.02 19.28 56.68
N ALA B 358 0.39 18.98 55.42
CA ALA B 358 0.58 17.67 54.76
C ALA B 358 1.20 16.51 55.55
N PRO B 359 2.22 16.70 56.42
CA PRO B 359 2.60 15.56 57.29
C PRO B 359 1.52 15.16 58.28
N CYS B 360 0.70 16.10 58.75
CA CYS B 360 -0.33 15.78 59.72
C CYS B 360 -1.61 15.28 59.04
N SER B 361 -1.63 15.26 57.71
CA SER B 361 -2.82 14.92 56.95
C SER B 361 -2.57 13.68 56.08
N ARG B 362 -3.55 12.78 56.07
CA ARG B 362 -3.54 11.71 55.08
C ARG B 362 -3.81 12.27 53.69
N LEU B 363 -4.54 13.38 53.62
CA LEU B 363 -4.77 14.05 52.35
C LEU B 363 -3.49 14.73 51.85
N GLY B 364 -2.54 14.98 52.75
CA GLY B 364 -1.25 15.49 52.31
C GLY B 364 -0.45 14.47 51.54
N LYS B 365 -0.45 13.22 52.01
CA LYS B 365 0.18 12.15 51.24
C LYS B 365 -0.68 11.77 50.04
N ILE B 366 -1.99 11.99 50.13
CA ILE B 366 -2.88 11.68 49.00
C ILE B 366 -2.85 12.79 47.97
N LEU B 367 -2.20 13.91 48.29
CA LEU B 367 -2.01 14.97 47.31
C LEU B 367 -0.62 14.87 46.69
N ARG B 368 0.30 14.21 47.38
CA ARG B 368 1.66 14.03 46.85
C ARG B 368 1.73 12.66 46.17
N SER B 369 1.12 12.61 44.99
CA SER B 369 1.16 11.49 44.08
C SER B 369 1.42 12.11 42.71
N PRO B 370 1.93 11.35 41.73
CA PRO B 370 2.24 11.96 40.44
C PRO B 370 1.03 12.44 39.66
N PHE B 371 -0.08 11.72 39.81
CA PHE B 371 -1.30 12.08 39.09
C PHE B 371 -1.89 13.38 39.61
N MET B 372 -1.77 13.64 40.92
CA MET B 372 -2.30 14.88 41.46
C MET B 372 -1.41 16.07 41.10
N LYS B 373 -0.09 15.85 40.99
CA LYS B 373 0.79 16.90 40.50
C LYS B 373 0.47 17.27 39.06
N PHE B 374 0.19 16.25 38.24
CA PHE B 374 -0.17 16.51 36.85
C PHE B 374 -1.49 17.28 36.73
N VAL B 375 -2.48 16.91 37.55
CA VAL B 375 -3.77 17.60 37.51
C VAL B 375 -3.63 19.03 38.04
N ALA B 376 -2.75 19.24 39.02
CA ALA B 376 -2.54 20.58 39.56
C ALA B 376 -1.89 21.51 38.54
N HIS B 377 -0.86 21.03 37.82
CA HIS B 377 -0.23 21.86 36.79
C HIS B 377 -1.19 22.15 35.64
N ALA B 378 -2.00 21.16 35.25
CA ALA B 378 -2.96 21.39 34.18
C ALA B 378 -4.04 22.39 34.59
N ALA B 379 -4.47 22.34 35.86
CA ALA B 379 -5.50 23.25 36.33
C ALA B 379 -4.97 24.69 36.41
N SER B 380 -3.71 24.85 36.87
CA SER B 380 -3.11 26.18 36.91
C SER B 380 -2.97 26.77 35.52
N PHE B 381 -2.57 25.96 34.54
CA PHE B 381 -2.44 26.49 33.19
C PHE B 381 -3.81 26.80 32.56
N ILE B 382 -4.87 26.10 32.98
CA ILE B 382 -6.19 26.46 32.47
C ILE B 382 -6.68 27.78 33.06
N ILE B 383 -6.40 28.01 34.35
CA ILE B 383 -6.80 29.27 34.99
C ILE B 383 -6.04 30.46 34.37
N PHE B 384 -4.81 30.22 33.91
CA PHE B 384 -4.07 31.26 33.17
C PHE B 384 -4.78 31.73 31.89
N LEU B 385 -5.28 30.78 31.10
CA LEU B 385 -5.94 31.14 29.84
C LEU B 385 -7.28 31.78 30.13
N GLY B 386 -7.91 31.33 31.21
CA GLY B 386 -9.14 31.99 31.66
C GLY B 386 -8.93 33.43 32.07
N LEU B 387 -7.79 33.73 32.71
CA LEU B 387 -7.47 35.10 33.06
C LEU B 387 -7.20 35.95 31.84
N LEU B 388 -6.56 35.38 30.81
CA LEU B 388 -6.34 36.15 29.58
C LEU B 388 -7.64 36.50 28.88
N VAL B 389 -8.55 35.51 28.76
CA VAL B 389 -9.81 35.75 28.08
C VAL B 389 -10.69 36.72 28.89
N PHE B 390 -10.65 36.62 30.22
CA PHE B 390 -11.42 37.56 31.04
C PHE B 390 -10.82 38.96 31.01
N ASN B 391 -9.50 39.06 30.84
CA ASN B 391 -8.88 40.36 30.67
C ASN B 391 -9.32 41.01 29.36
N ALA B 392 -9.50 40.19 28.35
CA ALA B 392 -9.91 40.65 27.02
C ALA B 392 -11.36 41.07 27.01
N SER B 393 -12.07 40.76 28.09
CA SER B 393 -13.50 41.05 28.22
C SER B 393 -13.87 42.53 28.34
N ASP B 394 -15.17 42.77 28.16
CA ASP B 394 -15.91 44.06 28.14
C ASP B 394 -15.92 44.71 26.76
N ARG B 395 -15.33 44.02 25.80
CA ARG B 395 -15.35 44.44 24.41
C ARG B 395 -15.92 43.38 23.47
N PHE B 396 -16.60 42.37 24.02
CA PHE B 396 -17.00 41.20 23.23
C PHE B 396 -18.03 41.55 22.16
N GLU B 397 -18.87 42.53 22.43
CA GLU B 397 -19.75 43.09 21.39
C GLU B 397 -19.32 44.53 21.16
N GLY B 398 -18.30 44.70 20.32
CA GLY B 398 -17.84 46.01 19.92
C GLY B 398 -17.19 46.82 21.03
N ILE B 399 -16.54 47.91 20.59
CA ILE B 399 -16.15 48.99 21.47
C ILE B 399 -17.32 49.97 21.48
N THR B 400 -17.44 50.76 22.55
CA THR B 400 -18.66 51.54 22.74
C THR B 400 -18.56 52.93 22.12
N THR B 401 -17.36 53.42 21.88
CA THR B 401 -17.17 54.77 21.36
C THR B 401 -16.49 54.72 19.99
N LEU B 402 -16.22 55.91 19.44
CA LEU B 402 -15.42 56.01 18.25
C LEU B 402 -13.96 56.25 18.63
N PRO B 403 -13.00 55.88 17.76
CA PRO B 403 -11.59 56.01 18.15
C PRO B 403 -11.09 57.44 18.28
N ASN B 404 -11.58 58.38 17.47
CA ASN B 404 -11.01 59.73 17.50
C ASN B 404 -11.61 60.57 18.62
N ILE B 405 -12.65 60.07 19.30
CA ILE B 405 -13.29 60.83 20.36
C ILE B 405 -12.68 60.44 21.70
N THR B 406 -12.40 61.44 22.54
CA THR B 406 -11.86 61.22 23.87
C THR B 406 -12.97 61.39 24.90
N VAL B 407 -12.84 60.70 26.03
CA VAL B 407 -13.78 60.80 27.14
C VAL B 407 -13.02 60.51 28.44
N THR B 408 -13.19 61.39 29.43
CA THR B 408 -12.52 61.26 30.71
C THR B 408 -13.52 61.42 31.85
N ASP B 409 -13.07 61.02 33.04
CA ASP B 409 -13.87 61.09 34.29
C ASP B 409 -14.06 62.56 34.71
N TYR B 410 -12.98 63.34 34.62
CA TYR B 410 -13.00 64.79 34.97
C TYR B 410 -12.14 65.58 33.97
N PRO B 411 -12.37 66.89 33.78
CA PRO B 411 -11.58 67.69 32.84
C PRO B 411 -10.08 67.74 33.18
N LYS B 412 -9.76 67.82 34.47
CA LYS B 412 -8.36 67.93 34.95
C LYS B 412 -7.54 66.71 34.52
N GLN B 413 -8.11 65.51 34.60
CA GLN B 413 -7.39 64.29 34.26
C GLN B 413 -6.91 64.35 32.82
N ILE B 414 -5.64 64.00 32.60
CA ILE B 414 -5.14 63.85 31.24
C ILE B 414 -5.69 62.55 30.67
N PHE B 415 -5.89 62.52 29.35
CA PHE B 415 -6.58 61.38 28.75
C PHE B 415 -5.69 60.15 28.69
N ARG B 416 -4.38 60.36 28.52
CA ARG B 416 -3.47 59.26 28.23
C ARG B 416 -3.21 58.39 29.45
N VAL B 417 -3.54 58.85 30.65
CA VAL B 417 -3.43 58.02 31.85
C VAL B 417 -4.44 56.88 31.84
N LYS B 418 -5.68 57.17 31.45
CA LYS B 418 -6.78 56.22 31.66
C LYS B 418 -6.64 55.01 30.74
N THR B 419 -6.01 55.17 29.58
CA THR B 419 -5.87 54.05 28.67
C THR B 419 -4.69 53.15 29.05
N THR B 420 -3.71 53.70 29.76
CA THR B 420 -2.49 52.93 29.99
C THR B 420 -2.36 52.41 31.42
N GLN B 421 -3.28 52.75 32.32
CA GLN B 421 -3.12 52.32 33.69
C GLN B 421 -3.54 50.87 33.85
N PHE B 422 -3.18 50.27 34.99
CA PHE B 422 -3.35 48.83 35.15
C PHE B 422 -4.68 48.50 35.81
N THR B 423 -5.12 47.26 35.60
CA THR B 423 -6.33 46.72 36.21
C THR B 423 -5.88 45.53 37.05
N TRP B 424 -6.77 44.98 37.87
CA TRP B 424 -6.38 43.94 38.81
C TRP B 424 -6.03 42.62 38.14
N THR B 425 -6.57 42.37 36.94
CA THR B 425 -6.28 41.11 36.26
C THR B 425 -4.90 41.13 35.62
N GLU B 426 -4.42 42.31 35.23
CA GLU B 426 -3.10 42.40 34.61
C GLU B 426 -2.00 42.21 35.65
N MET B 427 -2.29 42.55 36.90
CA MET B 427 -1.38 42.24 37.99
C MET B 427 -1.20 40.73 38.19
N LEU B 428 -2.31 39.98 38.08
CA LEU B 428 -2.21 38.53 38.21
C LEU B 428 -1.47 37.91 37.04
N ILE B 429 -1.65 38.47 35.83
CA ILE B 429 -0.85 38.03 34.68
C ILE B 429 0.63 38.31 34.93
N MET B 430 0.95 39.49 35.48
CA MET B 430 2.33 39.83 35.83
C MET B 430 2.90 38.91 36.90
N VAL B 431 2.09 38.52 37.86
CA VAL B 431 2.59 37.57 38.90
C VAL B 431 2.83 36.20 38.26
N TRP B 432 1.89 35.73 37.44
CA TRP B 432 1.97 34.39 36.78
C TRP B 432 3.14 34.29 35.80
N VAL B 433 3.41 35.29 34.98
CA VAL B 433 4.51 35.19 33.98
C VAL B 433 5.86 35.09 34.70
N LEU B 434 6.06 35.85 35.77
CA LEU B 434 7.31 35.82 36.52
C LEU B 434 7.58 34.45 37.11
N GLY B 435 6.52 33.74 37.53
CA GLY B 435 6.71 32.41 38.07
C GLY B 435 7.16 31.40 37.02
N MET B 436 6.56 31.45 35.83
CA MET B 436 6.99 30.56 34.77
C MET B 436 8.40 30.89 34.30
N MET B 437 8.74 32.18 34.27
CA MET B 437 10.10 32.61 33.94
C MET B 437 11.10 32.13 34.98
N TRP B 438 10.68 32.10 36.24
CA TRP B 438 11.56 31.65 37.33
C TRP B 438 11.82 30.15 37.24
N SER B 439 10.78 29.37 36.94
CA SER B 439 10.97 27.93 36.78
C SER B 439 11.87 27.60 35.59
N GLU B 440 11.69 28.32 34.47
CA GLU B 440 12.55 28.09 33.33
C GLU B 440 13.98 28.58 33.59
N CYS B 441 14.13 29.59 34.46
CA CYS B 441 15.47 30.04 34.83
C CYS B 441 16.19 28.99 35.67
N LYS B 442 15.49 28.36 36.62
CA LYS B 442 16.09 27.28 37.41
C LYS B 442 16.48 26.09 36.52
N GLU B 443 15.59 25.69 35.63
CA GLU B 443 15.85 24.51 34.76
C GLU B 443 17.07 24.77 33.84
N LEU B 444 17.18 25.96 33.27
CA LEU B 444 18.30 26.26 32.34
C LEU B 444 19.64 26.18 33.08
N TRP B 445 19.71 26.69 34.30
CA TRP B 445 20.98 26.70 35.08
C TRP B 445 21.45 25.27 35.36
N LEU B 446 20.55 24.35 35.66
CA LEU B 446 20.93 22.96 36.01
C LEU B 446 21.14 22.11 34.76
N GLU B 447 20.23 22.21 33.79
CA GLU B 447 20.30 21.40 32.53
C GLU B 447 21.51 21.84 31.69
N GLY B 448 21.79 23.13 31.61
CA GLY B 448 22.89 23.64 30.77
C GLY B 448 22.37 24.07 29.41
N PRO B 449 23.13 24.88 28.66
CA PRO B 449 22.71 25.37 27.35
C PRO B 449 22.50 24.26 26.31
N ARG B 450 23.36 23.26 26.28
CA ARG B 450 23.25 22.17 25.30
C ARG B 450 21.93 21.43 25.45
N GLU B 451 21.48 21.24 26.69
CA GLU B 451 20.20 20.59 26.93
C GLU B 451 19.03 21.48 26.51
N TYR B 452 19.17 22.79 26.75
CA TYR B 452 18.11 23.73 26.33
C TYR B 452 18.07 23.83 24.81
N ILE B 453 19.24 23.94 24.18
CA ILE B 453 19.38 24.06 22.70
C ILE B 453 18.93 22.77 22.01
N LEU B 454 19.23 21.62 22.61
CA LEU B 454 18.90 20.30 21.98
C LEU B 454 17.40 20.16 21.75
N GLN B 455 16.56 20.62 22.67
CA GLN B 455 15.10 20.46 22.49
C GLN B 455 14.51 21.74 21.89
N LEU B 456 13.87 21.63 20.74
CA LEU B 456 13.24 22.79 20.05
C LEU B 456 12.09 23.33 20.92
N TRP B 457 11.35 22.45 21.57
CA TRP B 457 10.19 22.85 22.40
C TRP B 457 10.61 23.78 23.54
N ASN B 458 11.75 23.54 24.17
CA ASN B 458 12.19 24.39 25.30
C ASN B 458 12.39 25.84 24.83
N VAL B 459 12.95 26.03 23.64
CA VAL B 459 13.25 27.36 23.12
C VAL B 459 11.96 28.10 22.78
N LEU B 460 10.95 27.36 22.28
CA LEU B 460 9.64 27.94 22.00
C LEU B 460 8.99 28.47 23.28
N ASP B 461 9.04 27.68 24.35
CA ASP B 461 8.51 28.12 25.64
C ASP B 461 9.22 29.37 26.17
N PHE B 462 10.55 29.37 26.10
CA PHE B 462 11.33 30.50 26.62
C PHE B 462 11.10 31.76 25.80
N GLY B 463 10.94 31.62 24.48
CA GLY B 463 10.64 32.76 23.64
C GLY B 463 9.28 33.36 23.92
N MET B 464 8.27 32.50 24.17
CA MET B 464 6.94 32.99 24.55
C MET B 464 6.98 33.80 25.85
N LEU B 465 7.73 33.32 26.86
CA LEU B 465 7.87 34.08 28.10
C LEU B 465 8.58 35.42 27.88
N SER B 466 9.61 35.43 27.01
CA SER B 466 10.33 36.68 26.76
C SER B 466 9.47 37.71 26.03
N ILE B 467 8.59 37.24 25.13
CA ILE B 467 7.71 38.16 24.40
C ILE B 467 6.69 38.78 25.36
N PHE B 468 6.18 37.98 26.31
CA PHE B 468 5.32 38.54 27.37
C PHE B 468 6.04 39.63 28.17
N ILE B 469 7.28 39.38 28.57
CA ILE B 469 7.99 40.35 29.40
C ILE B 469 8.27 41.64 28.64
N ALA B 470 8.60 41.52 27.35
CA ALA B 470 8.85 42.70 26.52
C ALA B 470 7.61 43.55 26.34
N ALA B 471 6.44 42.90 26.16
CA ALA B 471 5.20 43.65 26.02
C ALA B 471 4.86 44.42 27.30
N PHE B 472 5.05 43.80 28.46
CA PHE B 472 4.70 44.53 29.69
C PHE B 472 5.68 45.65 30.01
N THR B 473 6.96 45.49 29.63
CA THR B 473 7.91 46.59 29.80
C THR B 473 7.56 47.79 28.92
N ALA B 474 7.09 47.51 27.70
CA ALA B 474 6.65 48.62 26.84
C ALA B 474 5.42 49.32 27.42
N ARG B 475 4.50 48.55 28.01
CA ARG B 475 3.32 49.15 28.65
C ARG B 475 3.71 50.03 29.83
N PHE B 476 4.72 49.61 30.61
CA PHE B 476 5.14 50.40 31.77
C PHE B 476 5.83 51.69 31.34
N LEU B 477 6.64 51.62 30.27
CA LEU B 477 7.24 52.82 29.70
C LEU B 477 6.17 53.77 29.17
N ALA B 478 5.06 53.24 28.66
CA ALA B 478 3.96 54.12 28.28
C ALA B 478 3.26 54.73 29.48
N PHE B 479 3.25 54.04 30.62
CA PHE B 479 2.56 54.59 31.80
C PHE B 479 3.34 55.71 32.46
N LEU B 480 4.68 55.61 32.46
CA LEU B 480 5.50 56.57 33.21
C LEU B 480 5.40 57.99 32.67
N GLN B 481 5.36 58.14 31.35
CA GLN B 481 5.34 59.47 30.75
C GLN B 481 3.99 60.16 31.00
N ALA B 482 2.91 59.38 31.04
CA ALA B 482 1.61 59.95 31.36
C ALA B 482 1.54 60.37 32.82
N THR B 483 2.22 59.63 33.71
CA THR B 483 2.29 60.08 35.10
C THR B 483 3.10 61.38 35.22
N LYS B 484 4.16 61.51 34.41
CA LYS B 484 4.96 62.73 34.42
C LYS B 484 4.14 63.93 33.93
N ALA B 485 3.32 63.72 32.89
CA ALA B 485 2.48 64.81 32.38
C ALA B 485 1.39 65.19 33.38
N GLN B 486 0.83 64.20 34.09
CA GLN B 486 -0.18 64.51 35.09
C GLN B 486 0.42 65.27 36.26
N GLN B 487 1.65 64.93 36.65
CA GLN B 487 2.30 65.67 37.72
C GLN B 487 2.69 67.08 37.28
N TYR B 488 2.94 67.27 35.99
CA TYR B 488 3.14 68.62 35.47
C TYR B 488 1.84 69.44 35.54
N VAL B 489 0.73 68.87 35.05
CA VAL B 489 -0.50 69.63 34.90
C VAL B 489 -1.13 69.94 36.25
N ASP B 490 -1.12 68.97 37.17
CA ASP B 490 -1.73 69.17 38.48
C ASP B 490 -0.96 70.18 39.32
N SER B 491 0.31 70.43 38.97
CA SER B 491 1.10 71.45 39.63
C SER B 491 0.92 72.82 38.98
N TYR B 492 1.03 72.90 37.65
CA TYR B 492 1.16 74.21 37.02
C TYR B 492 -0.09 74.60 36.23
N VAL B 493 -1.24 73.97 36.51
CA VAL B 493 -2.42 74.18 35.69
C VAL B 493 -3.05 75.55 35.97
N GLN B 494 -3.47 75.76 37.24
CA GLN B 494 -4.09 77.01 37.71
C GLN B 494 -5.32 77.39 36.90
N GLU B 495 -6.12 76.40 36.50
CA GLU B 495 -7.32 76.62 35.72
C GLU B 495 -8.45 75.75 36.27
N SER B 496 -9.57 75.76 35.55
CA SER B 496 -10.72 74.96 35.97
C SER B 496 -10.77 73.63 35.23
N ASP B 497 -10.39 73.63 33.95
CA ASP B 497 -10.40 72.43 33.14
C ASP B 497 -9.14 72.39 32.28
N LEU B 498 -8.75 71.17 31.88
CA LEU B 498 -7.56 71.01 31.06
C LEU B 498 -7.81 71.34 29.61
N SER B 499 -9.08 71.47 29.21
CA SER B 499 -9.40 71.83 27.84
C SER B 499 -9.46 73.34 27.67
N GLU B 500 -9.44 74.09 28.77
CA GLU B 500 -9.63 75.54 28.69
C GLU B 500 -8.38 76.24 28.17
N VAL B 501 -7.27 76.12 28.88
CA VAL B 501 -6.01 76.79 28.53
C VAL B 501 -5.12 75.78 27.82
N THR B 502 -4.52 76.21 26.71
CA THR B 502 -3.65 75.31 25.96
C THR B 502 -2.34 75.10 26.71
N LEU B 503 -1.64 74.03 26.35
CA LEU B 503 -0.50 73.54 27.12
C LEU B 503 0.78 73.72 26.33
N PRO B 504 1.97 73.58 26.95
CA PRO B 504 3.19 73.44 26.15
C PRO B 504 3.12 72.20 25.28
N PRO B 505 3.70 72.25 24.07
CA PRO B 505 3.32 71.26 23.03
C PRO B 505 3.81 69.84 23.28
N GLU B 506 4.81 69.65 24.14
CA GLU B 506 5.17 68.29 24.55
C GLU B 506 4.08 67.68 25.43
N ILE B 507 3.53 68.48 26.34
CA ILE B 507 2.48 67.97 27.23
C ILE B 507 1.14 67.96 26.49
N GLN B 508 1.05 68.70 25.38
CA GLN B 508 -0.18 68.75 24.59
C GLN B 508 -0.44 67.42 23.87
N TYR B 509 0.63 66.68 23.57
CA TYR B 509 0.55 65.41 22.84
C TYR B 509 -0.21 64.34 23.61
N PHE B 510 -0.27 64.43 24.93
CA PHE B 510 -0.91 63.39 25.71
C PHE B 510 -2.40 63.68 25.91
N THR B 511 -2.99 64.46 25.02
CA THR B 511 -4.43 64.72 25.02
C THR B 511 -5.10 64.13 23.79
N TYR B 512 -4.31 63.68 22.83
CA TYR B 512 -4.85 63.21 21.56
C TYR B 512 -5.41 61.81 21.66
N ALA B 513 -6.38 61.49 20.81
CA ALA B 513 -6.94 60.16 20.69
C ALA B 513 -6.04 59.30 19.81
N ARG B 514 -6.56 58.14 19.41
CA ARG B 514 -5.75 57.19 18.64
C ARG B 514 -5.54 57.60 17.18
N ASP B 515 -6.14 58.71 16.75
CA ASP B 515 -5.95 59.14 15.37
C ASP B 515 -4.58 59.78 15.17
N LYS B 516 -4.01 60.38 16.21
CA LYS B 516 -2.82 61.20 16.07
C LYS B 516 -1.60 60.68 16.83
N TRP B 517 -1.56 59.40 17.19
CA TRP B 517 -0.39 58.88 17.90
C TRP B 517 0.76 58.69 16.93
N LEU B 518 1.98 58.81 17.46
CA LEU B 518 3.18 58.59 16.66
C LEU B 518 3.28 57.11 16.28
N PRO B 519 3.72 56.80 15.05
CA PRO B 519 3.73 55.40 14.58
C PRO B 519 4.71 54.47 15.29
N SER B 520 5.51 54.98 16.21
CA SER B 520 6.25 54.16 17.15
C SER B 520 5.89 54.69 18.54
N ASP B 521 4.75 54.23 19.05
CA ASP B 521 4.26 54.58 20.38
C ASP B 521 4.53 53.34 21.21
N PRO B 522 4.93 53.45 22.48
CA PRO B 522 5.02 52.26 23.34
C PRO B 522 3.73 51.49 23.51
N GLN B 523 2.60 52.19 23.44
CA GLN B 523 1.28 51.56 23.49
C GLN B 523 1.05 50.62 22.30
N ILE B 524 1.44 51.06 21.10
CA ILE B 524 1.24 50.26 19.89
C ILE B 524 2.13 49.03 19.90
N ILE B 525 3.40 49.20 20.30
CA ILE B 525 4.33 48.08 20.43
C ILE B 525 3.83 47.08 21.48
N SER B 526 3.25 47.60 22.57
CA SER B 526 2.70 46.75 23.61
C SER B 526 1.53 45.92 23.09
N GLU B 527 0.63 46.55 22.32
CA GLU B 527 -0.52 45.83 21.78
C GLU B 527 -0.10 44.77 20.78
N GLY B 528 0.91 45.07 19.96
CA GLY B 528 1.36 44.09 18.98
C GLY B 528 2.03 42.87 19.60
N LEU B 529 2.98 43.11 20.52
CA LEU B 529 3.66 41.98 21.14
C LEU B 529 2.72 41.18 22.04
N TYR B 530 1.77 41.86 22.68
CA TYR B 530 0.80 41.17 23.52
C TYR B 530 -0.19 40.39 22.67
N ALA B 531 -0.40 40.79 21.42
CA ALA B 531 -1.26 40.00 20.55
C ALA B 531 -0.53 38.78 20.02
N ILE B 532 0.80 38.87 19.85
CA ILE B 532 1.55 37.68 19.43
C ILE B 532 1.63 36.65 20.55
N ALA B 533 1.84 37.12 21.79
CA ALA B 533 2.11 36.21 22.89
C ALA B 533 0.89 35.37 23.27
N VAL B 534 -0.32 35.91 23.09
CA VAL B 534 -1.52 35.17 23.45
C VAL B 534 -1.76 34.03 22.46
N VAL B 535 -1.40 34.23 21.19
CA VAL B 535 -1.48 33.16 20.20
C VAL B 535 -0.44 32.09 20.50
N LEU B 536 0.77 32.52 20.87
CA LEU B 536 1.80 31.52 21.18
C LEU B 536 1.51 30.77 22.47
N SER B 537 0.67 31.33 23.35
CA SER B 537 0.48 30.71 24.66
C SER B 537 -0.62 29.65 24.66
N PHE B 538 -1.18 29.32 23.50
CA PHE B 538 -2.06 28.16 23.46
C PHE B 538 -1.36 26.95 22.86
N SER B 539 -0.06 27.06 22.56
CA SER B 539 0.70 25.90 22.12
C SER B 539 1.23 25.09 23.28
N ARG B 540 0.86 25.45 24.51
CA ARG B 540 1.36 24.75 25.72
C ARG B 540 0.49 23.52 26.03
N ILE B 541 -0.57 23.30 25.26
CA ILE B 541 -1.47 22.17 25.53
C ILE B 541 -0.83 20.86 25.06
N ALA B 542 0.26 20.97 24.29
CA ALA B 542 1.04 19.81 23.88
C ALA B 542 1.76 19.15 25.04
N TYR B 543 1.88 19.85 26.17
CA TYR B 543 2.33 19.20 27.40
C TYR B 543 1.23 18.34 28.01
N ILE B 544 -0.03 18.60 27.65
CA ILE B 544 -1.13 17.89 28.27
C ILE B 544 -1.55 16.70 27.42
N LEU B 545 -1.63 16.89 26.10
CA LEU B 545 -2.27 15.91 25.22
C LEU B 545 -1.70 14.48 25.15
N PRO B 546 -0.40 14.19 25.34
CA PRO B 546 0.02 12.77 25.28
C PRO B 546 -0.48 11.89 26.42
N ALA B 547 -1.07 12.44 27.49
CA ALA B 547 -1.59 11.63 28.58
C ALA B 547 -3.06 11.28 28.36
N ASN B 548 -3.34 10.72 27.19
CA ASN B 548 -4.70 10.39 26.78
C ASN B 548 -4.60 9.40 25.63
N GLU B 549 -5.50 8.41 25.62
CA GLU B 549 -5.39 7.35 24.64
C GLU B 549 -5.95 7.78 23.29
N SER B 550 -7.00 8.62 23.29
CA SER B 550 -7.69 8.92 22.05
C SER B 550 -6.95 9.96 21.23
N PHE B 551 -6.42 11.00 21.89
CA PHE B 551 -5.68 12.05 21.21
C PHE B 551 -4.17 11.82 21.27
N GLY B 552 -3.74 10.65 21.69
CA GLY B 552 -2.34 10.32 21.81
C GLY B 552 -1.60 10.08 20.50
N PRO B 553 -1.97 9.01 19.74
CA PRO B 553 -1.27 8.73 18.49
C PRO B 553 -1.52 9.74 17.37
N LEU B 554 -2.52 10.61 17.57
CA LEU B 554 -2.73 11.72 16.67
C LEU B 554 -1.57 12.71 16.70
N GLN B 555 -1.19 13.13 17.90
CA GLN B 555 -0.14 14.12 18.06
C GLN B 555 1.18 13.66 17.50
N ILE B 556 1.48 12.39 17.64
CA ILE B 556 2.76 11.86 17.19
C ILE B 556 2.87 11.94 15.67
N SER B 557 1.79 11.58 14.97
CA SER B 557 1.78 11.68 13.51
C SER B 557 1.82 13.13 13.06
N LEU B 558 1.20 14.03 13.84
CA LEU B 558 1.27 15.44 13.51
C LEU B 558 2.69 15.98 13.69
N GLY B 559 3.38 15.55 14.75
CA GLY B 559 4.77 15.95 14.93
C GLY B 559 5.68 15.41 13.84
N ARG B 560 5.39 14.18 13.36
CA ARG B 560 6.20 13.62 12.29
C ARG B 560 6.00 14.37 10.98
N THR B 561 4.76 14.71 10.64
CA THR B 561 4.53 15.45 9.39
C THR B 561 5.08 16.86 9.46
N VAL B 562 4.98 17.52 10.61
CA VAL B 562 5.56 18.85 10.74
C VAL B 562 7.08 18.80 10.68
N LYS B 563 7.67 17.72 11.21
CA LYS B 563 9.11 17.57 11.09
C LYS B 563 9.54 17.19 9.67
N ASP B 564 8.59 16.74 8.83
CA ASP B 564 8.98 16.32 7.49
C ASP B 564 8.63 17.37 6.44
N ILE B 565 7.88 18.42 6.82
CA ILE B 565 7.55 19.49 5.86
C ILE B 565 8.76 20.35 5.47
N PHE B 566 9.69 20.58 6.41
CA PHE B 566 10.69 21.66 6.25
C PHE B 566 11.67 21.40 5.12
N LYS B 567 11.94 20.12 4.82
CA LYS B 567 12.79 19.76 3.70
C LYS B 567 12.17 20.18 2.38
N PHE B 568 10.84 20.09 2.28
CA PHE B 568 10.14 20.56 1.09
C PHE B 568 10.05 22.08 1.09
N MET B 569 9.96 22.67 2.27
CA MET B 569 9.80 24.12 2.38
C MET B 569 11.03 24.87 1.90
N VAL B 570 12.22 24.33 2.19
CA VAL B 570 13.46 24.96 1.73
C VAL B 570 13.55 24.93 0.20
N LEU B 571 13.08 23.85 -0.41
CA LEU B 571 13.08 23.80 -1.88
C LEU B 571 12.01 24.71 -2.46
N PHE B 572 10.92 24.94 -1.72
CA PHE B 572 9.87 25.81 -2.25
C PHE B 572 10.28 27.27 -2.20
N ILE B 573 11.14 27.62 -1.23
CA ILE B 573 11.62 29.01 -1.08
C ILE B 573 12.43 29.44 -2.29
N MET B 574 13.17 28.52 -2.92
CA MET B 574 14.00 28.87 -4.06
C MET B 574 13.18 29.27 -5.28
N VAL B 575 12.13 28.49 -5.58
CA VAL B 575 11.26 28.78 -6.71
C VAL B 575 10.48 30.07 -6.44
N PHE B 576 10.00 30.23 -5.21
CA PHE B 576 9.30 31.45 -4.81
C PHE B 576 10.18 32.69 -4.98
N PHE B 577 11.46 32.58 -4.59
CA PHE B 577 12.38 33.71 -4.68
C PHE B 577 12.73 34.03 -6.12
N ALA B 578 12.87 33.00 -6.96
CA ALA B 578 13.11 33.19 -8.39
C ALA B 578 11.98 33.97 -9.05
N PHE B 579 10.75 33.54 -8.82
CA PHE B 579 9.63 34.20 -9.49
C PHE B 579 9.39 35.60 -8.94
N MET B 580 9.67 35.84 -7.66
CA MET B 580 9.45 37.19 -7.14
C MET B 580 10.51 38.17 -7.65
N ILE B 581 11.75 37.70 -7.83
CA ILE B 581 12.78 38.60 -8.37
C ILE B 581 12.50 38.92 -9.83
N GLY B 582 12.04 37.92 -10.60
CA GLY B 582 11.69 38.20 -12.00
C GLY B 582 10.51 39.14 -12.15
N MET B 583 9.45 38.91 -11.35
CA MET B 583 8.29 39.79 -11.39
C MET B 583 8.61 41.20 -10.91
N PHE B 584 9.60 41.35 -10.01
CA PHE B 584 9.97 42.69 -9.60
C PHE B 584 10.79 43.39 -10.67
N ILE B 585 11.69 42.67 -11.34
CA ILE B 585 12.52 43.29 -12.37
C ILE B 585 11.67 43.69 -13.58
N LEU B 586 10.56 42.97 -13.81
CA LEU B 586 9.74 43.30 -14.98
C LEU B 586 8.93 44.59 -14.76
N TYR B 587 8.11 44.65 -13.70
CA TYR B 587 7.12 45.71 -13.54
C TYR B 587 7.60 46.89 -12.71
N SER B 588 8.90 47.12 -12.59
CA SER B 588 9.35 48.12 -11.61
C SER B 588 9.24 49.53 -12.16
N TYR B 589 9.28 49.70 -13.47
CA TYR B 589 9.22 51.02 -14.06
C TYR B 589 7.80 51.53 -14.24
N TYR B 590 6.79 50.72 -13.97
CA TYR B 590 5.41 51.10 -14.22
C TYR B 590 4.63 51.39 -12.96
N LEU B 591 5.23 52.05 -11.97
CA LEU B 591 4.56 52.30 -10.70
C LEU B 591 3.39 53.27 -10.86
N GLY B 592 3.52 54.23 -11.75
CA GLY B 592 2.49 55.24 -11.88
C GLY B 592 1.26 54.77 -12.65
N ALA B 593 1.48 53.91 -13.65
CA ALA B 593 0.41 53.50 -14.54
C ALA B 593 0.19 52.00 -14.47
N LYS B 594 -0.59 51.56 -13.49
CA LYS B 594 -1.11 50.21 -13.43
C LYS B 594 -2.51 50.26 -12.86
N VAL B 595 -3.27 49.18 -13.09
CA VAL B 595 -4.60 49.06 -12.47
C VAL B 595 -4.45 48.80 -10.98
N ASN B 596 -3.60 47.86 -10.61
CA ASN B 596 -3.41 47.47 -9.23
C ASN B 596 -2.00 47.89 -8.79
N ALA B 597 -1.79 47.96 -7.48
CA ALA B 597 -0.50 48.42 -6.98
C ALA B 597 0.50 47.27 -6.81
N ALA B 598 0.20 46.10 -7.38
CA ALA B 598 1.05 44.94 -7.19
C ALA B 598 2.29 45.00 -8.07
N PHE B 599 3.35 44.33 -7.61
CA PHE B 599 4.62 44.02 -8.26
C PHE B 599 5.53 45.23 -8.37
N THR B 600 5.17 46.38 -7.80
CA THR B 600 5.94 47.59 -8.07
C THR B 600 7.02 47.81 -7.02
N THR B 601 7.02 47.00 -5.96
CA THR B 601 8.09 46.99 -4.99
C THR B 601 8.21 45.58 -4.43
N VAL B 602 9.34 45.32 -3.74
CA VAL B 602 9.72 43.96 -3.38
C VAL B 602 8.79 43.40 -2.31
N GLU B 603 8.38 44.27 -1.39
CA GLU B 603 7.45 43.90 -0.34
C GLU B 603 6.08 43.55 -0.93
N GLU B 604 5.63 44.29 -1.94
CA GLU B 604 4.33 44.06 -2.55
C GLU B 604 4.37 42.84 -3.47
N SER B 605 5.51 42.60 -4.12
CA SER B 605 5.63 41.41 -4.96
C SER B 605 5.68 40.14 -4.11
N PHE B 606 6.36 40.22 -2.96
CA PHE B 606 6.33 39.15 -1.97
C PHE B 606 4.91 38.88 -1.50
N LYS B 607 4.15 39.95 -1.25
CA LYS B 607 2.77 39.83 -0.79
C LYS B 607 1.90 39.14 -1.82
N THR B 608 1.99 39.55 -3.09
CA THR B 608 1.13 38.99 -4.12
C THR B 608 1.47 37.54 -4.41
N LEU B 609 2.78 37.21 -4.51
CA LEU B 609 3.15 35.83 -4.76
C LEU B 609 2.89 34.94 -3.55
N PHE B 610 2.81 35.50 -2.35
CA PHE B 610 2.45 34.66 -1.21
C PHE B 610 0.95 34.39 -1.19
N TRP B 611 0.13 35.42 -1.44
CA TRP B 611 -1.31 35.17 -1.35
C TRP B 611 -1.86 34.53 -2.61
N SER B 612 -1.03 34.35 -3.65
CA SER B 612 -1.54 33.69 -4.86
C SER B 612 -1.58 32.17 -4.70
N ILE B 613 -0.96 31.61 -3.66
CA ILE B 613 -0.99 30.16 -3.52
C ILE B 613 -2.21 29.72 -2.73
N PHE B 614 -2.96 30.67 -2.17
CA PHE B 614 -4.19 30.32 -1.48
C PHE B 614 -5.41 30.76 -2.27
N GLY B 615 -5.25 30.98 -3.56
CA GLY B 615 -6.36 31.39 -4.41
C GLY B 615 -6.99 32.68 -3.93
N LEU B 616 -6.17 33.59 -3.45
CA LEU B 616 -6.68 34.88 -2.98
C LEU B 616 -5.84 35.94 -3.64
N SER B 617 -6.00 36.05 -4.95
CA SER B 617 -5.27 37.01 -5.77
C SER B 617 -6.06 37.28 -7.02
N GLU B 618 -5.73 38.36 -7.70
CA GLU B 618 -6.44 38.75 -8.91
C GLU B 618 -5.57 38.55 -10.15
N VAL B 619 -6.21 38.35 -11.30
CA VAL B 619 -5.52 38.40 -12.57
C VAL B 619 -5.17 39.84 -12.91
N THR B 620 -6.00 40.77 -12.47
CA THR B 620 -5.87 42.15 -12.91
C THR B 620 -4.74 42.92 -12.22
N SER B 621 -3.87 42.23 -11.49
CA SER B 621 -2.62 42.85 -11.08
C SER B 621 -1.62 42.87 -12.23
N VAL B 622 -1.82 41.99 -13.21
CA VAL B 622 -0.88 41.85 -14.31
C VAL B 622 -1.12 42.92 -15.38
N VAL B 623 -2.38 43.31 -15.56
CA VAL B 623 -2.72 44.25 -16.63
C VAL B 623 -2.28 45.66 -16.26
N LEU B 624 -1.86 46.42 -17.27
CA LEU B 624 -1.42 47.80 -17.10
C LEU B 624 -2.19 48.71 -18.06
N LYS B 625 -1.89 50.01 -17.99
CA LYS B 625 -2.76 51.00 -18.63
C LYS B 625 -2.28 51.39 -20.03
N TYR B 626 -1.00 51.20 -20.32
CA TYR B 626 -0.46 51.64 -21.61
C TYR B 626 -0.63 50.53 -22.63
N ASP B 627 -0.04 50.66 -23.82
CA ASP B 627 -0.25 49.58 -24.79
C ASP B 627 0.66 48.41 -24.47
N HIS B 628 1.96 48.59 -24.76
CA HIS B 628 3.13 47.76 -24.36
C HIS B 628 2.81 46.29 -24.13
N LYS B 629 2.16 45.67 -25.12
CA LYS B 629 1.50 44.39 -24.92
C LYS B 629 2.50 43.25 -24.74
N PHE B 630 3.74 43.45 -25.20
CA PHE B 630 4.80 42.47 -25.01
C PHE B 630 5.08 42.25 -23.53
N ILE B 631 5.17 43.33 -22.77
CA ILE B 631 5.36 43.29 -21.32
C ILE B 631 4.22 42.56 -20.64
N GLU B 632 2.98 42.85 -21.03
CA GLU B 632 1.82 42.26 -20.39
C GLU B 632 1.70 40.76 -20.70
N ASN B 633 2.07 40.35 -21.91
CA ASN B 633 1.99 38.93 -22.23
C ASN B 633 3.09 38.15 -21.53
N ILE B 634 4.28 38.74 -21.37
CA ILE B 634 5.33 38.07 -20.59
C ILE B 634 4.90 37.95 -19.12
N GLY B 635 4.18 38.96 -18.63
CA GLY B 635 3.65 38.87 -17.27
C GLY B 635 2.63 37.76 -17.08
N TYR B 636 1.69 37.62 -18.03
CA TYR B 636 0.71 36.52 -17.96
C TYR B 636 1.39 35.16 -18.02
N VAL B 637 2.40 35.02 -18.89
CA VAL B 637 3.06 33.73 -19.07
C VAL B 637 3.83 33.33 -17.82
N LEU B 638 4.57 34.27 -17.22
CA LEU B 638 5.35 33.94 -16.02
C LEU B 638 4.45 33.65 -14.84
N TYR B 639 3.32 34.37 -14.73
CA TYR B 639 2.41 34.12 -13.62
C TYR B 639 1.71 32.76 -13.76
N GLY B 640 1.44 32.35 -15.00
CA GLY B 640 0.89 31.02 -15.21
C GLY B 640 1.86 29.90 -14.91
N ILE B 641 3.14 30.10 -15.29
CA ILE B 641 4.17 29.11 -14.97
C ILE B 641 4.36 28.97 -13.46
N TYR B 642 4.23 30.08 -12.73
CA TYR B 642 4.30 30.02 -11.27
C TYR B 642 3.13 29.22 -10.68
N ASN B 643 1.91 29.48 -11.16
CA ASN B 643 0.75 28.76 -10.61
C ASN B 643 0.77 27.28 -10.97
N VAL B 644 1.45 26.89 -12.04
CA VAL B 644 1.57 25.46 -12.33
C VAL B 644 2.66 24.82 -11.47
N THR B 645 3.78 25.53 -11.28
CA THR B 645 4.92 24.99 -10.55
C THR B 645 4.60 24.72 -9.09
N MET B 646 3.81 25.62 -8.46
CA MET B 646 3.46 25.43 -7.06
C MET B 646 2.59 24.18 -6.85
N VAL B 647 1.70 23.90 -7.81
CA VAL B 647 0.84 22.72 -7.72
C VAL B 647 1.66 21.45 -7.90
N VAL B 648 2.64 21.47 -8.80
CA VAL B 648 3.51 20.31 -9.01
C VAL B 648 4.32 20.00 -7.74
N VAL B 649 4.89 21.04 -7.16
CA VAL B 649 5.69 20.87 -5.95
C VAL B 649 4.80 20.34 -4.84
N LEU B 650 3.58 20.85 -4.75
CA LEU B 650 2.62 20.41 -3.74
C LEU B 650 2.28 18.94 -3.94
N LEU B 651 2.11 18.54 -5.19
CA LEU B 651 1.79 17.15 -5.50
C LEU B 651 2.92 16.22 -5.08
N ASN B 652 4.14 16.65 -5.31
CA ASN B 652 5.31 15.86 -4.97
C ASN B 652 5.38 15.63 -3.46
N MET B 653 5.07 16.68 -2.70
CA MET B 653 5.07 16.63 -1.24
C MET B 653 4.10 15.58 -0.70
N LEU B 654 2.87 15.59 -1.23
CA LEU B 654 1.84 14.64 -0.79
C LEU B 654 2.24 13.19 -1.07
N ILE B 655 2.79 12.93 -2.26
CA ILE B 655 3.15 11.56 -2.60
C ILE B 655 4.32 11.06 -1.75
N ALA B 656 5.27 11.95 -1.45
CA ALA B 656 6.40 11.55 -0.62
C ALA B 656 5.97 11.24 0.81
N MET B 657 4.92 11.94 1.26
CA MET B 657 4.30 11.73 2.59
C MET B 657 3.72 10.31 2.63
N ILE B 658 3.16 9.84 1.52
CA ILE B 658 2.56 8.46 1.51
C ILE B 658 3.67 7.42 1.75
N ASN B 659 4.86 7.64 1.20
CA ASN B 659 5.97 6.65 1.38
C ASN B 659 6.20 6.41 2.87
N SER B 660 6.12 7.45 3.69
CA SER B 660 6.36 7.29 5.15
C SER B 660 5.32 6.36 5.76
N SER B 661 4.05 6.46 5.38
CA SER B 661 3.01 5.58 5.96
C SER B 661 3.31 4.12 5.60
N TYR B 662 3.69 3.84 4.36
CA TYR B 662 4.01 2.44 3.95
C TYR B 662 5.21 1.97 4.78
N GLN B 663 6.19 2.85 4.98
CA GLN B 663 7.40 2.54 5.79
C GLN B 663 7.00 2.26 7.24
N GLU B 664 6.01 2.98 7.77
CA GLU B 664 5.55 2.82 9.17
C GLU B 664 5.04 1.39 9.39
N ILE B 665 4.33 0.82 8.42
CA ILE B 665 3.79 -0.57 8.48
C ILE B 665 2.85 -0.72 9.70
N GLU B 666 3.05 -1.74 10.52
CA GLU B 666 2.15 -2.01 11.67
C GLU B 666 2.96 -2.26 12.95
N ASP B 667 2.30 -2.20 14.10
CA ASP B 667 2.89 -2.41 15.43
C ASP B 667 4.00 -1.43 15.79
N ASP B 668 3.81 -0.17 15.42
CA ASP B 668 4.77 0.89 15.72
C ASP B 668 4.10 2.16 16.25
N SER B 669 2.94 2.52 15.71
CA SER B 669 2.23 3.72 16.22
C SER B 669 1.87 3.48 17.70
N ASP B 670 1.44 2.27 18.02
CA ASP B 670 1.08 1.86 19.38
C ASP B 670 2.31 1.93 20.28
N VAL B 671 3.45 1.51 19.73
CA VAL B 671 4.73 1.51 20.42
C VAL B 671 5.25 2.92 20.57
N GLU B 672 5.20 3.70 19.48
CA GLU B 672 5.70 5.07 19.50
C GLU B 672 4.90 5.92 20.47
N TRP B 673 3.57 5.73 20.51
CA TRP B 673 2.74 6.49 21.42
C TRP B 673 3.05 6.14 22.86
N LYS B 674 3.33 4.86 23.14
CA LYS B 674 3.66 4.48 24.51
C LYS B 674 4.96 5.13 24.94
N PHE B 675 5.91 5.24 24.01
CA PHE B 675 7.19 5.85 24.36
C PHE B 675 7.05 7.35 24.53
N ALA B 676 5.96 7.93 24.02
CA ALA B 676 5.65 9.30 24.40
C ALA B 676 5.24 9.37 25.86
N ARG B 677 4.20 8.62 26.26
CA ARG B 677 3.50 8.95 27.50
C ARG B 677 4.34 8.59 28.71
N SER B 678 5.19 7.57 28.58
CA SER B 678 6.01 7.14 29.68
C SER B 678 7.07 8.17 29.99
N LYS B 679 7.57 8.84 28.93
CA LYS B 679 8.49 9.95 29.11
C LYS B 679 7.83 11.05 29.95
N LEU B 680 6.56 11.34 29.64
CA LEU B 680 5.78 12.30 30.40
C LEU B 680 5.64 11.87 31.85
N TRP B 681 5.40 10.57 32.08
CA TRP B 681 5.25 10.08 33.44
C TRP B 681 6.55 10.22 34.22
N LEU B 682 7.68 10.04 33.54
CA LEU B 682 8.95 10.09 34.25
C LEU B 682 9.36 11.53 34.54
N SER B 683 8.60 12.50 34.03
CA SER B 683 8.85 13.87 34.45
C SER B 683 8.34 14.13 35.86
N TYR B 684 7.33 13.37 36.29
CA TYR B 684 6.75 13.60 37.62
C TYR B 684 7.18 12.67 38.74
N PHE B 685 7.77 11.52 38.43
CA PHE B 685 8.18 10.59 39.47
C PHE B 685 9.22 11.20 40.39
N ASP B 686 10.12 11.99 39.81
CA ASP B 686 11.20 12.62 40.57
C ASP B 686 10.68 13.60 41.61
N ASP B 687 11.35 13.62 42.77
CA ASP B 687 10.99 14.51 43.87
C ASP B 687 9.50 14.45 44.20
N ASN B 758 32.93 -16.62 46.75
CA ASN B 758 32.29 -16.18 47.99
C ASN B 758 30.81 -16.56 47.99
N GLN B 759 29.98 -15.67 48.54
CA GLN B 759 28.54 -15.84 48.53
C GLN B 759 27.92 -14.73 47.71
N PRO B 760 27.28 -15.05 46.56
CA PRO B 760 26.73 -14.00 45.70
C PRO B 760 25.51 -13.32 46.28
N THR B 761 25.17 -12.15 45.76
CA THR B 761 23.99 -11.44 46.23
C THR B 761 22.72 -12.10 45.69
N ARG B 762 21.58 -11.53 46.12
CA ARG B 762 20.29 -12.01 45.61
C ARG B 762 20.12 -11.63 44.14
N TYR B 763 20.61 -10.44 43.77
CA TYR B 763 20.51 -9.92 42.42
C TYR B 763 21.21 -10.82 41.41
N GLN B 764 22.39 -11.33 41.76
CA GLN B 764 23.13 -12.13 40.81
C GLN B 764 22.52 -13.52 40.66
N GLN B 765 21.86 -14.02 41.70
CA GLN B 765 21.12 -15.28 41.58
C GLN B 765 19.93 -15.12 40.64
N ILE B 766 19.19 -14.02 40.78
CA ILE B 766 18.04 -13.76 39.90
C ILE B 766 18.50 -13.60 38.45
N MET B 767 19.59 -12.87 38.24
CA MET B 767 20.08 -12.64 36.89
C MET B 767 20.62 -13.94 36.27
N LYS B 768 21.24 -14.79 37.09
CA LYS B 768 21.72 -16.08 36.60
C LYS B 768 20.58 -16.97 36.16
N ARG B 769 19.47 -16.95 36.91
CA ARG B 769 18.29 -17.74 36.54
C ARG B 769 17.69 -17.24 35.23
N LEU B 770 17.63 -15.91 35.04
CA LEU B 770 17.06 -15.36 33.81
C LEU B 770 17.90 -15.71 32.59
N ILE B 771 19.23 -15.60 32.70
CA ILE B 771 20.09 -15.89 31.56
C ILE B 771 20.07 -17.38 31.24
N LYS B 772 19.94 -18.24 32.26
CA LYS B 772 19.80 -19.67 32.01
C LYS B 772 18.52 -19.99 31.24
N ARG B 773 17.41 -19.33 31.60
CA ARG B 773 16.17 -19.57 30.87
C ARG B 773 16.25 -19.06 29.43
N TYR B 774 16.97 -17.95 29.20
CA TYR B 774 17.11 -17.44 27.83
C TYR B 774 17.93 -18.39 26.97
N VAL B 775 19.01 -18.95 27.52
CA VAL B 775 19.84 -19.88 26.75
C VAL B 775 19.06 -21.15 26.43
N LEU B 776 18.29 -21.65 27.40
CA LEU B 776 17.50 -22.86 27.15
C LEU B 776 16.42 -22.64 26.10
N LYS B 777 15.73 -21.50 26.14
CA LYS B 777 14.69 -21.21 25.14
C LYS B 777 15.30 -21.05 23.74
N ALA B 778 16.49 -20.44 23.66
CA ALA B 778 17.15 -20.28 22.37
C ALA B 778 17.58 -21.63 21.79
N GLN B 779 18.07 -22.53 22.64
CA GLN B 779 18.48 -23.84 22.14
C GLN B 779 17.29 -24.70 21.73
N VAL B 780 16.17 -24.58 22.45
CA VAL B 780 14.96 -25.31 22.06
C VAL B 780 14.43 -24.81 20.72
N ASP B 781 14.44 -23.48 20.51
CA ASP B 781 13.96 -22.95 19.24
C ASP B 781 14.91 -23.29 18.09
N LYS B 782 16.22 -23.37 18.38
CA LYS B 782 17.17 -23.74 17.34
C LYS B 782 17.08 -25.22 16.99
N GLU B 783 16.76 -26.06 17.98
CA GLU B 783 16.60 -27.49 17.71
C GLU B 783 15.31 -27.76 16.94
N ASN B 784 14.23 -27.06 17.29
CA ASN B 784 12.96 -27.26 16.58
C ASN B 784 12.94 -26.51 15.25
N ASP B 785 13.97 -25.69 14.98
CA ASP B 785 14.06 -25.03 13.69
C ASP B 785 14.47 -26.02 12.58
N GLU B 786 15.16 -27.10 12.95
CA GLU B 786 15.59 -28.13 11.99
C GLU B 786 15.48 -29.50 12.68
N VAL B 787 14.42 -30.23 12.35
CA VAL B 787 14.12 -31.47 13.07
C VAL B 787 14.65 -32.69 12.33
N ASN B 788 14.61 -32.66 10.99
CA ASN B 788 14.84 -33.89 10.22
C ASN B 788 16.32 -34.23 10.11
N GLU B 789 17.19 -33.20 10.15
CA GLU B 789 18.61 -33.41 9.85
C GLU B 789 19.31 -34.20 10.95
N GLY B 790 18.92 -33.97 12.21
CA GLY B 790 19.53 -34.72 13.30
C GLY B 790 19.13 -36.18 13.28
N GLU B 791 17.87 -36.45 12.95
CA GLU B 791 17.41 -37.83 12.85
C GLU B 791 18.04 -38.54 11.66
N LEU B 792 18.25 -37.83 10.55
CA LEU B 792 18.90 -38.45 9.40
C LEU B 792 20.38 -38.72 9.66
N LYS B 793 21.06 -37.79 10.35
CA LYS B 793 22.45 -38.03 10.74
C LYS B 793 22.55 -39.19 11.73
N GLU B 794 21.59 -39.29 12.66
CA GLU B 794 21.59 -40.38 13.63
C GLU B 794 21.34 -41.72 12.97
N ILE B 795 20.45 -41.77 11.99
CA ILE B 795 20.17 -43.05 11.35
C ILE B 795 21.26 -43.41 10.34
N LYS B 796 21.99 -42.40 9.86
CA LYS B 796 23.19 -42.69 9.07
C LYS B 796 24.29 -43.28 9.94
N GLN B 797 24.47 -42.74 11.15
CA GLN B 797 25.45 -43.29 12.08
C GLN B 797 25.02 -44.67 12.57
N ASP B 798 23.71 -44.92 12.66
CA ASP B 798 23.24 -46.26 13.01
C ASP B 798 23.44 -47.24 11.86
N ILE B 799 23.31 -46.76 10.62
CA ILE B 799 23.56 -47.60 9.45
C ILE B 799 25.04 -47.90 9.34
N SER B 800 25.90 -47.01 9.85
CA SER B 800 27.33 -47.30 9.92
C SER B 800 27.61 -48.48 10.86
N SER B 801 26.93 -48.52 12.00
CA SER B 801 27.10 -49.65 12.93
C SER B 801 26.48 -50.92 12.37
N LEU B 802 25.38 -50.78 11.63
CA LEU B 802 24.77 -51.93 10.98
C LEU B 802 25.65 -52.48 9.86
N ARG B 803 26.43 -51.62 9.21
CA ARG B 803 27.39 -52.09 8.23
C ARG B 803 28.61 -52.70 8.91
N TYR B 804 28.96 -52.20 10.09
CA TYR B 804 30.10 -52.75 10.82
C TYR B 804 29.77 -54.12 11.40
N GLU B 805 28.51 -54.35 11.78
CA GLU B 805 28.16 -55.62 12.43
C GLU B 805 27.85 -56.70 11.41
N LEU B 806 27.20 -56.35 10.31
CA LEU B 806 26.80 -57.32 9.31
C LEU B 806 27.97 -57.80 8.46
N THR C 22 0.85 -54.43 -25.81
CA THR C 22 1.70 -55.47 -25.24
C THR C 22 2.32 -56.32 -26.34
N SER C 23 3.23 -55.71 -27.09
CA SER C 23 3.88 -56.43 -28.20
C SER C 23 5.09 -57.21 -27.72
N LEU C 24 5.60 -56.90 -26.53
CA LEU C 24 6.86 -57.47 -26.08
C LEU C 24 6.69 -58.91 -25.61
N THR C 25 7.78 -59.68 -25.71
CA THR C 25 7.82 -61.07 -25.28
C THR C 25 8.16 -61.18 -23.79
N ALA C 26 8.44 -62.40 -23.33
CA ALA C 26 8.71 -62.60 -21.91
C ALA C 26 10.18 -62.35 -21.58
N GLU C 27 11.07 -62.64 -22.54
CA GLU C 27 12.48 -62.26 -22.38
C GLU C 27 12.63 -60.75 -22.36
N GLU C 28 11.80 -60.05 -23.13
CA GLU C 28 11.78 -58.59 -23.13
C GLU C 28 11.41 -58.04 -21.75
N GLU C 29 10.40 -58.62 -21.11
CA GLU C 29 10.01 -58.16 -19.77
C GLU C 29 11.06 -58.53 -18.74
N ARG C 30 11.65 -59.71 -18.84
CA ARG C 30 12.66 -60.18 -17.90
C ARG C 30 13.97 -59.41 -18.06
N PHE C 31 14.15 -58.78 -19.21
CA PHE C 31 15.25 -57.86 -19.44
C PHE C 31 14.94 -56.44 -18.96
N LEU C 32 13.78 -55.91 -19.34
CA LEU C 32 13.37 -54.56 -18.99
C LEU C 32 13.20 -54.29 -17.50
N ASP C 33 12.61 -55.24 -16.78
CA ASP C 33 12.41 -55.06 -15.33
C ASP C 33 13.73 -55.18 -14.58
N ALA C 34 14.61 -56.07 -15.04
CA ALA C 34 15.92 -56.21 -14.43
C ALA C 34 16.80 -54.99 -14.73
N ALA C 35 16.59 -54.35 -15.87
CA ALA C 35 17.30 -53.11 -16.16
C ALA C 35 16.77 -51.97 -15.30
N GLU C 36 15.45 -51.84 -15.18
CA GLU C 36 14.86 -50.70 -14.48
C GLU C 36 14.97 -50.85 -12.97
N TYR C 37 15.30 -52.04 -12.48
CA TYR C 37 15.51 -52.22 -11.05
C TYR C 37 16.98 -52.21 -10.67
N GLY C 38 17.89 -52.46 -11.60
CA GLY C 38 19.31 -52.35 -11.31
C GLY C 38 19.96 -53.67 -10.91
N ASN C 39 19.47 -54.77 -11.46
CA ASN C 39 20.06 -56.08 -11.20
C ASN C 39 21.26 -56.30 -12.11
N ILE C 40 22.45 -56.05 -11.58
CA ILE C 40 23.68 -56.27 -12.37
C ILE C 40 23.87 -57.72 -12.80
N PRO C 41 23.66 -58.78 -11.94
CA PRO C 41 23.78 -60.14 -12.49
C PRO C 41 22.69 -60.53 -13.48
N VAL C 42 21.45 -60.09 -13.27
CA VAL C 42 20.35 -60.52 -14.12
C VAL C 42 20.42 -59.86 -15.49
N VAL C 43 21.10 -58.72 -15.59
CA VAL C 43 21.29 -58.07 -16.88
C VAL C 43 22.58 -58.54 -17.53
N ARG C 44 23.62 -58.76 -16.70
CA ARG C 44 24.89 -59.29 -17.20
C ARG C 44 24.72 -60.67 -17.80
N LYS C 45 23.89 -61.51 -17.17
CA LYS C 45 23.66 -62.86 -17.67
C LYS C 45 22.88 -62.84 -18.98
N MET C 46 21.96 -61.90 -19.14
CA MET C 46 21.16 -61.87 -20.37
C MET C 46 21.94 -61.26 -21.54
N LEU C 47 22.87 -60.35 -21.25
CA LEU C 47 23.75 -59.89 -22.32
C LEU C 47 24.84 -60.92 -22.62
N GLU C 48 25.23 -61.71 -21.62
CA GLU C 48 26.25 -62.74 -21.86
C GLU C 48 25.66 -63.95 -22.56
N GLU C 49 24.34 -64.15 -22.42
CA GLU C 49 23.68 -65.27 -23.09
C GLU C 49 23.67 -65.07 -24.60
N SER C 50 23.44 -63.83 -25.05
CA SER C 50 23.64 -63.39 -26.43
C SER C 50 22.73 -64.13 -27.42
N LYS C 51 21.55 -64.53 -26.96
CA LYS C 51 20.63 -65.33 -27.76
C LYS C 51 19.25 -64.69 -27.76
N THR C 52 18.79 -64.32 -28.97
CA THR C 52 17.42 -63.83 -29.22
C THR C 52 17.09 -62.58 -28.41
N LEU C 53 17.93 -61.56 -28.53
CA LEU C 53 17.76 -60.33 -27.77
C LEU C 53 18.11 -59.13 -28.64
N ASN C 54 17.15 -58.24 -28.83
CA ASN C 54 17.38 -56.94 -29.45
C ASN C 54 17.52 -55.90 -28.35
N VAL C 55 18.56 -55.07 -28.46
CA VAL C 55 18.81 -54.07 -27.42
C VAL C 55 17.76 -52.98 -27.46
N ASN C 56 17.20 -52.71 -28.62
CA ASN C 56 16.08 -51.79 -28.77
C ASN C 56 14.80 -52.51 -28.34
N CYS C 57 13.89 -51.77 -27.70
CA CYS C 57 12.61 -52.30 -27.27
C CYS C 57 11.66 -51.16 -26.97
N VAL C 58 10.40 -51.53 -26.69
CA VAL C 58 9.34 -50.54 -26.32
C VAL C 58 8.57 -51.10 -25.13
N ASP C 59 8.52 -50.35 -24.02
CA ASP C 59 7.76 -50.77 -22.82
C ASP C 59 6.89 -49.59 -22.37
N TYR C 60 5.60 -49.82 -22.09
CA TYR C 60 4.71 -48.72 -21.64
C TYR C 60 4.75 -47.60 -22.69
N MET C 61 5.24 -46.43 -22.27
CA MET C 61 5.37 -45.21 -23.12
C MET C 61 6.30 -45.46 -24.31
N GLY C 62 7.33 -46.30 -24.15
CA GLY C 62 8.29 -46.58 -25.24
C GLY C 62 9.72 -46.43 -24.77
N GLN C 63 10.00 -46.92 -23.55
CA GLN C 63 11.34 -46.86 -22.92
C GLN C 63 12.35 -47.75 -23.65
N ASN C 64 13.61 -47.32 -23.60
CA ASN C 64 14.83 -47.91 -24.13
C ASN C 64 15.48 -48.68 -23.00
N ALA C 65 16.67 -49.21 -23.28
CA ALA C 65 17.49 -49.74 -22.19
C ALA C 65 18.13 -48.60 -21.42
N LEU C 66 18.85 -47.71 -22.12
CA LEU C 66 19.55 -46.60 -21.49
C LEU C 66 18.58 -45.58 -20.90
N GLN C 67 17.40 -45.40 -21.50
CA GLN C 67 16.45 -44.42 -20.98
C GLN C 67 15.88 -44.83 -19.63
N LEU C 68 15.68 -46.13 -19.49
CA LEU C 68 15.28 -46.75 -18.23
C LEU C 68 16.42 -46.81 -17.18
N ALA C 69 17.65 -47.06 -17.67
CA ALA C 69 18.80 -47.27 -16.81
C ALA C 69 19.39 -45.96 -16.31
N VAL C 70 19.11 -44.85 -16.99
CA VAL C 70 19.66 -43.56 -16.57
C VAL C 70 18.61 -42.78 -15.77
N GLY C 71 17.33 -43.07 -15.99
CA GLY C 71 16.27 -42.36 -15.29
C GLY C 71 16.25 -42.59 -13.79
N ASN C 72 16.82 -43.70 -13.35
CA ASN C 72 17.22 -43.92 -11.97
C ASN C 72 18.69 -44.29 -12.02
N GLU C 73 19.51 -43.65 -11.19
CA GLU C 73 20.96 -43.59 -11.39
C GLU C 73 21.65 -44.93 -11.17
N HIS C 74 21.73 -45.74 -12.23
CA HIS C 74 22.40 -47.04 -12.19
C HIS C 74 23.62 -47.03 -13.10
N LEU C 75 24.76 -46.66 -12.52
CA LEU C 75 26.02 -46.53 -13.26
C LEU C 75 26.57 -47.88 -13.67
N GLU C 76 26.39 -48.90 -12.82
CA GLU C 76 26.92 -50.23 -13.13
C GLU C 76 26.19 -50.86 -14.30
N VAL C 77 24.89 -50.59 -14.44
CA VAL C 77 24.15 -51.06 -15.61
C VAL C 77 24.55 -50.27 -16.85
N THR C 78 24.82 -48.97 -16.67
CA THR C 78 25.09 -48.09 -17.80
C THR C 78 26.46 -48.36 -18.39
N GLU C 79 27.41 -48.79 -17.56
CA GLU C 79 28.69 -49.26 -18.07
C GLU C 79 28.57 -50.53 -18.90
N LEU C 80 27.57 -51.36 -18.64
CA LEU C 80 27.34 -52.60 -19.37
C LEU C 80 26.53 -52.42 -20.64
N LEU C 81 25.54 -51.53 -20.63
CA LEU C 81 24.70 -51.35 -21.81
C LEU C 81 25.44 -50.67 -22.95
N LEU C 82 26.48 -49.90 -22.64
CA LEU C 82 27.23 -49.23 -23.70
C LEU C 82 28.30 -50.13 -24.30
N LYS C 83 28.45 -51.35 -23.75
CA LYS C 83 29.42 -52.30 -24.28
C LYS C 83 29.00 -52.77 -25.66
N LYS C 84 27.69 -52.96 -25.88
CA LYS C 84 27.19 -53.32 -27.20
C LYS C 84 27.32 -52.13 -28.14
N GLU C 85 27.27 -52.42 -29.45
CA GLU C 85 27.59 -51.40 -30.43
C GLU C 85 26.38 -50.54 -30.76
N ASN C 86 25.20 -51.15 -30.90
CA ASN C 86 24.05 -50.49 -31.48
C ASN C 86 23.04 -50.12 -30.41
N LEU C 87 23.08 -48.85 -29.99
CA LEU C 87 21.99 -48.24 -29.24
C LEU C 87 21.59 -47.00 -30.01
N ALA C 88 20.30 -46.83 -30.23
CA ALA C 88 19.82 -45.80 -31.13
C ALA C 88 19.36 -44.55 -30.41
N ARG C 89 19.45 -44.52 -29.08
CA ARG C 89 18.93 -43.40 -28.34
C ARG C 89 19.91 -42.90 -27.30
N ILE C 90 21.14 -42.67 -27.68
CA ILE C 90 22.09 -42.17 -26.70
C ILE C 90 22.07 -40.64 -26.57
N GLY C 91 21.13 -39.98 -27.24
CA GLY C 91 21.14 -38.54 -27.23
C GLY C 91 20.18 -38.07 -26.18
N ASP C 92 19.16 -38.89 -25.94
CA ASP C 92 18.13 -38.51 -24.97
C ASP C 92 18.51 -38.98 -23.58
N ALA C 93 19.34 -40.02 -23.50
CA ALA C 93 19.99 -40.32 -22.23
C ALA C 93 20.95 -39.20 -21.85
N LEU C 94 21.60 -38.60 -22.83
CA LEU C 94 22.53 -37.52 -22.56
C LEU C 94 21.80 -36.26 -22.10
N LEU C 95 20.69 -35.91 -22.76
CA LEU C 95 19.90 -34.76 -22.33
C LEU C 95 19.20 -35.02 -21.00
N LEU C 96 18.78 -36.27 -20.75
CA LEU C 96 18.15 -36.57 -19.47
C LEU C 96 19.16 -36.60 -18.34
N ALA C 97 20.42 -36.95 -18.65
CA ALA C 97 21.45 -36.94 -17.62
C ALA C 97 21.92 -35.54 -17.30
N ILE C 98 22.03 -34.67 -18.32
CA ILE C 98 22.39 -33.28 -18.06
C ILE C 98 21.23 -32.56 -17.39
N SER C 99 20.00 -32.96 -17.68
CA SER C 99 18.83 -32.38 -17.02
C SER C 99 18.81 -32.72 -15.54
N LYS C 100 19.33 -33.88 -15.18
CA LYS C 100 19.54 -34.19 -13.78
C LYS C 100 20.95 -33.80 -13.36
N GLY C 101 21.31 -34.18 -12.13
CA GLY C 101 22.58 -33.72 -11.59
C GLY C 101 23.75 -34.64 -11.87
N TYR C 102 23.44 -35.82 -12.43
CA TYR C 102 24.44 -36.91 -12.59
C TYR C 102 25.67 -36.42 -13.37
N VAL C 103 26.85 -36.77 -12.88
CA VAL C 103 28.09 -36.37 -13.55
C VAL C 103 28.85 -37.58 -14.10
N ARG C 104 28.98 -38.64 -13.31
CA ARG C 104 29.75 -39.81 -13.75
C ARG C 104 29.05 -40.54 -14.89
N ILE C 105 27.72 -40.50 -14.90
CA ILE C 105 26.95 -41.06 -16.01
C ILE C 105 27.23 -40.27 -17.29
N VAL C 106 27.36 -38.94 -17.16
CA VAL C 106 27.69 -38.09 -18.30
C VAL C 106 29.12 -38.38 -18.78
N GLU C 107 30.02 -38.66 -17.84
CA GLU C 107 31.38 -39.04 -18.22
C GLU C 107 31.39 -40.39 -18.95
N ALA C 108 30.50 -41.29 -18.56
CA ALA C 108 30.41 -42.58 -19.25
C ALA C 108 29.83 -42.41 -20.66
N ILE C 109 28.82 -41.56 -20.81
CA ILE C 109 28.19 -41.36 -22.12
C ILE C 109 29.14 -40.62 -23.06
N LEU C 110 29.87 -39.63 -22.55
CA LEU C 110 30.87 -38.96 -23.38
C LEU C 110 32.07 -39.85 -23.63
N ASN C 111 32.28 -40.88 -22.79
CA ASN C 111 33.37 -41.81 -23.04
C ASN C 111 33.06 -42.77 -24.18
N HIS C 112 31.83 -42.79 -24.68
CA HIS C 112 31.47 -43.66 -25.77
C HIS C 112 32.17 -43.23 -27.06
N PRO C 113 32.67 -44.18 -27.87
CA PRO C 113 33.48 -43.78 -29.03
C PRO C 113 32.67 -43.26 -30.21
N GLY C 114 31.47 -43.80 -30.43
CA GLY C 114 30.68 -43.37 -31.58
C GLY C 114 30.11 -41.98 -31.40
N PHE C 115 29.87 -41.59 -30.15
CA PHE C 115 29.35 -40.25 -29.87
C PHE C 115 30.44 -39.21 -30.01
N ALA C 116 31.70 -39.60 -29.79
CA ALA C 116 32.76 -38.61 -29.58
C ALA C 116 33.38 -38.13 -30.89
N ALA C 117 33.55 -39.03 -31.86
CA ALA C 117 34.36 -38.70 -33.03
C ALA C 117 33.52 -38.09 -34.15
N SER C 118 32.77 -37.05 -33.81
CA SER C 118 31.95 -36.33 -34.78
C SER C 118 31.59 -34.95 -34.25
N LYS C 119 30.84 -34.18 -35.04
CA LYS C 119 30.32 -32.89 -34.58
C LYS C 119 28.91 -33.04 -34.02
N ARG C 120 28.79 -33.96 -33.04
CA ARG C 120 27.49 -34.23 -32.45
C ARG C 120 27.23 -33.32 -31.25
N LEU C 121 28.30 -32.89 -30.58
CA LEU C 121 28.17 -31.98 -29.46
C LEU C 121 27.61 -30.69 -30.04
N THR C 122 28.30 -30.19 -31.08
CA THR C 122 28.01 -28.87 -31.70
C THR C 122 26.66 -28.76 -32.41
N LEU C 123 26.26 -29.77 -33.19
CA LEU C 123 25.02 -29.67 -34.01
C LEU C 123 23.73 -29.77 -33.18
N SER C 124 22.73 -28.96 -33.55
CA SER C 124 21.37 -29.01 -32.94
C SER C 124 20.69 -30.27 -33.50
N PRO C 125 19.74 -30.94 -32.80
CA PRO C 125 19.21 -32.19 -33.33
C PRO C 125 18.52 -31.95 -34.67
N CYS C 126 17.80 -30.82 -34.80
CA CYS C 126 17.11 -30.52 -36.05
C CYS C 126 18.09 -30.18 -37.18
N GLU C 127 19.14 -29.42 -36.84
CA GLU C 127 20.14 -29.01 -37.83
C GLU C 127 21.35 -29.95 -37.85
N GLN C 128 21.27 -31.03 -37.10
CA GLN C 128 22.38 -31.98 -37.01
C GLN C 128 22.75 -32.65 -38.32
N GLU C 129 21.74 -33.00 -39.12
CA GLU C 129 21.99 -33.66 -40.39
C GLU C 129 20.73 -33.47 -41.23
N LEU C 130 20.53 -34.34 -42.23
CA LEU C 130 19.18 -34.58 -42.72
C LEU C 130 18.27 -35.09 -41.61
N GLN C 131 18.85 -35.75 -40.59
CA GLN C 131 18.27 -36.04 -39.28
C GLN C 131 17.14 -37.05 -39.35
N ASP C 132 17.26 -38.04 -40.24
CA ASP C 132 16.28 -39.11 -40.29
C ASP C 132 16.57 -40.16 -39.21
N ASP C 133 17.76 -40.10 -38.60
CA ASP C 133 18.10 -41.03 -37.55
C ASP C 133 17.34 -40.70 -36.28
N ASP C 134 17.22 -41.69 -35.40
CA ASP C 134 16.52 -41.55 -34.13
C ASP C 134 17.45 -41.13 -32.99
N PHE C 135 18.54 -40.45 -33.33
CA PHE C 135 19.59 -40.10 -32.35
C PHE C 135 19.08 -39.19 -31.23
N TYR C 136 18.29 -38.16 -31.56
CA TYR C 136 17.80 -37.25 -30.49
C TYR C 136 16.33 -37.53 -30.17
N ALA C 137 15.77 -38.51 -30.88
CA ALA C 137 14.34 -38.90 -30.82
C ALA C 137 13.95 -39.45 -29.46
N TYR C 138 12.78 -39.03 -28.98
CA TYR C 138 12.20 -39.48 -27.69
C TYR C 138 10.83 -40.08 -28.03
N ASP C 139 10.55 -41.30 -27.57
CA ASP C 139 9.26 -41.94 -27.94
C ASP C 139 9.16 -41.92 -29.47
N GLU C 140 8.05 -41.44 -30.03
CA GLU C 140 7.97 -41.35 -31.51
C GLU C 140 7.59 -39.94 -31.96
N ASP C 141 6.78 -39.23 -31.17
CA ASP C 141 6.24 -37.90 -31.58
C ASP C 141 7.31 -36.80 -31.73
N GLY C 142 8.22 -36.63 -30.77
CA GLY C 142 9.19 -35.53 -30.89
C GLY C 142 10.35 -35.59 -29.91
N THR C 143 11.37 -34.76 -30.12
CA THR C 143 12.56 -34.71 -29.22
C THR C 143 12.14 -34.21 -27.82
N ARG C 144 12.82 -34.72 -26.79
CA ARG C 144 12.53 -34.40 -25.40
C ARG C 144 12.20 -32.92 -25.23
N PHE C 145 13.13 -32.05 -25.60
CA PHE C 145 12.97 -30.61 -25.49
C PHE C 145 12.74 -30.03 -26.87
N SER C 146 12.85 -28.70 -26.96
CA SER C 146 12.82 -27.96 -28.22
C SER C 146 13.93 -28.46 -29.14
N PRO C 147 13.73 -28.46 -30.45
CA PRO C 147 14.78 -29.01 -31.33
C PRO C 147 15.96 -28.08 -31.52
N ASP C 148 15.93 -26.87 -30.96
CA ASP C 148 17.06 -25.96 -31.09
C ASP C 148 18.06 -26.15 -29.97
N ILE C 149 17.67 -26.80 -28.87
CA ILE C 149 18.51 -26.86 -27.68
C ILE C 149 19.62 -27.89 -27.87
N THR C 150 20.85 -27.43 -27.76
CA THR C 150 22.08 -28.22 -27.79
C THR C 150 22.38 -28.63 -26.35
N PRO C 151 23.31 -29.56 -26.07
CA PRO C 151 23.56 -29.91 -24.66
C PRO C 151 24.20 -28.82 -23.82
N ILE C 152 25.07 -27.99 -24.41
CA ILE C 152 25.76 -26.96 -23.63
C ILE C 152 24.79 -25.84 -23.22
N ILE C 153 23.73 -25.63 -24.01
CA ILE C 153 22.71 -24.68 -23.62
C ILE C 153 21.87 -25.23 -22.47
N LEU C 154 21.52 -26.52 -22.55
CA LEU C 154 20.72 -27.16 -21.50
C LEU C 154 21.49 -27.24 -20.19
N ALA C 155 22.81 -27.38 -20.27
CA ALA C 155 23.62 -27.35 -19.07
C ALA C 155 23.64 -25.97 -18.44
N ALA C 156 23.61 -24.92 -19.27
CA ALA C 156 23.66 -23.57 -18.75
C ALA C 156 22.32 -23.11 -18.22
N HIS C 157 21.22 -23.72 -18.69
CA HIS C 157 19.91 -23.39 -18.13
C HIS C 157 19.76 -23.92 -16.72
N CYS C 158 20.22 -25.15 -16.47
CA CYS C 158 20.03 -25.80 -15.18
C CYS C 158 21.10 -25.42 -14.17
N GLN C 159 22.15 -24.72 -14.61
CA GLN C 159 23.26 -24.25 -13.76
C GLN C 159 23.98 -25.40 -13.05
N LYS C 160 24.55 -26.30 -13.84
CA LYS C 160 25.38 -27.38 -13.32
C LYS C 160 26.82 -27.03 -13.64
N TYR C 161 27.60 -26.65 -12.61
CA TYR C 161 28.92 -26.08 -12.89
C TYR C 161 29.92 -27.15 -13.30
N GLU C 162 29.66 -28.40 -12.92
CA GLU C 162 30.61 -29.47 -13.25
C GLU C 162 30.40 -29.98 -14.67
N VAL C 163 29.16 -29.94 -15.16
CA VAL C 163 28.87 -30.46 -16.49
C VAL C 163 29.35 -29.48 -17.56
N VAL C 164 29.24 -28.18 -17.28
CA VAL C 164 29.66 -27.16 -18.22
C VAL C 164 31.16 -27.22 -18.44
N HIS C 165 31.92 -27.51 -17.38
CA HIS C 165 33.36 -27.63 -17.51
C HIS C 165 33.75 -28.84 -18.35
N MET C 166 33.03 -29.95 -18.17
CA MET C 166 33.28 -31.15 -18.98
C MET C 166 32.96 -30.91 -20.45
N LEU C 167 31.86 -30.22 -20.73
CA LEU C 167 31.49 -29.99 -22.12
C LEU C 167 32.37 -28.93 -22.78
N LEU C 168 32.90 -27.99 -21.99
CA LEU C 168 33.81 -26.99 -22.55
C LEU C 168 35.19 -27.58 -22.80
N MET C 169 35.60 -28.56 -22.00
CA MET C 169 36.86 -29.25 -22.29
C MET C 169 36.75 -30.09 -23.55
N LYS C 170 35.56 -30.61 -23.84
CA LYS C 170 35.36 -31.40 -25.06
C LYS C 170 35.38 -30.50 -26.29
N GLY C 171 35.00 -29.24 -26.15
CA GLY C 171 35.14 -28.29 -27.23
C GLY C 171 33.86 -27.70 -27.77
N ALA C 172 32.83 -27.63 -26.94
CA ALA C 172 31.55 -27.07 -27.39
C ALA C 172 31.33 -25.71 -26.76
N ARG C 173 31.18 -24.69 -27.60
CA ARG C 173 30.95 -23.34 -27.14
C ARG C 173 29.70 -22.77 -27.82
N ILE C 174 28.85 -22.09 -27.06
CA ILE C 174 27.66 -21.52 -27.64
C ILE C 174 28.01 -20.47 -28.68
N GLU C 175 27.30 -20.51 -29.81
CA GLU C 175 27.49 -19.54 -30.87
C GLU C 175 26.56 -18.37 -30.64
N ARG C 176 27.10 -17.17 -30.73
CA ARG C 176 26.29 -15.98 -30.54
C ARG C 176 25.32 -15.84 -31.70
N PRO C 177 24.06 -15.50 -31.42
CA PRO C 177 23.11 -15.27 -32.51
C PRO C 177 23.43 -13.98 -33.22
N HIS C 178 22.97 -13.87 -34.45
CA HIS C 178 23.31 -12.72 -35.28
C HIS C 178 22.55 -11.49 -34.84
N ASP C 179 22.80 -10.37 -35.51
CA ASP C 179 22.08 -9.16 -35.21
C ASP C 179 20.64 -9.29 -35.68
N TYR C 180 19.77 -8.39 -35.19
CA TYR C 180 18.32 -8.48 -35.46
C TYR C 180 18.04 -8.44 -36.97
N PHE C 181 18.76 -7.59 -37.70
CA PHE C 181 18.55 -7.50 -39.16
C PHE C 181 19.91 -7.63 -39.85
N CYS C 182 20.51 -8.82 -39.74
CA CYS C 182 21.81 -9.12 -40.42
C CYS C 182 21.57 -9.24 -41.92
N LYS C 183 20.42 -9.83 -42.29
CA LYS C 183 19.98 -10.07 -43.70
C LYS C 183 20.92 -11.04 -44.41
N CYS C 184 21.54 -11.97 -43.67
CA CYS C 184 22.41 -13.00 -44.28
C CYS C 184 21.54 -14.09 -44.92
N GLY C 185 22.08 -14.86 -45.86
CA GLY C 185 21.27 -15.89 -46.54
C GLY C 185 20.71 -16.92 -45.58
N ASP C 186 21.50 -17.38 -44.61
CA ASP C 186 21.04 -18.40 -43.63
C ASP C 186 19.89 -17.84 -42.78
N CYS C 187 20.00 -16.59 -42.32
CA CYS C 187 18.96 -15.96 -41.46
C CYS C 187 17.65 -15.78 -42.23
N MET C 188 17.73 -15.37 -43.49
CA MET C 188 16.52 -15.12 -44.32
C MET C 188 15.77 -16.43 -44.59
N GLU C 189 16.51 -17.50 -44.90
CA GLU C 189 15.90 -18.80 -45.19
C GLU C 189 15.17 -19.36 -43.99
N LYS C 190 15.70 -19.14 -42.78
CA LYS C 190 15.01 -19.58 -41.58
C LYS C 190 13.93 -18.59 -41.16
N GLN C 191 13.88 -17.43 -41.80
CA GLN C 191 12.86 -16.44 -41.49
C GLN C 191 11.65 -16.59 -42.41
N ARG C 192 11.89 -16.99 -43.67
CA ARG C 192 10.79 -17.16 -44.62
C ARG C 192 9.93 -18.36 -44.27
N HIS C 193 10.51 -19.27 -43.48
CA HIS C 193 9.76 -20.46 -43.00
C HIS C 193 9.84 -20.53 -41.47
N ASP C 194 8.69 -20.41 -40.81
CA ASP C 194 8.57 -20.51 -39.35
C ASP C 194 9.32 -19.41 -38.61
N SER C 195 8.82 -18.18 -38.70
CA SER C 195 9.36 -17.05 -37.95
C SER C 195 9.37 -17.30 -36.44
N PHE C 196 8.33 -17.98 -35.94
CA PHE C 196 8.12 -18.12 -34.51
C PHE C 196 9.20 -18.96 -33.85
N SER C 197 9.60 -20.07 -34.48
CA SER C 197 10.61 -20.93 -33.89
C SER C 197 11.99 -20.27 -33.91
N HIS C 198 12.24 -19.43 -34.92
CA HIS C 198 13.47 -18.66 -34.98
C HIS C 198 13.55 -17.66 -33.83
N SER C 199 12.45 -16.93 -33.61
CA SER C 199 12.41 -15.96 -32.53
C SER C 199 12.44 -16.64 -31.16
N ARG C 200 12.01 -17.90 -31.09
CA ARG C 200 12.12 -18.63 -29.83
C ARG C 200 13.54 -19.13 -29.61
N SER C 201 14.23 -19.50 -30.70
CA SER C 201 15.59 -20.02 -30.58
C SER C 201 16.58 -18.93 -30.20
N ARG C 202 16.33 -17.69 -30.63
CA ARG C 202 17.18 -16.58 -30.19
C ARG C 202 17.12 -16.38 -28.68
N ILE C 203 15.92 -16.51 -28.10
CA ILE C 203 15.77 -16.31 -26.67
C ILE C 203 16.37 -17.48 -25.90
N ASN C 204 16.28 -18.69 -26.46
CA ASN C 204 16.97 -19.82 -25.83
C ASN C 204 18.48 -19.64 -25.84
N ALA C 205 19.03 -19.07 -26.92
CA ALA C 205 20.48 -18.85 -26.97
C ALA C 205 20.91 -17.78 -25.98
N TYR C 206 20.14 -16.69 -25.83
CA TYR C 206 20.52 -15.67 -24.87
C TYR C 206 20.26 -16.11 -23.44
N LYS C 207 19.33 -17.03 -23.23
CA LYS C 207 19.15 -17.57 -21.89
C LYS C 207 20.29 -18.52 -21.55
N GLY C 208 20.89 -19.13 -22.58
CA GLY C 208 22.11 -19.90 -22.35
C GLY C 208 23.32 -19.02 -22.05
N LEU C 209 23.47 -17.91 -22.78
CA LEU C 209 24.66 -17.08 -22.60
C LEU C 209 24.61 -16.28 -21.31
N ALA C 210 23.43 -15.90 -20.85
CA ALA C 210 23.32 -15.02 -19.71
C ALA C 210 23.06 -15.78 -18.42
N SER C 211 24.05 -16.58 -18.03
CA SER C 211 23.93 -17.39 -16.83
C SER C 211 25.27 -17.41 -16.11
N PRO C 212 25.29 -17.46 -14.79
CA PRO C 212 26.58 -17.44 -14.07
C PRO C 212 27.45 -18.66 -14.31
N ALA C 213 26.84 -19.78 -14.72
CA ALA C 213 27.61 -20.98 -15.06
C ALA C 213 28.48 -20.75 -16.28
N TYR C 214 27.85 -20.33 -17.37
CA TYR C 214 28.60 -20.05 -18.57
C TYR C 214 29.52 -18.85 -18.41
N LEU C 215 29.04 -17.79 -17.76
CA LEU C 215 29.85 -16.60 -17.60
C LEU C 215 31.15 -16.79 -16.82
N SER C 216 31.07 -17.52 -15.72
CA SER C 216 32.26 -17.82 -14.91
C SER C 216 33.33 -18.74 -15.53
N LEU C 217 32.91 -19.82 -16.19
CA LEU C 217 33.85 -20.81 -16.75
C LEU C 217 34.19 -20.81 -18.25
N SER C 218 33.60 -19.92 -19.03
CA SER C 218 33.85 -19.87 -20.47
C SER C 218 34.94 -18.94 -20.95
N SER C 219 35.07 -17.75 -20.36
CA SER C 219 36.06 -16.85 -20.90
C SER C 219 36.83 -16.18 -19.77
N GLU C 220 38.00 -15.67 -20.10
CA GLU C 220 38.73 -14.84 -19.17
C GLU C 220 38.13 -13.46 -19.12
N ASP C 221 38.37 -12.76 -18.00
CA ASP C 221 37.82 -11.45 -17.69
C ASP C 221 36.30 -11.42 -17.83
N PRO C 222 35.56 -12.03 -16.90
CA PRO C 222 34.12 -12.23 -17.12
C PRO C 222 33.27 -11.03 -16.75
N VAL C 223 33.76 -10.12 -15.92
CA VAL C 223 32.95 -8.99 -15.47
C VAL C 223 32.74 -8.01 -16.61
N LEU C 224 33.69 -7.92 -17.53
CA LEU C 224 33.53 -7.03 -18.67
C LEU C 224 32.53 -7.59 -19.68
N THR C 225 32.55 -8.91 -19.89
CA THR C 225 31.59 -9.46 -20.85
C THR C 225 30.19 -9.53 -20.25
N ALA C 226 30.08 -9.54 -18.92
CA ALA C 226 28.75 -9.43 -18.31
C ALA C 226 28.19 -8.02 -18.46
N LEU C 227 29.03 -7.01 -18.17
CA LEU C 227 28.62 -5.61 -18.37
C LEU C 227 28.33 -5.31 -19.83
N GLU C 228 28.98 -6.02 -20.75
CA GLU C 228 28.74 -5.75 -22.17
C GLU C 228 27.50 -6.47 -22.67
N LEU C 229 27.20 -7.65 -22.13
CA LEU C 229 26.06 -8.43 -22.61
C LEU C 229 24.75 -7.86 -22.07
N SER C 230 24.82 -7.22 -20.90
CA SER C 230 23.64 -6.54 -20.33
C SER C 230 23.12 -5.44 -21.26
N ASN C 231 24.03 -4.76 -21.96
CA ASN C 231 23.64 -3.73 -22.93
C ASN C 231 22.83 -4.31 -24.07
N GLU C 232 23.33 -5.42 -24.62
CA GLU C 232 22.71 -6.07 -25.77
C GLU C 232 21.30 -6.53 -25.45
N LEU C 233 21.13 -7.11 -24.27
CA LEU C 233 19.78 -7.52 -23.86
C LEU C 233 18.87 -6.31 -23.64
N ALA C 234 19.41 -5.24 -23.05
CA ALA C 234 18.58 -4.07 -22.77
C ALA C 234 18.27 -3.28 -24.05
N LYS C 235 18.99 -3.56 -25.15
CA LYS C 235 18.62 -2.91 -26.41
C LYS C 235 17.68 -3.80 -27.22
N LEU C 236 17.75 -5.12 -27.05
CA LEU C 236 16.78 -5.98 -27.73
C LEU C 236 15.40 -5.86 -27.08
N ALA C 237 15.35 -5.45 -25.82
CA ALA C 237 14.06 -5.27 -25.15
C ALA C 237 13.25 -4.13 -25.77
N ASN C 238 13.91 -3.16 -26.37
CA ASN C 238 13.19 -2.04 -26.98
C ASN C 238 12.89 -2.29 -28.45
N ILE C 239 13.39 -3.39 -29.00
CA ILE C 239 13.17 -3.67 -30.42
C ILE C 239 12.13 -4.77 -30.57
N GLU C 240 12.12 -5.74 -29.65
CA GLU C 240 11.12 -6.81 -29.76
C GLU C 240 9.73 -6.34 -29.36
N LYS C 241 9.59 -5.93 -28.09
CA LYS C 241 8.37 -5.41 -27.44
C LYS C 241 7.26 -6.43 -27.25
N GLU C 242 7.42 -7.67 -27.72
CA GLU C 242 6.47 -8.71 -27.36
C GLU C 242 7.09 -9.69 -26.38
N PHE C 243 8.40 -9.91 -26.52
CA PHE C 243 9.14 -10.67 -25.54
C PHE C 243 9.85 -9.72 -24.57
N LYS C 244 9.21 -8.59 -24.30
CA LYS C 244 9.70 -7.49 -23.47
C LYS C 244 10.15 -7.93 -22.08
N ASN C 245 9.37 -8.78 -21.43
CA ASN C 245 9.66 -9.12 -20.05
C ASN C 245 10.79 -10.13 -19.94
N ASP C 246 11.06 -10.88 -21.01
CA ASP C 246 12.06 -11.94 -20.94
C ASP C 246 13.48 -11.36 -21.00
N TYR C 247 13.73 -10.44 -21.92
CA TYR C 247 15.04 -9.81 -22.01
C TYR C 247 15.32 -8.96 -20.77
N ARG C 248 14.28 -8.35 -20.21
CA ARG C 248 14.45 -7.61 -18.97
C ARG C 248 14.66 -8.55 -17.79
N LYS C 249 14.18 -9.78 -17.89
CA LYS C 249 14.47 -10.75 -16.83
C LYS C 249 15.90 -11.27 -16.95
N LEU C 250 16.46 -11.25 -18.15
CA LEU C 250 17.82 -11.74 -18.33
C LEU C 250 18.85 -10.67 -17.97
N SER C 251 18.51 -9.40 -18.18
CA SER C 251 19.42 -8.31 -17.84
C SER C 251 19.65 -8.23 -16.33
N MET C 252 18.66 -8.64 -15.54
CA MET C 252 18.82 -8.63 -14.09
C MET C 252 19.83 -9.68 -13.65
N GLN C 253 19.87 -10.83 -14.32
CA GLN C 253 20.89 -11.83 -14.03
C GLN C 253 22.27 -11.32 -14.42
N CYS C 254 22.36 -10.63 -15.57
CA CYS C 254 23.64 -10.08 -16.01
C CYS C 254 24.17 -9.01 -15.06
N LYS C 255 23.27 -8.29 -14.38
CA LYS C 255 23.72 -7.29 -13.42
C LYS C 255 24.04 -7.91 -12.06
N ASP C 256 23.25 -8.91 -11.65
CA ASP C 256 23.43 -9.47 -10.33
C ASP C 256 24.65 -10.35 -10.25
N PHE C 257 25.12 -10.88 -11.39
CA PHE C 257 26.42 -11.55 -11.41
C PHE C 257 27.54 -10.60 -11.03
N VAL C 258 27.52 -9.38 -11.56
CA VAL C 258 28.58 -8.41 -11.30
C VAL C 258 28.53 -7.95 -9.85
N VAL C 259 27.32 -7.72 -9.33
CA VAL C 259 27.20 -7.29 -7.93
C VAL C 259 27.63 -8.42 -6.97
N GLY C 260 27.30 -9.68 -7.30
CA GLY C 260 27.72 -10.78 -6.45
C GLY C 260 29.21 -11.04 -6.52
N VAL C 261 29.86 -10.69 -7.63
CA VAL C 261 31.32 -10.75 -7.67
C VAL C 261 31.93 -9.63 -6.84
N LEU C 262 31.32 -8.45 -6.93
CA LEU C 262 31.84 -7.31 -6.20
C LEU C 262 31.81 -7.57 -4.71
N ASP C 263 30.77 -8.27 -4.23
CA ASP C 263 30.66 -8.49 -2.80
C ASP C 263 31.91 -9.13 -2.19
N LEU C 264 32.55 -10.05 -2.92
CA LEU C 264 33.41 -11.03 -2.26
C LEU C 264 34.82 -10.51 -2.01
N CYS C 265 35.11 -9.30 -2.45
CA CYS C 265 36.49 -8.83 -2.39
C CYS C 265 36.85 -8.36 -0.98
N ARG C 266 38.07 -8.68 -0.54
CA ARG C 266 38.44 -8.47 0.86
C ARG C 266 39.53 -7.41 1.01
N ASP C 267 40.63 -7.55 0.31
CA ASP C 267 41.73 -6.60 0.39
C ASP C 267 41.43 -5.41 -0.52
N SER C 268 42.28 -4.40 -0.45
CA SER C 268 42.07 -3.21 -1.28
C SER C 268 42.58 -3.46 -2.70
N GLU C 269 43.45 -4.45 -2.86
CA GLU C 269 44.00 -4.75 -4.18
C GLU C 269 42.94 -5.38 -5.07
N GLU C 270 42.03 -6.16 -4.48
CA GLU C 270 40.97 -6.76 -5.26
C GLU C 270 39.94 -5.73 -5.70
N VAL C 271 39.64 -4.75 -4.84
CA VAL C 271 38.73 -3.67 -5.21
C VAL C 271 39.36 -2.80 -6.28
N GLU C 272 40.65 -2.49 -6.14
CA GLU C 272 41.33 -1.69 -7.14
C GLU C 272 41.78 -2.53 -8.33
N ALA C 273 41.44 -3.82 -8.34
CA ALA C 273 41.59 -4.62 -9.55
C ALA C 273 40.27 -4.76 -10.28
N ILE C 274 39.15 -4.68 -9.55
CA ILE C 274 37.86 -4.75 -10.20
C ILE C 274 37.47 -3.40 -10.80
N LEU C 275 37.64 -2.31 -10.04
CA LEU C 275 37.02 -1.03 -10.41
C LEU C 275 37.68 -0.41 -11.64
N ASN C 276 38.94 -0.69 -11.86
CA ASN C 276 39.60 -0.38 -13.14
C ASN C 276 40.32 -1.65 -13.59
N GLY C 277 40.42 -1.83 -14.90
CA GLY C 277 40.91 -3.08 -15.46
C GLY C 277 42.39 -3.32 -15.33
N ASP C 278 42.94 -4.16 -16.19
CA ASP C 278 44.38 -4.42 -16.18
C ASP C 278 45.11 -3.19 -16.70
N LEU C 279 46.03 -2.67 -15.89
CA LEU C 279 46.71 -1.43 -16.27
C LEU C 279 47.83 -1.70 -17.27
N GLU C 280 48.52 -2.83 -17.12
CA GLU C 280 49.59 -3.19 -18.03
C GLU C 280 49.03 -3.72 -19.34
N ALA C 292 43.62 6.08 -10.32
CA ALA C 292 42.55 6.69 -11.08
C ALA C 292 42.26 5.88 -12.34
N SER C 293 41.76 6.56 -13.38
CA SER C 293 41.31 5.94 -14.64
C SER C 293 40.32 4.81 -14.36
N LEU C 294 39.14 5.19 -13.88
CA LEU C 294 38.19 4.31 -13.20
C LEU C 294 37.35 3.45 -14.14
N SER C 295 37.92 3.08 -15.29
CA SER C 295 37.29 2.58 -16.53
C SER C 295 36.03 1.75 -16.39
N ARG C 296 36.00 0.80 -15.45
CA ARG C 296 34.79 0.01 -15.29
C ARG C 296 33.67 0.81 -14.62
N VAL C 297 34.01 1.76 -13.77
CA VAL C 297 32.98 2.61 -13.17
C VAL C 297 32.41 3.57 -14.20
N LYS C 298 33.26 4.11 -15.06
CA LYS C 298 32.79 5.01 -16.11
C LYS C 298 32.01 4.25 -17.17
N LEU C 299 32.22 2.93 -17.26
CA LEU C 299 31.46 2.13 -18.19
C LEU C 299 30.18 1.62 -17.56
N ALA C 300 30.10 1.64 -16.22
CA ALA C 300 28.87 1.24 -15.56
C ALA C 300 27.93 2.42 -15.36
N ILE C 301 28.37 3.64 -15.72
CA ILE C 301 27.46 4.77 -15.72
C ILE C 301 26.63 4.76 -17.00
N LYS C 302 27.29 4.44 -18.11
CA LYS C 302 26.65 4.39 -19.42
C LYS C 302 25.58 3.33 -19.52
N TYR C 303 25.84 2.18 -18.91
CA TYR C 303 24.91 1.05 -18.93
C TYR C 303 23.91 1.09 -17.78
N GLU C 304 24.04 2.10 -16.93
CA GLU C 304 23.15 2.33 -15.80
C GLU C 304 23.01 1.18 -14.80
N VAL C 305 24.11 0.54 -14.42
CA VAL C 305 24.00 -0.53 -13.42
C VAL C 305 24.09 0.17 -12.07
N LYS C 306 22.93 0.35 -11.45
CA LYS C 306 22.85 1.25 -10.30
C LYS C 306 23.41 0.61 -9.04
N LYS C 307 23.29 -0.71 -8.91
CA LYS C 307 23.71 -1.36 -7.68
C LYS C 307 25.21 -1.65 -7.67
N PHE C 308 25.86 -1.53 -8.82
CA PHE C 308 27.31 -1.68 -8.87
C PHE C 308 27.99 -0.38 -8.43
N VAL C 309 27.30 0.75 -8.59
CA VAL C 309 27.89 2.02 -8.19
C VAL C 309 27.43 2.40 -6.80
N ALA C 310 26.22 1.99 -6.43
CA ALA C 310 25.67 2.27 -5.12
C ALA C 310 26.07 1.25 -4.06
N HIS C 311 27.07 0.41 -4.33
CA HIS C 311 27.54 -0.52 -3.32
C HIS C 311 28.63 0.17 -2.48
N PRO C 312 28.76 -0.16 -1.19
CA PRO C 312 29.75 0.56 -0.35
C PRO C 312 31.20 0.36 -0.72
N ASN C 313 31.55 -0.79 -1.31
CA ASN C 313 32.95 -1.06 -1.65
C ASN C 313 33.41 -0.20 -2.83
N CYS C 314 32.47 0.35 -3.60
CA CYS C 314 32.82 1.32 -4.61
C CYS C 314 32.75 2.74 -4.07
N GLN C 315 31.81 2.98 -3.14
CA GLN C 315 31.62 4.34 -2.62
C GLN C 315 32.80 4.78 -1.77
N GLN C 316 33.44 3.85 -1.06
CA GLN C 316 34.60 4.27 -0.27
C GLN C 316 35.80 4.56 -1.15
N GLN C 317 35.92 3.86 -2.28
CA GLN C 317 37.01 4.14 -3.21
C GLN C 317 36.79 5.47 -3.93
N LEU C 318 35.53 5.83 -4.17
CA LEU C 318 35.26 7.14 -4.75
C LEU C 318 35.43 8.26 -3.73
N LEU C 319 35.10 8.00 -2.47
CA LEU C 319 35.26 9.01 -1.43
C LEU C 319 36.71 9.29 -1.11
N THR C 320 37.60 8.29 -1.26
CA THR C 320 39.01 8.56 -1.00
C THR C 320 39.65 9.31 -2.18
N ILE C 321 38.92 9.47 -3.28
CA ILE C 321 39.39 10.34 -4.35
C ILE C 321 38.77 11.71 -4.23
N TRP C 322 37.52 11.78 -3.74
CA TRP C 322 36.80 13.05 -3.67
C TRP C 322 37.42 14.00 -2.65
N TYR C 323 38.01 13.47 -1.59
CA TYR C 323 38.84 14.25 -0.68
C TYR C 323 40.24 13.64 -0.75
N GLU C 324 41.05 14.06 -1.71
CA GLU C 324 42.34 13.38 -1.85
C GLU C 324 43.51 14.18 -1.32
N ASN C 325 43.29 15.35 -0.79
CA ASN C 325 44.34 16.07 -0.08
C ASN C 325 43.84 16.75 1.18
N LEU C 326 42.52 16.87 1.35
CA LEU C 326 42.01 17.52 2.56
C LEU C 326 42.10 16.57 3.75
N SER C 327 41.31 15.49 3.72
CA SER C 327 41.42 14.28 4.55
C SER C 327 41.13 14.48 6.03
N GLY C 328 40.97 15.73 6.48
CA GLY C 328 40.47 15.97 7.82
C GLY C 328 39.05 16.49 7.81
N LEU C 329 38.60 17.00 6.67
CA LEU C 329 37.26 17.49 6.43
C LEU C 329 36.28 16.38 6.12
N ARG C 330 36.78 15.14 6.04
CA ARG C 330 35.97 13.98 5.66
C ARG C 330 34.89 13.67 6.68
N GLU C 331 35.11 14.04 7.94
CA GLU C 331 34.10 13.92 8.98
C GLU C 331 34.08 15.20 9.80
N GLN C 332 33.26 16.16 9.39
CA GLN C 332 33.10 17.42 10.08
C GLN C 332 31.64 17.83 10.03
N THR C 333 31.30 18.84 10.83
CA THR C 333 29.94 19.35 10.85
C THR C 333 29.66 20.22 9.62
N ILE C 334 28.38 20.52 9.43
CA ILE C 334 27.97 21.32 8.27
C ILE C 334 28.35 22.79 8.46
N ALA C 335 28.53 23.22 9.71
CA ALA C 335 28.99 24.58 9.98
C ALA C 335 30.41 24.80 9.49
N ILE C 336 31.29 23.82 9.69
CA ILE C 336 32.66 23.92 9.20
C ILE C 336 32.68 23.89 7.68
N LYS C 337 31.73 23.17 7.06
CA LYS C 337 31.65 23.15 5.60
C LYS C 337 31.12 24.47 5.05
N CYS C 338 30.22 25.13 5.80
CA CYS C 338 29.70 26.42 5.35
C CYS C 338 30.73 27.52 5.51
N LEU C 339 31.57 27.40 6.55
CA LEU C 339 32.71 28.32 6.70
C LEU C 339 33.66 28.22 5.52
N VAL C 340 33.87 27.00 4.99
CA VAL C 340 34.76 26.80 3.85
C VAL C 340 34.20 27.48 2.60
N VAL C 341 32.90 27.29 2.32
CA VAL C 341 32.35 27.85 1.10
C VAL C 341 32.21 29.37 1.22
N LEU C 342 32.07 29.87 2.46
CA LEU C 342 32.04 31.32 2.64
C LEU C 342 33.43 31.94 2.43
N VAL C 343 34.47 31.26 2.93
CA VAL C 343 35.84 31.75 2.74
C VAL C 343 36.23 31.71 1.26
N VAL C 344 35.85 30.64 0.55
CA VAL C 344 36.23 30.54 -0.86
C VAL C 344 35.41 31.51 -1.71
N ALA C 345 34.13 31.72 -1.35
CA ALA C 345 33.31 32.70 -2.06
C ALA C 345 33.79 34.12 -1.81
N LEU C 346 34.39 34.39 -0.64
CA LEU C 346 35.01 35.68 -0.42
C LEU C 346 36.31 35.82 -1.21
N GLY C 347 37.21 34.85 -1.11
CA GLY C 347 38.52 34.90 -1.72
C GLY C 347 38.61 34.40 -3.14
N LEU C 348 37.48 34.30 -3.84
CA LEU C 348 37.48 33.96 -5.27
C LEU C 348 38.45 34.76 -6.16
N PRO C 349 38.61 36.09 -6.06
CA PRO C 349 39.56 36.74 -7.00
C PRO C 349 41.02 36.57 -6.60
N PHE C 350 41.30 35.97 -5.44
CA PHE C 350 42.67 35.69 -5.05
C PHE C 350 43.16 34.38 -5.62
N LEU C 351 42.25 33.57 -6.18
CA LEU C 351 42.57 32.18 -6.48
C LEU C 351 43.41 32.05 -7.74
N ALA C 352 43.22 32.92 -8.72
CA ALA C 352 44.05 32.86 -9.92
C ALA C 352 45.48 33.31 -9.62
N ILE C 353 45.62 34.31 -8.73
CA ILE C 353 46.93 34.74 -8.26
C ILE C 353 47.60 33.62 -7.49
N GLY C 354 46.83 32.89 -6.67
CA GLY C 354 47.39 31.72 -6.00
C GLY C 354 47.55 30.51 -6.92
N TYR C 355 46.98 30.56 -8.12
CA TYR C 355 46.97 29.38 -8.98
C TYR C 355 48.08 29.44 -10.01
N TRP C 356 48.58 30.62 -10.36
CA TRP C 356 49.78 30.63 -11.18
C TRP C 356 51.03 30.27 -10.36
N ILE C 357 50.92 30.36 -9.02
CA ILE C 357 52.00 29.95 -8.14
C ILE C 357 52.07 28.43 -8.01
N ALA C 358 50.94 27.74 -8.22
CA ALA C 358 50.54 26.40 -7.78
C ALA C 358 51.60 25.27 -7.76
N PRO C 359 52.53 25.15 -8.74
CA PRO C 359 53.61 24.16 -8.52
C PRO C 359 54.54 24.51 -7.35
N CYS C 360 54.73 25.81 -7.07
CA CYS C 360 55.61 26.20 -5.99
C CYS C 360 54.89 26.22 -4.65
N SER C 361 53.59 25.94 -4.65
CA SER C 361 52.77 26.02 -3.44
C SER C 361 52.17 24.66 -3.10
N ARG C 362 52.21 24.32 -1.80
CA ARG C 362 51.43 23.19 -1.33
C ARG C 362 49.94 23.51 -1.39
N LEU C 363 49.59 24.79 -1.26
CA LEU C 363 48.20 25.20 -1.41
C LEU C 363 47.74 25.10 -2.86
N GLY C 364 48.69 25.07 -3.79
CA GLY C 364 48.32 24.83 -5.19
C GLY C 364 47.83 23.42 -5.42
N LYS C 365 48.51 22.44 -4.83
CA LYS C 365 48.02 21.07 -4.89
C LYS C 365 46.81 20.88 -3.99
N ILE C 366 46.71 21.70 -2.93
CA ILE C 366 45.56 21.59 -2.02
C ILE C 366 44.36 22.33 -2.59
N LEU C 367 44.55 23.06 -3.68
CA LEU C 367 43.43 23.68 -4.36
C LEU C 367 43.01 22.83 -5.56
N ARG C 368 43.90 21.99 -6.06
CA ARG C 368 43.56 21.10 -7.17
C ARG C 368 43.14 19.75 -6.59
N SER C 369 41.93 19.74 -6.06
CA SER C 369 41.25 18.55 -5.59
C SER C 369 39.83 18.68 -6.13
N PRO C 370 39.06 17.59 -6.24
CA PRO C 370 37.72 17.72 -6.83
C PRO C 370 36.74 18.53 -6.00
N PHE C 371 36.89 18.44 -4.67
CA PHE C 371 35.98 19.15 -3.79
C PHE C 371 36.19 20.66 -3.88
N MET C 372 37.44 21.09 -4.07
CA MET C 372 37.69 22.52 -4.18
C MET C 372 37.23 23.07 -5.53
N LYS C 373 37.32 22.26 -6.59
CA LYS C 373 36.77 22.65 -7.88
C LYS C 373 35.25 22.82 -7.79
N PHE C 374 34.58 21.91 -7.08
CA PHE C 374 33.14 22.00 -6.91
C PHE C 374 32.75 23.25 -6.11
N VAL C 375 33.49 23.55 -5.05
CA VAL C 375 33.19 24.73 -4.24
C VAL C 375 33.48 26.01 -5.02
N ALA C 376 34.50 25.99 -5.89
CA ALA C 376 34.82 27.17 -6.68
C ALA C 376 33.73 27.46 -7.72
N HIS C 377 33.23 26.42 -8.41
CA HIS C 377 32.15 26.64 -9.38
C HIS C 377 30.85 27.09 -8.70
N ALA C 378 30.55 26.53 -7.53
CA ALA C 378 29.36 26.94 -6.80
C ALA C 378 29.47 28.39 -6.32
N ALA C 379 30.66 28.79 -5.89
CA ALA C 379 30.84 30.16 -5.41
C ALA C 379 30.73 31.17 -6.55
N SER C 380 31.30 30.83 -7.72
CA SER C 380 31.18 31.72 -8.88
C SER C 380 29.72 31.89 -9.31
N PHE C 381 28.96 30.79 -9.29
CA PHE C 381 27.56 30.91 -9.69
C PHE C 381 26.73 31.67 -8.64
N ILE C 382 27.14 31.64 -7.37
CA ILE C 382 26.43 32.43 -6.38
C ILE C 382 26.73 33.92 -6.56
N ILE C 383 27.97 34.27 -6.89
CA ILE C 383 28.32 35.68 -7.11
C ILE C 383 27.61 36.22 -8.35
N PHE C 384 27.33 35.37 -9.34
CA PHE C 384 26.52 35.76 -10.49
C PHE C 384 25.10 36.23 -10.12
N LEU C 385 24.43 35.48 -9.24
CA LEU C 385 23.07 35.82 -8.85
C LEU C 385 23.09 37.06 -7.97
N GLY C 386 24.15 37.19 -7.18
CA GLY C 386 24.33 38.40 -6.39
C GLY C 386 24.50 39.64 -7.26
N LEU C 387 25.21 39.50 -8.38
CA LEU C 387 25.35 40.63 -9.30
C LEU C 387 24.04 40.98 -9.97
N LEU C 388 23.21 39.97 -10.29
CA LEU C 388 21.90 40.28 -10.87
C LEU C 388 21.00 41.03 -9.89
N VAL C 389 20.95 40.58 -8.64
CA VAL C 389 20.10 41.23 -7.63
C VAL C 389 20.62 42.62 -7.31
N PHE C 390 21.95 42.80 -7.27
CA PHE C 390 22.49 44.14 -7.02
C PHE C 390 22.29 45.06 -8.22
N ASN C 391 22.26 44.51 -9.43
CA ASN C 391 21.94 45.32 -10.60
C ASN C 391 20.49 45.81 -10.53
N ALA C 392 19.62 44.97 -10.01
CA ALA C 392 18.20 45.27 -9.88
C ALA C 392 17.94 46.31 -8.80
N SER C 393 18.97 46.59 -8.01
CA SER C 393 18.88 47.53 -6.89
C SER C 393 18.70 49.00 -7.26
N ASP C 394 18.33 49.76 -6.22
CA ASP C 394 18.01 51.21 -6.18
C ASP C 394 16.54 51.49 -6.50
N ARG C 395 15.79 50.42 -6.72
CA ARG C 395 14.35 50.50 -6.93
C ARG C 395 13.56 49.66 -5.94
N PHE C 396 14.19 49.20 -4.85
CA PHE C 396 13.57 48.21 -3.97
C PHE C 396 12.36 48.76 -3.24
N GLU C 397 12.35 50.05 -2.96
CA GLU C 397 11.14 50.71 -2.47
C GLU C 397 10.71 51.71 -3.52
N GLY C 398 9.98 51.23 -4.52
CA GLY C 398 9.41 52.07 -5.55
C GLY C 398 10.42 52.70 -6.49
N ILE C 399 9.89 53.25 -7.58
CA ILE C 399 10.60 54.20 -8.42
C ILE C 399 10.30 55.57 -7.85
N THR C 400 11.19 56.54 -8.10
CA THR C 400 11.10 57.81 -7.38
C THR C 400 10.26 58.84 -8.13
N THR C 401 10.08 58.66 -9.45
CA THR C 401 9.35 59.62 -10.25
C THR C 401 8.11 58.99 -10.85
N LEU C 402 7.39 59.78 -11.65
CA LEU C 402 6.29 59.25 -12.44
C LEU C 402 6.79 58.87 -13.83
N PRO C 403 6.13 57.93 -14.51
CA PRO C 403 6.64 57.48 -15.81
C PRO C 403 6.57 58.51 -16.92
N ASN C 404 5.56 59.38 -16.95
CA ASN C 404 5.42 60.29 -18.08
C ASN C 404 6.31 61.53 -17.94
N ILE C 405 6.93 61.71 -16.77
CA ILE C 405 7.76 62.88 -16.54
C ILE C 405 9.21 62.55 -16.87
N THR C 406 9.88 63.45 -17.57
CA THR C 406 11.29 63.30 -17.92
C THR C 406 12.14 64.17 -17.00
N VAL C 407 13.39 63.75 -16.77
CA VAL C 407 14.33 64.49 -15.98
C VAL C 407 15.75 64.17 -16.47
N THR C 408 16.54 65.21 -16.72
CA THR C 408 17.90 65.06 -17.24
C THR C 408 18.87 65.90 -16.41
N ASP C 409 20.15 65.58 -16.58
CA ASP C 409 21.28 66.28 -15.89
C ASP C 409 21.40 67.72 -16.41
N TYR C 410 21.30 67.89 -17.73
CA TYR C 410 21.39 69.22 -18.38
C TYR C 410 20.38 69.29 -19.54
N PRO C 411 19.94 70.49 -19.96
CA PRO C 411 18.96 70.64 -21.05
C PRO C 411 19.46 70.07 -22.38
N LYS C 412 20.75 70.25 -22.68
CA LYS C 412 21.35 69.80 -23.97
C LYS C 412 21.25 68.28 -24.12
N GLN C 413 21.46 67.52 -23.04
CA GLN C 413 21.42 66.07 -23.12
C GLN C 413 20.05 65.60 -23.60
N ILE C 414 20.06 64.66 -24.54
CA ILE C 414 18.81 64.04 -24.95
C ILE C 414 18.41 63.04 -23.87
N PHE C 415 17.11 62.82 -23.69
CA PHE C 415 16.64 62.03 -22.56
C PHE C 415 16.89 60.55 -22.77
N ARG C 416 16.84 60.10 -24.02
CA ARG C 416 16.85 58.68 -24.31
C ARG C 416 18.24 58.05 -24.11
N VAL C 417 19.30 58.85 -24.02
CA VAL C 417 20.63 58.33 -23.70
C VAL C 417 20.70 57.81 -22.27
N LYS C 418 20.12 58.55 -21.32
CA LYS C 418 20.36 58.27 -19.90
C LYS C 418 19.70 56.97 -19.47
N THR C 419 18.60 56.58 -20.13
CA THR C 419 17.92 55.35 -19.74
C THR C 419 18.59 54.13 -20.34
N THR C 420 19.31 54.29 -21.45
CA THR C 420 19.80 53.11 -22.16
C THR C 420 21.30 52.90 -22.00
N GLN C 421 22.01 53.81 -21.34
CA GLN C 421 23.46 53.64 -21.24
C GLN C 421 23.81 52.61 -20.19
N PHE C 422 25.06 52.17 -20.20
CA PHE C 422 25.47 51.05 -19.37
C PHE C 422 26.01 51.49 -18.03
N THR C 423 25.98 50.59 -17.06
CA THR C 423 26.53 50.81 -15.73
C THR C 423 27.60 49.74 -15.56
N TRP C 424 28.41 49.84 -14.50
CA TRP C 424 29.55 48.95 -14.33
C TRP C 424 29.16 47.51 -14.02
N THR C 425 27.98 47.30 -13.44
CA THR C 425 27.56 45.94 -13.13
C THR C 425 27.09 45.19 -14.37
N GLU C 426 26.56 45.91 -15.36
CA GLU C 426 26.09 45.25 -16.57
C GLU C 426 27.26 44.80 -17.43
N MET C 427 28.41 45.49 -17.31
CA MET C 427 29.63 45.03 -17.95
C MET C 427 30.09 43.69 -17.40
N LEU C 428 30.00 43.52 -16.07
CA LEU C 428 30.39 42.25 -15.46
C LEU C 428 29.43 41.13 -15.84
N ILE C 429 28.14 41.45 -15.98
CA ILE C 429 27.18 40.48 -16.50
C ILE C 429 27.54 40.08 -17.93
N MET C 430 27.91 41.07 -18.75
CA MET C 430 28.35 40.81 -20.13
C MET C 430 29.62 39.96 -20.18
N VAL C 431 30.55 40.20 -19.25
CA VAL C 431 31.78 39.37 -19.23
C VAL C 431 31.43 37.94 -18.81
N TRP C 432 30.60 37.80 -17.78
CA TRP C 432 30.19 36.47 -17.23
C TRP C 432 29.38 35.63 -18.23
N VAL C 433 28.44 36.21 -18.96
CA VAL C 433 27.61 35.41 -19.90
C VAL C 433 28.49 34.86 -21.03
N LEU C 434 29.42 35.65 -21.53
CA LEU C 434 30.30 35.21 -22.61
C LEU C 434 31.15 34.01 -22.19
N GLY C 435 31.56 33.98 -20.93
CA GLY C 435 32.34 32.84 -20.44
C GLY C 435 31.55 31.56 -20.39
N MET C 436 30.31 31.63 -19.91
CA MET C 436 29.47 30.43 -19.88
C MET C 436 29.11 29.97 -21.29
N MET C 437 28.90 30.94 -22.20
CA MET C 437 28.65 30.61 -23.61
C MET C 437 29.87 29.95 -24.25
N TRP C 438 31.07 30.38 -23.84
CA TRP C 438 32.31 29.82 -24.38
C TRP C 438 32.52 28.39 -23.91
N SER C 439 32.23 28.12 -22.63
CA SER C 439 32.35 26.76 -22.11
C SER C 439 31.35 25.82 -22.78
N GLU C 440 30.11 26.29 -22.99
CA GLU C 440 29.13 25.46 -23.65
C GLU C 440 29.46 25.29 -25.14
N CYS C 441 30.16 26.26 -25.72
CA CYS C 441 30.60 26.12 -27.11
C CYS C 441 31.68 25.05 -27.24
N LYS C 442 32.64 25.03 -26.31
CA LYS C 442 33.67 23.99 -26.32
C LYS C 442 33.05 22.60 -26.12
N GLU C 443 32.15 22.47 -25.15
CA GLU C 443 31.54 21.14 -24.85
C GLU C 443 30.73 20.63 -26.06
N LEU C 444 29.97 21.49 -26.73
CA LEU C 444 29.14 21.04 -27.88
C LEU C 444 30.03 20.51 -29.01
N TRP C 445 31.15 21.17 -29.29
CA TRP C 445 32.05 20.76 -30.39
C TRP C 445 32.62 19.36 -30.14
N LEU C 446 32.99 19.05 -28.90
CA LEU C 446 33.62 17.74 -28.57
C LEU C 446 32.55 16.66 -28.37
N GLU C 447 31.49 16.95 -27.64
CA GLU C 447 30.41 15.97 -27.36
C GLU C 447 29.65 15.60 -28.63
N GLY C 448 29.38 16.59 -29.49
CA GLY C 448 28.59 16.35 -30.72
C GLY C 448 27.13 16.67 -30.50
N PRO C 449 26.34 16.88 -31.56
CA PRO C 449 24.92 17.21 -31.44
C PRO C 449 24.07 16.14 -30.76
N ARG C 450 24.33 14.86 -31.04
CA ARG C 450 23.54 13.77 -30.46
C ARG C 450 23.66 13.77 -28.94
N GLU C 451 24.86 14.07 -28.43
CA GLU C 451 25.06 14.14 -26.98
C GLU C 451 24.36 15.36 -26.40
N TYR C 452 24.39 16.47 -27.11
CA TYR C 452 23.69 17.69 -26.64
C TYR C 452 22.17 17.48 -26.67
N ILE C 453 21.69 16.91 -27.77
CA ILE C 453 20.23 16.64 -27.98
C ILE C 453 19.73 15.58 -26.99
N LEU C 454 20.54 14.58 -26.69
CA LEU C 454 20.12 13.45 -25.81
C LEU C 454 19.75 13.98 -24.42
N GLN C 455 20.48 14.94 -23.87
CA GLN C 455 20.15 15.44 -22.51
C GLN C 455 19.28 16.70 -22.60
N LEU C 456 18.09 16.64 -22.01
CA LEU C 456 17.15 17.79 -22.01
C LEU C 456 17.77 18.97 -21.24
N TRP C 457 18.48 18.68 -20.17
CA TRP C 457 19.09 19.73 -19.31
C TRP C 457 20.09 20.58 -20.10
N ASN C 458 20.88 19.98 -20.97
CA ASN C 458 21.89 20.75 -21.74
C ASN C 458 21.20 21.82 -22.61
N VAL C 459 20.07 21.47 -23.21
CA VAL C 459 19.35 22.38 -24.11
C VAL C 459 18.74 23.53 -23.33
N LEU C 460 18.27 23.25 -22.11
CA LEU C 460 17.74 24.30 -21.23
C LEU C 460 18.83 25.33 -20.89
N ASP C 461 20.03 24.85 -20.54
CA ASP C 461 21.14 25.74 -20.24
C ASP C 461 21.53 26.60 -21.45
N PHE C 462 21.61 25.98 -22.64
CA PHE C 462 22.01 26.70 -23.84
C PHE C 462 20.96 27.73 -24.25
N GLY C 463 19.68 27.40 -24.06
CA GLY C 463 18.62 28.35 -24.35
C GLY C 463 18.63 29.55 -23.43
N MET C 464 18.91 29.33 -22.13
CA MET C 464 19.05 30.43 -21.18
C MET C 464 20.18 31.39 -21.58
N LEU C 465 21.33 30.83 -21.99
CA LEU C 465 22.43 31.69 -22.45
C LEU C 465 22.07 32.47 -23.71
N SER C 466 21.33 31.84 -24.64
CA SER C 466 20.95 32.53 -25.87
C SER C 466 19.95 33.66 -25.60
N ILE C 467 19.06 33.47 -24.64
CA ILE C 467 18.09 34.51 -24.30
C ILE C 467 18.79 35.71 -23.67
N PHE C 468 19.81 35.46 -22.83
CA PHE C 468 20.65 36.56 -22.32
C PHE C 468 21.32 37.35 -23.44
N ILE C 469 21.90 36.64 -24.42
CA ILE C 469 22.63 37.32 -25.49
C ILE C 469 21.67 38.15 -26.35
N ALA C 470 20.47 37.63 -26.61
CA ALA C 470 19.50 38.36 -27.42
C ALA C 470 19.02 39.64 -26.71
N ALA C 471 18.83 39.57 -25.38
CA ALA C 471 18.42 40.75 -24.64
C ALA C 471 19.49 41.84 -24.68
N PHE C 472 20.77 41.46 -24.54
CA PHE C 472 21.80 42.50 -24.55
C PHE C 472 22.04 43.08 -25.94
N THR C 473 21.83 42.28 -27.00
CA THR C 473 21.92 42.84 -28.35
C THR C 473 20.80 43.84 -28.62
N ALA C 474 19.60 43.58 -28.10
CA ALA C 474 18.51 44.55 -28.24
C ALA C 474 18.81 45.84 -27.48
N ARG C 475 19.43 45.72 -26.30
CA ARG C 475 19.81 46.91 -25.54
C ARG C 475 20.86 47.74 -26.27
N PHE C 476 21.82 47.08 -26.93
CA PHE C 476 22.85 47.80 -27.65
C PHE C 476 22.29 48.51 -28.89
N LEU C 477 21.35 47.85 -29.58
CA LEU C 477 20.65 48.52 -30.69
C LEU C 477 19.84 49.72 -30.21
N ALA C 478 19.31 49.65 -28.99
CA ALA C 478 18.66 50.83 -28.44
C ALA C 478 19.64 51.94 -28.10
N PHE C 479 20.87 51.59 -27.73
CA PHE C 479 21.85 52.61 -27.36
C PHE C 479 22.40 53.37 -28.57
N LEU C 480 22.56 52.67 -29.70
CA LEU C 480 23.23 53.27 -30.87
C LEU C 480 22.44 54.44 -31.46
N GLN C 481 21.12 54.32 -31.51
CA GLN C 481 20.30 55.35 -32.13
C GLN C 481 20.26 56.61 -31.26
N ALA C 482 20.32 56.44 -29.94
CA ALA C 482 20.38 57.59 -29.06
C ALA C 482 21.72 58.29 -29.17
N THR C 483 22.81 57.52 -29.40
CA THR C 483 24.09 58.18 -29.66
C THR C 483 24.07 58.95 -30.97
N LYS C 484 23.39 58.41 -31.99
CA LYS C 484 23.27 59.11 -33.27
C LYS C 484 22.49 60.41 -33.11
N ALA C 485 21.42 60.40 -32.31
CA ALA C 485 20.64 61.61 -32.10
C ALA C 485 21.41 62.64 -31.28
N GLN C 486 22.21 62.19 -30.32
CA GLN C 486 23.02 63.13 -29.56
C GLN C 486 24.11 63.77 -30.42
N GLN C 487 24.68 62.99 -31.34
CA GLN C 487 25.68 63.55 -32.24
C GLN C 487 25.05 64.50 -33.26
N TYR C 488 23.78 64.27 -33.58
CA TYR C 488 23.06 65.25 -34.41
C TYR C 488 22.83 66.56 -33.65
N VAL C 489 22.33 66.47 -32.42
CA VAL C 489 21.90 67.67 -31.70
C VAL C 489 23.10 68.51 -31.26
N ASP C 490 24.17 67.85 -30.80
CA ASP C 490 25.35 68.57 -30.32
C ASP C 490 26.09 69.27 -31.46
N SER C 491 25.84 68.84 -32.70
CA SER C 491 26.40 69.49 -33.88
C SER C 491 25.51 70.63 -34.37
N TYR C 492 24.20 70.36 -34.53
CA TYR C 492 23.37 71.31 -35.27
C TYR C 492 22.39 72.05 -34.37
N VAL C 493 22.65 72.08 -33.06
CA VAL C 493 21.66 72.65 -32.13
C VAL C 493 21.63 74.16 -32.21
N GLN C 494 22.77 74.81 -31.92
CA GLN C 494 22.96 76.27 -31.95
C GLN C 494 21.95 77.01 -31.06
N GLU C 495 21.65 76.42 -29.90
CA GLU C 495 20.71 76.99 -28.96
C GLU C 495 21.26 76.88 -27.55
N SER C 496 20.43 77.25 -26.57
CA SER C 496 20.84 77.18 -25.17
C SER C 496 20.36 75.90 -24.51
N ASP C 497 19.14 75.45 -24.87
CA ASP C 497 18.56 74.24 -24.32
C ASP C 497 17.87 73.46 -25.42
N LEU C 498 17.74 72.15 -25.20
CA LEU C 498 17.11 71.29 -26.20
C LEU C 498 15.59 71.39 -26.16
N SER C 499 15.05 72.00 -25.10
CA SER C 499 13.59 72.17 -25.01
C SER C 499 13.16 73.47 -25.67
N GLU C 500 14.11 74.33 -26.02
CA GLU C 500 13.75 75.66 -26.54
C GLU C 500 13.26 75.58 -27.99
N VAL C 501 14.11 75.12 -28.90
CA VAL C 501 13.80 75.04 -30.32
C VAL C 501 13.38 73.62 -30.65
N THR C 502 12.28 73.48 -31.39
CA THR C 502 11.80 72.16 -31.77
C THR C 502 12.73 71.53 -32.80
N LEU C 503 12.65 70.22 -32.92
CA LEU C 503 13.62 69.42 -33.68
C LEU C 503 12.96 68.83 -34.92
N PRO C 504 13.72 68.30 -35.88
CA PRO C 504 13.11 67.45 -36.91
C PRO C 504 12.47 66.22 -36.28
N PRO C 505 11.34 65.74 -36.84
CA PRO C 505 10.45 64.86 -36.06
C PRO C 505 11.00 63.46 -35.82
N GLU C 506 11.99 63.02 -36.58
CA GLU C 506 12.66 61.76 -36.25
C GLU C 506 13.51 61.90 -35.00
N ILE C 507 14.20 63.03 -34.86
CA ILE C 507 15.04 63.27 -33.68
C ILE C 507 14.16 63.71 -32.50
N GLN C 508 12.93 64.17 -32.80
CA GLN C 508 12.01 64.60 -31.75
C GLN C 508 11.52 63.43 -30.92
N TYR C 509 11.47 62.24 -31.52
CA TYR C 509 10.97 61.03 -30.85
C TYR C 509 11.82 60.60 -29.67
N PHE C 510 13.09 60.99 -29.64
CA PHE C 510 13.96 60.54 -28.56
C PHE C 510 13.94 61.52 -27.39
N THR C 511 12.86 62.29 -27.25
CA THR C 511 12.65 63.16 -26.11
C THR C 511 11.50 62.70 -25.25
N TYR C 512 10.71 61.75 -25.76
CA TYR C 512 9.48 61.33 -25.09
C TYR C 512 9.77 60.40 -23.93
N ALA C 513 8.88 60.39 -22.94
CA ALA C 513 8.93 59.47 -21.82
C ALA C 513 8.33 58.12 -22.22
N ARG C 514 8.07 57.28 -21.22
CA ARG C 514 7.57 55.93 -21.50
C ARG C 514 6.11 55.88 -21.91
N ASP C 515 5.42 57.03 -21.92
CA ASP C 515 4.02 57.03 -22.32
C ASP C 515 3.87 56.91 -23.83
N LYS C 516 4.85 57.39 -24.59
CA LYS C 516 4.70 57.51 -26.03
C LYS C 516 5.67 56.67 -26.85
N TRP C 517 6.26 55.63 -26.27
CA TRP C 517 7.17 54.79 -27.04
C TRP C 517 6.40 53.89 -27.99
N LEU C 518 7.03 53.55 -29.11
CA LEU C 518 6.43 52.64 -30.07
C LEU C 518 6.32 51.23 -29.48
N PRO C 519 5.23 50.51 -29.74
CA PRO C 519 5.01 49.20 -29.10
C PRO C 519 5.98 48.09 -29.51
N SER C 520 6.88 48.36 -30.45
CA SER C 520 8.04 47.50 -30.68
C SER C 520 9.25 48.42 -30.60
N ASP C 521 9.70 48.66 -29.37
CA ASP C 521 10.88 49.46 -29.07
C ASP C 521 11.94 48.43 -28.71
N PRO C 522 13.22 48.61 -29.09
CA PRO C 522 14.27 47.71 -28.60
C PRO C 522 14.42 47.67 -27.09
N GLN C 523 14.11 48.79 -26.42
CA GLN C 523 14.12 48.86 -24.96
C GLN C 523 13.10 47.90 -24.35
N ILE C 524 11.89 47.84 -24.91
CA ILE C 524 10.83 47.00 -24.38
C ILE C 524 11.14 45.53 -24.59
N ILE C 525 11.65 45.18 -25.77
CA ILE C 525 12.08 43.81 -26.07
C ILE C 525 13.22 43.40 -25.14
N SER C 526 14.14 44.33 -24.86
CA SER C 526 15.23 44.08 -23.94
C SER C 526 14.74 43.79 -22.53
N GLU C 527 13.77 44.58 -22.06
CA GLU C 527 13.24 44.37 -20.71
C GLU C 527 12.49 43.05 -20.60
N GLY C 528 11.75 42.67 -21.64
CA GLY C 528 11.01 41.42 -21.60
C GLY C 528 11.92 40.19 -21.60
N LEU C 529 12.87 40.15 -22.53
CA LEU C 529 13.77 38.99 -22.60
C LEU C 529 14.67 38.92 -21.37
N TYR C 530 15.07 40.08 -20.84
CA TYR C 530 15.90 40.09 -19.64
C TYR C 530 15.10 39.70 -18.42
N ALA C 531 13.78 39.88 -18.46
CA ALA C 531 12.98 39.41 -17.34
C ALA C 531 12.75 37.91 -17.41
N ILE C 532 12.71 37.34 -18.63
CA ILE C 532 12.60 35.88 -18.75
C ILE C 532 13.89 35.20 -18.30
N ALA C 533 15.04 35.76 -18.68
CA ALA C 533 16.31 35.08 -18.46
C ALA C 533 16.69 35.00 -16.99
N VAL C 534 16.28 35.97 -16.19
CA VAL C 534 16.62 35.96 -14.77
C VAL C 534 15.82 34.87 -14.04
N VAL C 535 14.58 34.62 -14.48
CA VAL C 535 13.80 33.53 -13.91
C VAL C 535 14.39 32.19 -14.33
N LEU C 536 14.82 32.08 -15.59
CA LEU C 536 15.42 30.81 -16.02
C LEU C 536 16.79 30.57 -15.39
N SER C 537 17.45 31.62 -14.90
CA SER C 537 18.82 31.45 -14.41
C SER C 537 18.87 31.04 -12.94
N PHE C 538 17.72 30.76 -12.31
CA PHE C 538 17.80 30.15 -10.99
C PHE C 538 17.50 28.65 -11.05
N SER C 539 17.34 28.10 -12.25
CA SER C 539 17.20 26.65 -12.39
C SER C 539 18.53 25.93 -12.45
N ARG C 540 19.62 26.68 -12.27
CA ARG C 540 21.00 26.11 -12.36
C ARG C 540 21.41 25.51 -11.01
N ILE C 541 20.58 25.64 -9.97
CA ILE C 541 20.94 25.13 -8.65
C ILE C 541 20.77 23.61 -8.60
N ALA C 542 20.13 23.04 -9.63
CA ALA C 542 20.01 21.60 -9.77
C ALA C 542 21.36 20.94 -10.08
N TYR C 543 22.35 21.72 -10.49
CA TYR C 543 23.71 21.21 -10.57
C TYR C 543 24.34 21.11 -9.18
N ILE C 544 23.79 21.82 -8.20
CA ILE C 544 24.40 21.84 -6.87
C ILE C 544 23.73 20.83 -5.97
N LEU C 545 22.40 20.76 -6.01
CA LEU C 545 21.63 20.02 -5.00
C LEU C 545 21.88 18.50 -4.83
N PRO C 546 22.27 17.71 -5.83
CA PRO C 546 22.51 16.28 -5.53
C PRO C 546 23.72 15.97 -4.65
N ALA C 547 24.60 16.95 -4.39
CA ALA C 547 25.75 16.70 -3.52
C ALA C 547 25.42 17.03 -2.06
N ASN C 548 24.34 16.43 -1.57
CA ASN C 548 23.85 16.67 -0.23
C ASN C 548 22.91 15.55 0.13
N GLU C 549 22.97 15.11 1.39
CA GLU C 549 22.21 13.93 1.78
C GLU C 549 20.76 14.28 2.05
N SER C 550 20.49 15.48 2.57
CA SER C 550 19.14 15.79 3.02
C SER C 550 18.24 16.19 1.85
N PHE C 551 18.76 16.98 0.92
CA PHE C 551 18.00 17.41 -0.25
C PHE C 551 18.27 16.53 -1.47
N GLY C 552 18.94 15.41 -1.29
CA GLY C 552 19.27 14.50 -2.37
C GLY C 552 18.11 13.70 -2.93
N PRO C 553 17.53 12.78 -2.11
CA PRO C 553 16.42 11.95 -2.62
C PRO C 553 15.13 12.71 -2.90
N LEU C 554 15.06 13.95 -2.43
CA LEU C 554 13.96 14.83 -2.78
C LEU C 554 13.95 15.16 -4.27
N GLN C 555 15.09 15.60 -4.78
CA GLN C 555 15.20 16.01 -6.16
C GLN C 555 14.87 14.89 -7.14
N ILE C 556 15.27 13.68 -6.79
CA ILE C 556 15.07 12.54 -7.68
C ILE C 556 13.58 12.25 -7.84
N SER C 557 12.84 12.28 -6.74
CA SER C 557 11.39 12.08 -6.80
C SER C 557 10.70 13.22 -7.53
N LEU C 558 11.24 14.44 -7.39
CA LEU C 558 10.67 15.56 -8.12
C LEU C 558 10.92 15.41 -9.63
N GLY C 559 12.11 14.95 -10.01
CA GLY C 559 12.37 14.69 -11.42
C GLY C 559 11.51 13.58 -11.99
N ARG C 560 11.22 12.55 -11.17
CA ARG C 560 10.37 11.47 -11.63
C ARG C 560 8.92 11.93 -11.84
N THR C 561 8.39 12.73 -10.91
CA THR C 561 7.02 13.21 -11.07
C THR C 561 6.89 14.19 -12.23
N VAL C 562 7.90 15.05 -12.43
CA VAL C 562 7.86 15.97 -13.56
C VAL C 562 7.98 15.21 -14.88
N LYS C 563 8.75 14.12 -14.88
CA LYS C 563 8.82 13.30 -16.09
C LYS C 563 7.55 12.48 -16.31
N ASP C 564 6.71 12.36 -15.27
CA ASP C 564 5.52 11.54 -15.45
C ASP C 564 4.26 12.39 -15.65
N ILE C 565 4.36 13.71 -15.49
CA ILE C 565 3.20 14.59 -15.72
C ILE C 565 2.81 14.70 -17.19
N PHE C 566 3.79 14.68 -18.11
CA PHE C 566 3.57 15.12 -19.49
C PHE C 566 2.61 14.20 -20.26
N LYS C 567 2.59 12.91 -19.90
CA LYS C 567 1.65 11.97 -20.51
C LYS C 567 0.21 12.34 -20.18
N PHE C 568 -0.02 12.86 -18.97
CA PHE C 568 -1.35 13.34 -18.59
C PHE C 568 -1.63 14.69 -19.23
N MET C 569 -0.58 15.49 -19.40
CA MET C 569 -0.75 16.85 -19.94
C MET C 569 -1.22 16.82 -21.38
N VAL C 570 -0.70 15.88 -22.17
CA VAL C 570 -1.11 15.75 -23.57
C VAL C 570 -2.59 15.38 -23.67
N LEU C 571 -3.07 14.51 -22.76
CA LEU C 571 -4.48 14.17 -22.76
C LEU C 571 -5.34 15.33 -22.26
N PHE C 572 -4.79 16.18 -21.39
CA PHE C 572 -5.57 17.31 -20.88
C PHE C 572 -5.73 18.40 -21.94
N ILE C 573 -4.75 18.50 -22.84
CA ILE C 573 -4.78 19.51 -23.91
C ILE C 573 -5.95 19.26 -24.86
N MET C 574 -6.32 18.00 -25.08
CA MET C 574 -7.40 17.68 -26.02
C MET C 574 -8.75 18.15 -25.50
N VAL C 575 -9.04 17.89 -24.22
CA VAL C 575 -10.29 18.31 -23.59
C VAL C 575 -10.35 19.83 -23.52
N PHE C 576 -9.22 20.46 -23.14
CA PHE C 576 -9.13 21.91 -23.09
C PHE C 576 -9.41 22.54 -24.46
N PHE C 577 -8.86 21.96 -25.52
CA PHE C 577 -9.03 22.48 -26.86
C PHE C 577 -10.47 22.30 -27.36
N ALA C 578 -11.09 21.16 -27.02
CA ALA C 578 -12.50 20.92 -27.34
C ALA C 578 -13.41 21.97 -26.73
N PHE C 579 -13.26 22.22 -25.43
CA PHE C 579 -14.15 23.16 -24.78
C PHE C 579 -13.88 24.59 -25.21
N MET C 580 -12.63 24.94 -25.55
CA MET C 580 -12.39 26.32 -25.97
C MET C 580 -12.93 26.57 -27.38
N ILE C 581 -12.89 25.56 -28.26
CA ILE C 581 -13.46 25.75 -29.59
C ILE C 581 -14.98 25.85 -29.53
N GLY C 582 -15.61 25.05 -28.67
CA GLY C 582 -17.06 25.15 -28.51
C GLY C 582 -17.50 26.47 -27.91
N MET C 583 -16.81 26.92 -26.87
CA MET C 583 -17.14 28.21 -26.26
C MET C 583 -16.86 29.37 -27.19
N PHE C 584 -15.91 29.25 -28.12
CA PHE C 584 -15.70 30.32 -29.07
C PHE C 584 -16.77 30.33 -30.14
N ILE C 585 -17.20 29.16 -30.61
CA ILE C 585 -18.22 29.10 -31.65
C ILE C 585 -19.57 29.58 -31.11
N LEU C 586 -19.80 29.42 -29.80
CA LEU C 586 -21.09 29.84 -29.25
C LEU C 586 -21.19 31.36 -29.15
N TYR C 587 -20.26 32.01 -28.43
CA TYR C 587 -20.41 33.41 -28.06
C TYR C 587 -19.74 34.40 -29.02
N SER C 588 -19.51 34.02 -30.27
CA SER C 588 -18.68 34.88 -31.12
C SER C 588 -19.48 36.03 -31.70
N TYR C 589 -20.79 35.88 -31.83
CA TYR C 589 -21.60 36.94 -32.42
C TYR C 589 -22.04 37.99 -31.42
N TYR C 590 -21.74 37.81 -30.14
CA TYR C 590 -22.21 38.71 -29.11
C TYR C 590 -21.12 39.59 -28.53
N LEU C 591 -20.20 40.09 -29.34
CA LEU C 591 -19.07 40.88 -28.85
C LEU C 591 -19.53 42.20 -28.27
N GLY C 592 -20.56 42.80 -28.87
CA GLY C 592 -20.99 44.12 -28.43
C GLY C 592 -21.79 44.10 -27.15
N ALA C 593 -22.59 43.05 -26.94
CA ALA C 593 -23.52 43.01 -25.83
C ALA C 593 -23.21 41.82 -24.93
N LYS C 594 -22.27 42.01 -24.01
CA LYS C 594 -22.03 41.09 -22.92
C LYS C 594 -21.63 41.89 -21.69
N VAL C 595 -21.77 41.27 -20.51
CA VAL C 595 -21.29 41.89 -19.29
C VAL C 595 -19.77 41.92 -19.27
N ASN C 596 -19.13 40.79 -19.56
CA ASN C 596 -17.69 40.65 -19.52
C ASN C 596 -17.19 40.47 -20.95
N ALA C 597 -15.89 40.69 -21.15
CA ALA C 597 -15.33 40.60 -22.49
C ALA C 597 -14.85 39.19 -22.83
N ALA C 598 -15.25 38.21 -22.02
CA ALA C 598 -14.75 36.85 -22.22
C ALA C 598 -15.48 36.15 -23.36
N PHE C 599 -14.80 35.18 -23.97
CA PHE C 599 -15.24 34.20 -24.96
C PHE C 599 -15.45 34.81 -26.34
N THR C 600 -15.13 36.08 -26.55
CA THR C 600 -15.51 36.72 -27.80
C THR C 600 -14.40 36.63 -28.84
N THR C 601 -13.23 36.17 -28.43
CA THR C 601 -12.16 35.85 -29.36
C THR C 601 -11.35 34.69 -28.79
N VAL C 602 -10.51 34.10 -29.65
CA VAL C 602 -9.87 32.83 -29.33
C VAL C 602 -8.83 33.00 -28.22
N GLU C 603 -8.13 34.12 -28.26
CA GLU C 603 -7.15 34.45 -27.24
C GLU C 603 -7.82 34.65 -25.88
N GLU C 604 -8.98 35.28 -25.86
CA GLU C 604 -9.69 35.55 -24.62
C GLU C 604 -10.37 34.29 -24.09
N SER C 605 -10.84 33.43 -24.99
CA SER C 605 -11.43 32.17 -24.56
C SER C 605 -10.38 31.23 -23.98
N PHE C 606 -9.19 31.22 -24.61
CA PHE C 606 -8.04 30.52 -24.05
C PHE C 606 -7.69 31.03 -22.67
N LYS C 607 -7.72 32.35 -22.49
CA LYS C 607 -7.40 32.98 -21.22
C LYS C 607 -8.39 32.57 -20.13
N THR C 608 -9.69 32.61 -20.44
CA THR C 608 -10.71 32.30 -19.43
C THR C 608 -10.69 30.84 -19.06
N LEU C 609 -10.59 29.94 -20.05
CA LEU C 609 -10.55 28.52 -19.73
C LEU C 609 -9.25 28.12 -19.07
N PHE C 610 -8.17 28.89 -19.24
CA PHE C 610 -6.96 28.56 -18.50
C PHE C 610 -7.06 29.02 -17.05
N TRP C 611 -7.58 30.23 -16.82
CA TRP C 611 -7.61 30.70 -15.44
C TRP C 611 -8.79 30.13 -14.67
N SER C 612 -9.67 29.38 -15.33
CA SER C 612 -10.80 28.79 -14.60
C SER C 612 -10.39 27.53 -13.84
N ILE C 613 -9.20 26.99 -14.10
CA ILE C 613 -8.82 25.77 -13.39
C ILE C 613 -8.11 26.11 -12.09
N PHE C 614 -7.80 27.39 -11.87
CA PHE C 614 -7.22 27.80 -10.61
C PHE C 614 -8.19 28.57 -9.74
N GLY C 615 -9.48 28.42 -10.02
CA GLY C 615 -10.51 29.10 -9.25
C GLY C 615 -10.35 30.60 -9.29
N LEU C 616 -9.94 31.13 -10.44
CA LEU C 616 -9.76 32.56 -10.59
C LEU C 616 -10.50 32.97 -11.84
N SER C 617 -11.82 32.85 -11.77
CA SER C 617 -12.70 33.19 -12.88
C SER C 617 -14.06 33.53 -12.33
N GLU C 618 -14.88 34.16 -13.15
CA GLU C 618 -16.21 34.56 -12.73
C GLU C 618 -17.29 33.74 -13.44
N VAL C 619 -18.44 33.62 -12.79
CA VAL C 619 -19.62 33.08 -13.46
C VAL C 619 -20.18 34.09 -14.44
N THR C 620 -19.99 35.38 -14.15
CA THR C 620 -20.66 36.41 -14.91
C THR C 620 -19.98 36.70 -16.25
N SER C 621 -19.05 35.86 -16.69
CA SER C 621 -18.61 35.91 -18.08
C SER C 621 -19.63 35.23 -18.99
N VAL C 622 -20.46 34.36 -18.42
CA VAL C 622 -21.41 33.57 -19.20
C VAL C 622 -22.66 34.39 -19.52
N VAL C 623 -23.06 35.27 -18.59
CA VAL C 623 -24.31 36.00 -18.75
C VAL C 623 -24.14 37.11 -19.80
N LEU C 624 -25.21 37.36 -20.55
CA LEU C 624 -25.23 38.39 -21.58
C LEU C 624 -26.41 39.33 -21.34
N LYS C 625 -26.55 40.33 -22.22
CA LYS C 625 -27.44 41.45 -21.93
C LYS C 625 -28.82 41.28 -22.56
N TYR C 626 -28.93 40.46 -23.62
CA TYR C 626 -30.20 40.33 -24.32
C TYR C 626 -31.03 39.24 -23.66
N ASP C 627 -32.14 38.83 -24.26
CA ASP C 627 -32.93 37.79 -23.59
C ASP C 627 -32.31 36.43 -23.84
N HIS C 628 -32.47 35.92 -25.09
CA HIS C 628 -31.80 34.76 -25.71
C HIS C 628 -31.35 33.68 -24.74
N LYS C 629 -32.29 33.24 -23.89
CA LYS C 629 -31.95 32.47 -22.69
C LYS C 629 -31.46 31.07 -23.04
N PHE C 630 -31.80 30.59 -24.23
CA PHE C 630 -31.32 29.29 -24.71
C PHE C 630 -29.80 29.27 -24.81
N ILE C 631 -29.23 30.33 -25.40
CA ILE C 631 -27.79 30.51 -25.52
C ILE C 631 -27.12 30.53 -24.15
N GLU C 632 -27.71 31.27 -23.21
CA GLU C 632 -27.11 31.42 -21.89
C GLU C 632 -27.16 30.13 -21.09
N ASN C 633 -28.24 29.35 -21.24
CA ASN C 633 -28.30 28.09 -20.51
C ASN C 633 -27.35 27.06 -21.09
N ILE C 634 -27.16 27.05 -22.41
CA ILE C 634 -26.17 26.15 -23.00
C ILE C 634 -24.76 26.55 -22.56
N GLY C 635 -24.53 27.86 -22.38
CA GLY C 635 -23.25 28.32 -21.83
C GLY C 635 -22.99 27.86 -20.42
N TYR C 636 -23.99 27.97 -19.53
CA TYR C 636 -23.86 27.49 -18.16
C TYR C 636 -23.60 25.99 -18.12
N VAL C 637 -24.31 25.22 -18.96
CA VAL C 637 -24.18 23.77 -18.93
C VAL C 637 -22.80 23.32 -19.41
N LEU C 638 -22.30 23.93 -20.50
CA LEU C 638 -20.98 23.54 -20.99
C LEU C 638 -19.87 23.94 -20.04
N TYR C 639 -20.02 25.09 -19.38
CA TYR C 639 -18.99 25.53 -18.44
C TYR C 639 -18.98 24.65 -17.19
N GLY C 640 -20.15 24.16 -16.78
CA GLY C 640 -20.20 23.22 -15.67
C GLY C 640 -19.59 21.87 -16.00
N ILE C 641 -19.84 21.38 -17.22
CA ILE C 641 -19.24 20.11 -17.67
C ILE C 641 -17.72 20.23 -17.73
N TYR C 642 -17.21 21.39 -18.13
CA TYR C 642 -15.76 21.61 -18.13
C TYR C 642 -15.18 21.59 -16.72
N ASN C 643 -15.84 22.27 -15.77
CA ASN C 643 -15.31 22.29 -14.40
C ASN C 643 -15.39 20.92 -13.72
N VAL C 644 -16.30 20.05 -14.16
CA VAL C 644 -16.32 18.70 -13.59
C VAL C 644 -15.23 17.83 -14.24
N THR C 645 -15.04 17.97 -15.55
CA THR C 645 -14.11 17.13 -16.30
C THR C 645 -12.67 17.36 -15.85
N MET C 646 -12.31 18.61 -15.58
CA MET C 646 -10.94 18.90 -15.14
C MET C 646 -10.62 18.27 -13.79
N VAL C 647 -11.61 18.23 -12.89
CA VAL C 647 -11.41 17.63 -11.58
C VAL C 647 -11.27 16.11 -11.70
N VAL C 648 -12.05 15.50 -12.59
CA VAL C 648 -11.94 14.05 -12.81
C VAL C 648 -10.56 13.68 -13.37
N VAL C 649 -10.10 14.44 -14.34
CA VAL C 649 -8.80 14.19 -14.94
C VAL C 649 -7.72 14.35 -13.89
N LEU C 650 -7.87 15.37 -13.06
CA LEU C 650 -6.92 15.64 -11.99
C LEU C 650 -6.89 14.49 -10.99
N LEU C 651 -8.06 13.95 -10.68
CA LEU C 651 -8.16 12.84 -9.75
C LEU C 651 -7.46 11.61 -10.29
N ASN C 652 -7.60 11.37 -11.59
CA ASN C 652 -7.00 10.22 -12.24
C ASN C 652 -5.48 10.30 -12.16
N MET C 653 -4.96 11.51 -12.36
CA MET C 653 -3.53 11.78 -12.31
C MET C 653 -2.93 11.43 -10.96
N LEU C 654 -3.58 11.88 -9.88
CA LEU C 654 -3.11 11.63 -8.52
C LEU C 654 -3.08 10.14 -8.19
N ILE C 655 -4.14 9.41 -8.58
CA ILE C 655 -4.19 7.98 -8.25
C ILE C 655 -3.14 7.21 -9.03
N ALA C 656 -2.89 7.59 -10.28
CA ALA C 656 -1.87 6.90 -11.07
C ALA C 656 -0.47 7.13 -10.52
N MET C 657 -0.29 8.31 -9.93
CA MET C 657 0.99 8.68 -9.24
C MET C 657 1.21 7.74 -8.06
N ILE C 658 0.14 7.35 -7.37
CA ILE C 658 0.31 6.44 -6.20
C ILE C 658 0.85 5.09 -6.68
N ASN C 659 0.41 4.61 -7.85
CA ASN C 659 0.88 3.28 -8.35
C ASN C 659 2.42 3.27 -8.41
N SER C 660 3.02 4.38 -8.82
CA SER C 660 4.51 4.45 -8.93
C SER C 660 5.15 4.23 -7.55
N SER C 661 4.61 4.83 -6.50
CA SER C 661 5.21 4.66 -5.14
C SER C 661 5.14 3.19 -4.73
N TYR C 662 4.03 2.51 -4.96
CA TYR C 662 3.92 1.07 -4.59
C TYR C 662 4.94 0.29 -5.41
N GLN C 663 5.10 0.65 -6.68
CA GLN C 663 6.08 -0.01 -7.59
C GLN C 663 7.50 0.24 -7.08
N GLU C 664 7.77 1.42 -6.53
CA GLU C 664 9.13 1.78 -6.03
C GLU C 664 9.54 0.83 -4.90
N ILE C 665 8.60 0.46 -4.03
CA ILE C 665 8.85 -0.48 -2.90
C ILE C 665 9.95 0.07 -1.97
N GLU C 666 10.96 -0.74 -1.65
CA GLU C 666 12.03 -0.32 -0.71
C GLU C 666 13.42 -0.63 -1.28
N ASP C 667 14.45 -0.04 -0.70
CA ASP C 667 15.86 -0.21 -1.10
C ASP C 667 16.17 0.20 -2.53
N ASP C 668 15.57 1.30 -2.97
CA ASP C 668 15.78 1.83 -4.31
C ASP C 668 15.99 3.35 -4.30
N SER C 669 15.28 4.08 -3.47
CA SER C 669 15.48 5.56 -3.38
C SER C 669 16.92 5.82 -2.94
N ASP C 670 17.41 5.03 -1.98
CA ASP C 670 18.77 5.12 -1.45
C ASP C 670 19.77 4.81 -2.54
N VAL C 671 19.44 3.81 -3.35
CA VAL C 671 20.27 3.37 -4.47
C VAL C 671 20.23 4.39 -5.60
N GLU C 672 19.01 4.85 -5.94
CA GLU C 672 18.84 5.81 -7.02
C GLU C 672 19.57 7.11 -6.70
N TRP C 673 19.48 7.56 -5.44
CA TRP C 673 20.14 8.80 -5.05
C TRP C 673 21.65 8.66 -5.13
N LYS C 674 22.18 7.48 -4.77
CA LYS C 674 23.62 7.28 -4.85
C LYS C 674 24.08 7.34 -6.29
N PHE C 675 23.26 6.81 -7.21
CA PHE C 675 23.63 6.82 -8.61
C PHE C 675 23.53 8.22 -9.20
N ALA C 676 22.80 9.10 -8.51
CA ALA C 676 22.90 10.51 -8.87
C ALA C 676 24.28 11.07 -8.52
N ARG C 677 24.67 10.98 -7.25
CA ARG C 677 25.74 11.84 -6.76
C ARG C 677 27.08 11.40 -7.31
N SER C 678 27.23 10.10 -7.58
CA SER C 678 28.48 9.57 -8.09
C SER C 678 28.72 10.06 -9.49
N LYS C 679 27.64 10.19 -10.26
CA LYS C 679 27.72 10.77 -11.61
C LYS C 679 28.26 12.17 -11.53
N LEU C 680 27.77 12.95 -10.55
CA LEU C 680 28.26 14.30 -10.30
C LEU C 680 29.73 14.30 -9.94
N TRP C 681 30.16 13.33 -9.12
CA TRP C 681 31.56 13.25 -8.73
C TRP C 681 32.44 12.94 -9.93
N LEU C 682 31.94 12.11 -10.85
CA LEU C 682 32.78 11.74 -11.98
C LEU C 682 32.85 12.86 -13.01
N SER C 683 32.09 13.93 -12.81
CA SER C 683 32.29 15.09 -13.67
C SER C 683 33.57 15.84 -13.31
N TYR C 684 34.01 15.74 -12.07
CA TYR C 684 35.20 16.47 -11.63
C TYR C 684 36.51 15.71 -11.55
N PHE C 685 36.47 14.38 -11.53
CA PHE C 685 37.70 13.61 -11.44
C PHE C 685 38.61 13.86 -12.63
N ASP C 686 38.01 14.01 -13.81
CA ASP C 686 38.76 14.21 -15.04
C ASP C 686 39.55 15.51 -15.02
N ASP C 687 40.75 15.47 -15.59
CA ASP C 687 41.64 16.63 -15.67
C ASP C 687 41.80 17.32 -14.33
N ASN C 758 52.41 -19.71 -20.30
CA ASN C 758 53.47 -18.78 -19.92
C ASN C 758 53.37 -18.43 -18.44
N GLN C 759 53.66 -17.18 -18.12
CA GLN C 759 53.51 -16.66 -16.76
C GLN C 759 52.43 -15.59 -16.75
N PRO C 760 51.31 -15.82 -16.06
CA PRO C 760 50.21 -14.84 -16.09
C PRO C 760 50.53 -13.57 -15.31
N THR C 761 49.77 -12.51 -15.58
CA THR C 761 49.97 -11.27 -14.87
C THR C 761 49.42 -11.36 -13.44
N ARG C 762 49.60 -10.26 -12.70
CA ARG C 762 49.04 -10.19 -11.36
C ARG C 762 47.52 -10.09 -11.40
N TYR C 763 47.01 -9.37 -12.40
CA TYR C 763 45.58 -9.16 -12.59
C TYR C 763 44.84 -10.46 -12.80
N GLN C 764 45.40 -11.36 -13.59
CA GLN C 764 44.70 -12.60 -13.89
C GLN C 764 44.72 -13.55 -12.70
N GLN C 765 45.75 -13.45 -11.85
CA GLN C 765 45.76 -14.23 -10.61
C GLN C 765 44.69 -13.75 -9.65
N ILE C 766 44.55 -12.43 -9.52
CA ILE C 766 43.51 -11.87 -8.65
C ILE C 766 42.11 -12.23 -9.15
N MET C 767 41.91 -12.15 -10.46
CA MET C 767 40.60 -12.46 -11.03
C MET C 767 40.28 -13.95 -10.90
N LYS C 768 41.30 -14.80 -11.03
CA LYS C 768 41.11 -16.24 -10.86
C LYS C 768 40.71 -16.57 -9.44
N ARG C 769 41.31 -15.90 -8.46
CA ARG C 769 40.94 -16.13 -7.06
C ARG C 769 39.51 -15.68 -6.78
N LEU C 770 39.09 -14.56 -7.36
CA LEU C 770 37.73 -14.07 -7.15
C LEU C 770 36.69 -15.01 -7.75
N ILE C 771 36.93 -15.49 -8.96
CA ILE C 771 35.97 -16.38 -9.61
C ILE C 771 35.90 -17.73 -8.89
N LYS C 772 37.04 -18.20 -8.36
CA LYS C 772 37.03 -19.43 -7.56
C LYS C 772 36.18 -19.26 -6.30
N ARG C 773 36.30 -18.12 -5.62
CA ARG C 773 35.48 -17.91 -4.43
C ARG C 773 33.99 -17.81 -4.76
N TYR C 774 33.66 -17.22 -5.92
CA TYR C 774 32.25 -17.13 -6.32
C TYR C 774 31.66 -18.51 -6.60
N VAL C 775 32.42 -19.37 -7.30
CA VAL C 775 31.93 -20.71 -7.61
C VAL C 775 31.74 -21.52 -6.33
N LEU C 776 32.69 -21.40 -5.38
CA LEU C 776 32.57 -22.14 -4.12
C LEU C 776 31.38 -21.68 -3.29
N LYS C 777 31.14 -20.35 -3.22
CA LYS C 777 29.99 -19.85 -2.47
C LYS C 777 28.67 -20.28 -3.10
N ALA C 778 28.63 -20.32 -4.44
CA ALA C 778 27.41 -20.75 -5.11
C ALA C 778 27.12 -22.22 -4.87
N GLN C 779 28.17 -23.05 -4.87
CA GLN C 779 27.95 -24.48 -4.63
C GLN C 779 27.57 -24.76 -3.18
N VAL C 780 28.12 -23.99 -2.23
CA VAL C 780 27.73 -24.16 -0.83
C VAL C 780 26.26 -23.76 -0.61
N ASP C 781 25.83 -22.66 -1.25
CA ASP C 781 24.43 -22.24 -1.11
C ASP C 781 23.49 -23.22 -1.80
N LYS C 782 23.93 -23.82 -2.92
CA LYS C 782 23.09 -24.79 -3.61
C LYS C 782 23.00 -26.11 -2.83
N GLU C 783 24.08 -26.48 -2.13
CA GLU C 783 24.05 -27.69 -1.32
C GLU C 783 23.20 -27.50 -0.08
N ASN C 784 23.29 -26.32 0.56
CA ASN C 784 22.48 -26.07 1.74
C ASN C 784 21.05 -25.69 1.38
N ASP C 785 20.75 -25.50 0.09
CA ASP C 785 19.39 -25.25 -0.33
C ASP C 785 18.53 -26.51 -0.24
N GLU C 786 19.15 -27.69 -0.33
CA GLU C 786 18.45 -28.97 -0.24
C GLU C 786 19.34 -29.96 0.51
N VAL C 787 19.03 -30.18 1.79
CA VAL C 787 19.92 -30.97 2.65
C VAL C 787 19.47 -32.42 2.74
N ASN C 788 18.15 -32.65 2.75
CA ASN C 788 17.64 -33.98 3.10
C ASN C 788 17.77 -34.97 1.95
N GLU C 789 17.71 -34.48 0.70
CA GLU C 789 17.62 -35.36 -0.46
C GLU C 789 18.92 -36.14 -0.67
N GLY C 790 20.06 -35.50 -0.43
CA GLY C 790 21.33 -36.20 -0.59
C GLY C 790 21.53 -37.28 0.45
N GLU C 791 21.11 -37.01 1.69
CA GLU C 791 21.19 -38.01 2.75
C GLU C 791 20.24 -39.18 2.49
N LEU C 792 19.04 -38.87 1.96
CA LEU C 792 18.10 -39.95 1.65
C LEU C 792 18.58 -40.80 0.48
N LYS C 793 19.17 -40.18 -0.54
CA LYS C 793 19.75 -40.94 -1.64
C LYS C 793 20.93 -41.78 -1.17
N GLU C 794 21.74 -41.23 -0.26
CA GLU C 794 22.89 -41.97 0.27
C GLU C 794 22.44 -43.15 1.11
N ILE C 795 21.38 -43.00 1.90
CA ILE C 795 20.95 -44.10 2.75
C ILE C 795 20.16 -45.12 1.92
N LYS C 796 19.59 -44.69 0.79
CA LYS C 796 19.01 -45.65 -0.13
C LYS C 796 20.09 -46.48 -0.81
N GLN C 797 21.20 -45.84 -1.20
CA GLN C 797 22.31 -46.58 -1.79
C GLN C 797 22.99 -47.47 -0.75
N ASP C 798 22.97 -47.07 0.51
CA ASP C 798 23.49 -47.94 1.57
C ASP C 798 22.56 -49.11 1.84
N ILE C 799 21.25 -48.90 1.71
CA ILE C 799 20.29 -49.98 1.85
C ILE C 799 20.40 -50.95 0.69
N SER C 800 20.84 -50.45 -0.48
CA SER C 800 21.12 -51.35 -1.59
C SER C 800 22.27 -52.30 -1.27
N SER C 801 23.33 -51.79 -0.63
CA SER C 801 24.45 -52.65 -0.25
C SER C 801 24.05 -53.58 0.90
N LEU C 802 23.17 -53.11 1.79
CA LEU C 802 22.68 -53.96 2.87
C LEU C 802 21.78 -55.07 2.33
N ARG C 803 21.08 -54.82 1.22
CA ARG C 803 20.32 -55.87 0.57
C ARG C 803 21.22 -56.81 -0.20
N TYR C 804 22.33 -56.29 -0.72
CA TYR C 804 23.28 -57.15 -1.46
C TYR C 804 24.05 -58.05 -0.52
N GLU C 805 24.31 -57.60 0.71
CA GLU C 805 25.13 -58.40 1.63
C GLU C 805 24.28 -59.41 2.40
N LEU C 806 23.07 -59.03 2.78
CA LEU C 806 22.22 -59.90 3.58
C LEU C 806 21.61 -61.03 2.75
N THR D 22 -15.77 -52.81 24.39
CA THR D 22 -14.94 -53.97 24.14
C THR D 22 -15.79 -55.23 23.97
N SER D 23 -16.53 -55.27 22.86
CA SER D 23 -17.41 -56.41 22.61
C SER D 23 -16.66 -57.55 21.92
N LEU D 24 -15.49 -57.27 21.36
CA LEU D 24 -14.81 -58.25 20.52
C LEU D 24 -14.12 -59.32 21.35
N THR D 25 -13.96 -60.50 20.75
CA THR D 25 -13.30 -61.62 21.38
C THR D 25 -11.79 -61.57 21.16
N ALA D 26 -11.09 -62.66 21.51
CA ALA D 26 -9.64 -62.66 21.38
C ALA D 26 -9.20 -63.05 19.98
N GLU D 27 -9.97 -63.91 19.31
CA GLU D 27 -9.72 -64.19 17.91
C GLU D 27 -9.95 -62.96 17.05
N GLU D 28 -10.91 -62.13 17.44
CA GLU D 28 -11.16 -60.85 16.76
C GLU D 28 -9.95 -59.93 16.85
N GLU D 29 -9.35 -59.83 18.05
CA GLU D 29 -8.17 -58.98 18.21
C GLU D 29 -6.96 -59.55 17.46
N ARG D 30 -6.80 -60.89 17.51
CA ARG D 30 -5.68 -61.54 16.85
C ARG D 30 -5.82 -61.52 15.33
N PHE D 31 -7.02 -61.30 14.85
CA PHE D 31 -7.29 -61.04 13.45
C PHE D 31 -7.09 -59.58 13.06
N LEU D 32 -7.69 -58.68 13.82
CA LEU D 32 -7.62 -57.24 13.55
C LEU D 32 -6.23 -56.63 13.61
N ASP D 33 -5.43 -57.02 14.59
CA ASP D 33 -4.08 -56.47 14.70
C ASP D 33 -3.17 -57.02 13.62
N ALA D 34 -3.36 -58.30 13.25
CA ALA D 34 -2.59 -58.90 12.17
C ALA D 34 -2.98 -58.30 10.82
N ALA D 35 -4.25 -57.89 10.68
CA ALA D 35 -4.66 -57.19 9.46
C ALA D 35 -4.07 -55.79 9.41
N GLU D 36 -4.14 -55.04 10.52
CA GLU D 36 -3.71 -53.65 10.51
C GLU D 36 -2.20 -53.52 10.51
N TYR D 37 -1.47 -54.60 10.80
CA TYR D 37 -0.02 -54.55 10.72
C TYR D 37 0.53 -55.15 9.43
N GLY D 38 -0.25 -55.96 8.72
CA GLY D 38 0.19 -56.46 7.43
C GLY D 38 0.87 -57.82 7.49
N ASN D 39 0.47 -58.66 8.43
CA ASN D 39 1.02 -60.00 8.54
C ASN D 39 0.30 -60.92 7.56
N ILE D 40 0.92 -61.15 6.39
CA ILE D 40 0.34 -62.06 5.41
C ILE D 40 0.18 -63.50 5.92
N PRO D 41 1.17 -64.14 6.62
CA PRO D 41 0.89 -65.49 7.14
C PRO D 41 -0.14 -65.53 8.26
N VAL D 42 -0.14 -64.53 9.15
CA VAL D 42 -1.04 -64.59 10.31
C VAL D 42 -2.48 -64.33 9.91
N VAL D 43 -2.69 -63.67 8.77
CA VAL D 43 -4.05 -63.45 8.27
C VAL D 43 -4.45 -64.60 7.34
N ARG D 44 -3.50 -65.09 6.54
CA ARG D 44 -3.74 -66.23 5.65
C ARG D 44 -4.10 -67.48 6.45
N LYS D 45 -3.44 -67.69 7.60
CA LYS D 45 -3.72 -68.85 8.43
C LYS D 45 -5.10 -68.75 9.06
N MET D 46 -5.53 -67.55 9.43
CA MET D 46 -6.82 -67.41 10.10
C MET D 46 -7.97 -67.48 9.10
N LEU D 47 -7.74 -67.06 7.86
CA LEU D 47 -8.77 -67.29 6.84
C LEU D 47 -8.77 -68.74 6.37
N GLU D 48 -7.61 -69.40 6.40
CA GLU D 48 -7.55 -70.79 5.99
C GLU D 48 -8.09 -71.72 7.07
N GLU D 49 -8.06 -71.27 8.33
CA GLU D 49 -8.60 -72.07 9.42
C GLU D 49 -10.12 -72.20 9.31
N SER D 50 -10.79 -71.12 8.92
CA SER D 50 -12.21 -71.11 8.51
C SER D 50 -13.15 -71.54 9.64
N LYS D 51 -12.76 -71.25 10.87
CA LYS D 51 -13.52 -71.69 12.04
C LYS D 51 -13.78 -70.51 12.96
N THR D 52 -15.07 -70.22 13.17
CA THR D 52 -15.57 -69.23 14.14
C THR D 52 -15.02 -67.82 13.86
N LEU D 53 -15.22 -67.35 12.64
CA LEU D 53 -14.72 -66.05 12.23
C LEU D 53 -15.74 -65.35 11.33
N ASN D 54 -16.19 -64.18 11.75
CA ASN D 54 -16.99 -63.30 10.93
C ASN D 54 -16.08 -62.24 10.33
N VAL D 55 -16.21 -62.01 9.03
CA VAL D 55 -15.34 -61.05 8.35
C VAL D 55 -15.68 -59.62 8.76
N ASN D 56 -16.94 -59.38 9.11
CA ASN D 56 -17.36 -58.10 9.65
C ASN D 56 -16.98 -58.05 11.13
N CYS D 57 -16.58 -56.86 11.59
CA CYS D 57 -16.20 -56.65 12.98
C CYS D 57 -16.23 -55.16 13.30
N VAL D 58 -16.03 -54.85 14.58
CA VAL D 58 -15.97 -53.44 15.06
C VAL D 58 -14.79 -53.32 16.03
N ASP D 59 -13.84 -52.42 15.74
CA ASP D 59 -12.68 -52.19 16.63
C ASP D 59 -12.54 -50.67 16.85
N TYR D 60 -12.38 -50.23 18.10
CA TYR D 60 -12.22 -48.77 18.37
C TYR D 60 -13.44 -48.04 17.79
N MET D 61 -13.18 -47.17 16.81
CA MET D 61 -14.21 -46.35 16.11
C MET D 61 -15.23 -47.24 15.39
N GLY D 62 -14.80 -48.40 14.88
CA GLY D 62 -15.71 -49.31 14.14
C GLY D 62 -15.10 -49.73 12.81
N GLN D 63 -13.80 -50.04 12.83
CA GLN D 63 -13.04 -50.46 11.63
C GLN D 63 -13.49 -51.85 11.15
N ASN D 64 -13.36 -52.03 9.83
CA ASN D 64 -13.64 -53.22 9.02
C ASN D 64 -12.33 -53.95 8.84
N ALA D 65 -12.36 -55.01 8.03
CA ALA D 65 -11.12 -55.61 7.58
C ALA D 65 -10.48 -54.76 6.49
N LEU D 66 -11.25 -54.47 5.44
CA LEU D 66 -10.74 -53.70 4.30
C LEU D 66 -10.45 -52.25 4.69
N GLN D 67 -11.21 -51.68 5.63
CA GLN D 67 -10.97 -50.29 6.01
C GLN D 67 -9.64 -50.12 6.73
N LEU D 68 -9.30 -51.11 7.53
CA LEU D 68 -8.01 -51.21 8.21
C LEU D 68 -6.86 -51.56 7.24
N ALA D 69 -7.14 -52.43 6.27
CA ALA D 69 -6.12 -52.98 5.37
C ALA D 69 -5.79 -52.00 4.24
N VAL D 70 -6.69 -51.05 3.95
CA VAL D 70 -6.43 -50.10 2.88
C VAL D 70 -5.90 -48.79 3.44
N GLY D 71 -6.22 -48.50 4.71
CA GLY D 71 -5.79 -47.25 5.32
C GLY D 71 -4.28 -47.14 5.47
N ASN D 72 -3.59 -48.27 5.51
CA ASN D 72 -2.15 -48.34 5.28
C ASN D 72 -1.97 -49.35 4.15
N GLU D 73 -1.17 -49.00 3.15
CA GLU D 73 -1.22 -49.66 1.85
C GLU D 73 -0.69 -51.09 1.87
N HIS D 74 -1.58 -52.04 2.16
CA HIS D 74 -1.23 -53.46 2.18
C HIS D 74 -1.98 -54.21 1.09
N LEU D 75 -1.34 -54.28 -0.09
CA LEU D 75 -1.96 -54.90 -1.27
C LEU D 75 -2.07 -56.41 -1.13
N GLU D 76 -1.07 -57.03 -0.46
CA GLU D 76 -1.08 -58.49 -0.31
C GLU D 76 -2.21 -58.94 0.60
N VAL D 77 -2.54 -58.13 1.62
CA VAL D 77 -3.68 -58.45 2.47
C VAL D 77 -4.98 -58.20 1.72
N THR D 78 -5.00 -57.17 0.87
CA THR D 78 -6.23 -56.76 0.20
C THR D 78 -6.60 -57.76 -0.90
N GLU D 79 -5.60 -58.39 -1.51
CA GLU D 79 -5.87 -59.48 -2.44
C GLU D 79 -6.49 -60.69 -1.75
N LEU D 80 -6.20 -60.90 -0.46
CA LEU D 80 -6.73 -62.01 0.31
C LEU D 80 -8.09 -61.76 0.90
N LEU D 81 -8.35 -60.52 1.36
CA LEU D 81 -9.64 -60.23 2.00
C LEU D 81 -10.79 -60.22 0.99
N LEU D 82 -10.49 -59.95 -0.28
CA LEU D 82 -11.56 -59.95 -1.28
C LEU D 82 -11.86 -61.34 -1.80
N LYS D 83 -11.11 -62.34 -1.36
CA LYS D 83 -11.35 -63.72 -1.77
C LYS D 83 -12.67 -64.23 -1.21
N LYS D 84 -12.99 -63.83 0.02
CA LYS D 84 -14.28 -64.19 0.61
C LYS D 84 -15.40 -63.42 -0.08
N GLU D 85 -16.63 -63.91 0.07
CA GLU D 85 -17.73 -63.38 -0.71
C GLU D 85 -18.35 -62.15 -0.05
N ASN D 86 -18.50 -62.17 1.27
CA ASN D 86 -19.32 -61.18 1.97
C ASN D 86 -18.46 -60.18 2.71
N LEU D 87 -18.26 -59.02 2.07
CA LEU D 87 -17.75 -57.84 2.75
C LEU D 87 -18.77 -56.74 2.50
N ALA D 88 -19.16 -56.04 3.57
CA ALA D 88 -20.28 -55.12 3.49
C ALA D 88 -19.84 -53.68 3.32
N ARG D 89 -18.54 -53.42 3.25
CA ARG D 89 -18.07 -52.05 3.20
C ARG D 89 -17.03 -51.86 2.12
N ILE D 90 -17.29 -52.31 0.91
CA ILE D 90 -16.30 -52.11 -0.14
C ILE D 90 -16.44 -50.75 -0.83
N GLY D 91 -17.31 -49.88 -0.34
CA GLY D 91 -17.57 -48.64 -1.03
C GLY D 91 -16.71 -47.58 -0.38
N ASP D 92 -16.46 -47.76 0.91
CA ASP D 92 -15.70 -46.78 1.66
C ASP D 92 -14.21 -47.07 1.57
N ALA D 93 -13.86 -48.33 1.33
CA ALA D 93 -12.49 -48.63 0.93
C ALA D 93 -12.20 -48.02 -0.42
N LEU D 94 -13.20 -48.00 -1.31
CA LEU D 94 -13.02 -47.43 -2.63
C LEU D 94 -12.86 -45.91 -2.57
N LEU D 95 -13.69 -45.24 -1.78
CA LEU D 95 -13.56 -43.80 -1.60
C LEU D 95 -12.29 -43.43 -0.84
N LEU D 96 -11.89 -44.26 0.12
CA LEU D 96 -10.65 -43.97 0.85
C LEU D 96 -9.43 -44.23 -0.01
N ALA D 97 -9.52 -45.16 -0.96
CA ALA D 97 -8.40 -45.42 -1.84
C ALA D 97 -8.28 -44.36 -2.93
N ILE D 98 -9.41 -43.86 -3.45
CA ILE D 98 -9.35 -42.78 -4.42
C ILE D 98 -8.95 -41.47 -3.73
N SER D 99 -9.32 -41.32 -2.45
CA SER D 99 -8.90 -40.15 -1.69
C SER D 99 -7.40 -40.13 -1.47
N LYS D 100 -6.78 -41.30 -1.38
CA LYS D 100 -5.34 -41.37 -1.38
C LYS D 100 -4.83 -41.59 -2.81
N GLY D 101 -3.53 -41.83 -2.92
CA GLY D 101 -2.93 -41.91 -4.24
C GLY D 101 -2.91 -43.30 -4.85
N TYR D 102 -3.28 -44.29 -4.03
CA TYR D 102 -3.14 -45.72 -4.40
C TYR D 102 -3.84 -46.02 -5.73
N VAL D 103 -3.17 -46.78 -6.60
CA VAL D 103 -3.75 -47.12 -7.88
C VAL D 103 -4.00 -48.62 -8.01
N ARG D 104 -3.02 -49.45 -7.59
CA ARG D 104 -3.17 -50.89 -7.73
C ARG D 104 -4.23 -51.44 -6.79
N ILE D 105 -4.40 -50.80 -5.63
CA ILE D 105 -5.49 -51.17 -4.73
C ILE D 105 -6.83 -50.87 -5.37
N VAL D 106 -6.93 -49.76 -6.10
CA VAL D 106 -8.15 -49.42 -6.82
C VAL D 106 -8.40 -50.40 -7.96
N GLU D 107 -7.34 -50.87 -8.61
CA GLU D 107 -7.48 -51.90 -9.63
C GLU D 107 -7.96 -53.22 -9.02
N ALA D 108 -7.53 -53.52 -7.80
CA ALA D 108 -7.99 -54.73 -7.13
C ALA D 108 -9.46 -54.61 -6.72
N ILE D 109 -9.87 -53.44 -6.24
CA ILE D 109 -11.26 -53.26 -5.81
C ILE D 109 -12.20 -53.25 -7.00
N LEU D 110 -11.79 -52.62 -8.10
CA LEU D 110 -12.60 -52.66 -9.32
C LEU D 110 -12.55 -54.04 -9.97
N ASN D 111 -11.54 -54.85 -9.65
CA ASN D 111 -11.49 -56.20 -10.18
C ASN D 111 -12.48 -57.13 -9.47
N HIS D 112 -13.10 -56.68 -8.39
CA HIS D 112 -14.06 -57.50 -7.68
C HIS D 112 -15.32 -57.71 -8.54
N PRO D 113 -15.88 -58.92 -8.54
CA PRO D 113 -17.00 -59.19 -9.47
C PRO D 113 -18.33 -58.62 -9.02
N GLY D 114 -18.59 -58.58 -7.71
CA GLY D 114 -19.87 -58.08 -7.25
C GLY D 114 -20.00 -56.58 -7.39
N PHE D 115 -18.88 -55.87 -7.33
CA PHE D 115 -18.90 -54.43 -7.51
C PHE D 115 -19.10 -54.05 -8.97
N ALA D 116 -18.67 -54.92 -9.89
CA ALA D 116 -18.51 -54.50 -11.28
C ALA D 116 -19.81 -54.65 -12.08
N ALA D 117 -20.57 -55.70 -11.82
CA ALA D 117 -21.69 -56.03 -12.72
C ALA D 117 -22.98 -55.35 -12.30
N SER D 118 -22.92 -54.03 -12.11
CA SER D 118 -24.09 -53.23 -11.75
C SER D 118 -23.84 -51.77 -12.07
N LYS D 119 -24.83 -50.92 -11.79
CA LYS D 119 -24.68 -49.48 -11.94
C LYS D 119 -24.25 -48.85 -10.61
N ARG D 120 -23.16 -49.39 -10.06
CA ARG D 120 -22.68 -48.90 -8.76
C ARG D 120 -21.70 -47.75 -8.94
N LEU D 121 -20.99 -47.73 -10.07
CA LEU D 121 -20.06 -46.64 -10.35
C LEU D 121 -20.92 -45.39 -10.49
N THR D 122 -21.94 -45.50 -11.36
CA THR D 122 -22.81 -44.35 -11.73
C THR D 122 -23.68 -43.78 -10.60
N LEU D 123 -24.31 -44.63 -9.80
CA LEU D 123 -25.27 -44.16 -8.77
C LEU D 123 -24.59 -43.48 -7.57
N SER D 124 -25.21 -42.39 -7.07
CA SER D 124 -24.76 -41.68 -5.83
C SER D 124 -25.17 -42.58 -4.65
N PRO D 125 -24.49 -42.58 -3.49
CA PRO D 125 -24.84 -43.54 -2.44
C PRO D 125 -26.28 -43.28 -1.97
N CYS D 126 -26.69 -42.01 -1.87
CA CYS D 126 -28.04 -41.69 -1.44
C CYS D 126 -29.09 -42.07 -2.48
N GLU D 127 -28.77 -41.83 -3.75
CA GLU D 127 -29.68 -42.13 -4.84
C GLU D 127 -29.41 -43.50 -5.47
N GLN D 128 -28.49 -44.25 -4.88
CA GLN D 128 -28.11 -45.56 -5.40
C GLN D 128 -29.24 -46.58 -5.44
N GLU D 129 -30.08 -46.59 -4.41
CA GLU D 129 -31.18 -47.53 -4.34
C GLU D 129 -32.18 -46.97 -3.34
N LEU D 130 -33.02 -47.83 -2.79
CA LEU D 130 -33.62 -47.52 -1.48
C LEU D 130 -32.55 -47.32 -0.41
N GLN D 131 -31.38 -47.94 -0.60
CA GLN D 131 -30.11 -47.66 0.08
C GLN D 131 -30.13 -48.03 1.55
N ASP D 132 -30.82 -49.11 1.89
CA ASP D 132 -30.79 -49.61 3.26
C ASP D 132 -29.53 -50.43 3.52
N ASP D 133 -28.81 -50.79 2.46
CA ASP D 133 -27.57 -51.54 2.61
C ASP D 133 -26.47 -50.63 3.16
N ASP D 134 -25.46 -51.26 3.74
CA ASP D 134 -24.32 -50.56 4.33
C ASP D 134 -23.18 -50.38 3.34
N PHE D 135 -23.51 -50.37 2.04
CA PHE D 135 -22.47 -50.34 0.97
C PHE D 135 -21.60 -49.09 1.02
N TYR D 136 -22.18 -47.90 1.22
CA TYR D 136 -21.35 -46.67 1.25
C TYR D 136 -21.16 -46.16 2.69
N ALA D 137 -21.76 -46.92 3.63
CA ALA D 137 -21.81 -46.58 5.06
C ALA D 137 -20.42 -46.60 5.70
N TYR D 138 -20.15 -45.59 6.54
CA TYR D 138 -18.88 -45.47 7.30
C TYR D 138 -19.27 -45.43 8.77
N ASP D 139 -18.64 -46.25 9.60
CA ASP D 139 -19.03 -46.29 11.04
C ASP D 139 -20.54 -46.55 11.08
N GLU D 140 -21.31 -45.74 11.82
CA GLU D 140 -22.78 -45.93 11.82
C GLU D 140 -23.51 -44.63 11.49
N ASP D 141 -22.95 -43.48 11.89
CA ASP D 141 -23.63 -42.17 11.72
C ASP D 141 -23.85 -41.74 10.26
N GLY D 142 -22.84 -41.81 9.40
CA GLY D 142 -23.04 -41.33 8.01
C GLY D 142 -21.93 -41.70 7.05
N THR D 143 -22.16 -41.50 5.74
CA THR D 143 -21.15 -41.81 4.69
C THR D 143 -19.93 -40.91 4.85
N ARG D 144 -18.75 -41.44 4.53
CA ARG D 144 -17.47 -40.74 4.65
C ARG D 144 -17.60 -39.28 4.25
N PHE D 145 -18.02 -39.03 3.02
CA PHE D 145 -18.17 -37.69 2.47
C PHE D 145 -19.65 -37.36 2.37
N SER D 146 -19.95 -36.29 1.65
CA SER D 146 -21.31 -35.89 1.30
C SER D 146 -22.00 -37.02 0.54
N PRO D 147 -23.31 -37.20 0.69
CA PRO D 147 -23.95 -38.33 0.01
C PRO D 147 -24.16 -38.12 -1.48
N ASP D 148 -23.82 -36.93 -2.00
CA ASP D 148 -23.98 -36.69 -3.44
C ASP D 148 -22.73 -37.09 -4.22
N ILE D 149 -21.60 -37.24 -3.53
CA ILE D 149 -20.33 -37.44 -4.22
C ILE D 149 -20.19 -38.86 -4.71
N THR D 150 -20.03 -39.01 -6.03
CA THR D 150 -19.78 -40.27 -6.72
C THR D 150 -18.27 -40.46 -6.77
N PRO D 151 -17.72 -41.64 -7.14
CA PRO D 151 -16.25 -41.76 -7.16
C PRO D 151 -15.55 -40.93 -8.24
N ILE D 152 -16.16 -40.73 -9.40
CA ILE D 152 -15.50 -40.00 -10.48
C ILE D 152 -15.41 -38.51 -10.15
N ILE D 153 -16.33 -38.01 -9.32
CA ILE D 153 -16.24 -36.62 -8.87
C ILE D 153 -15.12 -36.49 -7.85
N LEU D 154 -15.02 -37.45 -6.93
CA LEU D 154 -13.98 -37.42 -5.91
C LEU D 154 -12.59 -37.59 -6.51
N ALA D 155 -12.49 -38.32 -7.62
CA ALA D 155 -11.22 -38.42 -8.32
C ALA D 155 -10.85 -37.09 -8.97
N ALA D 156 -11.84 -36.35 -9.45
CA ALA D 156 -11.56 -35.10 -10.13
C ALA D 156 -11.27 -33.97 -9.15
N HIS D 157 -11.76 -34.09 -7.91
CA HIS D 157 -11.42 -33.10 -6.89
C HIS D 157 -9.96 -33.20 -6.48
N CYS D 158 -9.46 -34.42 -6.31
CA CYS D 158 -8.11 -34.63 -5.81
C CYS D 158 -7.06 -34.59 -6.91
N GLN D 159 -7.48 -34.55 -8.17
CA GLN D 159 -6.61 -34.47 -9.35
C GLN D 159 -5.63 -35.64 -9.42
N LYS D 160 -6.18 -36.85 -9.53
CA LYS D 160 -5.39 -38.05 -9.73
C LYS D 160 -5.59 -38.48 -11.18
N TYR D 161 -4.58 -38.30 -12.02
CA TYR D 161 -4.78 -38.46 -13.46
C TYR D 161 -4.89 -39.93 -13.84
N GLU D 162 -4.34 -40.83 -13.02
CA GLU D 162 -4.37 -42.25 -13.36
C GLU D 162 -5.69 -42.88 -12.97
N VAL D 163 -6.31 -42.39 -11.90
CA VAL D 163 -7.56 -42.98 -11.43
C VAL D 163 -8.72 -42.57 -12.33
N VAL D 164 -8.68 -41.33 -12.83
CA VAL D 164 -9.74 -40.84 -13.72
C VAL D 164 -9.76 -41.63 -15.02
N HIS D 165 -8.58 -42.01 -15.52
CA HIS D 165 -8.53 -42.80 -16.75
C HIS D 165 -9.09 -44.19 -16.53
N MET D 166 -8.82 -44.79 -15.37
CA MET D 166 -9.37 -46.10 -15.05
C MET D 166 -10.88 -46.05 -14.90
N LEU D 167 -11.40 -45.01 -14.27
CA LEU D 167 -12.85 -44.94 -14.07
C LEU D 167 -13.57 -44.55 -15.37
N LEU D 168 -12.90 -43.82 -16.26
CA LEU D 168 -13.52 -43.49 -17.54
C LEU D 168 -13.50 -44.68 -18.49
N MET D 169 -12.50 -45.55 -18.36
CA MET D 169 -12.52 -46.78 -19.16
C MET D 169 -13.63 -47.71 -18.69
N LYS D 170 -13.95 -47.69 -17.40
CA LYS D 170 -15.03 -48.53 -16.88
C LYS D 170 -16.39 -48.02 -17.34
N GLY D 171 -16.50 -46.72 -17.60
CA GLY D 171 -17.72 -46.19 -18.20
C GLY D 171 -18.49 -45.21 -17.35
N ALA D 172 -17.81 -44.50 -16.47
CA ALA D 172 -18.49 -43.52 -15.63
C ALA D 172 -18.13 -42.11 -16.05
N ARG D 173 -19.16 -41.34 -16.41
CA ARG D 173 -18.97 -39.96 -16.83
C ARG D 173 -19.87 -39.04 -16.02
N ILE D 174 -19.35 -37.91 -15.59
CA ILE D 174 -20.15 -36.99 -14.80
C ILE D 174 -21.31 -36.47 -15.62
N GLU D 175 -22.49 -36.40 -15.01
CA GLU D 175 -23.67 -35.88 -15.65
C GLU D 175 -23.75 -34.38 -15.38
N ARG D 176 -23.99 -33.61 -16.43
CA ARG D 176 -24.09 -32.17 -16.26
C ARG D 176 -25.37 -31.84 -15.50
N PRO D 177 -25.30 -30.93 -14.54
CA PRO D 177 -26.52 -30.52 -13.84
C PRO D 177 -27.39 -29.68 -14.74
N HIS D 178 -28.68 -29.64 -14.42
CA HIS D 178 -29.65 -28.98 -15.27
C HIS D 178 -29.51 -27.46 -15.18
N ASP D 179 -30.32 -26.76 -15.95
CA ASP D 179 -30.33 -25.31 -15.86
C ASP D 179 -30.93 -24.86 -14.54
N TYR D 180 -30.70 -23.60 -14.19
CA TYR D 180 -31.13 -23.07 -12.87
C TYR D 180 -32.64 -23.20 -12.68
N PHE D 181 -33.42 -22.95 -13.74
CA PHE D 181 -34.89 -23.08 -13.62
C PHE D 181 -35.39 -23.96 -14.77
N CYS D 182 -35.00 -25.23 -14.75
CA CYS D 182 -35.46 -26.22 -15.76
C CYS D 182 -36.94 -26.53 -15.52
N LYS D 183 -37.33 -26.59 -14.24
CA LYS D 183 -38.71 -26.89 -13.77
C LYS D 183 -39.14 -28.31 -14.15
N CYS D 184 -38.18 -29.24 -14.25
CA CYS D 184 -38.50 -30.67 -14.54
C CYS D 184 -39.04 -31.33 -13.26
N GLY D 185 -39.76 -32.44 -13.41
CA GLY D 185 -40.35 -33.10 -12.22
C GLY D 185 -39.30 -33.54 -11.21
N ASP D 186 -38.17 -34.09 -11.69
CA ASP D 186 -37.10 -34.56 -10.77
C ASP D 186 -36.50 -33.39 -10.00
N CYS D 187 -36.24 -32.26 -10.69
CA CYS D 187 -35.63 -31.06 -10.05
C CYS D 187 -36.57 -30.47 -8.99
N MET D 188 -37.87 -30.40 -9.28
CA MET D 188 -38.86 -29.80 -8.34
C MET D 188 -38.98 -30.65 -7.07
N GLU D 189 -39.00 -31.98 -7.22
CA GLU D 189 -39.15 -32.88 -6.08
C GLU D 189 -37.95 -32.79 -5.15
N LYS D 190 -36.75 -32.60 -5.70
CA LYS D 190 -35.58 -32.40 -4.85
C LYS D 190 -35.47 -30.97 -4.36
N GLN D 191 -36.29 -30.07 -4.89
CA GLN D 191 -36.28 -28.68 -4.43
C GLN D 191 -37.30 -28.46 -3.31
N ARG D 192 -38.43 -29.16 -3.37
CA ARG D 192 -39.46 -29.01 -2.34
C ARG D 192 -39.00 -29.58 -1.00
N HIS D 193 -38.01 -30.47 -1.07
CA HIS D 193 -37.42 -31.05 0.17
C HIS D 193 -35.91 -30.83 0.15
N ASP D 194 -35.41 -30.07 1.12
CA ASP D 194 -33.98 -29.79 1.31
C ASP D 194 -33.36 -29.05 0.14
N SER D 195 -33.72 -27.77 0.00
CA SER D 195 -33.11 -26.88 -1.00
C SER D 195 -31.59 -26.79 -0.85
N PHE D 196 -31.11 -26.80 0.39
CA PHE D 196 -29.70 -26.52 0.68
C PHE D 196 -28.78 -27.61 0.14
N SER D 197 -29.17 -28.88 0.29
CA SER D 197 -28.33 -29.97 -0.19
C SER D 197 -28.31 -30.03 -1.70
N HIS D 198 -29.41 -29.64 -2.34
CA HIS D 198 -29.46 -29.55 -3.80
C HIS D 198 -28.50 -28.47 -4.31
N SER D 199 -28.54 -27.29 -3.69
CA SER D 199 -27.64 -26.21 -4.08
C SER D 199 -26.18 -26.54 -3.77
N ARG D 200 -25.95 -27.40 -2.79
CA ARG D 200 -24.59 -27.84 -2.50
C ARG D 200 -24.12 -28.87 -3.53
N SER D 201 -25.03 -29.72 -3.98
CA SER D 201 -24.67 -30.78 -4.94
C SER D 201 -24.37 -30.21 -6.32
N ARG D 202 -25.04 -29.12 -6.69
CA ARG D 202 -24.70 -28.46 -7.95
C ARG D 202 -23.26 -27.94 -7.96
N ILE D 203 -22.82 -27.38 -6.83
CA ILE D 203 -21.47 -26.85 -6.76
C ILE D 203 -20.45 -27.97 -6.71
N ASN D 204 -20.79 -29.10 -6.08
CA ASN D 204 -19.90 -30.26 -6.15
C ASN D 204 -19.77 -30.80 -7.56
N ALA D 205 -20.86 -30.78 -8.34
CA ALA D 205 -20.78 -31.26 -9.72
C ALA D 205 -19.95 -30.33 -10.59
N TYR D 206 -20.09 -29.01 -10.41
CA TYR D 206 -19.27 -28.09 -11.20
C TYR D 206 -17.82 -28.06 -10.75
N LYS D 207 -17.56 -28.38 -9.48
CA LYS D 207 -16.19 -28.50 -9.04
C LYS D 207 -15.56 -29.77 -9.60
N GLY D 208 -16.39 -30.78 -9.87
CA GLY D 208 -15.90 -31.95 -10.56
C GLY D 208 -15.61 -31.68 -12.03
N LEU D 209 -16.50 -30.95 -12.71
CA LEU D 209 -16.33 -30.74 -14.14
C LEU D 209 -15.21 -29.77 -14.46
N ALA D 210 -14.96 -28.80 -13.59
CA ALA D 210 -14.01 -27.74 -13.89
C ALA D 210 -12.65 -28.03 -13.27
N SER D 211 -12.02 -29.08 -13.76
CA SER D 211 -10.72 -29.48 -13.24
C SER D 211 -9.86 -29.97 -14.40
N PRO D 212 -8.54 -29.74 -14.37
CA PRO D 212 -7.70 -30.16 -15.49
C PRO D 212 -7.62 -31.67 -15.68
N ALA D 213 -7.91 -32.44 -14.63
CA ALA D 213 -7.94 -33.90 -14.76
C ALA D 213 -9.08 -34.36 -15.65
N TYR D 214 -10.28 -33.92 -15.33
CA TYR D 214 -11.43 -34.27 -16.14
C TYR D 214 -11.37 -33.63 -17.51
N LEU D 215 -10.96 -32.36 -17.58
CA LEU D 215 -10.93 -31.66 -18.86
C LEU D 215 -9.98 -32.27 -19.89
N SER D 216 -8.78 -32.64 -19.45
CA SER D 216 -7.80 -33.27 -20.33
C SER D 216 -8.12 -34.69 -20.86
N LEU D 217 -8.64 -35.57 -20.00
CA LEU D 217 -8.90 -36.96 -20.37
C LEU D 217 -10.33 -37.44 -20.70
N SER D 218 -11.32 -36.56 -20.61
CA SER D 218 -12.71 -36.92 -20.89
C SER D 218 -13.21 -36.71 -22.31
N SER D 219 -12.82 -35.63 -22.96
CA SER D 219 -13.40 -35.41 -24.28
C SER D 219 -12.32 -34.95 -25.23
N GLU D 220 -12.59 -35.12 -26.53
CA GLU D 220 -11.73 -34.54 -27.54
C GLU D 220 -12.00 -33.04 -27.66
N ASP D 221 -11.00 -32.34 -28.19
CA ASP D 221 -10.98 -30.88 -28.31
C ASP D 221 -11.30 -30.18 -26.98
N PRO D 222 -10.37 -30.19 -26.02
CA PRO D 222 -10.72 -29.74 -24.67
C PRO D 222 -10.67 -28.24 -24.46
N VAL D 223 -9.95 -27.51 -25.32
CA VAL D 223 -9.80 -26.08 -25.12
C VAL D 223 -11.10 -25.35 -25.42
N LEU D 224 -11.91 -25.90 -26.33
CA LEU D 224 -13.20 -25.30 -26.63
C LEU D 224 -14.20 -25.53 -25.50
N THR D 225 -14.19 -26.72 -24.90
CA THR D 225 -15.14 -26.96 -23.81
C THR D 225 -14.70 -26.25 -22.53
N ALA D 226 -13.41 -25.95 -22.40
CA ALA D 226 -12.98 -25.11 -21.27
C ALA D 226 -13.43 -23.67 -21.44
N LEU D 227 -13.23 -23.11 -22.66
CA LEU D 227 -13.71 -21.77 -22.96
C LEU D 227 -15.23 -21.66 -22.88
N GLU D 228 -15.93 -22.76 -23.12
CA GLU D 228 -17.39 -22.73 -23.08
C GLU D 228 -17.90 -22.88 -21.65
N LEU D 229 -17.20 -23.66 -20.82
CA LEU D 229 -17.68 -23.89 -19.46
C LEU D 229 -17.39 -22.71 -18.57
N SER D 230 -16.34 -21.92 -18.90
CA SER D 230 -16.05 -20.69 -18.18
C SER D 230 -17.21 -19.70 -18.25
N ASN D 231 -17.90 -19.66 -19.40
CA ASN D 231 -19.07 -18.79 -19.55
C ASN D 231 -20.19 -19.16 -18.59
N GLU D 232 -20.47 -20.47 -18.51
CA GLU D 232 -21.56 -20.98 -17.68
C GLU D 232 -21.33 -20.67 -16.22
N LEU D 233 -20.09 -20.85 -15.77
CA LEU D 233 -19.77 -20.51 -14.38
C LEU D 233 -19.86 -19.00 -14.14
N ALA D 234 -19.42 -18.19 -15.11
CA ALA D 234 -19.45 -16.75 -14.93
C ALA D 234 -20.86 -16.19 -15.05
N LYS D 235 -21.81 -16.97 -15.58
CA LYS D 235 -23.19 -16.52 -15.57
C LYS D 235 -23.96 -17.02 -14.35
N LEU D 236 -23.55 -18.16 -13.79
CA LEU D 236 -24.17 -18.59 -12.54
C LEU D 236 -23.72 -17.73 -11.36
N ALA D 237 -22.55 -17.09 -11.49
CA ALA D 237 -22.09 -16.21 -10.42
C ALA D 237 -22.97 -14.98 -10.26
N ASN D 238 -23.67 -14.56 -11.32
CA ASN D 238 -24.53 -13.38 -11.22
C ASN D 238 -25.96 -13.77 -10.87
N ILE D 239 -26.25 -15.07 -10.80
CA ILE D 239 -27.61 -15.49 -10.50
C ILE D 239 -27.71 -16.01 -9.07
N GLU D 240 -26.64 -16.64 -8.58
CA GLU D 240 -26.67 -17.14 -7.21
C GLU D 240 -26.51 -16.02 -6.20
N LYS D 241 -25.36 -15.33 -6.22
CA LYS D 241 -24.96 -14.19 -5.40
C LYS D 241 -24.72 -14.52 -3.91
N GLU D 242 -24.94 -15.77 -3.49
CA GLU D 242 -24.53 -16.16 -2.15
C GLU D 242 -23.33 -17.09 -2.22
N PHE D 243 -23.28 -17.91 -3.27
CA PHE D 243 -22.10 -18.70 -3.55
C PHE D 243 -21.24 -18.01 -4.60
N LYS D 244 -21.23 -16.67 -4.58
CA LYS D 244 -20.56 -15.78 -5.50
C LYS D 244 -19.07 -16.07 -5.66
N ASN D 245 -18.38 -16.32 -4.56
CA ASN D 245 -16.94 -16.46 -4.62
C ASN D 245 -16.52 -17.83 -5.14
N ASP D 246 -17.41 -18.83 -5.05
CA ASP D 246 -17.05 -20.19 -5.43
C ASP D 246 -17.03 -20.35 -6.95
N TYR D 247 -18.07 -19.85 -7.63
CA TYR D 247 -18.11 -19.93 -9.08
C TYR D 247 -17.02 -19.07 -9.70
N ARG D 248 -16.69 -17.94 -9.06
CA ARG D 248 -15.59 -17.13 -9.55
C ARG D 248 -14.25 -17.79 -9.26
N LYS D 249 -14.19 -18.66 -8.25
CA LYS D 249 -12.95 -19.41 -8.03
C LYS D 249 -12.82 -20.54 -9.04
N LEU D 250 -13.93 -21.03 -9.57
CA LEU D 250 -13.86 -22.11 -10.55
C LEU D 250 -13.57 -21.59 -11.95
N SER D 251 -14.04 -20.37 -12.26
CA SER D 251 -13.79 -19.78 -13.57
C SER D 251 -12.30 -19.49 -13.78
N MET D 252 -11.58 -19.23 -12.69
CA MET D 252 -10.14 -19.01 -12.81
C MET D 252 -9.41 -20.28 -13.19
N GLN D 253 -9.87 -21.43 -12.69
CA GLN D 253 -9.29 -22.70 -13.13
C GLN D 253 -9.60 -22.98 -14.59
N CYS D 254 -10.83 -22.66 -15.02
CA CYS D 254 -11.21 -22.86 -16.42
C CYS D 254 -10.41 -21.97 -17.37
N LYS D 255 -9.96 -20.80 -16.90
CA LYS D 255 -9.15 -19.95 -17.75
C LYS D 255 -7.67 -20.35 -17.70
N ASP D 256 -7.19 -20.77 -16.54
CA ASP D 256 -5.78 -21.06 -16.40
C ASP D 256 -5.41 -22.37 -17.06
N PHE D 257 -6.38 -23.27 -17.24
CA PHE D 257 -6.14 -24.46 -18.07
C PHE D 257 -5.79 -24.07 -19.51
N VAL D 258 -6.53 -23.11 -20.07
CA VAL D 258 -6.32 -22.71 -21.46
C VAL D 258 -4.98 -21.98 -21.60
N VAL D 259 -4.66 -21.12 -20.64
CA VAL D 259 -3.38 -20.41 -20.69
C VAL D 259 -2.20 -21.38 -20.53
N GLY D 260 -2.34 -22.39 -19.66
CA GLY D 260 -1.27 -23.36 -19.48
C GLY D 260 -1.11 -24.29 -20.68
N VAL D 261 -2.19 -24.50 -21.44
CA VAL D 261 -2.05 -25.23 -22.70
C VAL D 261 -1.36 -24.36 -23.73
N LEU D 262 -1.72 -23.09 -23.77
CA LEU D 262 -1.14 -22.19 -24.75
C LEU D 262 0.36 -22.09 -24.55
N ASP D 263 0.82 -22.13 -23.31
CA ASP D 263 2.26 -21.97 -23.08
C ASP D 263 3.10 -22.97 -23.86
N LEU D 264 2.62 -24.21 -24.02
CA LEU D 264 3.53 -25.32 -24.29
C LEU D 264 3.85 -25.46 -25.77
N CYS D 265 3.25 -24.64 -26.62
CA CYS D 265 3.39 -24.84 -28.06
C CYS D 265 4.73 -24.31 -28.56
N ARG D 266 5.35 -25.06 -29.47
CA ARG D 266 6.73 -24.76 -29.87
C ARG D 266 6.81 -24.30 -31.32
N ASP D 267 6.27 -25.08 -32.25
CA ASP D 267 6.31 -24.75 -33.67
C ASP D 267 5.19 -23.76 -33.98
N SER D 268 5.18 -23.26 -35.21
CA SER D 268 4.13 -22.32 -35.59
C SER D 268 2.86 -23.05 -35.96
N GLU D 269 2.97 -24.34 -36.26
CA GLU D 269 1.78 -25.12 -36.63
C GLU D 269 0.90 -25.38 -35.42
N GLU D 270 1.51 -25.50 -34.24
CA GLU D 270 0.74 -25.71 -33.02
C GLU D 270 0.01 -24.42 -32.62
N VAL D 271 0.64 -23.26 -32.80
CA VAL D 271 -0.01 -21.99 -32.51
C VAL D 271 -1.14 -21.74 -33.51
N GLU D 272 -0.90 -22.04 -34.78
CA GLU D 272 -1.94 -21.87 -35.79
C GLU D 272 -2.91 -23.04 -35.81
N ALA D 273 -2.73 -24.01 -34.90
CA ALA D 273 -3.77 -25.01 -34.69
C ALA D 273 -4.61 -24.69 -33.47
N ILE D 274 -4.03 -23.96 -32.50
CA ILE D 274 -4.81 -23.56 -31.34
C ILE D 274 -5.67 -22.33 -31.64
N LEU D 275 -5.10 -21.31 -32.30
CA LEU D 275 -5.74 -20.00 -32.37
C LEU D 275 -6.99 -20.01 -33.26
N ASN D 276 -7.01 -20.88 -34.25
CA ASN D 276 -8.24 -21.18 -34.99
C ASN D 276 -8.38 -22.69 -35.04
N GLY D 277 -9.62 -23.17 -35.07
CA GLY D 277 -9.88 -24.59 -34.92
C GLY D 277 -9.55 -25.45 -36.12
N ASP D 278 -10.19 -26.61 -36.22
CA ASP D 278 -9.97 -27.49 -37.37
C ASP D 278 -10.60 -26.87 -38.60
N LEU D 279 -9.79 -26.67 -39.64
CA LEU D 279 -10.29 -25.99 -40.84
C LEU D 279 -11.10 -26.94 -41.71
N GLU D 280 -10.67 -28.20 -41.80
CA GLU D 280 -11.39 -29.20 -42.59
C GLU D 280 -12.64 -29.67 -41.87
N ALA D 292 -6.13 -16.86 -41.54
CA ALA D 292 -7.12 -15.99 -40.89
C ALA D 292 -8.23 -16.83 -40.29
N SER D 293 -9.42 -16.22 -40.18
CA SER D 293 -10.59 -16.81 -39.51
C SER D 293 -10.25 -17.27 -38.11
N LEU D 294 -9.96 -16.31 -37.24
CA LEU D 294 -9.27 -16.49 -35.96
C LEU D 294 -10.14 -17.05 -34.84
N SER D 295 -11.14 -17.86 -35.19
CA SER D 295 -12.33 -18.26 -34.43
C SER D 295 -12.20 -18.38 -32.93
N ARG D 296 -11.12 -18.98 -32.42
CA ARG D 296 -10.97 -19.08 -30.98
C ARG D 296 -10.58 -17.75 -30.36
N VAL D 297 -9.87 -16.89 -31.10
CA VAL D 297 -9.54 -15.58 -30.57
C VAL D 297 -10.78 -14.70 -30.54
N LYS D 298 -11.62 -14.79 -31.58
CA LYS D 298 -12.86 -14.02 -31.59
C LYS D 298 -13.85 -14.55 -30.58
N LEU D 299 -13.69 -15.79 -30.14
CA LEU D 299 -14.56 -16.34 -29.11
C LEU D 299 -13.99 -16.06 -27.73
N ALA D 300 -12.69 -15.72 -27.65
CA ALA D 300 -12.12 -15.37 -26.36
C ALA D 300 -12.23 -13.87 -26.08
N ILE D 301 -12.74 -13.11 -27.04
CA ILE D 301 -13.05 -11.71 -26.78
C ILE D 301 -14.38 -11.60 -26.07
N LYS D 302 -15.35 -12.41 -26.52
CA LYS D 302 -16.70 -12.43 -25.97
C LYS D 302 -16.73 -12.88 -24.52
N TYR D 303 -15.91 -13.86 -24.20
CA TYR D 303 -15.84 -14.42 -22.84
C TYR D 303 -14.84 -13.69 -21.95
N GLU D 304 -14.17 -12.69 -22.53
CA GLU D 304 -13.20 -11.87 -21.82
C GLU D 304 -12.04 -12.58 -21.15
N VAL D 305 -11.43 -13.55 -21.81
CA VAL D 305 -10.28 -14.23 -21.19
C VAL D 305 -9.07 -13.39 -21.56
N LYS D 306 -8.63 -12.56 -20.61
CA LYS D 306 -7.67 -11.52 -20.94
C LYS D 306 -6.27 -12.07 -21.11
N LYS D 307 -5.93 -13.13 -20.37
CA LYS D 307 -4.56 -13.62 -20.42
C LYS D 307 -4.33 -14.56 -21.60
N PHE D 308 -5.40 -15.00 -22.25
CA PHE D 308 -5.25 -15.80 -23.46
C PHE D 308 -4.97 -14.90 -24.67
N VAL D 309 -5.40 -13.63 -24.60
CA VAL D 309 -5.16 -12.73 -25.71
C VAL D 309 -3.92 -11.89 -25.44
N ALA D 310 -3.63 -11.63 -24.18
CA ALA D 310 -2.45 -10.86 -23.81
C ALA D 310 -1.19 -11.71 -23.65
N HIS D 311 -1.20 -12.94 -24.14
CA HIS D 311 0.00 -13.75 -24.10
C HIS D 311 0.83 -13.49 -25.37
N PRO D 312 2.17 -13.56 -25.30
CA PRO D 312 2.98 -13.22 -26.49
C PRO D 312 2.81 -14.14 -27.69
N ASN D 313 2.48 -15.41 -27.47
CA ASN D 313 2.34 -16.35 -28.57
C ASN D 313 1.11 -16.07 -29.41
N CYS D 314 0.15 -15.32 -28.85
CA CYS D 314 -0.97 -14.84 -29.65
C CYS D 314 -0.68 -13.47 -30.24
N GLN D 315 0.07 -12.65 -29.51
CA GLN D 315 0.32 -11.28 -29.96
C GLN D 315 1.22 -11.26 -31.20
N GLN D 316 2.14 -12.21 -31.31
CA GLN D 316 2.98 -12.22 -32.51
C GLN D 316 2.20 -12.70 -33.74
N GLN D 317 1.22 -13.58 -33.53
CA GLN D 317 0.40 -14.03 -34.64
C GLN D 317 -0.56 -12.94 -35.08
N LEU D 318 -1.01 -12.09 -34.15
CA LEU D 318 -1.83 -10.96 -34.54
C LEU D 318 -1.01 -9.87 -35.21
N LEU D 319 0.24 -9.67 -34.75
CA LEU D 319 1.10 -8.66 -35.36
C LEU D 319 1.53 -9.02 -36.77
N THR D 320 1.67 -10.31 -37.07
CA THR D 320 2.02 -10.68 -38.44
C THR D 320 0.83 -10.57 -39.39
N ILE D 321 -0.36 -10.31 -38.84
CA ILE D 321 -1.51 -10.00 -39.69
C ILE D 321 -1.70 -8.50 -39.78
N TRP D 322 -1.38 -7.77 -38.70
CA TRP D 322 -1.61 -6.33 -38.67
C TRP D 322 -0.72 -5.57 -39.64
N TYR D 323 0.48 -6.09 -39.88
CA TYR D 323 1.33 -5.61 -40.98
C TYR D 323 1.54 -6.79 -41.92
N GLU D 324 0.62 -7.00 -42.86
CA GLU D 324 0.73 -8.20 -43.66
C GLU D 324 1.26 -7.94 -45.07
N ASN D 325 1.55 -6.72 -45.42
CA ASN D 325 2.25 -6.43 -46.66
C ASN D 325 3.30 -5.35 -46.52
N LEU D 326 3.30 -4.61 -45.42
CA LEU D 326 4.31 -3.57 -45.24
C LEU D 326 5.64 -4.18 -44.85
N SER D 327 5.72 -4.75 -43.64
CA SER D 327 6.75 -5.69 -43.16
C SER D 327 8.13 -5.07 -42.95
N GLY D 328 8.33 -3.82 -43.39
CA GLY D 328 9.55 -3.11 -43.04
C GLY D 328 9.28 -2.01 -42.03
N LEU D 329 8.02 -1.61 -41.90
CA LEU D 329 7.55 -0.61 -40.96
C LEU D 329 7.33 -1.20 -39.57
N ARG D 330 7.53 -2.51 -39.43
CA ARG D 330 7.25 -3.22 -38.18
C ARG D 330 8.19 -2.78 -37.05
N GLU D 331 9.38 -2.30 -37.41
CA GLU D 331 10.30 -1.73 -36.44
C GLU D 331 10.89 -0.44 -37.00
N GLN D 332 10.21 0.67 -36.75
CA GLN D 332 10.66 1.99 -37.19
C GLN D 332 10.36 2.99 -36.10
N THR D 333 10.93 4.19 -36.25
CA THR D 333 10.71 5.26 -35.29
C THR D 333 9.33 5.88 -35.48
N ILE D 334 8.94 6.70 -34.50
CA ILE D 334 7.63 7.33 -34.53
C ILE D 334 7.61 8.46 -35.55
N ALA D 335 8.77 9.00 -35.90
CA ALA D 335 8.86 10.04 -36.93
C ALA D 335 8.49 9.48 -38.31
N ILE D 336 8.96 8.27 -38.61
CA ILE D 336 8.62 7.63 -39.88
C ILE D 336 7.13 7.27 -39.91
N LYS D 337 6.55 6.97 -38.75
CA LYS D 337 5.12 6.68 -38.70
C LYS D 337 4.30 7.95 -38.86
N CYS D 338 4.80 9.08 -38.37
CA CYS D 338 4.08 10.34 -38.52
C CYS D 338 4.18 10.85 -39.95
N LEU D 339 5.30 10.58 -40.62
CA LEU D 339 5.42 10.89 -42.04
C LEU D 339 4.39 10.12 -42.87
N VAL D 340 4.12 8.87 -42.48
CA VAL D 340 3.13 8.05 -43.19
C VAL D 340 1.74 8.63 -43.05
N VAL D 341 1.34 9.00 -41.82
CA VAL D 341 -0.02 9.50 -41.62
C VAL D 341 -0.17 10.89 -42.21
N LEU D 342 0.93 11.65 -42.31
CA LEU D 342 0.86 12.96 -42.96
C LEU D 342 0.71 12.80 -44.47
N VAL D 343 1.43 11.85 -45.06
CA VAL D 343 1.32 11.59 -46.51
C VAL D 343 -0.07 11.09 -46.86
N VAL D 344 -0.63 10.19 -46.04
CA VAL D 344 -1.95 9.64 -46.35
C VAL D 344 -3.04 10.68 -46.10
N ALA D 345 -2.87 11.52 -45.07
CA ALA D 345 -3.84 12.58 -44.83
C ALA D 345 -3.78 13.65 -45.92
N LEU D 346 -2.61 13.84 -46.53
CA LEU D 346 -2.55 14.73 -47.70
C LEU D 346 -3.19 14.10 -48.93
N GLY D 347 -2.83 12.86 -49.25
CA GLY D 347 -3.28 12.18 -50.44
C GLY D 347 -4.57 11.41 -50.32
N LEU D 348 -5.37 11.70 -49.28
CA LEU D 348 -6.71 11.11 -49.15
C LEU D 348 -7.61 11.17 -50.41
N PRO D 349 -7.73 12.28 -51.17
CA PRO D 349 -8.64 12.20 -52.34
C PRO D 349 -8.06 11.46 -53.54
N PHE D 350 -6.79 11.07 -53.47
CA PHE D 350 -6.19 10.28 -54.55
C PHE D 350 -6.46 8.80 -54.37
N LEU D 351 -6.98 8.40 -53.20
CA LEU D 351 -7.00 7.00 -52.83
C LEU D 351 -8.11 6.23 -53.54
N ALA D 352 -9.25 6.88 -53.80
CA ALA D 352 -10.32 6.20 -54.53
C ALA D 352 -9.93 6.00 -56.00
N ILE D 353 -9.22 6.98 -56.56
CA ILE D 353 -8.68 6.85 -57.91
C ILE D 353 -7.65 5.72 -57.96
N GLY D 354 -6.82 5.61 -56.93
CA GLY D 354 -5.90 4.48 -56.86
C GLY D 354 -6.56 3.18 -56.45
N TYR D 355 -7.82 3.24 -55.99
CA TYR D 355 -8.46 2.05 -55.44
C TYR D 355 -9.35 1.36 -56.47
N TRP D 356 -9.83 2.09 -57.47
CA TRP D 356 -10.51 1.38 -58.56
C TRP D 356 -9.49 0.67 -59.46
N ILE D 357 -8.22 1.07 -59.39
CA ILE D 357 -7.15 0.41 -60.13
C ILE D 357 -6.76 -0.92 -59.47
N ALA D 358 -6.97 -1.03 -58.15
CA ALA D 358 -6.36 -1.93 -57.16
C ALA D 358 -6.02 -3.38 -57.56
N PRO D 359 -6.84 -4.12 -58.34
CA PRO D 359 -6.33 -5.42 -58.83
C PRO D 359 -5.15 -5.29 -59.79
N CYS D 360 -5.08 -4.20 -60.56
CA CYS D 360 -3.98 -4.05 -61.50
C CYS D 360 -2.75 -3.43 -60.84
N SER D 361 -2.86 -3.07 -59.57
CA SER D 361 -1.79 -2.37 -58.86
C SER D 361 -1.29 -3.21 -57.69
N ARG D 362 0.04 -3.25 -57.53
CA ARG D 362 0.61 -3.78 -56.29
C ARG D 362 0.33 -2.83 -55.14
N LEU D 363 0.19 -1.54 -55.43
CA LEU D 363 -0.19 -0.57 -54.40
C LEU D 363 -1.64 -0.75 -53.99
N GLY D 364 -2.45 -1.40 -54.81
CA GLY D 364 -3.80 -1.72 -54.41
C GLY D 364 -3.85 -2.78 -53.32
N LYS D 365 -3.02 -3.81 -53.44
CA LYS D 365 -2.90 -4.79 -52.36
C LYS D 365 -2.12 -4.20 -51.19
N ILE D 366 -1.24 -3.24 -51.46
CA ILE D 366 -0.47 -2.61 -50.39
C ILE D 366 -1.29 -1.54 -49.68
N LEU D 367 -2.45 -1.22 -50.22
CA LEU D 367 -3.36 -0.31 -49.54
C LEU D 367 -4.43 -1.09 -48.79
N ARG D 368 -4.67 -2.35 -49.19
CA ARG D 368 -5.64 -3.19 -48.50
C ARG D 368 -4.90 -4.05 -47.48
N SER D 369 -4.52 -3.38 -46.40
CA SER D 369 -3.93 -4.00 -45.22
C SER D 369 -4.64 -3.36 -44.05
N PRO D 370 -4.65 -3.97 -42.86
CA PRO D 370 -5.41 -3.37 -41.74
C PRO D 370 -4.85 -2.05 -41.25
N PHE D 371 -3.52 -1.92 -41.30
CA PHE D 371 -2.87 -0.71 -40.83
C PHE D 371 -3.19 0.48 -41.73
N MET D 372 -3.32 0.26 -43.03
CA MET D 372 -3.64 1.35 -43.93
C MET D 372 -5.11 1.76 -43.81
N LYS D 373 -6.00 0.79 -43.53
CA LYS D 373 -7.39 1.13 -43.25
C LYS D 373 -7.51 1.97 -41.99
N PHE D 374 -6.73 1.64 -40.96
CA PHE D 374 -6.75 2.42 -39.73
C PHE D 374 -6.24 3.84 -39.95
N VAL D 375 -5.16 3.98 -40.73
CA VAL D 375 -4.60 5.30 -41.00
C VAL D 375 -5.56 6.12 -41.88
N ALA D 376 -6.28 5.47 -42.78
CA ALA D 376 -7.23 6.17 -43.64
C ALA D 376 -8.42 6.70 -42.84
N HIS D 377 -8.97 5.89 -41.92
CA HIS D 377 -10.08 6.38 -41.10
C HIS D 377 -9.64 7.50 -40.15
N ALA D 378 -8.43 7.38 -39.59
CA ALA D 378 -7.93 8.45 -38.72
C ALA D 378 -7.69 9.74 -39.48
N ALA D 379 -7.21 9.64 -40.72
CA ALA D 379 -6.96 10.83 -41.52
C ALA D 379 -8.25 11.52 -41.93
N SER D 380 -9.27 10.74 -42.29
CA SER D 380 -10.57 11.31 -42.62
C SER D 380 -11.20 12.03 -41.43
N PHE D 381 -11.08 11.44 -40.23
CA PHE D 381 -11.64 12.11 -39.07
C PHE D 381 -10.85 13.35 -38.68
N ILE D 382 -9.56 13.40 -39.00
CA ILE D 382 -8.80 14.63 -38.73
C ILE D 382 -9.21 15.74 -39.68
N ILE D 383 -9.44 15.40 -40.96
CA ILE D 383 -9.87 16.40 -41.94
C ILE D 383 -11.25 16.95 -41.59
N PHE D 384 -12.11 16.13 -40.97
CA PHE D 384 -13.39 16.61 -40.45
C PHE D 384 -13.27 17.74 -39.42
N LEU D 385 -12.36 17.58 -38.46
CA LEU D 385 -12.20 18.58 -37.40
C LEU D 385 -11.54 19.82 -37.99
N GLY D 386 -10.67 19.61 -38.97
CA GLY D 386 -10.09 20.74 -39.69
C GLY D 386 -11.13 21.55 -40.44
N LEU D 387 -12.12 20.88 -41.02
CA LEU D 387 -13.21 21.59 -41.70
C LEU D 387 -14.07 22.36 -40.72
N LEU D 388 -14.31 21.81 -39.52
CA LEU D 388 -15.07 22.56 -38.51
C LEU D 388 -14.35 23.82 -38.06
N VAL D 389 -13.05 23.71 -37.78
CA VAL D 389 -12.28 24.86 -37.32
C VAL D 389 -12.15 25.91 -38.42
N PHE D 390 -11.98 25.46 -39.67
CA PHE D 390 -11.90 26.41 -40.78
C PHE D 390 -13.25 27.06 -41.07
N ASN D 391 -14.35 26.34 -40.79
CA ASN D 391 -15.68 26.96 -40.92
C ASN D 391 -15.86 28.05 -39.89
N ALA D 392 -15.31 27.83 -38.70
CA ALA D 392 -15.40 28.77 -37.59
C ALA D 392 -14.55 30.00 -37.83
N SER D 393 -13.70 29.94 -38.86
CA SER D 393 -12.78 31.02 -39.19
C SER D 393 -13.42 32.30 -39.73
N ASP D 394 -12.58 33.34 -39.75
CA ASP D 394 -12.81 34.75 -40.14
C ASP D 394 -13.36 35.59 -38.99
N ARG D 395 -13.46 34.97 -37.82
CA ARG D 395 -13.85 35.66 -36.60
C ARG D 395 -12.84 35.49 -35.49
N PHE D 396 -11.62 35.04 -35.80
CA PHE D 396 -10.65 34.64 -34.78
C PHE D 396 -10.18 35.83 -33.95
N GLU D 397 -10.12 37.01 -34.54
CA GLU D 397 -9.90 38.22 -33.78
C GLU D 397 -11.16 39.08 -33.89
N GLY D 398 -12.13 38.78 -33.03
CA GLY D 398 -13.35 39.56 -32.95
C GLY D 398 -14.25 39.46 -34.16
N ILE D 399 -15.48 39.94 -33.97
CA ILE D 399 -16.38 40.26 -35.07
C ILE D 399 -16.10 41.71 -35.44
N THR D 400 -16.40 42.08 -36.68
CA THR D 400 -15.94 43.37 -37.19
C THR D 400 -16.94 44.49 -36.95
N THR D 401 -18.22 44.15 -36.73
CA THR D 401 -19.26 45.15 -36.56
C THR D 401 -19.87 45.05 -35.18
N LEU D 402 -20.87 45.89 -34.95
CA LEU D 402 -21.67 45.77 -33.74
C LEU D 402 -22.91 44.93 -34.03
N PRO D 403 -23.51 44.29 -33.01
CA PRO D 403 -24.64 43.38 -33.28
C PRO D 403 -25.91 44.09 -33.73
N ASN D 404 -26.20 45.29 -33.25
CA ASN D 404 -27.49 45.91 -33.58
C ASN D 404 -27.46 46.61 -34.94
N ILE D 405 -26.28 46.72 -35.55
CA ILE D 405 -26.16 47.39 -36.83
C ILE D 405 -26.25 46.37 -37.96
N THR D 406 -27.02 46.71 -38.99
CA THR D 406 -27.16 45.86 -40.17
C THR D 406 -26.32 46.40 -41.30
N VAL D 407 -25.88 45.52 -42.19
CA VAL D 407 -25.12 45.89 -43.38
C VAL D 407 -25.38 44.86 -44.47
N THR D 408 -25.72 45.36 -45.67
CA THR D 408 -26.04 44.49 -46.81
C THR D 408 -25.26 44.94 -48.03
N ASP D 409 -25.23 44.05 -49.03
CA ASP D 409 -24.54 44.28 -50.33
C ASP D 409 -25.28 45.36 -51.12
N TYR D 410 -26.62 45.29 -51.15
CA TYR D 410 -27.48 46.26 -51.87
C TYR D 410 -28.73 46.54 -51.03
N PRO D 411 -29.41 47.70 -51.22
CA PRO D 411 -30.61 48.04 -50.45
C PRO D 411 -31.76 47.04 -50.65
N LYS D 412 -31.93 46.56 -51.88
CA LYS D 412 -33.04 45.63 -52.22
C LYS D 412 -32.94 44.32 -51.42
N GLN D 413 -31.73 43.79 -51.23
CA GLN D 413 -31.56 42.55 -50.52
C GLN D 413 -32.11 42.66 -49.10
N ILE D 414 -32.88 41.66 -48.68
CA ILE D 414 -33.30 41.60 -47.29
C ILE D 414 -32.11 41.15 -46.44
N PHE D 415 -32.07 41.59 -45.19
CA PHE D 415 -30.87 41.35 -44.38
C PHE D 415 -30.79 39.91 -43.91
N ARG D 416 -31.94 39.29 -43.68
CA ARG D 416 -31.97 37.99 -43.02
C ARG D 416 -31.51 36.86 -43.94
N VAL D 417 -31.44 37.09 -45.26
CA VAL D 417 -30.89 36.10 -46.18
C VAL D 417 -29.39 35.90 -45.96
N LYS D 418 -28.65 37.01 -45.78
CA LYS D 418 -27.19 36.95 -45.84
C LYS D 418 -26.62 36.22 -44.62
N THR D 419 -27.33 36.25 -43.50
CA THR D 419 -26.81 35.57 -42.31
C THR D 419 -27.12 34.08 -42.33
N THR D 420 -28.15 33.67 -43.06
CA THR D 420 -28.58 32.28 -42.96
C THR D 420 -28.21 31.44 -44.17
N GLN D 421 -27.64 32.03 -45.21
CA GLN D 421 -27.35 31.25 -46.41
C GLN D 421 -26.10 30.42 -46.21
N PHE D 422 -25.89 29.45 -47.11
CA PHE D 422 -24.84 28.47 -46.92
C PHE D 422 -23.55 28.89 -47.58
N THR D 423 -22.44 28.32 -47.11
CA THR D 423 -21.11 28.54 -47.66
C THR D 423 -20.64 27.16 -48.11
N TRP D 424 -19.52 27.10 -48.83
CA TRP D 424 -19.07 25.84 -49.43
C TRP D 424 -18.57 24.83 -48.39
N THR D 425 -18.10 25.31 -47.24
CA THR D 425 -17.61 24.39 -46.23
C THR D 425 -18.75 23.70 -45.49
N GLU D 426 -19.90 24.36 -45.38
CA GLU D 426 -21.02 23.75 -44.68
C GLU D 426 -21.64 22.65 -45.52
N MET D 427 -21.53 22.74 -46.84
CA MET D 427 -21.94 21.66 -47.71
C MET D 427 -21.10 20.40 -47.49
N LEU D 428 -19.78 20.57 -47.29
CA LEU D 428 -18.92 19.42 -47.02
C LEU D 428 -19.22 18.81 -45.66
N ILE D 429 -19.55 19.66 -44.67
CA ILE D 429 -20.00 19.14 -43.39
C ILE D 429 -21.29 18.33 -43.55
N MET D 430 -22.23 18.86 -44.36
CA MET D 430 -23.48 18.15 -44.66
C MET D 430 -23.23 16.83 -45.37
N VAL D 431 -22.26 16.80 -46.27
CA VAL D 431 -21.95 15.51 -46.97
C VAL D 431 -21.34 14.52 -45.98
N TRP D 432 -20.40 14.99 -45.16
CA TRP D 432 -19.68 14.15 -44.17
C TRP D 432 -20.62 13.58 -43.08
N VAL D 433 -21.53 14.37 -42.53
CA VAL D 433 -22.41 13.87 -41.44
C VAL D 433 -23.31 12.75 -41.98
N LEU D 434 -23.85 12.90 -43.19
CA LEU D 434 -24.72 11.90 -43.77
C LEU D 434 -24.00 10.56 -43.96
N GLY D 435 -22.71 10.60 -44.28
CA GLY D 435 -21.96 9.36 -44.42
C GLY D 435 -21.76 8.62 -43.11
N MET D 436 -21.45 9.36 -42.04
CA MET D 436 -21.31 8.71 -40.74
C MET D 436 -22.66 8.18 -40.24
N MET D 437 -23.75 8.93 -40.52
CA MET D 437 -25.09 8.47 -40.18
C MET D 437 -25.46 7.22 -40.95
N TRP D 438 -25.00 7.12 -42.21
CA TRP D 438 -25.29 5.95 -43.04
C TRP D 438 -24.56 4.71 -42.54
N SER D 439 -23.28 4.88 -42.15
CA SER D 439 -22.53 3.76 -41.59
C SER D 439 -23.14 3.26 -40.28
N GLU D 440 -23.56 4.19 -39.42
CA GLU D 440 -24.19 3.78 -38.17
C GLU D 440 -25.57 3.18 -38.42
N CYS D 441 -26.24 3.58 -39.49
CA CYS D 441 -27.51 2.97 -39.85
C CYS D 441 -27.33 1.52 -40.30
N LYS D 442 -26.30 1.26 -41.12
CA LYS D 442 -26.02 -0.12 -41.53
C LYS D 442 -25.66 -0.99 -40.33
N GLU D 443 -24.80 -0.50 -39.45
CA GLU D 443 -24.34 -1.29 -38.28
C GLU D 443 -25.51 -1.62 -37.35
N LEU D 444 -26.41 -0.67 -37.10
CA LEU D 444 -27.56 -0.91 -36.18
C LEU D 444 -28.48 -2.01 -36.74
N TRP D 445 -28.73 -2.01 -38.04
CA TRP D 445 -29.64 -3.01 -38.67
C TRP D 445 -29.07 -4.42 -38.52
N LEU D 446 -27.77 -4.60 -38.66
CA LEU D 446 -27.15 -5.96 -38.59
C LEU D 446 -26.89 -6.37 -37.14
N GLU D 447 -26.35 -5.47 -36.32
CA GLU D 447 -26.02 -5.78 -34.90
C GLU D 447 -27.30 -6.00 -34.08
N GLY D 448 -28.34 -5.21 -34.32
CA GLY D 448 -29.59 -5.30 -33.54
C GLY D 448 -29.60 -4.31 -32.40
N PRO D 449 -30.77 -4.00 -31.83
CA PRO D 449 -30.87 -3.03 -30.74
C PRO D 449 -30.11 -3.43 -29.46
N ARG D 450 -30.14 -4.70 -29.09
CA ARG D 450 -29.47 -5.16 -27.87
C ARG D 450 -27.97 -4.91 -27.95
N GLU D 451 -27.38 -5.09 -29.14
CA GLU D 451 -25.96 -4.83 -29.31
C GLU D 451 -25.68 -3.34 -29.26
N TYR D 452 -26.57 -2.54 -29.82
CA TYR D 452 -26.40 -1.06 -29.78
C TYR D 452 -26.56 -0.56 -28.34
N ILE D 453 -27.59 -1.05 -27.65
CA ILE D 453 -27.92 -0.67 -26.25
C ILE D 453 -26.83 -1.14 -25.29
N LEU D 454 -26.27 -2.33 -25.52
CA LEU D 454 -25.26 -2.92 -24.61
C LEU D 454 -24.03 -2.01 -24.51
N GLN D 455 -23.58 -1.39 -25.59
CA GLN D 455 -22.37 -0.54 -25.51
C GLN D 455 -22.78 0.93 -25.33
N LEU D 456 -22.33 1.55 -24.25
CA LEU D 456 -22.64 2.98 -23.96
C LEU D 456 -22.02 3.87 -25.05
N TRP D 457 -20.83 3.52 -25.51
CA TRP D 457 -20.10 4.33 -26.53
C TRP D 457 -20.91 4.44 -27.83
N ASN D 458 -21.58 3.38 -28.26
CA ASN D 458 -22.35 3.42 -29.53
C ASN D 458 -23.45 4.47 -29.44
N VAL D 459 -24.12 4.57 -28.29
CA VAL D 459 -25.24 5.49 -28.11
C VAL D 459 -24.74 6.95 -28.10
N LEU D 460 -23.55 7.17 -27.53
CA LEU D 460 -22.92 8.49 -27.54
C LEU D 460 -22.65 8.95 -28.97
N ASP D 461 -22.09 8.06 -29.79
CA ASP D 461 -21.82 8.39 -31.20
C ASP D 461 -23.11 8.71 -31.95
N PHE D 462 -24.15 7.88 -31.76
CA PHE D 462 -25.40 8.08 -32.48
C PHE D 462 -26.10 9.36 -32.05
N GLY D 463 -26.02 9.71 -30.76
CA GLY D 463 -26.58 10.95 -30.28
C GLY D 463 -25.89 12.17 -30.85
N MET D 464 -24.54 12.11 -30.96
CA MET D 464 -23.80 13.21 -31.58
C MET D 464 -24.22 13.44 -33.04
N LEU D 465 -24.38 12.35 -33.79
CA LEU D 465 -24.86 12.49 -35.18
C LEU D 465 -26.27 13.07 -35.25
N SER D 466 -27.15 12.67 -34.32
CA SER D 466 -28.51 13.19 -34.34
C SER D 466 -28.57 14.67 -33.99
N ILE D 467 -27.69 15.12 -33.08
CA ILE D 467 -27.65 16.53 -32.73
C ILE D 467 -27.16 17.38 -33.90
N PHE D 468 -26.18 16.87 -34.66
CA PHE D 468 -25.77 17.54 -35.90
C PHE D 468 -26.93 17.68 -36.88
N ILE D 469 -27.70 16.60 -37.08
CA ILE D 469 -28.78 16.64 -38.07
C ILE D 469 -29.87 17.62 -37.64
N ALA D 470 -30.18 17.66 -36.34
CA ALA D 470 -31.21 18.58 -35.84
C ALA D 470 -30.79 20.04 -36.01
N ALA D 471 -29.51 20.34 -35.77
CA ALA D 471 -29.03 21.71 -35.96
C ALA D 471 -29.13 22.15 -37.42
N PHE D 472 -28.78 21.26 -38.35
CA PHE D 472 -28.86 21.69 -39.76
C PHE D 472 -30.28 21.80 -40.27
N THR D 473 -31.21 20.98 -39.74
CA THR D 473 -32.62 21.14 -40.10
C THR D 473 -33.18 22.47 -39.60
N ALA D 474 -32.77 22.90 -38.41
CA ALA D 474 -33.20 24.20 -37.91
C ALA D 474 -32.64 25.34 -38.77
N ARG D 475 -31.39 25.20 -39.22
CA ARG D 475 -30.80 26.21 -40.11
C ARG D 475 -31.54 26.30 -41.45
N PHE D 476 -31.97 25.15 -41.98
CA PHE D 476 -32.69 25.15 -43.26
C PHE D 476 -34.08 25.77 -43.12
N LEU D 477 -34.76 25.49 -42.00
CA LEU D 477 -36.03 26.16 -41.72
C LEU D 477 -35.86 27.65 -41.55
N ALA D 478 -34.72 28.10 -41.03
CA ALA D 478 -34.46 29.53 -41.00
C ALA D 478 -34.20 30.11 -42.39
N PHE D 479 -33.63 29.32 -43.30
CA PHE D 479 -33.33 29.83 -44.64
C PHE D 479 -34.59 29.99 -45.50
N LEU D 480 -35.56 29.08 -45.34
CA LEU D 480 -36.72 29.05 -46.23
C LEU D 480 -37.59 30.29 -46.10
N GLN D 481 -37.77 30.78 -44.87
CA GLN D 481 -38.65 31.93 -44.66
C GLN D 481 -38.02 33.21 -45.20
N ALA D 482 -36.70 33.32 -45.13
CA ALA D 482 -36.03 34.46 -45.72
C ALA D 482 -36.10 34.43 -47.24
N THR D 483 -36.07 33.23 -47.83
CA THR D 483 -36.29 33.15 -49.27
C THR D 483 -37.71 33.55 -49.65
N LYS D 484 -38.69 33.18 -48.82
CA LYS D 484 -40.07 33.58 -49.07
C LYS D 484 -40.24 35.10 -48.99
N ALA D 485 -39.58 35.74 -48.02
CA ALA D 485 -39.67 37.19 -47.90
C ALA D 485 -38.96 37.89 -49.05
N GLN D 486 -37.85 37.34 -49.53
CA GLN D 486 -37.17 37.93 -50.67
C GLN D 486 -38.00 37.82 -51.94
N GLN D 487 -38.70 36.68 -52.10
CA GLN D 487 -39.56 36.53 -53.27
C GLN D 487 -40.79 37.42 -53.18
N TYR D 488 -41.23 37.75 -51.95
CA TYR D 488 -42.28 38.76 -51.81
C TYR D 488 -41.80 40.14 -52.20
N VAL D 489 -40.62 40.56 -51.70
CA VAL D 489 -40.18 41.93 -51.87
C VAL D 489 -39.75 42.20 -53.31
N ASP D 490 -39.06 41.24 -53.93
CA ASP D 490 -38.58 41.42 -55.31
C ASP D 490 -39.74 41.46 -56.30
N SER D 491 -40.90 40.93 -55.91
CA SER D 491 -42.10 41.01 -56.73
C SER D 491 -42.89 42.29 -56.49
N TYR D 492 -43.15 42.63 -55.22
CA TYR D 492 -44.13 43.68 -54.96
C TYR D 492 -43.49 44.95 -54.42
N VAL D 493 -42.19 45.13 -54.63
CA VAL D 493 -41.49 46.26 -54.01
C VAL D 493 -41.83 47.57 -54.70
N GLN D 494 -41.53 47.66 -56.01
CA GLN D 494 -41.79 48.83 -56.86
C GLN D 494 -41.15 50.12 -56.30
N GLU D 495 -39.96 49.99 -55.74
CA GLU D 495 -39.25 51.11 -55.15
C GLU D 495 -37.78 51.06 -55.56
N SER D 496 -36.99 51.95 -54.98
CA SER D 496 -35.56 51.98 -55.28
C SER D 496 -34.75 51.23 -54.23
N ASP D 497 -35.16 51.33 -52.97
CA ASP D 497 -34.47 50.68 -51.87
C ASP D 497 -35.50 50.08 -50.91
N LEU D 498 -35.07 49.06 -50.17
CA LEU D 498 -35.97 48.39 -49.24
C LEU D 498 -36.12 49.18 -47.94
N SER D 499 -35.26 50.18 -47.73
CA SER D 499 -35.38 51.01 -46.53
C SER D 499 -36.29 52.20 -46.76
N GLU D 500 -36.67 52.44 -48.02
CA GLU D 500 -37.45 53.63 -48.34
C GLU D 500 -38.91 53.49 -47.91
N VAL D 501 -39.63 52.52 -48.46
CA VAL D 501 -41.04 52.31 -48.17
C VAL D 501 -41.16 51.19 -47.13
N THR D 502 -41.99 51.42 -46.13
CA THR D 502 -42.18 50.42 -45.08
C THR D 502 -42.99 49.24 -45.63
N LEU D 503 -42.88 48.11 -44.94
CA LEU D 503 -43.38 46.83 -45.44
C LEU D 503 -44.55 46.36 -44.60
N PRO D 504 -45.31 45.35 -45.03
CA PRO D 504 -46.24 44.69 -44.12
C PRO D 504 -45.49 44.05 -42.96
N PRO D 505 -46.09 44.04 -41.76
CA PRO D 505 -45.28 43.84 -40.53
C PRO D 505 -44.73 42.43 -40.36
N GLU D 506 -45.30 41.43 -41.03
CA GLU D 506 -44.67 40.11 -41.03
C GLU D 506 -43.37 40.11 -41.83
N ILE D 507 -43.35 40.80 -42.96
CA ILE D 507 -42.16 40.87 -43.78
C ILE D 507 -41.18 41.89 -43.19
N GLN D 508 -41.68 42.79 -42.34
CA GLN D 508 -40.84 43.80 -41.71
C GLN D 508 -39.88 43.19 -40.70
N TYR D 509 -40.26 42.05 -40.11
CA TYR D 509 -39.47 41.37 -39.08
C TYR D 509 -38.13 40.86 -39.61
N PHE D 510 -38.02 40.62 -40.91
CA PHE D 510 -36.79 40.06 -41.44
C PHE D 510 -35.82 41.15 -41.86
N THR D 511 -35.94 42.33 -41.27
CA THR D 511 -35.00 43.42 -41.47
C THR D 511 -34.21 43.73 -40.21
N TYR D 512 -34.63 43.16 -39.08
CA TYR D 512 -34.04 43.50 -37.79
C TYR D 512 -32.71 42.80 -37.58
N ALA D 513 -31.85 43.41 -36.77
CA ALA D 513 -30.60 42.82 -36.36
C ALA D 513 -30.82 41.85 -35.20
N ARG D 514 -29.73 41.44 -34.55
CA ARG D 514 -29.83 40.44 -33.50
C ARG D 514 -30.38 40.99 -32.18
N ASP D 515 -30.67 42.29 -32.13
CA ASP D 515 -31.23 42.86 -30.90
C ASP D 515 -32.69 42.52 -30.73
N LYS D 516 -33.41 42.31 -31.84
CA LYS D 516 -34.87 42.20 -31.80
C LYS D 516 -35.40 40.85 -32.27
N TRP D 517 -34.59 39.79 -32.28
CA TRP D 517 -35.10 38.50 -32.71
C TRP D 517 -35.96 37.88 -31.63
N LEU D 518 -36.91 37.07 -32.05
CA LEU D 518 -37.78 36.35 -31.10
C LEU D 518 -36.96 35.32 -30.34
N PRO D 519 -37.22 35.12 -29.03
CA PRO D 519 -36.40 34.23 -28.21
C PRO D 519 -36.49 32.74 -28.55
N SER D 520 -37.35 32.37 -29.50
CA SER D 520 -37.30 31.06 -30.11
C SER D 520 -37.23 31.31 -31.62
N ASP D 521 -36.02 31.55 -32.10
CA ASP D 521 -35.74 31.77 -33.51
C ASP D 521 -35.08 30.47 -33.95
N PRO D 522 -35.34 29.97 -35.17
CA PRO D 522 -34.58 28.81 -35.66
C PRO D 522 -33.07 29.02 -35.75
N GLN D 523 -32.65 30.27 -35.98
CA GLN D 523 -31.23 30.61 -35.99
C GLN D 523 -30.59 30.39 -34.63
N ILE D 524 -31.27 30.78 -33.55
CA ILE D 524 -30.73 30.64 -32.20
C ILE D 524 -30.63 29.18 -31.79
N ILE D 525 -31.68 28.41 -32.10
CA ILE D 525 -31.68 26.96 -31.85
C ILE D 525 -30.57 26.28 -32.63
N SER D 526 -30.35 26.72 -33.87
CA SER D 526 -29.29 26.18 -34.70
C SER D 526 -27.92 26.46 -34.09
N GLU D 527 -27.69 27.68 -33.61
CA GLU D 527 -26.40 28.02 -33.02
C GLU D 527 -26.15 27.25 -31.73
N GLY D 528 -27.19 27.04 -30.92
CA GLY D 528 -27.02 26.30 -29.68
C GLY D 528 -26.71 24.83 -29.90
N LEU D 529 -27.49 24.16 -30.75
CA LEU D 529 -27.26 22.74 -30.99
C LEU D 529 -25.94 22.51 -31.73
N TYR D 530 -25.58 23.44 -32.61
CA TYR D 530 -24.31 23.33 -33.33
C TYR D 530 -23.14 23.60 -32.40
N ALA D 531 -23.35 24.35 -31.33
CA ALA D 531 -22.28 24.55 -30.37
C ALA D 531 -22.11 23.33 -29.47
N ILE D 532 -23.21 22.61 -29.19
CA ILE D 532 -23.08 21.38 -28.40
C ILE D 532 -22.39 20.28 -29.21
N ALA D 533 -22.73 20.18 -30.50
CA ALA D 533 -22.25 19.03 -31.30
C ALA D 533 -20.75 19.10 -31.56
N VAL D 534 -20.18 20.30 -31.65
CA VAL D 534 -18.75 20.43 -31.91
C VAL D 534 -17.94 20.00 -30.68
N VAL D 535 -18.47 20.26 -29.48
CA VAL D 535 -17.82 19.79 -28.26
C VAL D 535 -17.92 18.28 -28.16
N LEU D 536 -19.09 17.72 -28.51
CA LEU D 536 -19.23 16.26 -28.46
C LEU D 536 -18.40 15.56 -29.53
N SER D 537 -18.03 16.26 -30.59
CA SER D 537 -17.37 15.59 -31.70
C SER D 537 -15.86 15.50 -31.53
N PHE D 538 -15.32 15.93 -30.38
CA PHE D 538 -13.92 15.63 -30.13
C PHE D 538 -13.75 14.48 -29.15
N SER D 539 -14.85 13.81 -28.79
CA SER D 539 -14.75 12.60 -27.98
C SER D 539 -14.53 11.36 -28.82
N ARG D 540 -14.36 11.55 -30.13
CA ARG D 540 -14.18 10.40 -31.07
C ARG D 540 -12.72 9.97 -31.13
N ILE D 541 -11.83 10.68 -30.43
CA ILE D 541 -10.40 10.35 -30.49
C ILE D 541 -10.11 9.12 -29.62
N ALA D 542 -11.09 8.72 -28.80
CA ALA D 542 -11.01 7.49 -28.03
C ALA D 542 -11.03 6.24 -28.90
N TYR D 543 -11.45 6.38 -30.16
CA TYR D 543 -11.27 5.29 -31.12
C TYR D 543 -9.83 5.20 -31.60
N ILE D 544 -9.06 6.28 -31.43
CA ILE D 544 -7.70 6.29 -31.94
C ILE D 544 -6.70 5.90 -30.86
N LEU D 545 -6.89 6.44 -29.66
CA LEU D 545 -5.86 6.36 -28.60
C LEU D 545 -5.41 4.98 -28.12
N PRO D 546 -6.21 3.89 -28.10
CA PRO D 546 -5.64 2.61 -27.63
C PRO D 546 -4.59 1.99 -28.53
N ALA D 547 -4.39 2.48 -29.76
CA ALA D 547 -3.37 1.91 -30.65
C ALA D 547 -2.04 2.65 -30.48
N ASN D 548 -1.59 2.73 -29.24
CA ASN D 548 -0.37 3.44 -28.89
C ASN D 548 0.07 2.97 -27.52
N GLU D 549 1.39 2.82 -27.34
CA GLU D 549 1.88 2.24 -26.10
C GLU D 549 1.92 3.26 -24.97
N SER D 550 2.19 4.52 -25.30
CA SER D 550 2.42 5.50 -24.25
C SER D 550 1.11 6.02 -23.67
N PHE D 551 0.11 6.28 -24.52
CA PHE D 551 -1.18 6.75 -24.08
C PHE D 551 -2.20 5.62 -23.93
N GLY D 552 -1.75 4.38 -23.98
CA GLY D 552 -2.61 3.22 -23.88
C GLY D 552 -3.15 2.93 -22.49
N PRO D 553 -2.27 2.57 -21.52
CA PRO D 553 -2.75 2.26 -20.16
C PRO D 553 -3.30 3.45 -19.38
N LEU D 554 -3.06 4.66 -19.90
CA LEU D 554 -3.68 5.85 -19.35
C LEU D 554 -5.20 5.83 -19.53
N GLN D 555 -5.63 5.58 -20.75
CA GLN D 555 -7.05 5.61 -21.07
C GLN D 555 -7.85 4.59 -20.28
N ILE D 556 -7.26 3.43 -20.05
CA ILE D 556 -7.96 2.35 -19.35
C ILE D 556 -8.23 2.73 -17.90
N SER D 557 -7.24 3.35 -17.24
CA SER D 557 -7.44 3.81 -15.87
C SER D 557 -8.42 4.96 -15.82
N LEU D 558 -8.43 5.80 -16.86
CA LEU D 558 -9.42 6.88 -16.91
C LEU D 558 -10.83 6.33 -17.09
N GLY D 559 -10.99 5.30 -17.93
CA GLY D 559 -12.30 4.67 -18.07
C GLY D 559 -12.76 3.98 -16.79
N ARG D 560 -11.81 3.40 -16.04
CA ARG D 560 -12.17 2.76 -14.78
C ARG D 560 -12.62 3.78 -13.74
N THR D 561 -11.91 4.90 -13.62
CA THR D 561 -12.32 5.91 -12.63
C THR D 561 -13.63 6.57 -13.02
N VAL D 562 -13.86 6.82 -14.32
CA VAL D 562 -15.13 7.40 -14.73
C VAL D 562 -16.27 6.41 -14.52
N LYS D 563 -16.00 5.12 -14.68
CA LYS D 563 -17.03 4.12 -14.38
C LYS D 563 -17.24 3.96 -12.88
N ASP D 564 -16.31 4.44 -12.05
CA ASP D 564 -16.48 4.24 -10.62
C ASP D 564 -16.97 5.52 -9.92
N ILE D 565 -17.02 6.65 -10.63
CA ILE D 565 -17.53 7.90 -10.03
C ILE D 565 -19.05 7.87 -9.76
N PHE D 566 -19.83 7.20 -10.63
CA PHE D 566 -21.28 7.40 -10.67
C PHE D 566 -21.98 6.88 -9.41
N LYS D 567 -21.41 5.85 -8.77
CA LYS D 567 -21.95 5.34 -7.52
C LYS D 567 -21.85 6.40 -6.42
N PHE D 568 -20.79 7.20 -6.43
CA PHE D 568 -20.65 8.30 -5.48
C PHE D 568 -21.55 9.46 -5.88
N MET D 569 -21.74 9.64 -7.19
CA MET D 569 -22.52 10.78 -7.69
C MET D 569 -23.98 10.67 -7.29
N VAL D 570 -24.53 9.46 -7.32
CA VAL D 570 -25.92 9.24 -6.93
C VAL D 570 -26.13 9.58 -5.45
N LEU D 571 -25.14 9.25 -4.61
CA LEU D 571 -25.24 9.59 -3.20
C LEU D 571 -25.05 11.09 -2.98
N PHE D 572 -24.29 11.75 -3.85
CA PHE D 572 -24.07 13.19 -3.67
C PHE D 572 -25.31 13.98 -4.07
N ILE D 573 -26.10 13.44 -5.01
CA ILE D 573 -27.31 14.11 -5.47
C ILE D 573 -28.35 14.24 -4.34
N MET D 574 -28.38 13.25 -3.43
CA MET D 574 -29.37 13.29 -2.35
C MET D 574 -29.09 14.42 -1.36
N VAL D 575 -27.83 14.59 -0.97
CA VAL D 575 -27.44 15.66 -0.05
C VAL D 575 -27.64 17.01 -0.71
N PHE D 576 -27.24 17.12 -1.99
CA PHE D 576 -27.43 18.34 -2.75
C PHE D 576 -28.91 18.74 -2.83
N PHE D 577 -29.79 17.76 -3.06
CA PHE D 577 -31.21 18.02 -3.18
C PHE D 577 -31.83 18.41 -1.84
N ALA D 578 -31.36 17.78 -0.76
CA ALA D 578 -31.81 18.15 0.59
C ALA D 578 -31.49 19.60 0.91
N PHE D 579 -30.25 20.01 0.69
CA PHE D 579 -29.88 21.37 1.05
C PHE D 579 -30.52 22.40 0.13
N MET D 580 -30.76 22.06 -1.15
CA MET D 580 -31.39 23.05 -2.01
C MET D 580 -32.87 23.23 -1.69
N ILE D 581 -33.55 22.16 -1.27
CA ILE D 581 -34.96 22.31 -0.89
C ILE D 581 -35.09 23.09 0.41
N GLY D 582 -34.17 22.87 1.36
CA GLY D 582 -34.22 23.65 2.60
C GLY D 582 -33.91 25.13 2.38
N MET D 583 -32.88 25.41 1.57
CA MET D 583 -32.55 26.80 1.27
C MET D 583 -33.64 27.49 0.46
N PHE D 584 -34.40 26.75 -0.35
CA PHE D 584 -35.49 27.39 -1.06
C PHE D 584 -36.67 27.67 -0.14
N ILE D 585 -36.97 26.75 0.79
CA ILE D 585 -38.10 26.96 1.70
C ILE D 585 -37.81 28.09 2.67
N LEU D 586 -36.53 28.34 2.97
CA LEU D 586 -36.21 29.40 3.92
C LEU D 586 -36.38 30.79 3.29
N TYR D 587 -35.68 31.06 2.19
CA TYR D 587 -35.58 32.43 1.66
C TYR D 587 -36.62 32.77 0.60
N SER D 588 -37.75 32.08 0.53
CA SER D 588 -38.63 32.27 -0.61
C SER D 588 -39.49 33.52 -0.46
N TYR D 589 -39.74 33.96 0.76
CA TYR D 589 -40.60 35.12 0.96
C TYR D 589 -39.84 36.43 0.87
N TYR D 590 -38.53 36.41 0.72
CA TYR D 590 -37.73 37.63 0.74
C TYR D 590 -37.17 37.99 -0.63
N LEU D 591 -37.96 37.83 -1.70
CA LEU D 591 -37.49 38.10 -3.05
C LEU D 591 -37.21 39.58 -3.27
N GLY D 592 -38.01 40.45 -2.64
CA GLY D 592 -37.86 41.87 -2.88
C GLY D 592 -36.69 42.49 -2.13
N ALA D 593 -36.41 41.99 -0.94
CA ALA D 593 -35.42 42.61 -0.08
C ALA D 593 -34.29 41.63 0.23
N LYS D 594 -33.32 41.55 -0.68
CA LYS D 594 -32.05 40.87 -0.42
C LYS D 594 -30.95 41.64 -1.12
N VAL D 595 -29.71 41.40 -0.68
CA VAL D 595 -28.56 41.97 -1.38
C VAL D 595 -28.37 41.31 -2.73
N ASN D 596 -28.40 39.98 -2.76
CA ASN D 596 -28.17 39.20 -3.97
C ASN D 596 -29.47 38.52 -4.35
N ALA D 597 -29.56 38.08 -5.61
CA ALA D 597 -30.80 37.47 -6.09
C ALA D 597 -30.82 35.97 -5.85
N ALA D 598 -29.91 35.45 -5.02
CA ALA D 598 -29.81 34.02 -4.82
C ALA D 598 -30.89 33.51 -3.87
N PHE D 599 -31.23 32.22 -4.03
CA PHE D 599 -32.09 31.37 -3.20
C PHE D 599 -33.56 31.72 -3.33
N THR D 600 -33.96 32.63 -4.21
CA THR D 600 -35.33 33.11 -4.21
C THR D 600 -36.20 32.30 -5.17
N THR D 601 -35.59 31.44 -5.97
CA THR D 601 -36.32 30.49 -6.78
C THR D 601 -35.48 29.23 -6.95
N VAL D 602 -36.11 28.16 -7.43
CA VAL D 602 -35.51 26.83 -7.38
C VAL D 602 -34.33 26.73 -8.35
N GLU D 603 -34.49 27.37 -9.50
CA GLU D 603 -33.44 27.42 -10.50
C GLU D 603 -32.22 28.17 -9.97
N GLU D 604 -32.44 29.27 -9.24
CA GLU D 604 -31.34 30.08 -8.73
C GLU D 604 -30.69 29.41 -7.52
N SER D 605 -31.47 28.69 -6.72
CA SER D 605 -30.90 27.97 -5.59
C SER D 605 -30.06 26.79 -6.07
N PHE D 606 -30.53 26.10 -7.12
CA PHE D 606 -29.74 25.09 -7.80
C PHE D 606 -28.42 25.66 -8.32
N LYS D 607 -28.49 26.85 -8.91
CA LYS D 607 -27.31 27.51 -9.46
C LYS D 607 -26.29 27.84 -8.37
N THR D 608 -26.76 28.40 -7.25
CA THR D 608 -25.84 28.81 -6.19
C THR D 608 -25.21 27.61 -5.50
N LEU D 609 -26.01 26.59 -5.19
CA LEU D 609 -25.44 25.40 -4.54
C LEU D 609 -24.58 24.59 -5.50
N PHE D 610 -24.76 24.73 -6.82
CA PHE D 610 -23.84 24.05 -7.71
C PHE D 610 -22.52 24.79 -7.82
N TRP D 611 -22.55 26.12 -7.92
CA TRP D 611 -21.29 26.83 -8.08
C TRP D 611 -20.57 27.03 -6.75
N SER D 612 -21.19 26.66 -5.63
CA SER D 612 -20.51 26.81 -4.36
C SER D 612 -19.50 25.69 -4.10
N ILE D 613 -19.53 24.62 -4.90
CA ILE D 613 -18.57 23.53 -4.65
C ILE D 613 -17.28 23.78 -5.41
N PHE D 614 -17.25 24.79 -6.27
CA PHE D 614 -16.02 25.14 -6.96
C PHE D 614 -15.42 26.44 -6.44
N GLY D 615 -15.81 26.83 -5.24
CA GLY D 615 -15.30 28.04 -4.64
C GLY D 615 -15.58 29.28 -5.49
N LEU D 616 -16.73 29.29 -6.13
CA LEU D 616 -17.12 30.42 -6.96
C LEU D 616 -18.49 30.85 -6.52
N SER D 617 -18.56 31.38 -5.30
CA SER D 617 -19.80 31.83 -4.72
C SER D 617 -19.48 32.86 -3.66
N GLU D 618 -20.49 33.62 -3.25
CA GLU D 618 -20.30 34.66 -2.25
C GLU D 618 -20.97 34.29 -0.94
N VAL D 619 -20.45 34.85 0.15
CA VAL D 619 -21.15 34.78 1.43
C VAL D 619 -22.34 35.72 1.42
N THR D 620 -22.26 36.81 0.65
CA THR D 620 -23.27 37.85 0.74
C THR D 620 -24.55 37.51 -0.02
N SER D 621 -24.73 36.26 -0.45
CA SER D 621 -26.04 35.83 -0.89
C SER D 621 -26.93 35.51 0.31
N VAL D 622 -26.32 35.26 1.46
CA VAL D 622 -27.06 34.84 2.65
C VAL D 622 -27.65 36.06 3.36
N VAL D 623 -26.94 37.19 3.31
CA VAL D 623 -27.37 38.38 4.07
C VAL D 623 -28.57 39.03 3.38
N LEU D 624 -29.47 39.60 4.19
CA LEU D 624 -30.66 40.27 3.70
C LEU D 624 -30.73 41.67 4.30
N LYS D 625 -31.77 42.42 3.93
CA LYS D 625 -31.79 43.86 4.20
C LYS D 625 -32.53 44.20 5.48
N TYR D 626 -33.43 43.34 5.94
CA TYR D 626 -34.24 43.66 7.11
C TYR D 626 -33.50 43.23 8.38
N ASP D 627 -34.15 43.27 9.54
CA ASP D 627 -33.41 42.87 10.73
C ASP D 627 -33.34 41.35 10.82
N HIS D 628 -34.49 40.73 11.17
CA HIS D 628 -34.83 39.29 11.12
C HIS D 628 -33.63 38.35 11.25
N LYS D 629 -32.84 38.57 12.31
CA LYS D 629 -31.50 38.00 12.38
C LYS D 629 -31.54 36.49 12.61
N PHE D 630 -32.66 35.98 13.12
CA PHE D 630 -32.84 34.54 13.30
C PHE D 630 -32.77 33.81 11.96
N ILE D 631 -33.46 34.35 10.96
CA ILE D 631 -33.44 33.82 9.60
C ILE D 631 -32.03 33.82 9.02
N GLU D 632 -31.30 34.92 9.21
CA GLU D 632 -29.97 35.05 8.63
C GLU D 632 -28.97 34.11 9.31
N ASN D 633 -29.11 33.90 10.62
CA ASN D 633 -28.18 33.00 11.29
C ASN D 633 -28.46 31.55 10.92
N ILE D 634 -29.74 31.18 10.73
CA ILE D 634 -30.04 29.83 10.26
C ILE D 634 -29.52 29.62 8.84
N GLY D 635 -29.53 30.69 8.04
CA GLY D 635 -28.95 30.61 6.70
C GLY D 635 -27.44 30.38 6.71
N TYR D 636 -26.72 31.13 7.57
CA TYR D 636 -25.27 30.92 7.69
C TYR D 636 -24.95 29.51 8.19
N VAL D 637 -25.72 29.00 9.15
CA VAL D 637 -25.42 27.69 9.73
C VAL D 637 -25.65 26.58 8.71
N LEU D 638 -26.76 26.64 7.96
CA LEU D 638 -27.03 25.60 6.97
C LEU D 638 -26.04 25.64 5.81
N TYR D 639 -25.61 26.85 5.42
CA TYR D 639 -24.65 26.95 4.32
C TYR D 639 -23.27 26.44 4.75
N GLY D 640 -22.92 26.63 6.03
CA GLY D 640 -21.67 26.07 6.54
C GLY D 640 -21.70 24.56 6.63
N ILE D 641 -22.83 23.99 7.06
CA ILE D 641 -22.98 22.54 7.12
C ILE D 641 -22.88 21.92 5.72
N TYR D 642 -23.42 22.61 4.71
CA TYR D 642 -23.29 22.15 3.33
C TYR D 642 -21.84 22.14 2.86
N ASN D 643 -21.10 23.23 3.14
CA ASN D 643 -19.71 23.29 2.69
C ASN D 643 -18.82 22.29 3.43
N VAL D 644 -19.20 21.86 4.63
CA VAL D 644 -18.43 20.82 5.29
C VAL D 644 -18.78 19.44 4.73
N THR D 645 -20.07 19.20 4.47
CA THR D 645 -20.53 17.90 4.03
C THR D 645 -19.98 17.52 2.65
N MET D 646 -19.88 18.50 1.76
CA MET D 646 -19.35 18.21 0.42
C MET D 646 -17.89 17.79 0.47
N VAL D 647 -17.11 18.40 1.37
CA VAL D 647 -15.70 18.06 1.52
C VAL D 647 -15.54 16.66 2.10
N VAL D 648 -16.40 16.30 3.06
CA VAL D 648 -16.34 14.96 3.64
C VAL D 648 -16.67 13.88 2.59
N VAL D 649 -17.70 14.13 1.80
CA VAL D 649 -18.09 13.19 0.77
C VAL D 649 -16.96 13.06 -0.25
N LEU D 650 -16.34 14.18 -0.58
CA LEU D 650 -15.23 14.20 -1.52
C LEU D 650 -14.06 13.40 -0.98
N LEU D 651 -13.80 13.54 0.30
CA LEU D 651 -12.70 12.81 0.94
C LEU D 651 -12.94 11.31 0.90
N ASN D 652 -14.19 10.91 1.11
CA ASN D 652 -14.55 9.50 1.11
C ASN D 652 -14.32 8.89 -0.27
N MET D 653 -14.66 9.66 -1.30
CA MET D 653 -14.50 9.24 -2.69
C MET D 653 -13.04 8.95 -3.03
N LEU D 654 -12.14 9.86 -2.64
CA LEU D 654 -10.71 9.70 -2.92
C LEU D 654 -10.13 8.47 -2.23
N ILE D 655 -10.50 8.25 -0.96
CA ILE D 655 -9.94 7.10 -0.24
C ILE D 655 -10.46 5.78 -0.81
N ALA D 656 -11.72 5.75 -1.24
CA ALA D 656 -12.25 4.52 -1.82
C ALA D 656 -11.58 4.19 -3.16
N MET D 657 -11.19 5.25 -3.86
CA MET D 657 -10.44 5.13 -5.15
C MET D 657 -9.10 4.45 -4.88
N ILE D 658 -8.47 4.76 -3.74
CA ILE D 658 -7.15 4.13 -3.42
C ILE D 658 -7.33 2.61 -3.29
N ASN D 659 -8.44 2.15 -2.69
CA ASN D 659 -8.64 0.70 -2.49
C ASN D 659 -8.52 -0.02 -3.84
N SER D 660 -9.04 0.57 -4.91
CA SER D 660 -8.99 -0.08 -6.24
C SER D 660 -7.54 -0.27 -6.70
N SER D 661 -6.66 0.72 -6.48
CA SER D 661 -5.25 0.57 -6.90
C SER D 661 -4.60 -0.60 -6.13
N TYR D 662 -4.83 -0.71 -4.83
CA TYR D 662 -4.24 -1.82 -4.05
C TYR D 662 -4.78 -3.15 -4.60
N GLN D 663 -6.07 -3.17 -4.93
CA GLN D 663 -6.74 -4.37 -5.50
C GLN D 663 -6.11 -4.71 -6.87
N GLU D 664 -5.75 -3.70 -7.65
CA GLU D 664 -5.17 -3.90 -9.01
C GLU D 664 -3.85 -4.68 -8.89
N ILE D 665 -3.04 -4.39 -7.88
CA ILE D 665 -1.75 -5.08 -7.63
C ILE D 665 -0.80 -4.91 -8.84
N GLU D 666 -0.24 -6.01 -9.34
CA GLU D 666 0.74 -5.94 -10.47
C GLU D 666 0.39 -6.97 -11.55
N ASP D 667 0.98 -6.81 -12.74
CA ASP D 667 0.78 -7.68 -13.90
C ASP D 667 -0.66 -7.77 -14.40
N ASP D 668 -1.34 -6.62 -14.39
CA ASP D 668 -2.72 -6.54 -14.87
C ASP D 668 -2.95 -5.33 -15.77
N SER D 669 -2.35 -4.19 -15.46
CA SER D 669 -2.50 -3.00 -16.34
C SER D 669 -1.93 -3.34 -17.72
N ASP D 670 -0.82 -4.04 -17.75
CA ASP D 670 -0.15 -4.47 -18.99
C ASP D 670 -1.06 -5.44 -19.75
N VAL D 671 -1.71 -6.30 -19.00
CA VAL D 671 -2.63 -7.30 -19.55
C VAL D 671 -3.92 -6.64 -20.00
N GLU D 672 -4.47 -5.74 -19.16
CA GLU D 672 -5.71 -5.06 -19.50
C GLU D 672 -5.53 -4.20 -20.74
N TRP D 673 -4.39 -3.52 -20.84
CA TRP D 673 -4.14 -2.67 -22.01
C TRP D 673 -4.02 -3.50 -23.27
N LYS D 674 -3.41 -4.69 -23.17
CA LYS D 674 -3.29 -5.54 -24.36
C LYS D 674 -4.66 -5.99 -24.82
N PHE D 675 -5.56 -6.27 -23.86
CA PHE D 675 -6.89 -6.71 -24.23
C PHE D 675 -7.71 -5.57 -24.80
N ALA D 676 -7.28 -4.34 -24.57
CA ALA D 676 -7.87 -3.25 -25.32
C ALA D 676 -7.46 -3.31 -26.79
N ARG D 677 -6.16 -3.31 -27.07
CA ARG D 677 -5.70 -2.96 -28.41
C ARG D 677 -6.01 -4.06 -29.40
N SER D 678 -6.03 -5.31 -28.92
CA SER D 678 -6.29 -6.44 -29.79
C SER D 678 -7.72 -6.42 -30.25
N LYS D 679 -8.63 -5.97 -29.37
CA LYS D 679 -10.03 -5.79 -29.75
C LYS D 679 -10.13 -4.81 -30.90
N LEU D 680 -9.36 -3.70 -30.80
CA LEU D 680 -9.30 -2.71 -31.86
C LEU D 680 -8.78 -3.32 -33.15
N TRP D 681 -7.76 -4.17 -33.06
CA TRP D 681 -7.20 -4.81 -34.25
C TRP D 681 -8.22 -5.72 -34.90
N LEU D 682 -9.04 -6.40 -34.09
CA LEU D 682 -9.98 -7.34 -34.68
C LEU D 682 -11.17 -6.62 -35.29
N SER D 683 -11.24 -5.30 -35.13
CA SER D 683 -12.27 -4.57 -35.86
C SER D 683 -11.90 -4.43 -37.34
N TYR D 684 -10.61 -4.46 -37.65
CA TYR D 684 -10.18 -4.28 -39.03
C TYR D 684 -9.81 -5.53 -39.84
N PHE D 685 -9.57 -6.64 -39.16
CA PHE D 685 -9.21 -7.86 -39.88
C PHE D 685 -10.31 -8.31 -40.83
N ASP D 686 -11.55 -8.15 -40.40
CA ASP D 686 -12.71 -8.58 -41.19
C ASP D 686 -12.83 -7.80 -42.49
N ASP D 687 -13.24 -8.51 -43.54
CA ASP D 687 -13.41 -7.93 -44.86
C ASP D 687 -12.20 -7.13 -45.31
N ASN D 758 -10.42 -45.25 -37.33
CA ASN D 758 -10.09 -44.85 -38.69
C ASN D 758 -8.72 -44.19 -38.74
N GLN D 759 -8.57 -43.17 -39.58
CA GLN D 759 -7.37 -42.38 -39.65
C GLN D 759 -7.67 -40.96 -39.22
N PRO D 760 -7.08 -40.50 -38.10
CA PRO D 760 -7.40 -39.15 -37.60
C PRO D 760 -6.83 -38.04 -38.46
N THR D 761 -7.36 -36.83 -38.30
CA THR D 761 -6.85 -35.70 -39.05
C THR D 761 -5.51 -35.23 -38.48
N ARG D 762 -4.94 -34.22 -39.14
CA ARG D 762 -3.71 -33.62 -38.66
C ARG D 762 -3.95 -32.84 -37.37
N TYR D 763 -5.11 -32.19 -37.28
CA TYR D 763 -5.50 -31.39 -36.13
C TYR D 763 -5.56 -32.22 -34.85
N GLN D 764 -6.10 -33.43 -34.95
CA GLN D 764 -6.27 -34.24 -33.75
C GLN D 764 -4.94 -34.82 -33.29
N GLN D 765 -4.01 -35.04 -34.23
CA GLN D 765 -2.66 -35.46 -33.86
C GLN D 765 -1.93 -34.35 -33.11
N ILE D 766 -2.05 -33.11 -33.60
CA ILE D 766 -1.41 -31.97 -32.94
C ILE D 766 -2.00 -31.76 -31.55
N MET D 767 -3.32 -31.86 -31.43
CA MET D 767 -3.97 -31.65 -30.15
C MET D 767 -3.63 -32.76 -29.16
N LYS D 768 -3.49 -33.99 -29.66
CA LYS D 768 -3.10 -35.12 -28.80
C LYS D 768 -1.69 -34.93 -28.26
N ARG D 769 -0.78 -34.41 -29.09
CA ARG D 769 0.58 -34.15 -28.64
C ARG D 769 0.61 -33.06 -27.57
N LEU D 770 -0.20 -32.02 -27.74
CA LEU D 770 -0.22 -30.93 -26.76
C LEU D 770 -0.77 -31.38 -25.42
N ILE D 771 -1.85 -32.17 -25.43
CA ILE D 771 -2.44 -32.63 -24.18
C ILE D 771 -1.52 -33.62 -23.47
N LYS D 772 -0.78 -34.42 -24.24
CA LYS D 772 0.21 -35.32 -23.64
C LYS D 772 1.32 -34.53 -22.94
N ARG D 773 1.79 -33.46 -23.57
CA ARG D 773 2.83 -32.66 -22.92
C ARG D 773 2.32 -31.95 -21.67
N TYR D 774 1.05 -31.54 -21.67
CA TYR D 774 0.48 -30.89 -20.47
C TYR D 774 0.37 -31.88 -19.32
N VAL D 775 -0.07 -33.11 -19.59
CA VAL D 775 -0.20 -34.12 -18.54
C VAL D 775 1.17 -34.46 -17.97
N LEU D 776 2.19 -34.59 -18.83
CA LEU D 776 3.54 -34.92 -18.36
C LEU D 776 4.13 -33.80 -17.50
N LYS D 777 3.94 -32.54 -17.92
CA LYS D 777 4.45 -31.42 -17.13
C LYS D 777 3.76 -31.32 -15.78
N ALA D 778 2.45 -31.60 -15.74
CA ALA D 778 1.72 -31.56 -14.48
C ALA D 778 2.19 -32.65 -13.53
N GLN D 779 2.45 -33.85 -14.06
CA GLN D 779 2.91 -34.94 -13.19
C GLN D 779 4.33 -34.70 -12.69
N VAL D 780 5.19 -34.09 -13.52
CA VAL D 780 6.54 -33.76 -13.06
C VAL D 780 6.51 -32.70 -11.96
N ASP D 781 5.65 -31.70 -12.11
CA ASP D 781 5.56 -30.67 -11.07
C ASP D 781 4.93 -31.22 -9.79
N LYS D 782 4.00 -32.17 -9.93
CA LYS D 782 3.40 -32.77 -8.73
C LYS D 782 4.38 -33.70 -8.03
N GLU D 783 5.25 -34.37 -8.78
CA GLU D 783 6.25 -35.24 -8.16
C GLU D 783 7.32 -34.42 -7.47
N ASN D 784 7.76 -33.33 -8.10
CA ASN D 784 8.78 -32.49 -7.48
C ASN D 784 8.20 -31.58 -6.41
N ASP D 785 6.87 -31.56 -6.27
CA ASP D 785 6.26 -30.79 -5.19
C ASP D 785 6.46 -31.47 -3.83
N GLU D 786 6.66 -32.80 -3.83
CA GLU D 786 6.88 -33.56 -2.60
C GLU D 786 7.89 -34.68 -2.91
N VAL D 787 9.14 -34.46 -2.50
CA VAL D 787 10.22 -35.37 -2.90
C VAL D 787 10.50 -36.40 -1.81
N ASN D 788 10.40 -35.99 -0.54
CA ASN D 788 10.92 -36.83 0.53
C ASN D 788 9.97 -37.99 0.87
N GLU D 789 8.67 -37.80 0.65
CA GLU D 789 7.68 -38.75 1.13
C GLU D 789 7.74 -40.06 0.36
N GLY D 790 8.00 -39.99 -0.95
CA GLY D 790 8.13 -41.20 -1.74
C GLY D 790 9.34 -42.01 -1.38
N GLU D 791 10.47 -41.34 -1.12
CA GLU D 791 11.68 -42.02 -0.70
C GLU D 791 11.52 -42.63 0.69
N LEU D 792 10.81 -41.95 1.59
CA LEU D 792 10.58 -42.51 2.92
C LEU D 792 9.65 -43.70 2.88
N LYS D 793 8.60 -43.64 2.04
CA LYS D 793 7.73 -44.80 1.87
C LYS D 793 8.47 -45.97 1.22
N GLU D 794 9.35 -45.67 0.27
CA GLU D 794 10.13 -46.72 -0.38
C GLU D 794 11.11 -47.38 0.59
N ILE D 795 11.73 -46.59 1.46
CA ILE D 795 12.70 -47.18 2.38
C ILE D 795 11.98 -47.86 3.54
N LYS D 796 10.73 -47.47 3.82
CA LYS D 796 9.93 -48.22 4.77
C LYS D 796 9.53 -49.58 4.19
N GLN D 797 9.17 -49.61 2.90
CA GLN D 797 8.85 -50.88 2.26
C GLN D 797 10.10 -51.76 2.10
N ASP D 798 11.26 -51.13 1.96
CA ASP D 798 12.51 -51.89 1.93
C ASP D 798 12.87 -52.43 3.31
N ILE D 799 12.55 -51.67 4.36
CA ILE D 799 12.77 -52.14 5.72
C ILE D 799 11.80 -53.27 6.06
N SER D 800 10.63 -53.29 5.42
CA SER D 800 9.72 -54.42 5.56
C SER D 800 10.34 -55.70 5.00
N SER D 801 11.00 -55.62 3.84
CA SER D 801 11.66 -56.78 3.27
C SER D 801 12.89 -57.17 4.07
N LEU D 802 13.57 -56.17 4.66
CA LEU D 802 14.72 -56.46 5.51
C LEU D 802 14.28 -57.13 6.81
N ARG D 803 13.08 -56.81 7.29
CA ARG D 803 12.54 -57.51 8.45
C ARG D 803 12.04 -58.90 8.08
N TYR D 804 11.57 -59.07 6.84
CA TYR D 804 11.12 -60.39 6.40
C TYR D 804 12.28 -61.34 6.17
N GLU D 805 13.43 -60.81 5.75
CA GLU D 805 14.56 -61.68 5.42
C GLU D 805 15.39 -62.01 6.66
N LEU D 806 15.56 -61.05 7.56
CA LEU D 806 16.40 -61.24 8.74
C LEU D 806 15.70 -62.11 9.79
N01 6OE E . -29.17 -6.95 -5.16
C02 6OE E . -30.47 -7.55 -4.84
C03 6OE E . -31.37 -6.48 -4.22
O04 6OE E . -32.17 -7.17 -3.22
P05 6OE E . -33.61 -6.70 -2.74
O06 6OE E . -33.95 -7.26 -1.42
O07 6OE E . -34.57 -7.08 -3.87
O08 6OE E . -33.53 -5.11 -2.71
C09 6OE E . -34.60 -4.17 -2.51
C10 6OE E . -34.74 -3.31 -3.72
C11 6OE E . -33.58 -2.36 -3.86
O12 6OE E . -33.24 -1.84 -2.55
C13 6OE E . -32.80 -0.58 -2.49
C14 6OE E . -33.68 0.25 -1.59
C15 6OE E . -33.46 1.75 -1.79
C16 6OE E . -33.56 2.18 -3.23
C17 6OE E . -32.64 3.32 -3.61
C18 6OE E . -31.85 3.06 -4.87
O19 6OE E . -31.83 -0.18 -3.08
O20 6OE E . -35.95 -2.51 -3.58
C21 6OE E . -36.00 -1.62 -2.58
C22 6OE E . -36.29 -0.24 -3.09
C23 6OE E . -37.48 0.41 -2.41
C24 6OE E . -37.75 1.82 -2.91
C25 6OE E . -39.07 1.98 -3.64
C26 6OE E . -39.83 3.22 -3.23
O27 6OE E . -35.84 -1.90 -1.43
C4 FGJ F . -24.08 32.05 13.60
C2 FGJ F . -23.08 30.11 14.88
C6 FGJ F . -21.67 31.39 12.75
C5 FGJ F . -23.23 33.15 13.05
C8 FGJ F . -21.63 31.04 10.29
C FGJ F . -22.80 27.89 16.05
O4 FGJ F . -20.61 28.61 9.71
C9 FGJ F . -20.95 28.38 10.83
C10 FGJ F . -21.41 27.04 11.33
C11 FGJ F . -20.45 25.91 10.96
C12 FGJ F . -20.73 24.63 11.73
C13 FGJ F . -19.81 23.49 11.38
C14 FGJ F . -20.44 22.13 11.58
O3 FGJ F . -21.00 29.29 11.80
C7 FGJ F . -21.91 30.42 11.63
O2 FGJ F . -20.24 31.07 10.00
O1 FGJ F . -22.20 32.68 12.35
O FGJ F . -23.42 34.32 13.23
C3 FGJ F . -23.60 31.53 14.95
C1 FGJ F . -23.47 29.26 16.07
C1 NAG G . -42.12 48.86 -0.92
C2 NAG G . -42.60 50.31 -0.95
C3 NAG G . -42.31 50.93 -2.31
C4 NAG G . -40.84 50.76 -2.68
C5 NAG G . -40.46 49.28 -2.61
C6 NAG G . -38.98 49.05 -2.85
C7 NAG G . -44.48 50.86 0.53
C8 NAG G . -45.96 50.89 0.69
N2 NAG G . -44.01 50.41 -0.63
O3 NAG G . -42.64 52.32 -2.28
O4 NAG G . -40.61 51.24 -4.01
O5 NAG G . -40.74 48.79 -1.29
O6 NAG G . -38.56 49.62 -4.08
O7 NAG G . -43.73 51.24 1.43
N01 6OE H . -7.21 6.30 28.90
C02 6OE H . -6.94 6.42 30.34
C03 6OE H . -6.63 7.90 30.64
O04 6OE H . -5.63 7.86 31.68
P05 6OE H . -5.41 9.03 32.75
O06 6OE H . -4.05 8.98 33.34
O07 6OE H . -6.55 8.92 33.76
O08 6OE H . -5.65 10.38 31.93
C09 6OE H . -5.73 11.73 32.43
C10 6OE H . -7.08 12.29 32.12
C11 6OE H . -7.25 12.55 30.65
O12 6OE H . -6.02 13.11 30.14
C13 6OE H . -6.12 14.02 29.17
C14 6OE H . -5.49 15.32 29.55
C15 6OE H . -5.91 16.48 28.66
C16 6OE H . -7.42 16.59 28.52
C17 6OE H . -7.88 17.08 27.15
C18 6OE H . -8.97 16.24 26.56
O19 6OE H . -6.65 13.80 28.10
O20 6OE H . -7.23 13.56 32.83
C21 6OE H . -6.41 14.56 32.47
C22 6OE H . -7.17 15.77 32.06
C23 6OE H . -6.76 17.03 32.82
C24 6OE H . -7.53 18.26 32.38
C25 6OE H . -8.42 18.86 33.46
C26 6OE H . -8.31 20.36 33.55
O27 6OE H . -5.21 14.47 32.48
C4 FGJ I . 4.96 41.60 6.45
C2 FGJ I . 6.67 39.72 6.49
C6 FGJ I . 4.52 39.75 4.60
C5 FGJ I . 4.34 42.05 5.16
C8 FGJ I . 2.18 38.92 4.68
C FGJ I . 8.23 37.92 7.32
O4 FGJ I . 2.15 36.22 4.91
C9 FGJ I . 3.25 36.41 5.36
C10 FGJ I . 3.92 35.56 6.39
C11 FGJ I . 3.87 34.08 6.08
C12 FGJ I . 4.81 33.25 6.94
C13 FGJ I . 4.77 31.76 6.66
C14 FGJ I . 5.13 30.93 7.86
O3 FGJ I . 4.03 37.42 4.98
C7 FGJ I . 3.57 38.78 5.25
O2 FGJ I . 2.05 38.24 3.43
O1 FGJ I . 3.85 41.02 4.47
O FGJ I . 4.28 43.18 4.78
C3 FGJ I . 6.43 41.21 6.29
C1 FGJ I . 7.93 39.40 7.27
C1 NAG J . -14.23 61.36 14.14
C2 NAG J . -14.56 62.83 13.87
C3 NAG J . -15.98 62.96 13.29
C4 NAG J . -16.14 62.06 12.07
C5 NAG J . -15.77 60.62 12.43
C6 NAG J . -15.78 59.70 11.24
C7 NAG J . -13.43 64.48 15.29
C8 NAG J . -13.46 65.22 16.60
N2 NAG J . -14.44 63.62 15.08
O3 NAG J . -16.22 64.31 12.93
O4 NAG J . -17.49 62.10 11.62
O5 NAG J . -14.42 60.59 12.95
O6 NAG J . -17.04 59.74 10.57
O7 NAG J . -12.54 64.64 14.46
N01 6OE K . 26.35 14.74 3.96
C02 6OE K . 27.77 15.03 3.69
C03 6OE K . 27.84 16.23 2.72
O04 6OE K . 28.98 15.95 1.88
P05 6OE K . 29.84 17.07 1.16
O06 6OE K . 30.58 16.54 -0.01
O07 6OE K . 30.71 17.72 2.23
O08 6OE K . 28.77 18.19 0.71
C09 6OE K . 29.02 19.49 0.15
C10 6OE K . 28.47 20.53 1.09
C11 6OE K . 26.96 20.53 1.08
O12 6OE K . 26.51 20.34 -0.27
C13 6OE K . 25.39 20.96 -0.64
C14 6OE K . 25.61 21.88 -1.80
C15 6OE K . 24.48 22.89 -1.99
C16 6OE K . 24.15 23.66 -0.72
C17 6OE K . 22.69 24.01 -0.57
C18 6OE K . 22.12 23.65 0.79
O19 6OE K . 24.33 20.80 -0.08
O20 6OE K . 28.91 21.84 0.63
C21 6OE K . 28.49 22.25 -0.58
C22 6OE K . 27.79 23.57 -0.48
C23 6OE K . 28.36 24.63 -1.42
C24 6OE K . 27.63 25.95 -1.33
C25 6OE K . 28.48 27.09 -0.81
C26 6OE K . 28.31 28.37 -1.60
O27 6OE K . 28.65 21.63 -1.59
C4 FGJ L . -0.39 35.01 -23.84
C2 FGJ L . 0.18 32.62 -24.46
C6 FGJ L . -1.91 33.23 -22.61
C5 FGJ L . -1.81 35.41 -23.53
C8 FGJ L . -1.96 33.59 -20.15
C FGJ L . 1.48 30.52 -24.97
O4 FGJ L . -1.27 31.33 -18.85
C9 FGJ L . -0.75 31.08 -19.91
C10 FGJ L . 0.49 30.25 -20.07
C11 FGJ L . 0.44 28.92 -19.34
C12 FGJ L . 1.54 27.97 -19.76
C13 FGJ L . 1.52 26.64 -19.03
C14 FGJ L . 2.88 26.00 -18.93
O3 FGJ L . -1.21 31.52 -21.08
C7 FGJ L . -1.22 32.96 -21.30
O2 FGJ L . -3.07 32.80 -19.75
O1 FGJ L . -2.36 34.61 -22.62
O FGJ L . -2.38 36.34 -24.01
C3 FGJ L . -0.31 33.97 -24.95
C1 FGJ L . 1.14 31.92 -25.40
C1 NAG M . 1.48 62.48 -16.09
C2 NAG M . 0.91 63.84 -16.49
C3 NAG M . 0.17 64.48 -15.30
C4 NAG M . -0.88 63.52 -14.76
C5 NAG M . -0.24 62.19 -14.41
C6 NAG M . -1.25 61.14 -13.98
C7 NAG M . 2.16 65.05 -18.23
C8 NAG M . 3.31 65.96 -18.54
N2 NAG M . 1.98 64.73 -16.95
O3 NAG M . -0.44 65.68 -15.74
O4 NAG M . -1.49 64.08 -13.60
O5 NAG M . 0.42 61.65 -15.56
O6 NAG M . -2.05 61.61 -12.90
O7 NAG M . 1.43 64.61 -19.12
N01 6OE N . 4.35 1.49 -30.09
C02 6OE N . 4.21 1.04 -31.48
C03 6OE N . 3.06 1.84 -32.13
O04 6OE N . 2.41 0.90 -33.03
P05 6OE N . 1.61 1.33 -34.33
O06 6OE N . 0.66 0.29 -34.75
O07 6OE N . 2.65 1.72 -35.38
O08 6OE N . 0.86 2.68 -33.92
C09 6OE N . 0.12 3.59 -34.77
C10 6OE N . 0.79 4.94 -34.75
C11 6OE N . 0.61 5.62 -33.42
O12 6OE N . -0.74 5.38 -32.96
C13 6OE N . -1.33 6.36 -32.27
C14 6OE N . -2.60 6.82 -32.93
C15 6OE N . -3.08 8.16 -32.41
C16 6OE N . -2.02 9.24 -32.46
C17 6OE N . -2.11 10.24 -31.32
C18 6OE N . -0.78 10.48 -30.63
O19 6OE N . -0.88 6.82 -31.25
O20 6OE N . 0.16 5.77 -35.77
C21 6OE N . -1.14 6.07 -35.62
C22 6OE N . -1.35 7.55 -35.61
C23 6OE N . -2.38 8.01 -36.63
C24 6OE N . -2.61 9.51 -36.62
C25 6OE N . -2.20 10.22 -37.89
C26 6OE N . -3.21 11.23 -38.37
O27 6OE N . -2.00 5.25 -35.49
C4 FGJ O . -29.42 25.52 -16.65
C2 FGJ O . -29.55 23.06 -16.04
C6 FGJ O . -28.08 24.92 -14.44
C5 FGJ O . -29.35 26.58 -15.59
C8 FGJ O . -25.76 25.77 -14.52
C FGJ O . -29.54 20.54 -16.20
O4 FGJ O . -24.01 23.76 -14.04
C9 FGJ O . -24.94 23.09 -14.41
C10 FGJ O . -24.82 21.78 -15.11
C11 FGJ O . -23.87 20.81 -14.41
C12 FGJ O . -24.00 19.39 -14.94
C13 FGJ O . -23.06 18.40 -14.29
C14 FGJ O . -22.69 17.25 -15.19
O3 FGJ O . -26.22 23.44 -14.23
C7 FGJ O . -26.68 24.66 -14.90
O2 FGJ O . -25.35 25.68 -13.17
O1 FGJ O . -28.39 26.32 -14.71
O FGJ O . -30.06 27.54 -15.54
C3 FGJ O . -30.32 24.35 -16.26
C1 FGJ O . -30.24 21.83 -16.58
C1 NAG P . -26.36 50.01 -31.10
C2 NAG P . -27.06 51.37 -31.25
C3 NAG P . -26.10 52.51 -30.87
C4 NAG P . -25.52 52.28 -29.48
C5 NAG P . -24.88 50.90 -29.40
C6 NAG P . -24.38 50.55 -28.02
C7 NAG P . -28.83 51.49 -32.94
C8 NAG P . -29.15 51.69 -34.39
N2 NAG P . -27.54 51.56 -32.61
O3 NAG P . -26.80 53.74 -30.91
O4 NAG P . -24.55 53.27 -29.18
O5 NAG P . -25.84 49.89 -29.76
O6 NAG P . -23.51 51.55 -27.51
O7 NAG P . -29.71 51.26 -32.11
#